data_7VVR
#
_entry.id   7VVR
#
_cell.length_a   182.307
_cell.length_b   204.706
_cell.length_c   177.379
_cell.angle_alpha   90.00
_cell.angle_beta   90.00
_cell.angle_gamma   90.00
#
_symmetry.space_group_name_H-M   'P 21 21 21'
#
loop_
_entity.id
_entity.type
_entity.pdbx_description
1 polymer 'Cytochrome c oxidase subunit 1'
2 polymer 'Cytochrome c oxidase subunit 2'
3 polymer 'Cytochrome c oxidase subunit 3'
4 polymer 'Cytochrome c oxidase subunit 4 isoform 1, mitochondrial'
5 polymer 'Cytochrome c oxidase subunit 5A, mitochondrial'
6 polymer 'Cytochrome c oxidase subunit 5B, mitochondrial'
7 polymer 'Cytochrome c oxidase subunit 6A2, mitochondrial'
8 polymer 'Cytochrome c oxidase subunit 6B1'
9 polymer 'Cytochrome c oxidase subunit 6C'
10 polymer 'Cytochrome c oxidase subunit 7A1, mitochondrial'
11 polymer 'Cytochrome c oxidase subunit 7B, mitochondrial'
12 polymer 'Cytochrome c oxidase subunit 7C, mitochondrial'
13 polymer 'Cytochrome c oxidase subunit 8B, mitochondrial'
14 non-polymer HEME-A
15 non-polymer 'COPPER (II) ION'
16 non-polymer 'MAGNESIUM ION'
17 non-polymer 'SODIUM ION'
18 non-polymer 'CYANIDE ION'
19 non-polymer TRISTEAROYLGLYCEROL
20 non-polymer '(1R)-2-{[{[(2S)-2,3-DIHYDROXYPROPYL]OXY}(HYDROXY)PHOSPHORYL]OXY}-1-[(PALMITOYLOXY)METHYL]ETHYL (11E)-OCTADEC-11-ENOATE'
21 non-polymer 1,2-ETHANEDIOL
22 non-polymer 'DINUCLEAR COPPER ION'
23 non-polymer '(7R,17E,20E)-4-HYDROXY-N,N,N-TRIMETHYL-9-OXO-7-[(PALMITOYLOXY)METHYL]-3,5,8-TRIOXA-4-PHOSPHAHEXACOSA-17,20-DIEN-1-AMINIUM 4-OXIDE'
24 non-polymer 'CHOLIC ACID'
25 non-polymer '(1S)-2-{[(2-AMINOETHOXY)(HYDROXY)PHOSPHORYL]OXY}-1-[(STEAROYLOXY)METHYL]ETHYL (5E,8E,11E,14E)-ICOSA-5,8,11,14-TETRAENOATE'
26 non-polymer CARDIOLIPIN
27 non-polymer DECYL-BETA-D-MALTOPYRANOSIDE
28 non-polymer 'ZINC ION'
29 non-polymer 'PHOSPHATE ION'
30 water water
#
loop_
_entity_poly.entity_id
_entity_poly.type
_entity_poly.pdbx_seq_one_letter_code
_entity_poly.pdbx_strand_id
1 'polypeptide(L)'
;(FME)FINRWLFSTNHKDIGTLYLLFGAWAGMVGTALSLLIRAELGQPGTLLGDDQIYNVVVTAHAFVMIFFMVMPIMIG
GFGNWLVPLMIGAPDMAFPRMNNMSFWLLPPSFLLLLASSMVEAGAGTGWTVYPPLAGNLAHAGASVDLTIFSLHLAGVS
SILGAINFITTIINMKPPAMSQYQTPLFVWSVMITAVLLLLSLPVLAAGITMLLTDRNLNTTFFDPAGGGDPILYQHLFW
FFGHPEVYILILPGFGMISHIVTYYSGKKEPFGYMGMVWAMMSIGFLGFIVWAHHMFTVGMDVDTRAYFTSATMIIAIPT
GVKVFSWLATLHGGNIKWSPAMMWALGFIFLFTVGGLTGIVLANSSLDIVLHDTYYVVAHFHYVLSMGAVFAIMGGFVHW
FPLFSGYTLNDTWAKIHFAIMFVGVNMTFFPQHFLGLSGMPRRYSDYPDAYTMWNTISSMGSFISLTAVMLMVFIIWEAF
ASKREVLTVDLTTTNLEWLNGCPPPYHTFEEPTYVNLK
;
A,N
2 'polypeptide(L)'
;(FME)AYPMQLGFQDATSPIMEELLHFHDHTLMIVFLISSLVLYIISLMLTTKLTHTSTMDAQEVETIWTILPAIILILI
ALPSLRILYMMDEINNPSLTVKTMGHQWYWSYEYTDYEDLSFDSYMIPTSELKPGELRLLEVDNRVVLPMEMTIRMLVSS
EDVLHSWAVPSLGLKTDAIPGRLNQTTLMSSRPGLYYGQCSEICGSNHSFMPIVLELVPLKYFEKWSASML
;
B,O
3 'polypeptide(L)'
;HQTHAYHMVNPSPWPLTGALSALLMTSGLTMWFHFNSMTLLMIGLTTNMLTMYQWWRDVIRESTFQGHHTPAVQKGLRYG
MILFIISEVLFFTGFFWAFYHSSLAPTPELGGCWPPTGIHPLNPLEVPLLNTSVLLASGVSITWAHHSLMEGDRKHMLQA
LFITITLGVYFTLLQASEYYEAPFTISDGVYGSTFFVATGFHGLHVIIGSTFLIVCFFRQLKFHFTSNHHFGFEAAAWYW
HFVDVVWLFLYVSIYWWGS
;
C,P
4 'polypeptide(L)'
;SVVKSEDYALPSYVDRRDYPLPDVAHVKNLSASQKALKEKEKASWSSLSIDEKVELYRLKFKESFAEMNRSTNEWKTVVG
AAMFFIGFTALLLIWEKHYVYGPIPHTFEEEWVAKQTKRMLDMKVAPIQGFSAKWDYDKNEWKK
;
D,Q
5 'polypeptide(L)'
;HETDEEFDARWVTYFNKPDIDAWELRKGMNTLVGYDLVPEPKIIDAALRACRRLNDFASAVRILEVVKDKAGPHKEIYPY
VIQELRPTLNELGISTPEELGLDKV
;
E,R
6 'polypeptide(L)'
;ASGGGVPTDEEQATGLEREVMLAARKGQDPYNILAPKATSGTKEDPNLVPSITNKRIVGCICEEDNSTVIWFWLHKGEAQ
RCPSCGTHYKLVPH
;
F,S
7 'polypeptide(L)'
;ASAAKGDHGG(TPO)GARTWRFLTFGLALPSVALCTLNSWLHSGHRERPAFIPYHHLRIRTKPFSWGDGNHTFFHNPRVN
PLPTGYEK
;
G,T
8 'polypeptide(L)' KIKNYQTAPFDSRFPNQNQTRNCWQNYLDFHRCEKAMTAKGGDVSVCEWYRRVYKSLCPISWVSTWDDRRAEGTFPGKI H,U
9 'polypeptide(L)' (SAC)TALAKPQMRGLLARRLRFHIVGAFMVSLGFATFYKFAVAEKRKKAYADFYRNYDSMKDFEEMRKAGIFQSAK I,V
10 'polypeptide(L)' FENRVAEKQKLFQEDNGLPVHLKGGATDNILYRVTMTLCLGGTLYSLYCLGWASFPHK J,W
11 'polypeptide(L)' APDFHDKYGNAVLASGATFCVAVWVYMATQIGIEWNPSPVGRVTPKEWR K,X
12 'polypeptide(L)' HYEEGPGKNIPFSVENKWRLLAMMTLFFGSGFAAPFFIVRHQLLKK L,Y
13 'polypeptide(L)' ITAKPAKTPTSPKEQAIGLSVTFLSFLLPAGWVLYHLDNYKKS M,Z
#
loop_
_chem_comp.id
_chem_comp.type
_chem_comp.name
_chem_comp.formula
CDL non-polymer CARDIOLIPIN 'C81 H156 O17 P2 -2'
CHD non-polymer 'CHOLIC ACID' 'C24 H40 O5'
CU non-polymer 'COPPER (II) ION' 'Cu 2'
CUA non-polymer 'DINUCLEAR COPPER ION' Cu2
CYN non-polymer 'CYANIDE ION' 'C N -1'
DMU D-saccharide DECYL-BETA-D-MALTOPYRANOSIDE 'C22 H42 O11'
EDO non-polymer 1,2-ETHANEDIOL 'C2 H6 O2'
HEA non-polymer HEME-A 'C49 H56 Fe N4 O6'
MG non-polymer 'MAGNESIUM ION' 'Mg 2'
NA non-polymer 'SODIUM ION' 'Na 1'
PEK non-polymer '(1S)-2-{[(2-AMINOETHOXY)(HYDROXY)PHOSPHORYL]OXY}-1-[(STEAROYLOXY)METHYL]ETHYL (5E,8E,11E,14E)-ICOSA-5,8,11,14-TETRAENOATE' 'C43 H78 N O8 P'
PGV non-polymer '(1R)-2-{[{[(2S)-2,3-DIHYDROXYPROPYL]OXY}(HYDROXY)PHOSPHORYL]OXY}-1-[(PALMITOYLOXY)METHYL]ETHYL (11E)-OCTADEC-11-ENOATE' 'C40 H77 O10 P'
PO4 non-polymer 'PHOSPHATE ION' 'O4 P -3'
PSC non-polymer '(7R,17E,20E)-4-HYDROXY-N,N,N-TRIMETHYL-9-OXO-7-[(PALMITOYLOXY)METHYL]-3,5,8-TRIOXA-4-PHOSPHAHEXACOSA-17,20-DIEN-1-AMINIUM 4-OXIDE' 'C42 H81 N O8 P 1'
TGL non-polymer TRISTEAROYLGLYCEROL 'C57 H110 O6'
ZN non-polymer 'ZINC ION' 'Zn 2'
#
# COMPACT_ATOMS: atom_id res chain seq x y z
N FME A 1 -45.39 -16.04 23.74
CN FME A 1 -44.24 -16.39 24.27
O1 FME A 1 -43.14 -16.00 23.84
CA FME A 1 -45.51 -15.10 22.63
CB FME A 1 -46.98 -15.00 22.20
CG FME A 1 -47.23 -15.08 20.69
SD FME A 1 -47.30 -16.74 20.14
CE FME A 1 -45.59 -17.16 19.90
C FME A 1 -44.94 -13.73 22.99
O FME A 1 -44.28 -13.13 22.13
N PHE A 2 -45.13 -13.24 24.22
CA PHE A 2 -44.61 -11.92 24.55
C PHE A 2 -43.09 -11.93 24.50
N ILE A 3 -42.47 -12.93 25.11
CA ILE A 3 -41.01 -13.00 25.13
C ILE A 3 -40.48 -13.23 23.72
N ASN A 4 -41.13 -14.11 22.94
CA ASN A 4 -40.65 -14.31 21.57
C ASN A 4 -40.67 -13.02 20.78
N ARG A 5 -41.75 -12.27 20.92
CA ARG A 5 -41.92 -11.05 20.12
C ARG A 5 -41.00 -9.94 20.60
N TRP A 6 -40.90 -9.72 21.90
CA TRP A 6 -40.27 -8.50 22.41
C TRP A 6 -38.88 -8.67 22.98
N LEU A 7 -38.45 -9.90 23.33
CA LEU A 7 -37.09 -10.15 23.78
C LEU A 7 -36.28 -10.88 22.72
N PHE A 8 -36.94 -11.64 21.82
CA PHE A 8 -36.25 -12.40 20.78
C PHE A 8 -36.50 -11.85 19.37
N SER A 9 -36.83 -10.56 19.28
CA SER A 9 -37.26 -9.98 18.00
C SER A 9 -36.23 -10.14 16.89
N THR A 10 -36.77 -10.39 15.69
CA THR A 10 -35.98 -10.23 14.46
C THR A 10 -36.70 -9.31 13.51
N ASN A 11 -37.48 -8.36 14.03
CA ASN A 11 -38.38 -7.53 13.21
C ASN A 11 -37.97 -6.06 13.34
N HIS A 12 -37.77 -5.39 12.18
CA HIS A 12 -37.20 -4.03 12.21
C HIS A 12 -38.16 -3.03 12.85
N LYS A 13 -39.47 -3.23 12.74
CA LYS A 13 -40.41 -2.30 13.35
C LYS A 13 -40.47 -2.47 14.85
N ASP A 14 -40.61 -3.70 15.34
CA ASP A 14 -40.63 -3.91 16.78
C ASP A 14 -39.33 -3.48 17.44
N ILE A 15 -38.20 -3.75 16.79
CA ILE A 15 -36.92 -3.28 17.34
C ILE A 15 -36.90 -1.76 17.36
N GLY A 16 -37.33 -1.13 16.28
CA GLY A 16 -37.47 0.33 16.27
C GLY A 16 -38.32 0.85 17.42
N THR A 17 -39.46 0.18 17.68
CA THR A 17 -40.30 0.55 18.82
C THR A 17 -39.55 0.41 20.15
N LEU A 18 -38.82 -0.70 20.35
CA LEU A 18 -38.00 -0.84 21.55
C LEU A 18 -37.02 0.33 21.71
N TYR A 19 -36.36 0.70 20.62
CA TYR A 19 -35.43 1.82 20.70
C TYR A 19 -36.13 3.13 21.07
N LEU A 20 -37.31 3.38 20.49
CA LEU A 20 -38.01 4.63 20.81
C LEU A 20 -38.42 4.65 22.29
N LEU A 21 -38.90 3.50 22.83
CA LEU A 21 -39.26 3.42 24.24
C LEU A 21 -38.01 3.67 25.12
N PHE A 22 -36.90 3.00 24.77
CA PHE A 22 -35.65 3.15 25.52
C PHE A 22 -35.22 4.61 25.50
N GLY A 23 -35.20 5.20 24.31
CA GLY A 23 -34.75 6.59 24.17
C GLY A 23 -35.64 7.57 24.92
N ALA A 24 -36.96 7.35 24.88
CA ALA A 24 -37.85 8.21 25.65
C ALA A 24 -37.60 8.12 27.15
N TRP A 25 -37.38 6.90 27.67
CA TRP A 25 -37.06 6.74 29.09
C TRP A 25 -35.73 7.44 29.41
N ALA A 26 -34.73 7.26 28.55
CA ALA A 26 -33.45 7.92 28.76
C ALA A 26 -33.60 9.42 28.75
N GLY A 27 -34.45 9.93 27.86
CA GLY A 27 -34.67 11.36 27.81
C GLY A 27 -35.21 11.88 29.14
N MET A 28 -36.06 11.11 29.83
N MET A 28 -36.07 11.10 29.81
CA MET A 28 -36.47 11.60 31.15
CA MET A 28 -36.48 11.48 31.17
C MET A 28 -35.30 11.60 32.14
C MET A 28 -35.29 11.61 32.11
N VAL A 29 -34.45 10.58 32.11
CA VAL A 29 -33.28 10.60 33.00
C VAL A 29 -32.41 11.82 32.68
N GLY A 30 -32.17 12.03 31.38
CA GLY A 30 -31.27 13.11 31.00
C GLY A 30 -31.86 14.48 31.33
N THR A 31 -33.18 14.62 31.19
CA THR A 31 -33.85 15.87 31.55
C THR A 31 -33.77 16.12 33.06
N ALA A 32 -33.97 15.09 33.87
CA ALA A 32 -33.86 15.27 35.31
C ALA A 32 -32.45 15.68 35.72
N LEU A 33 -31.43 15.03 35.10
CA LEU A 33 -30.07 15.49 35.36
C LEU A 33 -29.90 16.96 34.98
N SER A 34 -30.44 17.39 33.83
CA SER A 34 -30.27 18.79 33.40
C SER A 34 -30.97 19.75 34.37
N LEU A 35 -32.07 19.33 34.98
CA LEU A 35 -32.75 20.18 35.94
C LEU A 35 -31.94 20.28 37.24
N LEU A 36 -31.25 19.19 37.62
CA LEU A 36 -30.36 19.29 38.80
C LEU A 36 -29.22 20.24 38.53
N ILE A 37 -28.64 20.21 37.30
CA ILE A 37 -27.60 21.19 36.95
C ILE A 37 -28.13 22.60 37.16
N ARG A 38 -29.27 22.88 36.56
CA ARG A 38 -29.78 24.23 36.57
C ARG A 38 -30.31 24.62 37.97
N ALA A 39 -30.70 23.64 38.78
CA ALA A 39 -31.09 23.96 40.15
C ALA A 39 -29.87 24.37 40.93
N GLU A 40 -28.75 23.68 40.76
CA GLU A 40 -27.53 24.09 41.48
C GLU A 40 -27.15 25.51 41.10
N LEU A 41 -27.37 25.88 39.84
CA LEU A 41 -26.91 27.17 39.34
C LEU A 41 -28.01 28.23 39.43
N GLY A 42 -29.19 27.90 39.94
CA GLY A 42 -30.27 28.85 39.79
C GLY A 42 -30.26 29.96 40.79
N GLN A 43 -29.44 29.83 41.82
CA GLN A 43 -29.10 30.99 42.67
C GLN A 43 -27.65 30.85 43.11
N PRO A 44 -27.01 31.97 43.50
CA PRO A 44 -25.61 31.90 43.90
C PRO A 44 -25.49 31.11 45.20
N GLY A 45 -24.34 30.50 45.39
CA GLY A 45 -24.12 29.62 46.52
C GLY A 45 -24.14 28.16 46.10
N THR A 46 -24.30 27.30 47.10
CA THR A 46 -24.26 25.87 46.84
C THR A 46 -25.61 25.27 47.18
N LEU A 47 -26.11 24.40 46.26
CA LEU A 47 -27.34 23.67 46.55
C LEU A 47 -27.10 22.25 47.04
N LEU A 48 -26.31 21.47 46.32
CA LEU A 48 -26.00 20.12 46.73
C LEU A 48 -24.98 20.10 47.86
N GLY A 49 -24.20 21.16 47.98
CA GLY A 49 -23.12 21.14 48.97
C GLY A 49 -22.08 20.08 48.71
N ASP A 50 -21.93 19.67 47.45
CA ASP A 50 -21.05 18.55 47.17
C ASP A 50 -20.76 18.65 45.67
N ASP A 51 -19.66 19.33 45.33
CA ASP A 51 -19.43 19.57 43.91
C ASP A 51 -18.94 18.35 43.18
N GLN A 52 -18.40 17.34 43.87
CA GLN A 52 -18.20 16.06 43.21
C GLN A 52 -19.53 15.52 42.67
N ILE A 53 -20.61 15.58 43.47
CA ILE A 53 -21.94 15.16 42.97
C ILE A 53 -22.37 16.02 41.79
N TYR A 54 -22.22 17.34 41.89
CA TYR A 54 -22.52 18.20 40.73
C TYR A 54 -21.78 17.69 39.48
N ASN A 55 -20.49 17.42 39.60
CA ASN A 55 -19.71 17.01 38.44
C ASN A 55 -20.21 15.68 37.89
N VAL A 56 -20.61 14.77 38.78
CA VAL A 56 -21.17 13.47 38.35
C VAL A 56 -22.47 13.71 37.59
N VAL A 57 -23.30 14.66 38.07
CA VAL A 57 -24.58 14.94 37.41
C VAL A 57 -24.34 15.52 36.01
N VAL A 58 -23.38 16.45 35.88
CA VAL A 58 -23.07 17.02 34.57
C VAL A 58 -22.61 15.93 33.61
N THR A 59 -21.70 15.07 34.08
CA THR A 59 -21.12 14.01 33.26
C THR A 59 -22.21 13.04 32.78
N ALA A 60 -23.03 12.59 33.70
CA ALA A 60 -24.09 11.64 33.33
C ALA A 60 -25.11 12.30 32.44
N HIS A 61 -25.44 13.56 32.69
CA HIS A 61 -26.38 14.27 31.79
C HIS A 61 -25.98 14.13 30.35
N ALA A 62 -24.71 14.41 30.06
CA ALA A 62 -24.22 14.35 28.66
C ALA A 62 -24.26 12.92 28.13
N PHE A 63 -23.73 11.95 28.91
CA PHE A 63 -23.73 10.58 28.38
C PHE A 63 -25.13 10.08 28.11
N VAL A 64 -26.06 10.35 29.02
CA VAL A 64 -27.46 9.89 28.83
C VAL A 64 -28.04 10.56 27.59
N MET A 65 -27.89 11.88 27.47
CA MET A 65 -28.57 12.54 26.34
C MET A 65 -27.99 12.11 25.00
N ILE A 66 -26.68 11.93 24.90
CA ILE A 66 -26.02 11.55 23.65
C ILE A 66 -26.21 10.07 23.35
N PHE A 67 -25.76 9.21 24.27
CA PHE A 67 -25.69 7.79 23.94
C PHE A 67 -26.98 7.06 24.17
N PHE A 68 -27.84 7.53 25.13
CA PHE A 68 -29.05 6.76 25.41
C PHE A 68 -30.32 7.43 24.93
N MET A 69 -30.31 8.75 24.63
CA MET A 69 -31.50 9.41 24.08
C MET A 69 -31.31 9.67 22.59
N VAL A 70 -30.36 10.52 22.15
CA VAL A 70 -30.37 10.92 20.73
C VAL A 70 -30.02 9.74 19.82
N MET A 71 -28.87 9.06 20.03
CA MET A 71 -28.50 8.03 19.05
C MET A 71 -29.51 6.88 19.03
N PRO A 72 -30.00 6.37 20.15
CA PRO A 72 -31.02 5.29 20.03
C PRO A 72 -32.29 5.73 19.33
N ILE A 73 -32.77 6.97 19.61
CA ILE A 73 -34.01 7.42 18.96
C ILE A 73 -33.77 7.61 17.46
N MET A 74 -32.74 8.38 17.07
CA MET A 74 -32.58 8.70 15.65
C MET A 74 -32.23 7.47 14.83
N ILE A 75 -31.22 6.71 15.26
CA ILE A 75 -30.70 5.61 14.41
C ILE A 75 -31.40 4.31 14.74
N GLY A 76 -31.46 3.94 16.04
CA GLY A 76 -32.15 2.73 16.39
C GLY A 76 -33.66 2.83 16.17
N GLY A 77 -34.26 3.99 16.40
CA GLY A 77 -35.73 4.04 16.41
C GLY A 77 -36.23 4.44 15.03
N PHE A 78 -35.99 5.71 14.63
CA PHE A 78 -36.44 6.11 13.29
C PHE A 78 -35.71 5.35 12.19
N GLY A 79 -34.42 5.06 12.39
CA GLY A 79 -33.70 4.29 11.37
C GLY A 79 -34.29 2.93 11.15
N ASN A 80 -34.51 2.15 12.23
CA ASN A 80 -35.06 0.81 12.04
C ASN A 80 -36.47 0.88 11.50
N TRP A 81 -37.30 1.80 12.00
CA TRP A 81 -38.68 1.80 11.51
C TRP A 81 -38.74 2.21 10.06
N LEU A 82 -38.02 3.26 9.71
CA LEU A 82 -38.23 3.88 8.42
C LEU A 82 -37.31 3.39 7.31
N VAL A 83 -36.03 3.06 7.54
CA VAL A 83 -35.15 2.80 6.42
C VAL A 83 -35.64 1.58 5.59
N PRO A 84 -36.00 0.44 6.21
CA PRO A 84 -36.43 -0.68 5.32
C PRO A 84 -37.69 -0.31 4.59
N LEU A 85 -38.61 0.46 5.21
CA LEU A 85 -39.85 0.79 4.52
C LEU A 85 -39.57 1.72 3.34
N MET A 86 -38.63 2.65 3.55
CA MET A 86 -38.37 3.64 2.50
C MET A 86 -37.65 3.04 1.31
N ILE A 87 -37.03 1.87 1.44
CA ILE A 87 -36.44 1.22 0.27
C ILE A 87 -37.20 -0.05 -0.10
N GLY A 88 -38.37 -0.29 0.49
CA GLY A 88 -39.14 -1.50 0.08
C GLY A 88 -38.52 -2.82 0.51
N ALA A 89 -37.68 -2.81 1.49
CA ALA A 89 -37.00 -4.02 1.91
C ALA A 89 -37.80 -4.72 2.99
N PRO A 90 -37.66 -6.06 3.07
CA PRO A 90 -38.50 -6.84 4.02
C PRO A 90 -38.05 -6.78 5.45
N ASP A 91 -36.79 -6.38 5.69
CA ASP A 91 -36.29 -6.12 7.04
C ASP A 91 -34.88 -5.59 6.82
N MET A 92 -34.12 -5.50 7.92
CA MET A 92 -32.70 -5.21 7.84
C MET A 92 -31.90 -6.44 7.37
N ALA A 93 -30.65 -6.17 6.94
CA ALA A 93 -29.83 -7.27 6.43
C ALA A 93 -29.57 -8.34 7.49
N PHE A 94 -29.34 -7.91 8.74
CA PHE A 94 -28.96 -8.82 9.81
C PHE A 94 -29.98 -8.65 10.89
N PRO A 95 -31.17 -9.26 10.74
CA PRO A 95 -32.28 -8.89 11.64
C PRO A 95 -32.10 -9.36 13.03
N ARG A 96 -31.30 -10.42 13.22
CA ARG A 96 -31.03 -10.94 14.56
C ARG A 96 -29.87 -10.16 15.21
N MET A 97 -28.80 -9.88 14.46
CA MET A 97 -27.79 -8.99 15.05
C MET A 97 -28.37 -7.64 15.44
N ASN A 98 -29.36 -7.15 14.68
CA ASN A 98 -30.03 -5.89 15.00
C ASN A 98 -30.62 -5.91 16.41
N ASN A 99 -31.18 -7.06 16.81
CA ASN A 99 -31.73 -7.17 18.15
C ASN A 99 -30.66 -7.07 19.21
N MET A 100 -29.42 -7.51 18.90
CA MET A 100 -28.39 -7.38 19.92
C MET A 100 -27.90 -5.95 20.04
N SER A 101 -27.89 -5.21 18.93
CA SER A 101 -27.61 -3.77 19.08
C SER A 101 -28.60 -3.14 20.05
N PHE A 102 -29.87 -3.53 20.00
CA PHE A 102 -30.81 -2.98 20.97
C PHE A 102 -30.46 -3.45 22.38
N TRP A 103 -30.40 -4.78 22.58
CA TRP A 103 -30.27 -5.29 23.95
C TRP A 103 -28.94 -5.00 24.60
N LEU A 104 -27.90 -4.55 23.86
CA LEU A 104 -26.70 -4.06 24.54
C LEU A 104 -26.96 -2.72 25.26
N LEU A 105 -28.02 -2.00 24.93
CA LEU A 105 -28.16 -0.67 25.52
C LEU A 105 -28.69 -0.68 26.94
N PRO A 106 -29.66 -1.49 27.33
CA PRO A 106 -30.02 -1.50 28.78
C PRO A 106 -28.82 -1.87 29.66
N PRO A 107 -28.00 -2.88 29.33
CA PRO A 107 -26.80 -3.13 30.16
C PRO A 107 -25.83 -1.97 30.12
N SER A 108 -25.63 -1.33 28.96
CA SER A 108 -24.78 -0.12 28.92
C SER A 108 -25.29 0.93 29.90
N PHE A 109 -26.62 1.16 29.90
CA PHE A 109 -27.18 2.19 30.79
C PHE A 109 -27.05 1.77 32.25
N LEU A 110 -27.25 0.47 32.52
CA LEU A 110 -27.02 -0.05 33.86
C LEU A 110 -25.61 0.20 34.34
N LEU A 111 -24.62 0.00 33.48
CA LEU A 111 -23.24 0.28 33.90
C LEU A 111 -23.07 1.75 34.22
N LEU A 112 -23.71 2.63 33.45
CA LEU A 112 -23.58 4.06 33.75
C LEU A 112 -24.27 4.40 35.07
N LEU A 113 -25.46 3.83 35.32
CA LEU A 113 -26.08 4.09 36.62
C LEU A 113 -25.23 3.50 37.75
N ALA A 114 -24.62 2.32 37.53
CA ALA A 114 -23.73 1.76 38.55
C ALA A 114 -22.55 2.68 38.84
N SER A 115 -21.98 3.28 37.81
N SER A 115 -21.99 3.28 37.79
CA SER A 115 -20.84 4.18 38.04
CA SER A 115 -20.88 4.20 37.98
C SER A 115 -21.23 5.32 38.99
C SER A 115 -21.24 5.31 38.96
N SER A 116 -22.48 5.80 38.91
CA SER A 116 -22.93 6.91 39.73
C SER A 116 -23.29 6.47 41.13
N MET A 117 -23.57 5.19 41.32
N MET A 117 -23.55 5.19 41.34
CA MET A 117 -23.96 4.67 42.62
CA MET A 117 -23.96 4.71 42.64
C MET A 117 -22.78 4.22 43.48
C MET A 117 -22.80 4.22 43.49
N VAL A 118 -21.73 3.75 42.89
CA VAL A 118 -20.59 3.25 43.63
C VAL A 118 -19.62 4.38 43.88
N GLU A 119 -18.88 4.26 44.98
CA GLU A 119 -17.87 5.25 45.32
C GLU A 119 -18.50 6.64 45.26
N ALA A 120 -17.84 7.62 44.64
CA ALA A 120 -18.37 8.96 44.57
C ALA A 120 -18.71 9.31 43.13
N GLY A 121 -18.95 8.29 42.30
CA GLY A 121 -19.28 8.60 40.90
C GLY A 121 -18.08 9.06 40.06
N ALA A 122 -18.33 9.17 38.73
CA ALA A 122 -17.33 9.61 37.78
C ALA A 122 -17.63 11.08 37.51
N GLY A 123 -16.90 11.97 38.23
CA GLY A 123 -17.19 13.40 38.13
C GLY A 123 -16.14 13.99 37.19
N THR A 124 -16.18 13.58 35.93
CA THR A 124 -15.04 13.75 35.03
C THR A 124 -15.29 14.72 33.88
N GLY A 125 -16.55 15.07 33.62
CA GLY A 125 -16.93 15.58 32.28
C GLY A 125 -17.12 14.40 31.33
N TRP A 126 -17.97 14.58 30.30
CA TRP A 126 -18.17 13.44 29.43
C TRP A 126 -16.96 13.14 28.53
N THR A 127 -15.95 14.02 28.53
CA THR A 127 -14.67 13.81 27.87
C THR A 127 -13.78 12.81 28.62
N VAL A 128 -13.96 12.66 29.94
CA VAL A 128 -13.26 11.65 30.75
C VAL A 128 -11.75 11.82 30.58
N TYR A 129 -11.27 13.08 30.63
CA TYR A 129 -9.82 13.27 30.45
C TYR A 129 -9.00 12.73 31.63
N PRO A 130 -7.89 12.08 31.37
CA PRO A 130 -6.88 11.91 32.42
C PRO A 130 -6.03 13.17 32.52
N PRO A 131 -5.38 13.39 33.66
CA PRO A 131 -5.40 12.47 34.82
C PRO A 131 -6.60 12.58 35.76
N LEU A 132 -7.53 13.54 35.60
CA LEU A 132 -8.67 13.57 36.51
C LEU A 132 -9.37 12.22 36.51
N ALA A 133 -9.50 11.59 35.33
CA ALA A 133 -10.19 10.29 35.24
C ALA A 133 -9.27 9.09 35.55
N GLY A 134 -8.02 9.34 35.96
CA GLY A 134 -7.11 8.24 36.24
C GLY A 134 -7.31 7.68 37.65
N ASN A 135 -6.45 6.69 38.01
CA ASN A 135 -6.73 5.92 39.22
C ASN A 135 -6.26 6.61 40.52
N LEU A 136 -5.66 7.79 40.42
N LEU A 136 -5.70 7.80 40.43
CA LEU A 136 -5.31 8.57 41.63
CA LEU A 136 -5.34 8.58 41.61
C LEU A 136 -6.37 9.63 41.93
C LEU A 136 -6.38 9.63 41.93
N ALA A 137 -6.83 10.39 40.92
CA ALA A 137 -7.82 11.43 41.12
C ALA A 137 -9.24 10.90 41.04
N HIS A 138 -9.42 9.69 40.52
CA HIS A 138 -10.73 9.00 40.46
C HIS A 138 -10.47 7.53 40.78
N ALA A 139 -9.98 7.28 41.99
CA ALA A 139 -9.74 5.91 42.39
C ALA A 139 -11.05 5.17 42.56
N GLY A 140 -11.02 3.87 42.28
CA GLY A 140 -12.19 3.04 42.50
C GLY A 140 -12.98 2.79 41.21
N ALA A 141 -14.11 2.13 41.35
CA ALA A 141 -14.72 1.57 40.15
C ALA A 141 -15.48 2.55 39.26
N SER A 142 -15.86 3.74 39.71
CA SER A 142 -16.81 4.55 38.92
C SER A 142 -16.33 4.78 37.48
N VAL A 143 -15.08 5.21 37.30
CA VAL A 143 -14.69 5.55 35.93
C VAL A 143 -14.61 4.27 35.07
N ASP A 144 -14.21 3.15 35.66
CA ASP A 144 -14.16 1.90 34.87
C ASP A 144 -15.54 1.46 34.46
N LEU A 145 -16.53 1.63 35.34
CA LEU A 145 -17.92 1.33 34.93
C LEU A 145 -18.36 2.25 33.77
N THR A 146 -17.96 3.52 33.81
CA THR A 146 -18.24 4.43 32.70
C THR A 146 -17.56 3.97 31.41
N ILE A 147 -16.28 3.59 31.48
CA ILE A 147 -15.57 3.07 30.31
C ILE A 147 -16.32 1.87 29.75
N PHE A 148 -16.70 0.92 30.63
CA PHE A 148 -17.40 -0.26 30.11
C PHE A 148 -18.78 0.08 29.55
N SER A 149 -19.48 1.05 30.13
CA SER A 149 -20.74 1.50 29.53
C SER A 149 -20.52 1.97 28.10
N LEU A 150 -19.49 2.79 27.91
CA LEU A 150 -19.12 3.25 26.57
C LEU A 150 -18.74 2.09 25.65
N HIS A 151 -17.97 1.11 26.15
N HIS A 151 -18.01 1.09 26.15
CA HIS A 151 -17.67 -0.08 25.35
CA HIS A 151 -17.68 -0.04 25.30
C HIS A 151 -18.95 -0.67 24.79
C HIS A 151 -18.93 -0.75 24.80
N LEU A 152 -19.93 -0.95 25.67
CA LEU A 152 -21.11 -1.65 25.19
C LEU A 152 -21.91 -0.78 24.23
N ALA A 153 -22.04 0.51 24.52
CA ALA A 153 -22.77 1.39 23.60
C ALA A 153 -22.01 1.45 22.29
N GLY A 154 -20.70 1.47 22.34
CA GLY A 154 -19.91 1.46 21.10
C GLY A 154 -20.13 0.21 20.27
N VAL A 155 -20.09 -0.97 20.91
CA VAL A 155 -20.33 -2.19 20.13
C VAL A 155 -21.73 -2.16 19.53
N SER A 156 -22.71 -1.72 20.33
CA SER A 156 -24.10 -1.67 19.82
C SER A 156 -24.15 -0.86 18.50
N SER A 157 -23.55 0.34 18.53
CA SER A 157 -23.58 1.23 17.35
C SER A 157 -22.69 0.80 16.23
N ILE A 158 -21.54 0.21 16.49
CA ILE A 158 -20.71 -0.32 15.41
C ILE A 158 -21.47 -1.43 14.67
N LEU A 159 -22.03 -2.38 15.41
CA LEU A 159 -22.79 -3.44 14.73
C LEU A 159 -24.01 -2.85 14.03
N GLY A 160 -24.65 -1.87 14.65
CA GLY A 160 -25.77 -1.20 13.99
C GLY A 160 -25.33 -0.53 12.69
N ALA A 161 -24.16 0.12 12.71
CA ALA A 161 -23.68 0.75 11.50
C ALA A 161 -23.43 -0.27 10.41
N ILE A 162 -22.85 -1.43 10.75
CA ILE A 162 -22.64 -2.47 9.76
C ILE A 162 -23.99 -2.88 9.18
N ASN A 163 -24.98 -3.01 10.03
CA ASN A 163 -26.32 -3.40 9.57
C ASN A 163 -26.91 -2.37 8.61
N PHE A 164 -26.86 -1.09 9.01
CA PHE A 164 -27.49 -0.09 8.16
C PHE A 164 -26.75 0.07 6.84
N ILE A 165 -25.40 0.12 6.87
CA ILE A 165 -24.67 0.23 5.60
C ILE A 165 -25.04 -0.92 4.68
N THR A 166 -25.00 -2.16 5.21
CA THR A 166 -25.26 -3.31 4.37
C THR A 166 -26.68 -3.25 3.84
N THR A 167 -27.65 -2.92 4.71
CA THR A 167 -29.07 -2.88 4.29
C THR A 167 -29.26 -1.88 3.16
N ILE A 168 -28.70 -0.68 3.32
CA ILE A 168 -28.92 0.41 2.37
C ILE A 168 -28.20 0.16 1.06
N ILE A 169 -27.01 -0.45 1.09
CA ILE A 169 -26.28 -0.77 -0.14
C ILE A 169 -26.93 -1.95 -0.84
N ASN A 170 -27.36 -2.95 -0.09
CA ASN A 170 -27.65 -4.28 -0.70
C ASN A 170 -29.12 -4.56 -0.91
N MET A 171 -30.02 -3.86 -0.23
CA MET A 171 -31.41 -4.32 -0.19
C MET A 171 -32.42 -3.36 -0.79
N LYS A 172 -31.99 -2.50 -1.68
CA LYS A 172 -32.90 -1.67 -2.46
C LYS A 172 -33.47 -2.48 -3.63
N PRO A 173 -34.59 -2.03 -4.20
CA PRO A 173 -35.06 -2.68 -5.43
C PRO A 173 -33.95 -2.66 -6.46
N PRO A 174 -33.85 -3.68 -7.31
CA PRO A 174 -32.68 -3.73 -8.23
C PRO A 174 -32.63 -2.57 -9.19
N ALA A 175 -33.76 -1.95 -9.51
CA ALA A 175 -33.74 -0.77 -10.38
C ALA A 175 -33.37 0.52 -9.68
N MET A 176 -33.40 0.58 -8.35
CA MET A 176 -33.23 1.83 -7.60
C MET A 176 -31.74 2.06 -7.39
N SER A 177 -31.21 3.15 -7.91
CA SER A 177 -29.80 3.42 -7.61
C SER A 177 -29.72 4.13 -6.27
N GLN A 178 -28.47 4.38 -5.84
CA GLN A 178 -28.34 5.14 -4.60
C GLN A 178 -28.90 6.54 -4.77
N TYR A 179 -28.98 7.05 -6.00
CA TYR A 179 -29.49 8.40 -6.23
C TYR A 179 -30.98 8.40 -6.41
N GLN A 180 -31.64 7.30 -6.11
CA GLN A 180 -33.11 7.25 -6.05
C GLN A 180 -33.59 6.83 -4.67
N THR A 181 -32.68 6.93 -3.65
CA THR A 181 -33.16 6.63 -2.32
C THR A 181 -33.45 7.94 -1.56
N PRO A 182 -34.38 7.94 -0.63
CA PRO A 182 -34.76 9.20 0.02
C PRO A 182 -33.62 9.77 0.86
N LEU A 183 -33.70 11.09 1.10
CA LEU A 183 -32.63 11.71 1.86
C LEU A 183 -32.49 11.15 3.26
N PHE A 184 -33.59 10.74 3.94
CA PHE A 184 -33.35 10.19 5.29
C PHE A 184 -32.49 8.93 5.22
N VAL A 185 -32.69 8.11 4.20
CA VAL A 185 -31.87 6.91 4.01
C VAL A 185 -30.41 7.28 3.80
N TRP A 186 -30.14 8.27 2.95
CA TRP A 186 -28.77 8.80 2.83
C TRP A 186 -28.21 9.21 4.17
N SER A 187 -29.04 9.94 4.94
CA SER A 187 -28.49 10.51 6.16
C SER A 187 -28.10 9.38 7.16
N VAL A 188 -28.87 8.31 7.16
CA VAL A 188 -28.54 7.18 8.04
C VAL A 188 -27.30 6.46 7.52
N MET A 189 -27.18 6.26 6.20
CA MET A 189 -25.98 5.60 5.65
C MET A 189 -24.71 6.38 6.02
N ILE A 190 -24.75 7.70 5.84
CA ILE A 190 -23.55 8.49 6.15
C ILE A 190 -23.27 8.50 7.63
N THR A 191 -24.30 8.61 8.48
CA THR A 191 -24.11 8.51 9.94
C THR A 191 -23.45 7.18 10.27
N ALA A 192 -23.91 6.11 9.60
CA ALA A 192 -23.35 4.78 9.91
C ALA A 192 -21.90 4.68 9.51
N VAL A 193 -21.53 5.27 8.39
CA VAL A 193 -20.11 5.26 8.03
C VAL A 193 -19.30 6.01 9.08
N LEU A 194 -19.80 7.18 9.54
CA LEU A 194 -19.07 7.90 10.59
C LEU A 194 -18.94 7.07 11.87
N LEU A 195 -20.00 6.36 12.26
CA LEU A 195 -19.94 5.51 13.46
C LEU A 195 -18.92 4.41 13.30
N LEU A 196 -18.90 3.77 12.13
CA LEU A 196 -18.01 2.63 11.86
C LEU A 196 -16.55 3.02 12.02
N LEU A 197 -16.20 4.21 11.54
CA LEU A 197 -14.79 4.64 11.56
C LEU A 197 -14.40 5.28 12.86
N SER A 198 -15.37 5.97 13.52
CA SER A 198 -14.95 6.79 14.66
C SER A 198 -15.01 6.02 15.97
N LEU A 199 -16.05 5.23 16.20
CA LEU A 199 -16.20 4.54 17.49
C LEU A 199 -15.03 3.60 17.78
N PRO A 200 -14.37 2.97 16.79
CA PRO A 200 -13.24 2.09 17.16
C PRO A 200 -12.09 2.90 17.74
N VAL A 201 -11.96 4.16 17.30
CA VAL A 201 -10.86 4.97 17.83
C VAL A 201 -11.18 5.36 19.26
N LEU A 202 -12.42 5.79 19.54
CA LEU A 202 -12.79 5.99 20.96
C LEU A 202 -12.54 4.71 21.76
N ALA A 203 -12.90 3.55 21.19
CA ALA A 203 -12.73 2.30 21.94
C ALA A 203 -11.26 2.10 22.27
N ALA A 204 -10.37 2.39 21.31
CA ALA A 204 -8.94 2.27 21.59
C ALA A 204 -8.53 3.20 22.71
N GLY A 205 -8.98 4.47 22.64
CA GLY A 205 -8.58 5.46 23.68
C GLY A 205 -9.08 5.11 25.06
N ILE A 206 -10.36 4.70 25.20
CA ILE A 206 -10.87 4.43 26.55
C ILE A 206 -10.30 3.12 27.05
N THR A 207 -9.93 2.22 26.12
CA THR A 207 -9.26 1.00 26.56
C THR A 207 -7.88 1.33 27.14
N MET A 208 -7.17 2.26 26.48
CA MET A 208 -5.90 2.71 27.03
C MET A 208 -6.10 3.35 28.39
N LEU A 209 -7.18 4.10 28.55
CA LEU A 209 -7.45 4.67 29.88
C LEU A 209 -7.70 3.57 30.92
N LEU A 210 -8.45 2.52 30.50
CA LEU A 210 -8.70 1.38 31.39
C LEU A 210 -7.41 0.71 31.80
N THR A 211 -6.48 0.53 30.87
CA THR A 211 -5.25 -0.16 31.25
C THR A 211 -4.36 0.77 32.05
N ASP A 212 -4.37 2.10 31.77
CA ASP A 212 -3.59 2.99 32.67
C ASP A 212 -4.16 2.91 34.08
N ARG A 213 -5.48 2.73 34.20
CA ARG A 213 -6.10 2.70 35.52
C ARG A 213 -5.91 1.36 36.23
N ASN A 214 -5.73 0.25 35.49
CA ASN A 214 -5.75 -1.07 36.12
C ASN A 214 -4.59 -2.00 35.80
N LEU A 215 -3.84 -1.76 34.73
CA LEU A 215 -2.78 -2.68 34.32
C LEU A 215 -1.43 -2.01 34.37
N ASN A 216 -1.34 -0.78 34.93
CA ASN A 216 -0.08 -0.05 35.10
C ASN A 216 0.58 0.31 33.76
N THR A 217 -0.25 0.42 32.70
CA THR A 217 0.26 1.13 31.54
C THR A 217 0.35 2.63 31.83
N THR A 218 0.98 3.36 30.89
CA THR A 218 1.23 4.80 31.08
C THR A 218 1.06 5.54 29.78
N PHE A 219 0.03 5.15 28.99
CA PHE A 219 -0.24 5.89 27.75
C PHE A 219 -0.38 7.37 27.98
N PHE A 220 -1.04 7.74 29.09
CA PHE A 220 -1.43 9.12 29.34
C PHE A 220 -0.72 9.71 30.54
N ASP A 221 0.26 8.99 31.06
CA ASP A 221 0.92 9.37 32.34
C ASP A 221 2.35 9.75 31.99
N PRO A 222 2.68 11.04 32.11
CA PRO A 222 4.06 11.50 31.81
C PRO A 222 5.12 10.76 32.60
N ALA A 223 4.80 10.21 33.80
CA ALA A 223 5.84 9.49 34.53
C ALA A 223 6.39 8.32 33.73
N GLY A 224 5.56 7.67 32.90
CA GLY A 224 6.07 6.63 32.02
C GLY A 224 6.38 7.06 30.62
N GLY A 225 6.41 8.37 30.33
CA GLY A 225 6.60 8.84 28.97
C GLY A 225 5.30 9.02 28.21
N GLY A 226 4.17 8.90 28.87
CA GLY A 226 2.87 9.11 28.23
C GLY A 226 2.51 10.61 28.19
N ASP A 227 1.25 10.87 27.76
CA ASP A 227 0.87 12.25 27.45
C ASP A 227 -0.64 12.37 27.61
N PRO A 228 -1.14 13.16 28.53
CA PRO A 228 -2.61 13.36 28.62
C PRO A 228 -3.20 13.85 27.34
N ILE A 229 -2.42 14.59 26.56
CA ILE A 229 -2.95 15.17 25.31
C ILE A 229 -3.20 14.10 24.27
N LEU A 230 -2.47 12.98 24.31
CA LEU A 230 -2.82 11.88 23.37
C LEU A 230 -4.25 11.36 23.58
N TYR A 231 -4.69 11.26 24.86
CA TYR A 231 -6.09 10.84 25.08
C TYR A 231 -7.05 11.81 24.42
N GLN A 232 -6.77 13.13 24.52
CA GLN A 232 -7.68 14.12 23.95
C GLN A 232 -7.79 13.97 22.44
N HIS A 233 -6.66 13.75 21.77
CA HIS A 233 -6.71 13.50 20.31
C HIS A 233 -7.56 12.30 19.97
N LEU A 234 -7.36 11.18 20.67
CA LEU A 234 -8.14 9.99 20.36
C LEU A 234 -9.61 10.22 20.63
N PHE A 235 -9.91 10.84 21.76
CA PHE A 235 -11.31 11.13 22.10
C PHE A 235 -11.97 12.00 21.05
N TRP A 236 -11.31 13.11 20.71
CA TRP A 236 -11.96 14.03 19.78
C TRP A 236 -11.88 13.56 18.33
N PHE A 237 -10.94 12.67 17.99
CA PHE A 237 -10.99 12.07 16.65
C PHE A 237 -12.28 11.34 16.48
N PHE A 238 -12.80 10.76 17.59
CA PHE A 238 -14.18 10.25 17.56
C PHE A 238 -15.20 11.38 17.76
N GLY A 239 -14.94 12.28 18.70
CA GLY A 239 -15.98 13.18 19.19
C GLY A 239 -16.45 14.19 18.14
N HIS A 240 -15.54 14.65 17.23
CA HIS A 240 -16.11 15.50 16.18
C HIS A 240 -17.00 14.70 15.24
N PRO A 241 -16.57 13.61 14.64
CA PRO A 241 -17.60 12.77 13.91
C PRO A 241 -18.86 12.58 14.72
N GLU A 242 -18.75 12.28 16.03
CA GLU A 242 -19.93 12.11 16.85
C GLU A 242 -20.91 13.29 16.76
N VAL A 243 -20.43 14.57 16.75
CA VAL A 243 -21.45 15.61 16.73
C VAL A 243 -22.19 15.57 15.40
N TYR A 244 -21.49 15.20 14.31
CA TYR A 244 -22.21 15.08 13.02
C TYR A 244 -23.11 13.85 13.01
N ILE A 245 -22.70 12.77 13.66
CA ILE A 245 -23.59 11.61 13.84
C ILE A 245 -24.90 12.01 14.55
N LEU A 246 -24.79 12.88 15.55
CA LEU A 246 -25.96 13.31 16.32
C LEU A 246 -26.89 14.16 15.50
N ILE A 247 -26.39 14.85 14.49
CA ILE A 247 -27.30 15.74 13.75
C ILE A 247 -27.71 15.20 12.40
N LEU A 248 -26.85 14.38 11.74
CA LEU A 248 -27.17 13.96 10.35
C LEU A 248 -28.54 13.30 10.19
N PRO A 249 -28.94 12.33 11.04
CA PRO A 249 -30.29 11.77 10.85
C PRO A 249 -31.37 12.81 11.06
N GLY A 250 -31.06 13.79 11.90
CA GLY A 250 -31.97 14.93 12.05
C GLY A 250 -32.09 15.72 10.78
N PHE A 251 -30.96 16.01 10.13
CA PHE A 251 -31.04 16.66 8.81
C PHE A 251 -31.94 15.82 7.89
N GLY A 252 -31.75 14.48 7.88
CA GLY A 252 -32.57 13.62 6.99
C GLY A 252 -34.05 13.79 7.31
N MET A 253 -34.42 13.69 8.59
CA MET A 253 -35.86 13.82 8.95
C MET A 253 -36.40 15.21 8.60
N ILE A 254 -35.61 16.27 8.86
CA ILE A 254 -36.03 17.63 8.51
C ILE A 254 -36.29 17.77 7.00
N SER A 255 -35.44 17.19 6.15
CA SER A 255 -35.73 17.18 4.70
C SER A 255 -37.08 16.57 4.42
N HIS A 256 -37.39 15.42 5.06
CA HIS A 256 -38.67 14.77 4.76
C HIS A 256 -39.84 15.60 5.28
N ILE A 257 -39.68 16.18 6.49
CA ILE A 257 -40.79 16.89 7.11
C ILE A 257 -41.07 18.18 6.34
N VAL A 258 -40.03 18.93 6.00
CA VAL A 258 -40.23 20.18 5.26
C VAL A 258 -40.82 19.91 3.90
N THR A 259 -40.33 18.87 3.20
CA THR A 259 -40.93 18.50 1.91
C THR A 259 -42.41 18.19 2.07
N TYR A 260 -42.75 17.33 3.05
CA TYR A 260 -44.11 16.86 3.23
C TYR A 260 -45.09 18.00 3.54
N TYR A 261 -44.76 18.85 4.51
CA TYR A 261 -45.72 19.89 4.92
C TYR A 261 -45.61 21.12 4.04
N SER A 262 -44.71 21.10 3.06
CA SER A 262 -44.76 22.08 1.99
C SER A 262 -45.65 21.59 0.86
N GLY A 263 -46.17 20.35 0.97
CA GLY A 263 -46.98 19.81 -0.13
C GLY A 263 -46.18 19.51 -1.40
N LYS A 264 -44.88 19.22 -1.25
CA LYS A 264 -44.02 18.98 -2.39
C LYS A 264 -43.80 17.50 -2.55
N LYS A 265 -43.53 17.11 -3.79
CA LYS A 265 -43.20 15.70 -4.00
C LYS A 265 -41.74 15.40 -3.71
N GLU A 266 -40.91 16.41 -3.54
CA GLU A 266 -39.48 16.18 -3.41
C GLU A 266 -38.82 17.38 -2.78
N PRO A 267 -37.71 17.16 -2.11
CA PRO A 267 -36.92 18.31 -1.61
C PRO A 267 -36.28 19.06 -2.76
N PHE A 268 -36.04 20.36 -2.52
CA PHE A 268 -35.27 21.12 -3.48
C PHE A 268 -33.82 20.62 -3.52
N GLY A 269 -33.30 20.44 -4.73
CA GLY A 269 -31.86 20.20 -4.89
C GLY A 269 -31.36 18.88 -4.29
N TYR A 270 -32.01 17.78 -4.64
CA TYR A 270 -31.69 16.48 -4.03
C TYR A 270 -30.20 16.16 -4.08
N MET A 271 -29.59 16.26 -5.29
CA MET A 271 -28.20 15.85 -5.38
C MET A 271 -27.30 16.79 -4.59
N GLY A 272 -27.67 18.09 -4.47
CA GLY A 272 -26.88 18.96 -3.60
C GLY A 272 -27.01 18.55 -2.14
N MET A 273 -28.19 18.03 -1.74
CA MET A 273 -28.38 17.59 -0.36
C MET A 273 -27.53 16.36 -0.07
N VAL A 274 -27.45 15.43 -1.04
CA VAL A 274 -26.58 14.27 -0.91
C VAL A 274 -25.14 14.71 -0.84
N TRP A 275 -24.74 15.60 -1.76
CA TRP A 275 -23.39 16.16 -1.75
C TRP A 275 -23.07 16.80 -0.41
N ALA A 276 -24.03 17.54 0.14
CA ALA A 276 -23.74 18.27 1.36
C ALA A 276 -23.53 17.32 2.54
N MET A 277 -24.39 16.30 2.64
CA MET A 277 -24.20 15.33 3.72
C MET A 277 -22.90 14.55 3.55
N MET A 278 -22.56 14.14 2.32
CA MET A 278 -21.29 13.42 2.15
C MET A 278 -20.10 14.31 2.48
N SER A 279 -20.18 15.58 2.09
CA SER A 279 -19.10 16.53 2.36
C SER A 279 -18.94 16.75 3.86
N ILE A 280 -20.08 16.93 4.54
CA ILE A 280 -20.04 17.07 6.00
C ILE A 280 -19.43 15.83 6.64
N GLY A 281 -19.79 14.66 6.15
CA GLY A 281 -19.21 13.41 6.68
C GLY A 281 -17.69 13.38 6.52
N PHE A 282 -17.20 13.72 5.34
CA PHE A 282 -15.77 13.66 5.02
C PHE A 282 -15.01 14.69 5.82
N LEU A 283 -15.49 15.95 5.80
CA LEU A 283 -14.79 16.97 6.52
C LEU A 283 -14.86 16.75 8.03
N GLY A 284 -15.84 15.97 8.47
CA GLY A 284 -16.00 15.74 9.91
C GLY A 284 -14.84 14.96 10.52
N PHE A 285 -13.96 14.35 9.70
CA PHE A 285 -12.76 13.66 10.23
C PHE A 285 -11.50 14.46 10.26
N ILE A 286 -11.50 15.72 9.77
CA ILE A 286 -10.22 16.42 9.65
C ILE A 286 -10.21 17.73 10.44
N VAL A 287 -11.07 17.85 11.46
CA VAL A 287 -11.26 19.10 12.18
C VAL A 287 -11.16 18.97 13.69
N TRP A 288 -10.91 17.77 14.23
CA TRP A 288 -11.15 17.51 15.66
C TRP A 288 -10.39 18.41 16.60
N ALA A 289 -9.23 18.90 16.21
CA ALA A 289 -8.40 19.57 17.19
C ALA A 289 -8.90 20.97 17.51
N HIS A 290 -10.00 21.42 16.91
CA HIS A 290 -10.64 22.62 17.41
C HIS A 290 -11.28 22.45 18.78
N HIS A 291 -11.26 21.23 19.32
CA HIS A 291 -11.61 20.98 20.71
C HIS A 291 -10.39 21.12 21.62
N MET A 292 -9.25 21.54 21.03
CA MET A 292 -7.97 21.53 21.76
C MET A 292 -7.16 22.78 21.50
N PHE A 293 -7.82 23.90 21.17
CA PHE A 293 -7.05 25.11 20.86
C PHE A 293 -6.32 25.70 22.05
N THR A 294 -6.63 25.31 23.30
CA THR A 294 -5.86 25.86 24.43
C THR A 294 -4.87 24.89 25.03
N VAL A 295 -4.60 23.73 24.40
CA VAL A 295 -3.74 22.76 25.03
C VAL A 295 -2.26 23.04 24.80
N GLY A 296 -1.92 24.01 23.96
CA GLY A 296 -0.51 24.33 23.64
C GLY A 296 -0.10 23.81 22.30
N MET A 297 -0.95 23.95 21.28
CA MET A 297 -0.59 23.42 19.97
C MET A 297 0.12 24.51 19.16
N ASP A 298 0.97 24.06 18.22
CA ASP A 298 1.72 25.00 17.39
C ASP A 298 0.74 25.87 16.57
N VAL A 299 1.16 27.10 16.27
CA VAL A 299 0.32 28.08 15.62
C VAL A 299 -0.14 27.60 14.22
N ASP A 300 0.73 26.95 13.45
CA ASP A 300 0.30 26.54 12.11
C ASP A 300 -0.78 25.45 12.20
N THR A 301 -0.65 24.60 13.21
CA THR A 301 -1.75 23.62 13.42
C THR A 301 -3.04 24.32 13.76
N ARG A 302 -2.97 25.38 14.60
N ARG A 302 -2.97 25.34 14.64
CA ARG A 302 -4.21 26.09 14.95
CA ARG A 302 -4.14 26.15 14.96
C ARG A 302 -4.76 26.85 13.74
C ARG A 302 -4.76 26.72 13.69
N ALA A 303 -3.90 27.27 12.81
CA ALA A 303 -4.40 27.93 11.61
C ALA A 303 -5.08 26.94 10.69
N TYR A 304 -4.49 25.75 10.54
CA TYR A 304 -5.13 24.72 9.70
C TYR A 304 -6.48 24.34 10.28
N PHE A 305 -6.54 24.09 11.60
CA PHE A 305 -7.82 23.59 12.14
C PHE A 305 -8.89 24.67 12.11
N THR A 306 -8.53 25.94 12.30
CA THR A 306 -9.47 27.03 12.11
C THR A 306 -10.07 26.97 10.71
N SER A 307 -9.20 26.87 9.71
CA SER A 307 -9.61 26.96 8.31
C SER A 307 -10.47 25.78 7.88
N ALA A 308 -10.02 24.58 8.21
CA ALA A 308 -10.78 23.39 7.82
C ALA A 308 -12.11 23.36 8.52
N THR A 309 -12.18 23.78 9.78
CA THR A 309 -13.47 23.79 10.47
C THR A 309 -14.46 24.72 9.78
N MET A 310 -13.98 25.85 9.28
CA MET A 310 -14.93 26.80 8.71
C MET A 310 -15.53 26.25 7.40
N ILE A 311 -14.74 25.47 6.65
CA ILE A 311 -15.21 24.89 5.37
C ILE A 311 -16.61 24.25 5.52
N ILE A 312 -16.90 23.60 6.67
CA ILE A 312 -18.14 22.86 6.88
C ILE A 312 -19.38 23.75 6.68
N ALA A 313 -19.24 25.08 6.92
CA ALA A 313 -20.40 25.95 6.75
C ALA A 313 -20.89 25.96 5.33
N ILE A 314 -20.01 25.66 4.37
CA ILE A 314 -20.45 25.75 2.97
C ILE A 314 -21.46 24.64 2.67
N PRO A 315 -21.14 23.35 2.84
CA PRO A 315 -22.20 22.37 2.58
C PRO A 315 -23.37 22.48 3.54
N THR A 316 -23.14 22.92 4.77
CA THR A 316 -24.28 23.04 5.67
C THR A 316 -25.21 24.11 5.21
N GLY A 317 -24.64 25.20 4.67
CA GLY A 317 -25.45 26.29 4.15
C GLY A 317 -26.27 25.88 2.96
N VAL A 318 -25.69 25.06 2.07
CA VAL A 318 -26.51 24.51 1.00
C VAL A 318 -27.74 23.80 1.54
N LYS A 319 -27.60 23.04 2.64
CA LYS A 319 -28.78 22.36 3.15
C LYS A 319 -29.79 23.34 3.71
N VAL A 320 -29.32 24.33 4.48
CA VAL A 320 -30.29 25.32 5.02
C VAL A 320 -31.03 26.03 3.90
N PHE A 321 -30.28 26.55 2.93
CA PHE A 321 -30.94 27.26 1.84
C PHE A 321 -31.81 26.31 1.03
N SER A 322 -31.44 25.03 0.91
CA SER A 322 -32.33 24.12 0.17
C SER A 322 -33.62 23.81 0.92
N TRP A 323 -33.58 23.77 2.27
CA TRP A 323 -34.84 23.67 3.01
C TRP A 323 -35.70 24.89 2.76
N LEU A 324 -35.11 26.08 2.80
CA LEU A 324 -35.88 27.30 2.50
C LEU A 324 -36.47 27.21 1.09
N ALA A 325 -35.67 26.73 0.12
CA ALA A 325 -36.15 26.56 -1.26
C ALA A 325 -37.21 25.48 -1.37
N THR A 326 -37.25 24.52 -0.44
CA THR A 326 -38.33 23.52 -0.44
C THR A 326 -39.64 24.16 0.03
N LEU A 327 -39.55 25.04 1.05
CA LEU A 327 -40.74 25.79 1.50
C LEU A 327 -41.29 26.68 0.39
N HIS A 328 -40.40 27.25 -0.41
CA HIS A 328 -40.75 28.22 -1.44
C HIS A 328 -41.80 27.68 -2.38
N GLY A 329 -42.94 28.37 -2.46
CA GLY A 329 -44.00 27.89 -3.34
C GLY A 329 -44.84 26.79 -2.74
N GLY A 330 -44.55 26.38 -1.51
CA GLY A 330 -45.30 25.26 -0.94
C GLY A 330 -46.74 25.64 -0.63
N ASN A 331 -47.57 24.61 -0.61
CA ASN A 331 -48.88 24.69 0.02
C ASN A 331 -48.63 24.37 1.49
N ILE A 332 -48.35 25.41 2.29
CA ILE A 332 -47.78 25.17 3.64
C ILE A 332 -48.87 24.62 4.54
N LYS A 333 -48.63 23.46 5.15
CA LYS A 333 -49.52 22.93 6.17
C LYS A 333 -48.86 23.18 7.54
N TRP A 334 -49.53 23.97 8.39
CA TRP A 334 -48.97 24.40 9.69
C TRP A 334 -49.23 23.36 10.77
N SER A 335 -48.79 22.13 10.49
CA SER A 335 -48.90 21.00 11.40
C SER A 335 -47.89 21.20 12.51
N PRO A 336 -48.06 20.49 13.62
CA PRO A 336 -47.05 20.60 14.69
C PRO A 336 -45.70 20.10 14.19
N ALA A 337 -45.63 19.06 13.36
CA ALA A 337 -44.29 18.64 12.94
C ALA A 337 -43.60 19.72 12.10
N MET A 338 -44.38 20.46 11.29
CA MET A 338 -43.82 21.57 10.53
C MET A 338 -43.26 22.62 11.47
N MET A 339 -44.00 22.92 12.56
CA MET A 339 -43.49 23.90 13.51
C MET A 339 -42.15 23.44 14.08
N TRP A 340 -42.07 22.16 14.48
CA TRP A 340 -40.76 21.65 14.96
C TRP A 340 -39.66 21.85 13.93
N ALA A 341 -39.98 21.59 12.66
CA ALA A 341 -38.92 21.68 11.65
C ALA A 341 -38.52 23.11 11.40
N LEU A 342 -39.49 24.04 11.43
CA LEU A 342 -39.14 25.43 11.22
C LEU A 342 -38.32 25.94 12.38
N GLY A 343 -38.69 25.52 13.61
CA GLY A 343 -37.86 25.88 14.77
C GLY A 343 -36.46 25.33 14.60
N PHE A 344 -36.38 24.09 14.10
CA PHE A 344 -35.07 23.49 13.84
C PHE A 344 -34.23 24.35 12.92
N ILE A 345 -34.80 24.79 11.80
CA ILE A 345 -33.99 25.48 10.79
C ILE A 345 -33.39 26.73 11.39
N PHE A 346 -34.21 27.50 12.11
CA PHE A 346 -33.68 28.75 12.67
C PHE A 346 -32.72 28.50 13.83
N LEU A 347 -33.09 27.62 14.76
CA LEU A 347 -32.24 27.48 15.95
C LEU A 347 -30.93 26.76 15.61
N PHE A 348 -31.01 25.78 14.69
CA PHE A 348 -29.78 25.17 14.21
C PHE A 348 -28.88 26.18 13.54
N THR A 349 -29.46 27.11 12.78
CA THR A 349 -28.65 28.13 12.12
C THR A 349 -27.94 29.00 13.15
N VAL A 350 -28.67 29.42 14.22
CA VAL A 350 -28.03 30.22 15.28
C VAL A 350 -26.86 29.45 15.87
N GLY A 351 -27.08 28.18 16.25
CA GLY A 351 -25.99 27.44 16.88
C GLY A 351 -24.85 27.13 15.92
N GLY A 352 -25.16 26.91 14.65
CA GLY A 352 -24.05 26.71 13.74
C GLY A 352 -23.21 27.95 13.61
N LEU A 353 -23.85 29.13 13.61
CA LEU A 353 -23.09 30.37 13.49
C LEU A 353 -22.22 30.60 14.72
N THR A 354 -22.74 30.31 15.94
CA THR A 354 -21.81 30.48 17.08
C THR A 354 -20.69 29.45 17.02
N GLY A 355 -20.92 28.32 16.37
CA GLY A 355 -19.84 27.36 16.14
C GLY A 355 -18.78 27.93 15.22
N ILE A 356 -19.20 28.71 14.22
CA ILE A 356 -18.21 29.37 13.35
C ILE A 356 -17.41 30.42 14.14
N VAL A 357 -18.06 31.15 15.09
CA VAL A 357 -17.31 32.03 15.99
C VAL A 357 -16.20 31.24 16.68
N LEU A 358 -16.57 30.12 17.27
CA LEU A 358 -15.61 29.30 18.02
C LEU A 358 -14.50 28.69 17.16
N ALA A 359 -14.75 28.47 15.86
CA ALA A 359 -13.73 27.89 15.02
C ALA A 359 -12.51 28.77 14.92
N ASN A 360 -12.65 30.06 15.21
CA ASN A 360 -11.50 30.97 15.19
C ASN A 360 -10.66 30.80 16.44
N SER A 361 -9.52 30.13 16.28
CA SER A 361 -8.74 29.70 17.44
C SER A 361 -8.36 30.91 18.26
N SER A 362 -8.16 32.06 17.64
CA SER A 362 -7.72 33.20 18.48
C SER A 362 -8.83 33.63 19.42
N LEU A 363 -10.08 33.72 18.93
CA LEU A 363 -11.22 34.01 19.79
C LEU A 363 -11.52 32.85 20.72
N ASP A 364 -11.35 31.60 20.22
CA ASP A 364 -11.61 30.45 21.07
C ASP A 364 -10.71 30.44 22.31
N ILE A 365 -9.53 31.07 22.28
CA ILE A 365 -8.77 31.14 23.54
C ILE A 365 -9.64 31.70 24.65
N VAL A 366 -10.41 32.77 24.36
CA VAL A 366 -11.19 33.42 25.42
C VAL A 366 -12.52 32.69 25.62
N LEU A 367 -13.03 32.02 24.59
CA LEU A 367 -14.34 31.39 24.75
C LEU A 367 -14.29 29.92 25.16
N HIS A 368 -13.16 29.25 24.97
CA HIS A 368 -13.04 27.85 25.33
C HIS A 368 -13.36 27.63 26.81
N ASP A 369 -14.04 26.50 27.11
CA ASP A 369 -14.31 26.16 28.51
C ASP A 369 -15.10 27.28 29.21
N THR A 370 -15.96 27.97 28.45
CA THR A 370 -16.92 28.94 29.00
C THR A 370 -18.31 28.56 28.52
N TYR A 371 -19.29 29.25 29.11
CA TYR A 371 -20.65 28.99 28.69
C TYR A 371 -20.94 29.38 27.24
N TYR A 372 -20.06 30.07 26.53
CA TYR A 372 -20.34 30.31 25.12
C TYR A 372 -20.34 29.01 24.35
N VAL A 373 -19.46 28.07 24.76
CA VAL A 373 -19.48 26.73 24.11
C VAL A 373 -20.75 26.01 24.46
N VAL A 374 -21.16 26.03 25.73
CA VAL A 374 -22.42 25.39 26.16
C VAL A 374 -23.61 25.95 25.38
N ALA A 375 -23.58 27.27 25.12
CA ALA A 375 -24.69 27.86 24.34
C ALA A 375 -24.65 27.40 22.90
N HIS A 376 -23.46 27.41 22.29
CA HIS A 376 -23.33 26.86 20.93
C HIS A 376 -23.98 25.48 20.84
N PHE A 377 -23.54 24.57 21.72
CA PHE A 377 -23.97 23.21 21.43
C PHE A 377 -25.35 22.90 21.95
N HIS A 378 -25.90 23.67 22.90
CA HIS A 378 -27.33 23.38 23.17
C HIS A 378 -28.23 23.99 22.11
N TYR A 379 -27.80 25.02 21.38
CA TYR A 379 -28.61 25.41 20.20
C TYR A 379 -28.54 24.32 19.15
N VAL A 380 -27.39 23.71 18.89
N VAL A 380 -27.29 24.01 18.70
CA VAL A 380 -27.48 22.65 17.86
CA VAL A 380 -27.05 23.31 17.43
C VAL A 380 -28.08 21.32 18.39
C VAL A 380 -27.15 21.81 17.60
N LEU A 381 -28.00 21.02 19.69
N LEU A 381 -26.76 21.30 18.77
CA LEU A 381 -28.50 19.73 20.21
CA LEU A 381 -26.90 19.90 19.13
C LEU A 381 -29.91 19.82 20.82
C LEU A 381 -28.16 19.65 19.93
N SER A 382 -30.18 20.79 21.64
N SER A 382 -28.30 20.28 21.09
CA SER A 382 -31.50 20.86 22.24
CA SER A 382 -29.39 19.90 21.98
C SER A 382 -32.50 21.58 21.36
C SER A 382 -30.74 20.29 21.41
N MET A 383 -32.04 22.39 20.42
N MET A 383 -30.91 21.53 20.96
CA MET A 383 -32.95 23.02 19.47
CA MET A 383 -32.20 21.91 20.38
C MET A 383 -32.70 22.52 18.05
C MET A 383 -32.34 21.33 18.98
N GLY A 384 -31.74 21.62 17.88
N GLY A 384 -31.26 21.38 18.20
CA GLY A 384 -31.50 20.91 16.64
CA GLY A 384 -31.36 20.93 16.83
C GLY A 384 -31.85 19.44 16.78
C GLY A 384 -31.78 19.48 16.77
N ALA A 385 -31.03 18.64 17.46
CA ALA A 385 -31.36 17.21 17.51
C ALA A 385 -32.75 16.98 18.15
N VAL A 386 -33.04 17.65 19.27
CA VAL A 386 -34.32 17.44 19.96
C VAL A 386 -35.48 17.92 19.10
N PHE A 387 -35.30 19.05 18.39
CA PHE A 387 -36.44 19.51 17.58
C PHE A 387 -36.67 18.61 16.38
N ALA A 388 -35.59 18.08 15.79
CA ALA A 388 -35.80 17.10 14.73
C ALA A 388 -36.45 15.83 15.26
N ILE A 389 -36.02 15.36 16.44
CA ILE A 389 -36.66 14.19 17.07
C ILE A 389 -38.14 14.45 17.32
N MET A 390 -38.48 15.60 17.92
CA MET A 390 -39.90 15.87 18.20
C MET A 390 -40.67 16.01 16.90
N GLY A 391 -40.12 16.68 15.89
CA GLY A 391 -40.77 16.75 14.59
C GLY A 391 -41.03 15.38 13.99
N GLY A 392 -39.99 14.53 13.98
CA GLY A 392 -40.17 13.20 13.41
C GLY A 392 -41.13 12.39 14.25
N PHE A 393 -41.09 12.57 15.59
CA PHE A 393 -41.99 11.77 16.42
C PHE A 393 -43.45 12.17 16.15
N VAL A 394 -43.72 13.47 16.14
CA VAL A 394 -45.10 13.92 15.87
C VAL A 394 -45.52 13.48 14.47
N HIS A 395 -44.63 13.62 13.47
CA HIS A 395 -44.98 13.31 12.07
C HIS A 395 -45.29 11.83 11.91
N TRP A 396 -44.44 10.96 12.48
CA TRP A 396 -44.58 9.53 12.18
C TRP A 396 -45.30 8.73 13.28
N PHE A 397 -45.68 9.37 14.40
CA PHE A 397 -46.44 8.67 15.42
C PHE A 397 -47.68 7.98 14.83
N PRO A 398 -48.42 8.57 13.91
CA PRO A 398 -49.59 7.85 13.39
C PRO A 398 -49.19 6.66 12.53
N LEU A 399 -48.03 6.71 11.85
CA LEU A 399 -47.59 5.51 11.11
C LEU A 399 -47.26 4.40 12.09
N PHE A 400 -46.48 4.73 13.13
CA PHE A 400 -46.01 3.67 14.02
C PHE A 400 -47.14 3.10 14.84
N SER A 401 -48.12 3.94 15.25
CA SER A 401 -49.12 3.49 16.21
C SER A 401 -50.46 3.20 15.57
N GLY A 402 -50.77 3.82 14.44
CA GLY A 402 -52.13 3.73 13.89
C GLY A 402 -53.09 4.78 14.44
N TYR A 403 -52.63 5.65 15.36
CA TYR A 403 -53.52 6.58 16.07
C TYR A 403 -53.03 8.01 15.85
N THR A 404 -53.94 8.96 15.92
CA THR A 404 -53.50 10.37 15.80
C THR A 404 -53.34 11.07 17.13
N LEU A 405 -52.36 12.00 17.14
CA LEU A 405 -52.23 12.91 18.26
C LEU A 405 -53.28 13.98 18.16
N ASN A 406 -53.48 14.70 19.29
CA ASN A 406 -54.28 15.90 19.20
C ASN A 406 -53.38 17.03 18.74
N ASP A 407 -53.65 17.58 17.55
CA ASP A 407 -52.75 18.57 16.99
C ASP A 407 -52.73 19.84 17.84
N THR A 408 -53.87 20.23 18.45
CA THR A 408 -53.82 21.47 19.23
C THR A 408 -52.89 21.30 20.43
N TRP A 409 -53.01 20.17 21.12
CA TRP A 409 -52.08 19.93 22.22
C TRP A 409 -50.64 19.91 21.72
N ALA A 410 -50.39 19.29 20.57
CA ALA A 410 -49.01 19.22 20.10
C ALA A 410 -48.46 20.59 19.76
N LYS A 411 -49.29 21.52 19.27
CA LYS A 411 -48.84 22.88 19.02
C LYS A 411 -48.57 23.63 20.31
N ILE A 412 -49.39 23.38 21.34
CA ILE A 412 -49.15 23.96 22.67
C ILE A 412 -47.80 23.49 23.21
N HIS A 413 -47.53 22.19 23.08
CA HIS A 413 -46.25 21.59 23.50
C HIS A 413 -45.07 22.27 22.82
N PHE A 414 -45.13 22.40 21.48
CA PHE A 414 -44.06 23.09 20.74
C PHE A 414 -43.86 24.50 21.27
N ALA A 415 -44.97 25.24 21.45
CA ALA A 415 -44.84 26.63 21.92
C ALA A 415 -44.12 26.72 23.27
N ILE A 416 -44.48 25.85 24.22
CA ILE A 416 -43.88 25.90 25.55
C ILE A 416 -42.39 25.56 25.43
N MET A 417 -42.08 24.51 24.67
CA MET A 417 -40.69 24.10 24.52
C MET A 417 -39.87 25.22 23.88
N PHE A 418 -40.40 25.87 22.83
CA PHE A 418 -39.63 26.91 22.14
C PHE A 418 -39.29 28.05 23.10
N VAL A 419 -40.28 28.46 23.92
CA VAL A 419 -39.96 29.48 24.94
C VAL A 419 -38.92 28.97 25.93
N GLY A 420 -39.13 27.75 26.44
CA GLY A 420 -38.24 27.24 27.49
C GLY A 420 -36.80 27.11 27.06
N VAL A 421 -36.55 26.53 25.88
CA VAL A 421 -35.14 26.31 25.52
C VAL A 421 -34.46 27.62 25.20
N ASN A 422 -35.18 28.59 24.59
CA ASN A 422 -34.51 29.85 24.34
C ASN A 422 -34.26 30.65 25.62
N MET A 423 -35.20 30.61 26.56
CA MET A 423 -34.93 31.28 27.86
C MET A 423 -33.77 30.62 28.57
N THR A 424 -33.65 29.29 28.44
CA THR A 424 -32.54 28.56 29.08
C THR A 424 -31.20 28.94 28.48
N PHE A 425 -31.08 28.86 27.15
CA PHE A 425 -29.72 28.89 26.58
C PHE A 425 -29.31 30.22 26.00
N PHE A 426 -30.25 31.07 25.58
CA PHE A 426 -29.79 32.32 24.98
C PHE A 426 -28.94 33.14 25.94
N PRO A 427 -29.31 33.31 27.21
CA PRO A 427 -28.46 34.12 28.11
C PRO A 427 -27.08 33.51 28.33
N GLN A 428 -26.91 32.20 28.07
CA GLN A 428 -25.60 31.60 28.27
C GLN A 428 -24.57 32.18 27.31
N HIS A 429 -25.00 32.76 26.19
CA HIS A 429 -24.00 33.48 25.36
C HIS A 429 -23.34 34.61 26.15
N PHE A 430 -24.16 35.38 26.87
CA PHE A 430 -23.62 36.52 27.63
C PHE A 430 -22.71 36.03 28.73
N LEU A 431 -23.13 34.95 29.41
CA LEU A 431 -22.29 34.37 30.45
C LEU A 431 -20.95 33.95 29.87
N GLY A 432 -20.94 33.33 28.67
CA GLY A 432 -19.65 32.92 28.10
C GLY A 432 -18.76 34.10 27.66
N LEU A 433 -19.35 35.07 26.93
CA LEU A 433 -18.57 36.23 26.47
C LEU A 433 -17.97 36.93 27.68
N SER A 434 -18.72 37.02 28.76
CA SER A 434 -18.23 37.72 29.96
C SER A 434 -17.39 36.84 30.87
N GLY A 435 -17.10 35.60 30.47
CA GLY A 435 -16.03 34.83 31.08
C GLY A 435 -16.46 33.76 32.10
N MET A 436 -17.76 33.44 32.20
CA MET A 436 -18.13 32.40 33.18
C MET A 436 -17.67 31.05 32.69
N PRO A 437 -16.87 30.30 33.45
CA PRO A 437 -16.44 28.96 32.99
C PRO A 437 -17.60 27.99 32.95
N ARG A 438 -17.48 27.01 32.05
CA ARG A 438 -18.38 25.87 32.16
C ARG A 438 -17.86 24.92 33.26
N ARG A 439 -18.69 23.92 33.61
CA ARG A 439 -18.34 22.86 34.56
C ARG A 439 -18.14 23.42 35.96
N TYR A 440 -18.83 24.50 36.26
CA TYR A 440 -18.78 25.19 37.57
C TYR A 440 -20.09 24.99 38.33
N SER A 441 -19.98 24.78 39.65
CA SER A 441 -21.16 24.61 40.49
C SER A 441 -21.66 25.92 41.09
N ASP A 442 -20.90 27.00 40.90
CA ASP A 442 -21.25 28.29 41.46
C ASP A 442 -20.36 29.29 40.74
N TYR A 443 -20.76 30.57 40.81
CA TYR A 443 -20.19 31.62 39.97
C TYR A 443 -20.01 32.91 40.73
N PRO A 444 -19.04 33.71 40.33
CA PRO A 444 -18.91 35.08 40.87
C PRO A 444 -20.26 35.79 40.74
N ASP A 445 -20.55 36.69 41.70
CA ASP A 445 -21.88 37.25 41.86
C ASP A 445 -22.37 38.00 40.62
N ALA A 446 -21.46 38.61 39.86
CA ALA A 446 -21.87 39.36 38.67
C ALA A 446 -22.69 38.49 37.71
N TYR A 447 -22.42 37.21 37.72
CA TYR A 447 -23.11 36.33 36.75
C TYR A 447 -24.49 35.87 37.19
N THR A 448 -25.00 36.38 38.31
CA THR A 448 -26.25 35.89 38.89
C THR A 448 -27.44 36.07 37.98
N MET A 449 -27.63 37.26 37.38
CA MET A 449 -28.89 37.49 36.66
C MET A 449 -29.08 36.48 35.53
N TRP A 450 -28.07 36.29 34.70
CA TRP A 450 -28.32 35.37 33.57
C TRP A 450 -28.45 33.92 34.01
N ASN A 451 -27.73 33.50 35.06
CA ASN A 451 -27.92 32.14 35.58
C ASN A 451 -29.32 31.95 36.15
N THR A 452 -29.87 32.98 36.79
CA THR A 452 -31.22 32.89 37.33
C THR A 452 -32.23 32.72 36.20
N ILE A 453 -32.13 33.56 35.17
CA ILE A 453 -33.06 33.41 34.04
C ILE A 453 -32.89 32.05 33.38
N SER A 454 -31.64 31.61 33.20
CA SER A 454 -31.41 30.35 32.48
C SER A 454 -32.08 29.20 33.22
N SER A 455 -31.97 29.20 34.55
CA SER A 455 -32.57 28.15 35.37
C SER A 455 -34.09 28.21 35.35
N MET A 456 -34.65 29.42 35.35
CA MET A 456 -36.12 29.52 35.21
C MET A 456 -36.57 28.98 33.85
N GLY A 457 -35.76 29.26 32.80
CA GLY A 457 -36.08 28.63 31.48
C GLY A 457 -36.11 27.11 31.53
N SER A 458 -35.24 26.51 32.36
CA SER A 458 -35.14 25.05 32.37
C SER A 458 -36.43 24.44 32.89
N PHE A 459 -37.10 25.16 33.82
CA PHE A 459 -38.36 24.67 34.34
C PHE A 459 -39.48 24.75 33.31
N ILE A 460 -39.43 25.75 32.42
CA ILE A 460 -40.47 25.82 31.36
C ILE A 460 -40.37 24.58 30.47
N SER A 461 -39.11 24.18 30.15
CA SER A 461 -38.98 22.98 29.31
C SER A 461 -39.41 21.73 30.06
N LEU A 462 -39.19 21.67 31.37
CA LEU A 462 -39.75 20.58 32.17
C LEU A 462 -41.27 20.48 31.95
N THR A 463 -41.96 21.61 32.08
CA THR A 463 -43.42 21.57 31.84
C THR A 463 -43.75 21.04 30.46
N ALA A 464 -42.99 21.44 29.44
CA ALA A 464 -43.21 20.89 28.09
C ALA A 464 -43.03 19.38 28.07
N VAL A 465 -41.98 18.86 28.75
CA VAL A 465 -41.73 17.41 28.75
C VAL A 465 -42.88 16.66 29.44
N MET A 466 -43.34 17.18 30.57
CA MET A 466 -44.49 16.55 31.23
C MET A 466 -45.70 16.55 30.32
N LEU A 467 -45.94 17.66 29.63
CA LEU A 467 -47.09 17.71 28.73
C LEU A 467 -46.93 16.72 27.59
N MET A 468 -45.70 16.53 27.08
CA MET A 468 -45.49 15.56 26.00
C MET A 468 -45.95 14.18 26.44
N VAL A 469 -45.65 13.78 27.69
CA VAL A 469 -46.08 12.47 28.15
C VAL A 469 -47.61 12.39 28.17
N PHE A 470 -48.24 13.45 28.68
CA PHE A 470 -49.72 13.47 28.68
C PHE A 470 -50.26 13.38 27.26
N ILE A 471 -49.61 14.04 26.30
CA ILE A 471 -50.13 14.04 24.94
C ILE A 471 -50.07 12.65 24.33
N ILE A 472 -48.97 11.93 24.58
CA ILE A 472 -48.85 10.56 24.11
C ILE A 472 -49.94 9.70 24.77
N TRP A 473 -50.12 9.87 26.10
CA TRP A 473 -51.18 9.16 26.79
C TRP A 473 -52.53 9.46 26.16
N GLU A 474 -52.82 10.73 25.88
CA GLU A 474 -54.17 11.07 25.37
C GLU A 474 -54.41 10.41 24.01
N ALA A 475 -53.38 10.29 23.19
CA ALA A 475 -53.57 9.67 21.88
C ALA A 475 -53.88 8.19 22.02
N PHE A 476 -53.16 7.48 22.89
CA PHE A 476 -53.46 6.06 23.06
C PHE A 476 -54.73 5.85 23.86
N ALA A 477 -55.06 6.83 24.71
CA ALA A 477 -56.30 6.75 25.49
C ALA A 477 -57.52 6.96 24.60
N SER A 478 -57.45 7.83 23.58
CA SER A 478 -58.66 8.14 22.80
C SER A 478 -58.83 7.24 21.59
N LYS A 479 -57.74 6.72 21.03
CA LYS A 479 -57.79 5.76 19.92
C LYS A 479 -58.56 6.29 18.72
N ARG A 480 -58.09 7.41 18.19
CA ARG A 480 -58.50 7.92 16.88
C ARG A 480 -57.69 7.22 15.80
N GLU A 481 -58.32 6.29 15.08
CA GLU A 481 -57.54 5.49 14.10
C GLU A 481 -57.36 6.22 12.78
N VAL A 482 -56.13 6.15 12.24
CA VAL A 482 -55.81 6.78 10.97
C VAL A 482 -56.66 6.20 9.86
N LEU A 483 -57.09 7.09 8.94
CA LEU A 483 -57.78 6.67 7.69
C LEU A 483 -56.83 6.95 6.52
N THR A 484 -56.70 8.22 6.10
N THR A 484 -56.77 8.20 6.06
CA THR A 484 -56.06 8.58 4.83
CA THR A 484 -55.96 8.51 4.88
C THR A 484 -54.89 9.53 5.06
C THR A 484 -54.75 9.36 5.26
N VAL A 485 -53.75 9.25 4.42
CA VAL A 485 -52.54 10.05 4.54
C VAL A 485 -52.23 10.60 3.15
N ASP A 486 -52.02 11.92 3.04
CA ASP A 486 -51.69 12.53 1.75
C ASP A 486 -50.28 12.17 1.31
N LEU A 487 -50.02 12.33 0.00
CA LEU A 487 -48.63 12.28 -0.53
C LEU A 487 -47.98 10.91 -0.40
N THR A 488 -48.78 9.82 -0.39
CA THR A 488 -48.11 8.54 -0.33
C THR A 488 -47.27 8.27 -1.56
N THR A 489 -47.55 8.90 -2.72
CA THR A 489 -46.76 8.57 -3.90
C THR A 489 -45.30 8.95 -3.70
N THR A 490 -44.98 9.86 -2.76
CA THR A 490 -43.57 10.20 -2.53
C THR A 490 -43.12 9.96 -1.10
N ASN A 491 -43.87 9.11 -0.37
CA ASN A 491 -43.58 8.80 1.01
C ASN A 491 -43.96 7.34 1.25
N LEU A 492 -43.11 6.47 0.68
CA LEU A 492 -43.39 5.03 0.61
C LEU A 492 -43.64 4.40 1.98
N GLU A 493 -43.04 4.96 3.04
CA GLU A 493 -43.21 4.31 4.34
C GLU A 493 -44.65 4.29 4.83
N TRP A 494 -45.54 5.15 4.26
CA TRP A 494 -46.96 5.18 4.63
C TRP A 494 -47.83 4.25 3.80
N LEU A 495 -47.27 3.69 2.74
CA LEU A 495 -48.17 3.04 1.76
C LEU A 495 -48.67 1.67 2.19
N ASN A 496 -48.15 1.10 3.24
CA ASN A 496 -48.66 -0.14 3.81
C ASN A 496 -49.65 0.07 4.96
N GLY A 497 -50.16 1.32 5.12
CA GLY A 497 -51.14 1.63 6.15
C GLY A 497 -50.51 1.85 7.54
N CYS A 498 -51.39 2.08 8.51
CA CYS A 498 -50.96 2.60 9.81
C CYS A 498 -51.60 1.79 10.93
N PRO A 499 -50.84 1.00 11.73
CA PRO A 499 -49.41 0.67 11.52
C PRO A 499 -49.33 -0.36 10.39
N PRO A 500 -48.21 -0.40 9.69
CA PRO A 500 -48.02 -1.42 8.67
C PRO A 500 -48.00 -2.81 9.29
N PRO A 501 -48.39 -3.84 8.53
CA PRO A 501 -48.32 -5.21 9.07
C PRO A 501 -46.91 -5.56 9.56
N TYR A 502 -46.88 -6.53 10.46
CA TYR A 502 -45.62 -7.05 10.97
C TYR A 502 -44.60 -7.31 9.86
N HIS A 503 -45.01 -8.07 8.83
CA HIS A 503 -44.21 -8.27 7.63
C HIS A 503 -44.71 -7.36 6.52
N THR A 504 -43.84 -6.48 6.03
CA THR A 504 -44.12 -5.71 4.82
C THR A 504 -43.11 -6.10 3.73
N PHE A 505 -43.54 -5.81 2.48
CA PHE A 505 -42.74 -6.08 1.28
C PHE A 505 -42.34 -7.55 1.23
N GLU A 506 -43.24 -8.43 1.70
CA GLU A 506 -43.02 -9.85 1.43
C GLU A 506 -42.98 -10.12 -0.06
N GLU A 507 -43.86 -9.44 -0.82
CA GLU A 507 -43.67 -9.32 -2.26
C GLU A 507 -43.00 -7.96 -2.45
N PRO A 508 -41.81 -7.90 -3.06
CA PRO A 508 -41.10 -6.61 -3.19
C PRO A 508 -41.84 -5.72 -4.17
N THR A 509 -41.51 -4.42 -4.10
CA THR A 509 -42.05 -3.48 -5.08
C THR A 509 -41.58 -3.86 -6.47
N TYR A 510 -42.36 -3.41 -7.48
CA TYR A 510 -42.00 -3.53 -8.87
C TYR A 510 -41.46 -2.18 -9.33
N VAL A 511 -40.21 -2.15 -9.80
CA VAL A 511 -39.61 -0.91 -10.32
C VAL A 511 -38.86 -1.26 -11.59
N ASN A 512 -39.30 -0.75 -12.73
N ASN A 512 -39.29 -0.68 -12.72
CA ASN A 512 -38.58 -1.20 -13.91
CA ASN A 512 -38.69 -0.90 -14.03
C ASN A 512 -37.48 -0.22 -14.28
C ASN A 512 -37.36 -0.21 -14.16
N LEU A 513 -36.57 -0.71 -15.10
CA LEU A 513 -35.43 0.09 -15.52
C LEU A 513 -35.70 0.95 -16.73
N LYS A 514 -36.42 0.46 -17.73
CA LYS A 514 -36.75 1.24 -18.93
C LYS A 514 -35.53 1.25 -19.86
N FME B 1 -12.76 42.26 35.60
CN FME B 1 -11.42 42.10 35.54
O1 FME B 1 -10.90 41.10 36.06
CA FME B 1 -13.71 41.23 36.05
CB FME B 1 -13.94 41.31 37.57
CG FME B 1 -14.33 42.79 37.93
SD FME B 1 -14.68 42.78 39.61
CE FME B 1 -15.93 41.61 39.55
C FME B 1 -14.98 41.50 35.32
O FME B 1 -15.21 42.58 34.83
N ALA B 2 -15.88 40.52 35.27
CA ALA B 2 -17.24 40.80 34.84
C ALA B 2 -18.08 41.56 35.85
N TYR B 3 -19.12 42.22 35.37
CA TYR B 3 -19.98 43.07 36.18
C TYR B 3 -21.42 42.64 35.91
N PRO B 4 -22.36 43.02 36.76
CA PRO B 4 -23.73 42.51 36.60
C PRO B 4 -24.37 42.91 35.29
N MET B 5 -25.11 41.94 34.72
CA MET B 5 -25.86 42.08 33.48
C MET B 5 -24.98 42.27 32.26
N GLN B 6 -23.73 41.89 32.36
CA GLN B 6 -22.82 42.09 31.25
C GLN B 6 -23.27 41.25 30.05
N LEU B 7 -23.21 41.83 28.84
CA LEU B 7 -23.57 41.08 27.63
C LEU B 7 -22.38 40.57 26.85
N GLY B 8 -21.24 41.33 26.86
CA GLY B 8 -20.14 41.01 25.97
C GLY B 8 -18.86 40.72 26.74
N PHE B 9 -17.74 40.88 26.06
CA PHE B 9 -16.44 40.63 26.65
C PHE B 9 -16.11 41.69 27.73
N GLN B 10 -15.34 41.24 28.69
CA GLN B 10 -14.69 42.19 29.61
C GLN B 10 -13.87 43.20 28.81
N ASP B 11 -13.74 44.43 29.35
CA ASP B 11 -12.93 45.42 28.64
C ASP B 11 -11.50 44.93 28.45
N ALA B 12 -10.91 45.27 27.30
CA ALA B 12 -9.57 44.78 27.00
C ALA B 12 -8.52 45.42 27.93
N THR B 13 -7.62 44.59 28.42
CA THR B 13 -6.49 45.10 29.22
C THR B 13 -5.18 45.06 28.46
N SER B 14 -5.12 44.30 27.38
CA SER B 14 -3.92 44.14 26.57
C SER B 14 -4.24 44.44 25.11
N PRO B 15 -3.24 44.78 24.31
CA PRO B 15 -3.50 45.07 22.89
C PRO B 15 -4.09 43.88 22.16
N ILE B 16 -3.63 42.67 22.45
N ILE B 16 -3.67 42.66 22.47
CA ILE B 16 -4.23 41.50 21.79
CA ILE B 16 -4.24 41.52 21.76
C ILE B 16 -5.70 41.42 22.14
C ILE B 16 -5.70 41.33 22.15
N MET B 17 -6.06 41.61 23.41
CA MET B 17 -7.49 41.51 23.73
C MET B 17 -8.28 42.60 23.00
N GLU B 18 -7.68 43.80 22.83
N GLU B 18 -7.70 43.80 22.79
CA GLU B 18 -8.32 44.82 22.00
CA GLU B 18 -8.45 44.78 22.00
C GLU B 18 -8.57 44.27 20.60
C GLU B 18 -8.54 44.37 20.53
N GLU B 19 -7.54 43.66 20.01
CA GLU B 19 -7.71 43.02 18.68
C GLU B 19 -8.86 42.04 18.65
N LEU B 20 -8.97 41.21 19.69
CA LEU B 20 -10.04 40.21 19.70
C LEU B 20 -11.39 40.88 19.75
N LEU B 21 -11.51 41.98 20.49
CA LEU B 21 -12.81 42.65 20.54
C LEU B 21 -13.21 43.14 19.16
N HIS B 22 -12.31 43.78 18.43
CA HIS B 22 -12.72 44.29 17.12
C HIS B 22 -13.00 43.12 16.16
N PHE B 23 -12.25 42.03 16.29
CA PHE B 23 -12.52 40.88 15.41
C PHE B 23 -13.85 40.24 15.76
N HIS B 24 -14.16 40.13 17.06
CA HIS B 24 -15.49 39.65 17.44
C HIS B 24 -16.60 40.54 16.91
N ASP B 25 -16.42 41.88 16.96
CA ASP B 25 -17.46 42.77 16.44
C ASP B 25 -17.68 42.47 14.96
N HIS B 26 -16.60 42.29 14.23
CA HIS B 26 -16.68 41.98 12.79
C HIS B 26 -17.43 40.69 12.55
N THR B 27 -17.09 39.65 13.32
CA THR B 27 -17.71 38.35 13.10
C THR B 27 -19.17 38.34 13.56
N LEU B 28 -19.46 38.98 14.69
CA LEU B 28 -20.83 39.01 15.17
C LEU B 28 -21.72 39.78 14.21
N MET B 29 -21.20 40.79 13.53
CA MET B 29 -22.06 41.47 12.57
C MET B 29 -22.51 40.49 11.50
N ILE B 30 -21.54 39.72 11.02
CA ILE B 30 -21.84 38.67 10.01
C ILE B 30 -22.83 37.67 10.55
N VAL B 31 -22.62 37.21 11.79
CA VAL B 31 -23.54 36.28 12.45
C VAL B 31 -24.96 36.85 12.49
N PHE B 32 -25.09 38.11 12.93
CA PHE B 32 -26.42 38.72 12.99
C PHE B 32 -27.07 38.78 11.62
N LEU B 33 -26.30 39.24 10.63
CA LEU B 33 -26.81 39.37 9.27
C LEU B 33 -27.30 38.05 8.71
N ILE B 34 -26.50 36.99 8.86
CA ILE B 34 -26.90 35.69 8.29
C ILE B 34 -28.11 35.13 9.04
N SER B 35 -28.09 35.19 10.39
CA SER B 35 -29.21 34.71 11.18
C SER B 35 -30.45 35.48 10.82
N SER B 36 -30.34 36.81 10.71
CA SER B 36 -31.53 37.60 10.41
C SER B 36 -32.05 37.30 9.01
N LEU B 37 -31.15 37.19 8.03
CA LEU B 37 -31.52 36.85 6.65
C LEU B 37 -32.26 35.52 6.58
N VAL B 38 -31.77 34.51 7.31
CA VAL B 38 -32.45 33.21 7.33
C VAL B 38 -33.84 33.34 7.96
N LEU B 39 -33.95 34.01 9.12
CA LEU B 39 -35.25 34.18 9.76
C LEU B 39 -36.20 34.91 8.83
N TYR B 40 -35.69 35.94 8.15
CA TYR B 40 -36.53 36.71 7.26
C TYR B 40 -36.99 35.86 6.07
N ILE B 41 -36.04 35.20 5.42
CA ILE B 41 -36.46 34.36 4.25
C ILE B 41 -37.43 33.27 4.67
N ILE B 42 -37.20 32.61 5.82
CA ILE B 42 -38.21 31.70 6.37
C ILE B 42 -39.56 32.39 6.39
N SER B 43 -39.63 33.58 6.98
CA SER B 43 -40.94 34.18 7.11
C SER B 43 -41.50 34.52 5.73
N LEU B 44 -40.67 34.90 4.80
CA LEU B 44 -41.16 35.20 3.44
C LEU B 44 -41.70 33.95 2.75
N MET B 45 -40.99 32.83 2.90
CA MET B 45 -41.49 31.57 2.31
C MET B 45 -42.83 31.16 2.88
N LEU B 46 -43.17 31.60 4.12
CA LEU B 46 -44.33 31.10 4.86
C LEU B 46 -45.52 32.05 4.82
N THR B 47 -45.42 33.18 4.11
CA THR B 47 -46.46 34.19 4.20
C THR B 47 -47.18 34.44 2.85
N THR B 48 -47.26 33.43 1.95
CA THR B 48 -48.07 33.64 0.76
C THR B 48 -48.90 32.40 0.44
N LYS B 49 -50.11 32.68 -0.03
CA LYS B 49 -50.95 31.61 -0.58
C LYS B 49 -50.60 31.20 -2.00
N LEU B 50 -49.71 31.95 -2.65
CA LEU B 50 -49.29 31.59 -3.98
C LEU B 50 -48.45 30.33 -3.91
N THR B 51 -48.61 29.45 -4.92
CA THR B 51 -47.88 28.20 -4.90
C THR B 51 -47.16 27.94 -6.22
N HIS B 52 -46.14 27.08 -6.08
CA HIS B 52 -45.35 26.58 -7.22
C HIS B 52 -44.73 25.28 -6.73
N THR B 53 -45.35 24.16 -7.08
CA THR B 53 -45.01 22.85 -6.50
C THR B 53 -44.42 21.88 -7.50
N SER B 54 -44.27 22.31 -8.73
CA SER B 54 -43.62 21.46 -9.69
C SER B 54 -42.10 21.50 -9.43
N THR B 55 -41.36 20.66 -10.17
CA THR B 55 -39.91 20.56 -9.93
C THR B 55 -39.16 21.87 -10.24
N MET B 56 -38.27 22.29 -9.32
CA MET B 56 -37.47 23.50 -9.50
C MET B 56 -36.01 23.17 -9.82
N ASP B 57 -35.45 23.84 -10.84
CA ASP B 57 -34.03 23.66 -11.19
C ASP B 57 -33.13 24.32 -10.14
N ALA B 58 -32.13 23.57 -9.67
CA ALA B 58 -31.29 24.01 -8.56
C ALA B 58 -29.89 24.53 -8.91
N GLN B 59 -29.31 24.27 -10.10
N GLN B 59 -29.38 24.24 -10.11
CA GLN B 59 -27.86 24.51 -10.17
CA GLN B 59 -27.98 24.51 -10.44
C GLN B 59 -27.50 25.99 -10.25
C GLN B 59 -27.63 25.96 -10.15
N GLU B 60 -28.38 26.86 -10.78
CA GLU B 60 -28.08 28.28 -10.76
C GLU B 60 -27.99 28.82 -9.33
N VAL B 61 -28.99 28.54 -8.50
N VAL B 61 -29.01 28.56 -8.51
CA VAL B 61 -29.02 29.17 -7.18
CA VAL B 61 -29.02 29.16 -7.19
C VAL B 61 -27.98 28.54 -6.26
C VAL B 61 -27.88 28.59 -6.35
N GLU B 62 -27.56 27.30 -6.52
CA GLU B 62 -26.51 26.71 -5.67
C GLU B 62 -25.13 27.31 -5.89
N THR B 63 -24.88 27.93 -7.05
CA THR B 63 -23.64 28.70 -7.17
C THR B 63 -23.63 29.86 -6.19
N ILE B 64 -24.75 30.59 -6.11
CA ILE B 64 -24.84 31.71 -5.16
C ILE B 64 -24.66 31.20 -3.74
N TRP B 65 -25.35 30.11 -3.40
CA TRP B 65 -25.36 29.51 -2.06
C TRP B 65 -24.02 28.93 -1.65
N THR B 66 -23.11 28.65 -2.57
CA THR B 66 -21.79 28.22 -2.13
C THR B 66 -20.78 29.33 -2.21
N ILE B 67 -20.82 30.12 -3.30
CA ILE B 67 -19.78 31.15 -3.48
C ILE B 67 -19.91 32.25 -2.44
N LEU B 68 -21.14 32.69 -2.13
CA LEU B 68 -21.23 33.78 -1.15
C LEU B 68 -20.79 33.33 0.23
N PRO B 69 -21.22 32.18 0.74
CA PRO B 69 -20.63 31.72 2.02
C PRO B 69 -19.14 31.52 1.97
N ALA B 70 -18.57 31.02 0.87
CA ALA B 70 -17.13 30.89 0.81
C ALA B 70 -16.44 32.25 0.93
N ILE B 71 -16.98 33.26 0.26
CA ILE B 71 -16.39 34.60 0.40
C ILE B 71 -16.49 35.08 1.83
N ILE B 72 -17.65 34.88 2.44
CA ILE B 72 -17.82 35.35 3.83
C ILE B 72 -16.83 34.65 4.74
N LEU B 73 -16.70 33.32 4.59
CA LEU B 73 -15.71 32.60 5.40
C LEU B 73 -14.31 33.18 5.22
N ILE B 74 -13.95 33.52 3.99
CA ILE B 74 -12.63 34.09 3.77
C ILE B 74 -12.53 35.43 4.48
N LEU B 75 -13.62 36.22 4.45
CA LEU B 75 -13.57 37.52 5.16
C LEU B 75 -13.51 37.38 6.66
N ILE B 76 -13.90 36.23 7.21
CA ILE B 76 -13.69 35.97 8.64
C ILE B 76 -12.28 35.46 8.89
N ALA B 77 -11.83 34.50 8.06
CA ALA B 77 -10.55 33.82 8.28
C ALA B 77 -9.37 34.78 8.17
N LEU B 78 -9.45 35.71 7.21
CA LEU B 78 -8.27 36.59 7.07
C LEU B 78 -7.93 37.35 8.37
N PRO B 79 -8.86 38.10 8.99
CA PRO B 79 -8.49 38.78 10.25
C PRO B 79 -8.26 37.81 11.38
N SER B 80 -8.99 36.67 11.37
CA SER B 80 -8.78 35.66 12.40
C SER B 80 -7.33 35.21 12.43
N LEU B 81 -6.80 34.91 11.27
CA LEU B 81 -5.47 34.33 11.22
C LEU B 81 -4.42 35.40 11.44
N ARG B 82 -4.72 36.64 11.02
N ARG B 82 -4.70 36.63 11.00
CA ARG B 82 -3.79 37.74 11.31
CA ARG B 82 -3.79 37.73 11.34
C ARG B 82 -3.56 37.88 12.82
C ARG B 82 -3.55 37.79 12.84
N ILE B 83 -4.64 37.79 13.62
CA ILE B 83 -4.50 37.89 15.07
C ILE B 83 -3.78 36.67 15.59
N LEU B 84 -4.11 35.49 15.04
CA LEU B 84 -3.44 34.28 15.46
C LEU B 84 -1.93 34.43 15.36
N TYR B 85 -1.45 34.92 14.22
CA TYR B 85 -0.01 34.96 14.02
C TYR B 85 0.60 36.12 14.78
N MET B 86 -0.18 37.16 15.00
CA MET B 86 0.37 38.27 15.78
C MET B 86 0.52 37.87 17.25
N MET B 87 -0.45 37.12 17.80
CA MET B 87 -0.30 36.50 19.12
C MET B 87 0.99 35.69 19.22
N ASP B 88 1.34 34.97 18.16
CA ASP B 88 2.49 34.08 18.16
C ASP B 88 3.80 34.84 17.90
N GLU B 89 3.74 36.09 17.41
CA GLU B 89 4.94 36.85 17.02
C GLU B 89 5.89 36.99 18.19
N ILE B 90 7.21 36.99 17.90
CA ILE B 90 8.21 37.14 18.95
C ILE B 90 8.18 38.56 19.48
N ASN B 91 8.35 38.69 20.79
CA ASN B 91 8.23 39.98 21.44
C ASN B 91 9.25 40.15 22.55
N ASN B 92 10.12 39.17 22.75
CA ASN B 92 11.13 39.00 23.79
C ASN B 92 10.75 39.60 25.14
N PRO B 93 10.43 38.71 26.07
CA PRO B 93 9.92 39.12 27.39
C PRO B 93 11.04 39.68 28.24
N SER B 94 10.64 40.49 29.21
CA SER B 94 11.59 40.98 30.22
C SER B 94 11.63 40.10 31.48
N LEU B 95 10.66 39.22 31.65
CA LEU B 95 10.44 38.49 32.89
C LEU B 95 9.79 37.16 32.50
N THR B 96 10.17 36.08 33.15
CA THR B 96 9.44 34.79 33.06
C THR B 96 8.87 34.45 34.42
N VAL B 97 7.58 34.06 34.43
CA VAL B 97 6.90 33.61 35.63
C VAL B 97 6.29 32.24 35.32
N LYS B 98 6.48 31.26 36.20
CA LYS B 98 5.78 29.98 36.06
C LYS B 98 4.59 29.90 36.97
N THR B 99 3.54 29.17 36.49
CA THR B 99 2.46 28.86 37.41
C THR B 99 2.20 27.38 37.34
N MET B 100 2.03 26.73 38.49
CA MET B 100 1.72 25.30 38.55
C MET B 100 0.31 25.17 39.11
N GLY B 101 -0.57 24.46 38.36
CA GLY B 101 -1.87 24.14 38.90
C GLY B 101 -1.80 22.98 39.87
N HIS B 102 -2.73 23.00 40.83
CA HIS B 102 -2.86 21.93 41.83
C HIS B 102 -4.34 21.83 42.18
N GLN B 103 -4.74 20.67 42.73
CA GLN B 103 -6.05 20.57 43.38
C GLN B 103 -5.94 21.12 44.83
N TRP B 104 -6.54 22.27 45.14
CA TRP B 104 -7.19 23.21 44.21
C TRP B 104 -6.68 24.66 44.55
N TYR B 105 -5.61 25.05 43.86
CA TYR B 105 -4.94 26.34 44.05
C TYR B 105 -3.84 26.41 43.01
N TRP B 106 -3.29 27.61 42.83
CA TRP B 106 -2.19 27.82 41.91
C TRP B 106 -0.95 28.16 42.71
N SER B 107 0.19 27.68 42.25
CA SER B 107 1.43 28.21 42.83
C SER B 107 2.11 29.02 41.73
N TYR B 108 3.03 29.89 42.15
CA TYR B 108 3.70 30.78 41.22
C TYR B 108 5.19 30.74 41.54
N GLU B 109 6.01 30.77 40.52
CA GLU B 109 7.47 30.78 40.71
C GLU B 109 8.06 31.85 39.86
N TYR B 110 8.91 32.71 40.47
CA TYR B 110 9.56 33.80 39.75
C TYR B 110 11.03 33.53 39.98
N THR B 111 11.65 32.79 39.08
CA THR B 111 12.99 32.31 39.38
C THR B 111 14.01 32.82 38.37
N ASP B 112 13.75 33.98 37.78
CA ASP B 112 14.78 34.57 36.94
C ASP B 112 16.04 34.93 37.75
N TYR B 113 15.90 35.32 39.01
CA TYR B 113 17.01 35.85 39.81
C TYR B 113 17.10 35.16 41.15
N GLU B 114 16.02 35.24 41.91
CA GLU B 114 15.96 34.65 43.22
C GLU B 114 14.93 33.54 43.23
N ASP B 115 14.95 32.77 44.29
CA ASP B 115 14.00 31.65 44.33
C ASP B 115 12.76 32.13 45.07
N LEU B 116 11.83 32.70 44.30
CA LEU B 116 10.60 33.27 44.82
C LEU B 116 9.47 32.34 44.40
N SER B 117 8.75 31.81 45.38
CA SER B 117 7.56 31.03 45.01
C SER B 117 6.57 31.03 46.16
N PHE B 118 5.29 30.88 45.80
CA PHE B 118 4.26 30.93 46.84
C PHE B 118 3.01 30.28 46.27
N ASP B 119 2.10 29.95 47.19
CA ASP B 119 0.80 29.42 46.80
C ASP B 119 -0.25 30.51 46.80
N SER B 120 -1.33 30.28 46.00
CA SER B 120 -2.38 31.28 45.83
C SER B 120 -3.71 30.56 45.92
N TYR B 121 -4.44 30.82 47.01
CA TYR B 121 -5.73 30.18 47.27
C TYR B 121 -6.88 31.18 47.27
N MET B 122 -8.07 30.69 46.84
CA MET B 122 -9.29 31.46 46.98
C MET B 122 -9.49 31.92 48.43
N ILE B 123 -9.90 33.18 48.62
CA ILE B 123 -10.41 33.64 49.93
C ILE B 123 -11.77 32.98 50.17
N PRO B 124 -11.95 32.21 51.25
CA PRO B 124 -13.28 31.64 51.53
C PRO B 124 -14.30 32.76 51.75
N THR B 125 -15.53 32.46 51.41
CA THR B 125 -16.55 33.49 51.46
C THR B 125 -16.72 34.06 52.87
N SER B 126 -16.52 33.23 53.87
CA SER B 126 -16.74 33.70 55.24
C SER B 126 -15.61 34.60 55.70
N GLU B 127 -14.55 34.70 54.93
CA GLU B 127 -13.39 35.50 55.33
C GLU B 127 -13.14 36.68 54.44
N LEU B 128 -13.99 36.91 53.42
CA LEU B 128 -13.88 38.10 52.60
C LEU B 128 -13.94 39.37 53.44
N LYS B 129 -13.15 40.28 53.07
CA LYS B 129 -13.23 41.60 53.71
C LYS B 129 -14.28 42.43 52.98
N PRO B 130 -14.96 43.37 53.61
CA PRO B 130 -16.09 44.06 52.96
C PRO B 130 -15.64 44.71 51.66
N GLY B 131 -16.44 44.47 50.60
CA GLY B 131 -16.14 44.98 49.29
C GLY B 131 -15.36 44.04 48.41
N GLU B 132 -14.84 42.96 48.97
CA GLU B 132 -14.12 41.95 48.21
C GLU B 132 -15.11 41.02 47.48
N LEU B 133 -14.62 40.43 46.40
CA LEU B 133 -15.47 39.66 45.47
C LEU B 133 -15.49 38.16 45.79
N ARG B 134 -16.72 37.66 46.01
CA ARG B 134 -16.91 36.24 46.30
C ARG B 134 -16.41 35.37 45.13
N LEU B 135 -15.62 34.35 45.48
CA LEU B 135 -15.06 33.28 44.61
C LEU B 135 -13.92 33.80 43.74
N LEU B 136 -13.56 35.10 43.84
CA LEU B 136 -12.56 35.67 42.93
C LEU B 136 -11.28 36.10 43.66
N GLU B 137 -11.36 36.54 44.91
CA GLU B 137 -10.14 37.02 45.56
C GLU B 137 -9.24 35.84 45.94
N VAL B 138 -7.92 36.11 46.03
CA VAL B 138 -6.98 35.11 46.52
C VAL B 138 -6.20 35.73 47.70
N ASP B 139 -5.57 34.85 48.45
CA ASP B 139 -4.73 35.36 49.54
C ASP B 139 -3.47 36.04 49.02
N ASN B 140 -2.83 35.49 47.99
CA ASN B 140 -1.53 35.95 47.52
C ASN B 140 -1.67 36.24 46.04
N ARG B 141 -1.68 37.52 45.65
CA ARG B 141 -1.90 37.82 44.23
C ARG B 141 -0.61 37.65 43.41
N VAL B 142 -0.82 37.55 42.07
CA VAL B 142 0.29 37.43 41.14
C VAL B 142 0.72 38.84 40.77
N VAL B 143 1.65 39.44 41.59
CA VAL B 143 2.08 40.78 41.27
C VAL B 143 3.01 40.78 40.08
N LEU B 144 2.80 41.73 39.16
CA LEU B 144 3.52 41.75 37.88
C LEU B 144 3.76 43.20 37.48
N PRO B 145 4.85 43.48 36.74
CA PRO B 145 5.09 44.85 36.27
C PRO B 145 4.17 45.17 35.09
N MET B 146 3.55 46.35 35.15
CA MET B 146 2.70 46.82 34.07
C MET B 146 3.55 47.27 32.89
N GLU B 147 2.94 47.23 31.67
CA GLU B 147 3.57 47.81 30.48
C GLU B 147 4.85 47.08 30.12
N MET B 148 4.94 45.80 30.44
N MET B 148 4.91 45.80 30.42
CA MET B 148 6.11 45.02 30.05
CA MET B 148 6.08 44.98 30.15
C MET B 148 5.67 43.65 29.59
C MET B 148 5.63 43.64 29.55
N THR B 149 6.41 43.12 28.61
CA THR B 149 6.12 41.80 28.05
C THR B 149 6.62 40.71 28.98
N ILE B 150 5.70 39.85 29.43
CA ILE B 150 5.99 38.83 30.44
C ILE B 150 5.72 37.47 29.81
N ARG B 151 6.65 36.55 29.97
CA ARG B 151 6.46 35.15 29.57
C ARG B 151 5.87 34.40 30.74
N MET B 152 4.64 33.88 30.54
N MET B 152 4.69 33.81 30.56
CA MET B 152 4.03 32.94 31.45
CA MET B 152 4.09 32.99 31.61
C MET B 152 4.37 31.52 31.01
C MET B 152 4.09 31.54 31.16
N LEU B 153 4.73 30.68 31.95
CA LEU B 153 4.87 29.25 31.67
C LEU B 153 3.92 28.51 32.59
N VAL B 154 3.11 27.60 32.04
CA VAL B 154 2.01 27.00 32.77
C VAL B 154 2.17 25.48 32.77
N SER B 155 2.08 24.89 33.97
CA SER B 155 2.06 23.44 34.06
C SER B 155 1.19 23.04 35.24
N SER B 156 1.19 21.74 35.57
CA SER B 156 0.43 21.21 36.70
C SER B 156 1.24 20.17 37.42
N GLU B 157 1.01 20.05 38.75
CA GLU B 157 1.62 18.93 39.45
C GLU B 157 0.62 17.85 39.79
N ASP B 158 -0.61 17.90 39.20
CA ASP B 158 -1.50 16.75 39.40
C ASP B 158 -2.39 16.52 38.17
N VAL B 159 -3.63 16.98 38.19
CA VAL B 159 -4.55 16.78 37.06
C VAL B 159 -4.47 17.97 36.09
N LEU B 160 -5.26 17.94 35.00
CA LEU B 160 -5.30 19.12 34.16
C LEU B 160 -5.96 20.28 34.87
N HIS B 161 -5.41 21.51 34.68
CA HIS B 161 -6.15 22.73 35.04
C HIS B 161 -6.04 23.66 33.85
N SER B 162 -6.53 24.90 33.96
CA SER B 162 -6.24 25.81 32.84
C SER B 162 -6.23 27.22 33.37
N TRP B 163 -5.15 27.94 33.04
CA TRP B 163 -4.88 29.25 33.63
C TRP B 163 -5.42 30.34 32.69
N ALA B 164 -6.41 31.08 33.17
CA ALA B 164 -7.12 32.00 32.30
C ALA B 164 -7.21 33.38 32.94
N VAL B 165 -7.18 34.42 32.10
CA VAL B 165 -7.47 35.78 32.54
C VAL B 165 -8.18 36.41 31.36
N PRO B 166 -9.50 36.45 31.39
CA PRO B 166 -10.24 36.91 30.20
C PRO B 166 -9.89 38.34 29.75
N SER B 167 -9.69 39.29 30.67
CA SER B 167 -9.50 40.65 30.17
C SER B 167 -8.13 40.81 29.51
N LEU B 168 -7.24 39.84 29.66
CA LEU B 168 -5.99 39.87 28.91
C LEU B 168 -6.00 38.95 27.72
N GLY B 169 -7.11 38.23 27.49
CA GLY B 169 -7.24 37.31 26.38
C GLY B 169 -6.40 36.06 26.57
N LEU B 170 -6.27 35.56 27.81
CA LEU B 170 -5.36 34.46 28.09
C LEU B 170 -6.14 33.24 28.53
N LYS B 171 -5.78 32.08 27.96
CA LYS B 171 -6.22 30.81 28.51
C LYS B 171 -5.23 29.75 28.03
N THR B 172 -4.46 29.17 28.96
CA THR B 172 -3.46 28.17 28.63
C THR B 172 -3.61 26.97 29.53
N ASP B 173 -3.87 25.78 28.92
CA ASP B 173 -4.06 24.63 29.79
C ASP B 173 -2.77 24.26 30.53
N ALA B 174 -2.97 23.68 31.74
CA ALA B 174 -1.90 23.35 32.69
C ALA B 174 -1.87 21.82 32.73
N ILE B 175 -0.85 21.25 32.11
CA ILE B 175 -0.77 19.83 31.86
C ILE B 175 0.46 19.27 32.54
N PRO B 176 0.33 18.25 33.41
CA PRO B 176 1.53 17.71 34.04
C PRO B 176 2.49 17.16 33.00
N GLY B 177 3.78 17.38 33.25
CA GLY B 177 4.80 16.94 32.33
C GLY B 177 4.98 17.82 31.13
N ARG B 178 4.27 18.95 31.08
CA ARG B 178 4.33 19.83 29.93
C ARG B 178 4.46 21.27 30.39
N LEU B 179 5.26 22.08 29.67
CA LEU B 179 5.46 23.49 30.05
C LEU B 179 4.89 24.36 28.93
N ASN B 180 3.67 24.88 29.09
CA ASN B 180 3.03 25.67 28.02
C ASN B 180 3.33 27.16 28.18
N GLN B 181 3.67 27.82 27.09
CA GLN B 181 4.06 29.22 27.15
C GLN B 181 2.96 30.15 26.62
N THR B 182 2.76 31.28 27.29
CA THR B 182 1.93 32.32 26.72
C THR B 182 2.59 33.65 27.09
N THR B 183 2.18 34.72 26.45
CA THR B 183 2.73 36.04 26.73
C THR B 183 1.64 36.96 27.25
N LEU B 184 2.02 37.86 28.19
CA LEU B 184 1.09 38.72 28.87
C LEU B 184 1.69 40.12 28.80
N MET B 185 0.87 41.14 28.48
CA MET B 185 1.33 42.53 28.54
C MET B 185 0.16 43.41 28.95
N SER B 186 0.17 43.99 30.16
CA SER B 186 -0.96 44.81 30.53
C SER B 186 -0.66 46.28 30.22
N SER B 187 -1.60 46.91 29.51
CA SER B 187 -1.51 48.35 29.24
C SER B 187 -1.76 49.20 30.47
N ARG B 188 -2.31 48.61 31.52
CA ARG B 188 -2.74 49.40 32.68
C ARG B 188 -2.36 48.73 33.98
N PRO B 189 -2.15 49.52 35.04
CA PRO B 189 -2.13 48.93 36.38
C PRO B 189 -3.52 48.41 36.72
N GLY B 190 -3.57 47.60 37.79
CA GLY B 190 -4.85 47.26 38.39
C GLY B 190 -4.91 45.80 38.77
N LEU B 191 -6.14 45.27 38.90
CA LEU B 191 -6.38 43.92 39.39
C LEU B 191 -7.16 43.21 38.28
N TYR B 192 -6.62 42.12 37.81
CA TYR B 192 -7.27 41.39 36.69
C TYR B 192 -7.44 39.94 37.07
N TYR B 193 -8.70 39.46 36.91
CA TYR B 193 -9.15 38.24 37.54
C TYR B 193 -9.41 37.15 36.47
N GLY B 194 -9.19 35.91 36.87
CA GLY B 194 -9.55 34.76 36.03
C GLY B 194 -9.87 33.56 36.91
N GLN B 195 -10.25 32.44 36.25
CA GLN B 195 -10.70 31.27 37.01
C GLN B 195 -10.25 30.00 36.31
N CYS B 196 -10.03 28.93 37.08
CA CYS B 196 -9.50 27.69 36.50
C CYS B 196 -10.45 27.19 35.42
N SER B 197 -9.87 26.87 34.25
CA SER B 197 -10.72 26.64 33.07
C SER B 197 -10.51 25.27 32.44
N GLU B 198 -10.18 24.25 33.23
CA GLU B 198 -10.28 22.86 32.82
C GLU B 198 -10.71 22.04 34.03
N ILE B 199 -11.83 21.28 33.86
CA ILE B 199 -12.41 20.65 35.04
C ILE B 199 -11.39 19.73 35.67
N CYS B 200 -11.20 19.91 36.98
CA CYS B 200 -10.08 19.38 37.76
C CYS B 200 -10.59 18.75 39.04
N GLY B 201 -11.89 18.52 39.13
CA GLY B 201 -12.43 17.88 40.31
C GLY B 201 -13.36 18.76 41.11
N SER B 202 -13.51 18.37 42.37
CA SER B 202 -14.61 18.94 43.15
C SER B 202 -14.44 20.43 43.48
N ASN B 203 -13.24 21.01 43.45
CA ASN B 203 -13.17 22.44 43.69
C ASN B 203 -12.66 23.23 42.48
N HIS B 204 -12.96 22.71 41.27
CA HIS B 204 -12.70 23.42 40.04
C HIS B 204 -13.24 24.84 40.03
N SER B 205 -14.42 25.05 40.67
CA SER B 205 -15.05 26.37 40.67
C SER B 205 -14.30 27.38 41.56
N PHE B 206 -13.31 26.92 42.31
CA PHE B 206 -12.87 27.68 43.50
C PHE B 206 -11.35 27.79 43.59
N MET B 207 -10.69 27.94 42.44
CA MET B 207 -9.24 28.19 42.41
C MET B 207 -8.93 29.30 41.42
N PRO B 208 -9.22 30.55 41.80
CA PRO B 208 -9.12 31.68 40.87
C PRO B 208 -7.70 32.25 40.78
N ILE B 209 -7.57 33.20 39.88
CA ILE B 209 -6.31 33.83 39.48
C ILE B 209 -6.50 35.31 39.63
N VAL B 210 -5.58 36.00 40.36
CA VAL B 210 -5.69 37.45 40.47
C VAL B 210 -4.33 38.01 40.08
N LEU B 211 -4.30 38.82 39.01
CA LEU B 211 -3.06 39.53 38.65
C LEU B 211 -3.13 40.93 39.20
N GLU B 212 -1.99 41.37 39.79
CA GLU B 212 -1.87 42.72 40.34
C GLU B 212 -0.78 43.44 39.56
N LEU B 213 -1.17 44.41 38.73
CA LEU B 213 -0.27 45.05 37.78
C LEU B 213 0.14 46.41 38.35
N VAL B 214 1.45 46.59 38.53
CA VAL B 214 1.98 47.78 39.24
C VAL B 214 3.26 48.19 38.51
N PRO B 215 3.79 49.38 38.82
CA PRO B 215 5.05 49.79 38.20
C PRO B 215 6.20 48.86 38.59
N LEU B 216 7.14 48.76 37.67
CA LEU B 216 8.32 47.92 37.88
C LEU B 216 8.97 48.07 39.26
N LYS B 217 9.17 49.31 39.74
N LYS B 217 9.20 49.33 39.71
CA LYS B 217 9.90 49.46 40.99
CA LYS B 217 9.84 49.59 41.00
C LYS B 217 9.09 48.94 42.18
C LYS B 217 9.09 48.90 42.12
N TYR B 218 7.76 48.98 42.10
CA TYR B 218 6.96 48.35 43.15
C TYR B 218 7.01 46.83 43.03
N PHE B 219 6.99 46.30 41.78
CA PHE B 219 7.16 44.88 41.61
C PHE B 219 8.51 44.39 42.15
N GLU B 220 9.60 45.15 41.95
CA GLU B 220 10.92 44.74 42.42
C GLU B 220 10.94 44.63 43.94
N LYS B 221 10.39 45.66 44.62
CA LYS B 221 10.38 45.67 46.07
C LYS B 221 9.45 44.61 46.63
N TRP B 222 8.29 44.38 45.96
CA TRP B 222 7.43 43.29 46.40
C TRP B 222 8.16 41.96 46.26
N SER B 223 8.81 41.75 45.10
CA SER B 223 9.57 40.53 44.88
C SER B 223 10.57 40.29 45.99
N ALA B 224 11.36 41.33 46.35
CA ALA B 224 12.34 41.17 47.39
C ALA B 224 11.67 40.79 48.70
N SER B 225 10.54 41.40 49.01
CA SER B 225 9.87 41.21 50.30
C SER B 225 9.22 39.82 50.39
N MET B 226 9.12 39.13 49.25
CA MET B 226 8.45 37.82 49.23
C MET B 226 9.43 36.65 49.31
N LEU B 227 10.71 36.92 49.38
CA LEU B 227 11.72 35.86 49.47
C LEU B 227 11.69 35.08 50.77
N HIS C 1 -46.10 -16.29 1.74
CA HIS C 1 -44.87 -16.68 1.05
C HIS C 1 -44.16 -15.45 0.46
N GLN C 2 -42.87 -15.36 0.69
CA GLN C 2 -42.16 -14.23 0.12
C GLN C 2 -41.81 -14.47 -1.34
N THR C 3 -41.64 -13.36 -2.08
CA THR C 3 -41.08 -13.44 -3.42
C THR C 3 -39.89 -12.49 -3.59
N HIS C 4 -39.19 -12.18 -2.48
CA HIS C 4 -37.84 -11.63 -2.55
C HIS C 4 -36.87 -12.75 -2.11
N ALA C 5 -35.54 -12.46 -2.22
CA ALA C 5 -34.53 -13.48 -1.91
C ALA C 5 -33.89 -13.32 -0.53
N TYR C 6 -34.42 -12.47 0.35
CA TYR C 6 -33.75 -12.17 1.61
C TYR C 6 -34.25 -13.09 2.74
N HIS C 7 -33.49 -13.10 3.85
CA HIS C 7 -33.67 -14.07 4.89
C HIS C 7 -34.40 -13.44 6.09
N MET C 8 -35.63 -13.88 6.33
CA MET C 8 -36.37 -13.52 7.54
C MET C 8 -35.96 -14.52 8.63
N VAL C 9 -35.26 -14.06 9.63
CA VAL C 9 -34.62 -14.95 10.60
C VAL C 9 -35.64 -15.32 11.68
N ASN C 10 -35.62 -16.58 12.11
CA ASN C 10 -36.51 -16.98 13.21
C ASN C 10 -36.19 -16.17 14.46
N PRO C 11 -37.19 -15.83 15.28
CA PRO C 11 -36.92 -15.15 16.54
C PRO C 11 -35.93 -15.95 17.35
N SER C 12 -34.96 -15.24 17.94
CA SER C 12 -33.76 -15.87 18.49
C SER C 12 -33.44 -15.30 19.86
N PRO C 13 -33.02 -16.14 20.81
CA PRO C 13 -32.59 -15.65 22.12
C PRO C 13 -31.14 -15.19 22.16
N TRP C 14 -30.35 -15.45 21.09
CA TRP C 14 -28.90 -15.20 21.24
C TRP C 14 -28.56 -13.73 21.29
N PRO C 15 -29.31 -12.82 20.67
CA PRO C 15 -28.98 -11.39 20.89
C PRO C 15 -29.06 -11.04 22.36
N LEU C 16 -30.11 -11.52 23.04
CA LEU C 16 -30.25 -11.19 24.46
C LEU C 16 -29.15 -11.88 25.28
N THR C 17 -28.86 -13.17 25.02
CA THR C 17 -27.81 -13.80 25.82
C THR C 17 -26.45 -13.18 25.50
N GLY C 18 -26.23 -12.73 24.25
CA GLY C 18 -24.98 -12.03 23.98
C GLY C 18 -24.88 -10.70 24.72
N ALA C 19 -25.97 -9.94 24.72
CA ALA C 19 -25.94 -8.68 25.43
C ALA C 19 -25.73 -8.87 26.92
N LEU C 20 -26.37 -9.87 27.50
CA LEU C 20 -26.17 -10.12 28.92
C LEU C 20 -24.77 -10.62 29.17
N SER C 21 -24.20 -11.42 28.25
N SER C 21 -24.22 -11.43 28.25
CA SER C 21 -22.82 -11.83 28.45
CA SER C 21 -22.83 -11.84 28.39
C SER C 21 -21.87 -10.63 28.43
C SER C 21 -21.92 -10.62 28.46
N ALA C 22 -22.19 -9.62 27.63
CA ALA C 22 -21.39 -8.39 27.67
C ALA C 22 -21.50 -7.68 29.01
N LEU C 23 -22.70 -7.65 29.59
CA LEU C 23 -22.88 -7.08 30.92
C LEU C 23 -22.05 -7.87 31.93
N LEU C 24 -22.10 -9.19 31.85
CA LEU C 24 -21.40 -10.01 32.84
C LEU C 24 -19.88 -9.91 32.67
N MET C 25 -19.37 -9.82 31.43
CA MET C 25 -17.92 -9.70 31.26
C MET C 25 -17.43 -8.35 31.77
N THR C 26 -18.17 -7.27 31.50
CA THR C 26 -17.68 -5.95 31.91
C THR C 26 -17.86 -5.72 33.40
N SER C 27 -19.03 -6.05 33.94
CA SER C 27 -19.15 -6.00 35.40
C SER C 27 -18.21 -7.00 36.04
N GLY C 28 -17.96 -8.16 35.38
CA GLY C 28 -16.94 -9.09 35.85
C GLY C 28 -15.53 -8.53 35.90
N LEU C 29 -15.11 -7.82 34.84
CA LEU C 29 -13.80 -7.18 34.88
C LEU C 29 -13.76 -6.16 35.99
N THR C 30 -14.88 -5.45 36.21
CA THR C 30 -14.89 -4.44 37.27
C THR C 30 -14.72 -5.11 38.62
N MET C 31 -15.42 -6.23 38.83
CA MET C 31 -15.34 -6.96 40.09
C MET C 31 -13.91 -7.54 40.31
N TRP C 32 -13.27 -7.99 39.23
CA TRP C 32 -11.89 -8.50 39.28
C TRP C 32 -10.90 -7.38 39.60
N PHE C 33 -11.02 -6.24 38.91
CA PHE C 33 -10.09 -5.12 39.14
C PHE C 33 -10.30 -4.46 40.51
N HIS C 34 -11.50 -4.47 41.08
CA HIS C 34 -11.76 -3.67 42.27
C HIS C 34 -12.28 -4.43 43.48
N PHE C 35 -12.75 -5.64 43.29
CA PHE C 35 -13.38 -6.34 44.40
C PHE C 35 -12.83 -7.77 44.50
N ASN C 36 -11.63 -7.96 43.97
CA ASN C 36 -10.85 -9.18 44.12
C ASN C 36 -11.66 -10.45 43.86
N SER C 37 -12.43 -10.47 42.77
CA SER C 37 -13.22 -11.66 42.54
C SER C 37 -13.37 -11.91 41.04
N MET C 38 -13.25 -13.18 40.66
CA MET C 38 -13.35 -13.58 39.24
C MET C 38 -14.72 -14.12 38.87
N THR C 39 -15.64 -14.19 39.82
CA THR C 39 -16.82 -15.02 39.60
C THR C 39 -17.69 -14.50 38.47
N LEU C 40 -18.08 -13.21 38.52
CA LEU C 40 -18.91 -12.68 37.45
C LEU C 40 -18.20 -12.82 36.10
N LEU C 41 -16.90 -12.54 36.06
CA LEU C 41 -16.14 -12.57 34.81
C LEU C 41 -16.20 -13.98 34.22
N MET C 42 -16.02 -15.00 35.06
CA MET C 42 -16.08 -16.37 34.54
C MET C 42 -17.46 -16.72 34.00
N ILE C 43 -18.53 -16.28 34.66
CA ILE C 43 -19.87 -16.53 34.13
C ILE C 43 -20.03 -15.83 32.78
N GLY C 44 -19.57 -14.57 32.70
CA GLY C 44 -19.70 -13.86 31.44
C GLY C 44 -18.93 -14.47 30.30
N LEU C 45 -17.69 -14.90 30.55
CA LEU C 45 -16.93 -15.55 29.50
C LEU C 45 -17.64 -16.81 29.05
N THR C 46 -18.18 -17.58 30.00
CA THR C 46 -18.89 -18.81 29.64
C THR C 46 -20.11 -18.51 28.80
N THR C 47 -20.97 -17.57 29.24
CA THR C 47 -22.18 -17.30 28.48
C THR C 47 -21.83 -16.68 27.14
N ASN C 48 -20.70 -15.95 27.06
CA ASN C 48 -20.30 -15.40 25.77
C ASN C 48 -19.95 -16.52 24.79
N MET C 49 -19.16 -17.49 25.25
N MET C 49 -19.18 -17.50 25.26
CA MET C 49 -18.82 -18.63 24.39
CA MET C 49 -18.83 -18.62 24.39
C MET C 49 -20.06 -19.40 23.99
C MET C 49 -20.05 -19.42 23.99
N LEU C 50 -20.95 -19.67 24.95
CA LEU C 50 -22.18 -20.39 24.61
C LEU C 50 -22.98 -19.61 23.56
N THR C 51 -23.05 -18.28 23.71
CA THR C 51 -23.82 -17.49 22.74
C THR C 51 -23.20 -17.56 21.35
N MET C 52 -21.89 -17.35 21.26
CA MET C 52 -21.21 -17.43 19.97
C MET C 52 -21.40 -18.78 19.33
N TYR C 53 -21.25 -19.85 20.14
CA TYR C 53 -21.41 -21.19 19.60
C TYR C 53 -22.82 -21.40 19.04
N GLN C 54 -23.87 -21.08 19.80
CA GLN C 54 -25.22 -21.38 19.28
C GLN C 54 -25.63 -20.44 18.16
N TRP C 55 -25.19 -19.17 18.22
CA TRP C 55 -25.53 -18.23 17.16
C TRP C 55 -24.94 -18.68 15.82
N TRP C 56 -23.62 -18.92 15.79
CA TRP C 56 -23.01 -19.34 14.52
C TRP C 56 -23.41 -20.75 14.13
N ARG C 57 -23.68 -21.62 15.11
CA ARG C 57 -24.30 -22.91 14.77
C ARG C 57 -25.57 -22.67 13.98
N ASP C 58 -26.40 -21.75 14.45
CA ASP C 58 -27.69 -21.50 13.78
C ASP C 58 -27.49 -20.93 12.37
N VAL C 59 -26.48 -20.07 12.18
CA VAL C 59 -26.21 -19.56 10.85
C VAL C 59 -25.85 -20.70 9.90
N ILE C 60 -25.08 -21.68 10.39
CA ILE C 60 -24.75 -22.87 9.60
C ILE C 60 -26.05 -23.65 9.30
N ARG C 61 -26.91 -23.84 10.31
CA ARG C 61 -28.21 -24.51 10.06
C ARG C 61 -29.00 -23.78 9.00
N GLU C 62 -29.07 -22.44 9.07
CA GLU C 62 -29.86 -21.65 8.12
C GLU C 62 -29.36 -21.73 6.70
N SER C 63 -28.04 -21.95 6.49
CA SER C 63 -27.39 -21.85 5.19
C SER C 63 -27.13 -23.24 4.61
N THR C 64 -26.20 -23.98 5.20
CA THR C 64 -25.92 -25.33 4.74
C THR C 64 -27.17 -26.20 4.79
N PHE C 65 -27.92 -26.12 5.90
CA PHE C 65 -28.96 -27.15 6.07
C PHE C 65 -30.29 -26.68 5.59
N GLN C 66 -30.59 -25.36 5.63
CA GLN C 66 -31.93 -24.91 5.22
C GLN C 66 -31.97 -24.14 3.92
N GLY C 67 -30.82 -23.69 3.40
CA GLY C 67 -30.81 -23.08 2.09
C GLY C 67 -31.18 -21.60 2.04
N HIS C 68 -31.10 -20.86 3.16
CA HIS C 68 -31.52 -19.45 3.11
C HIS C 68 -30.47 -18.51 2.52
N HIS C 69 -29.26 -18.97 2.26
CA HIS C 69 -28.24 -18.03 1.76
C HIS C 69 -28.26 -18.05 0.24
N THR C 70 -29.25 -17.33 -0.30
CA THR C 70 -29.30 -16.98 -1.69
C THR C 70 -28.11 -16.06 -2.05
N PRO C 71 -27.88 -15.76 -3.32
CA PRO C 71 -26.77 -14.87 -3.65
C PRO C 71 -26.95 -13.51 -3.02
N ALA C 72 -28.20 -13.03 -2.92
CA ALA C 72 -28.40 -11.71 -2.32
C ALA C 72 -28.01 -11.71 -0.86
N VAL C 73 -28.34 -12.78 -0.13
CA VAL C 73 -27.97 -12.87 1.28
C VAL C 73 -26.46 -12.98 1.43
N GLN C 74 -25.84 -13.81 0.59
CA GLN C 74 -24.38 -13.93 0.65
C GLN C 74 -23.73 -12.58 0.37
N LYS C 75 -24.27 -11.82 -0.58
CA LYS C 75 -23.67 -10.52 -0.89
C LYS C 75 -23.74 -9.58 0.31
N GLY C 76 -24.84 -9.64 1.05
CA GLY C 76 -24.91 -8.83 2.27
C GLY C 76 -23.90 -9.26 3.29
N LEU C 77 -23.73 -10.58 3.47
CA LEU C 77 -22.70 -11.04 4.40
C LEU C 77 -21.30 -10.63 3.97
N ARG C 78 -21.01 -10.57 2.67
CA ARG C 78 -19.72 -10.04 2.21
C ARG C 78 -19.53 -8.61 2.67
N TYR C 79 -20.51 -7.73 2.41
CA TYR C 79 -20.42 -6.35 2.91
C TYR C 79 -20.25 -6.32 4.43
N GLY C 80 -21.03 -7.12 5.15
CA GLY C 80 -20.95 -7.11 6.60
C GLY C 80 -19.55 -7.41 7.09
N MET C 81 -18.91 -8.43 6.49
CA MET C 81 -17.58 -8.83 6.93
C MET C 81 -16.53 -7.79 6.56
N ILE C 82 -16.68 -7.20 5.39
CA ILE C 82 -15.72 -6.14 5.00
C ILE C 82 -15.81 -4.98 5.97
N LEU C 83 -17.07 -4.54 6.26
CA LEU C 83 -17.24 -3.41 7.18
C LEU C 83 -16.76 -3.74 8.59
N PHE C 84 -16.96 -4.97 9.05
CA PHE C 84 -16.43 -5.37 10.35
C PHE C 84 -14.91 -5.27 10.37
N ILE C 85 -14.27 -5.77 9.31
CA ILE C 85 -12.79 -5.66 9.22
C ILE C 85 -12.35 -4.20 9.20
N ILE C 86 -13.07 -3.34 8.49
CA ILE C 86 -12.72 -1.91 8.50
C ILE C 86 -12.76 -1.38 9.93
N SER C 87 -13.81 -1.73 10.69
CA SER C 87 -13.87 -1.19 12.07
C SER C 87 -12.68 -1.69 12.89
N GLU C 88 -12.26 -2.94 12.66
CA GLU C 88 -11.11 -3.47 13.40
C GLU C 88 -9.84 -2.80 12.97
N VAL C 89 -9.71 -2.43 11.69
CA VAL C 89 -8.55 -1.64 11.28
C VAL C 89 -8.52 -0.32 12.04
N LEU C 90 -9.66 0.34 12.15
CA LEU C 90 -9.63 1.62 12.88
C LEU C 90 -9.34 1.46 14.36
N PHE C 91 -9.74 0.33 14.96
CA PHE C 91 -9.40 0.09 16.35
C PHE C 91 -7.88 -0.03 16.49
N PHE C 92 -7.24 -0.79 15.62
CA PHE C 92 -5.77 -0.86 15.68
C PHE C 92 -5.14 0.49 15.39
N THR C 93 -5.73 1.26 14.47
CA THR C 93 -5.20 2.59 14.17
C THR C 93 -5.02 3.43 15.43
N GLY C 94 -5.94 3.34 16.39
CA GLY C 94 -5.78 4.10 17.63
C GLY C 94 -4.54 3.68 18.39
N PHE C 95 -4.23 2.39 18.43
CA PHE C 95 -3.00 1.96 19.12
C PHE C 95 -1.74 2.33 18.34
N PHE C 96 -1.78 2.31 17.01
CA PHE C 96 -0.61 2.78 16.27
C PHE C 96 -0.40 4.27 16.47
N TRP C 97 -1.50 5.03 16.51
CA TRP C 97 -1.39 6.47 16.80
C TRP C 97 -0.72 6.63 18.16
N ALA C 98 -1.18 5.90 19.17
CA ALA C 98 -0.53 6.02 20.49
C ALA C 98 0.97 5.72 20.41
N PHE C 99 1.34 4.67 19.68
CA PHE C 99 2.74 4.31 19.55
C PHE C 99 3.54 5.42 18.88
N TYR C 100 3.04 5.94 17.76
CA TYR C 100 3.82 6.97 17.08
C TYR C 100 3.86 8.27 17.89
N HIS C 101 2.78 8.61 18.57
CA HIS C 101 2.78 9.80 19.42
C HIS C 101 3.89 9.76 20.45
N SER C 102 4.03 8.61 21.12
CA SER C 102 4.99 8.52 22.23
C SER C 102 6.40 8.37 21.72
N SER C 103 6.60 7.66 20.61
CA SER C 103 7.96 7.37 20.15
C SER C 103 8.55 8.46 19.30
N LEU C 104 7.72 9.24 18.65
CA LEU C 104 8.26 10.33 17.87
C LEU C 104 8.60 11.54 18.72
N ALA C 105 8.08 11.61 19.94
CA ALA C 105 8.28 12.78 20.79
C ALA C 105 8.61 12.32 22.19
N PRO C 106 9.73 11.59 22.35
CA PRO C 106 9.97 10.94 23.64
C PRO C 106 10.20 12.00 24.71
N THR C 107 9.49 11.87 25.81
CA THR C 107 9.51 12.91 26.85
C THR C 107 10.76 12.83 27.73
N PRO C 108 10.97 13.84 28.57
CA PRO C 108 12.18 13.78 29.43
C PRO C 108 12.22 12.58 30.34
N GLU C 109 11.05 12.09 30.80
CA GLU C 109 11.04 11.00 31.77
C GLU C 109 11.68 9.74 31.16
N LEU C 110 11.64 9.62 29.82
CA LEU C 110 12.21 8.51 29.08
C LEU C 110 13.71 8.66 28.89
N GLY C 111 14.25 9.83 29.22
CA GLY C 111 15.59 10.17 28.74
C GLY C 111 15.53 11.02 27.51
N GLY C 112 14.33 11.41 27.08
CA GLY C 112 14.24 12.18 25.86
C GLY C 112 14.70 11.45 24.62
N CYS C 113 14.60 10.11 24.60
CA CYS C 113 15.07 9.29 23.52
C CYS C 113 14.11 8.11 23.31
N TRP C 114 14.20 7.51 22.14
CA TRP C 114 13.49 6.26 21.86
C TRP C 114 14.45 5.27 21.24
N PRO C 115 14.50 4.01 21.70
CA PRO C 115 13.75 3.48 22.86
C PRO C 115 14.18 4.17 24.17
N PRO C 116 13.32 4.14 25.21
CA PRO C 116 13.64 4.85 26.46
C PRO C 116 14.92 4.29 27.09
N THR C 117 15.58 5.14 27.88
CA THR C 117 16.67 4.64 28.71
C THR C 117 16.20 3.45 29.52
N GLY C 118 17.04 2.41 29.53
CA GLY C 118 16.70 1.25 30.34
C GLY C 118 15.84 0.21 29.63
N ILE C 119 15.39 0.50 28.40
CA ILE C 119 14.65 -0.48 27.62
C ILE C 119 15.63 -1.16 26.66
N HIS C 120 15.61 -2.49 26.63
CA HIS C 120 16.40 -3.27 25.66
C HIS C 120 15.48 -4.04 24.73
N PRO C 121 15.21 -3.50 23.54
CA PRO C 121 14.21 -4.13 22.65
C PRO C 121 14.68 -5.51 22.24
N LEU C 122 13.69 -6.33 21.84
CA LEU C 122 13.99 -7.59 21.20
C LEU C 122 14.70 -7.32 19.88
N ASN C 123 15.48 -8.31 19.44
CA ASN C 123 16.13 -8.21 18.14
C ASN C 123 15.11 -8.53 17.04
N PRO C 124 14.78 -7.58 16.16
CA PRO C 124 13.73 -7.84 15.18
C PRO C 124 14.14 -8.89 14.16
N LEU C 125 15.42 -9.25 14.11
CA LEU C 125 15.86 -10.27 13.16
C LEU C 125 15.79 -11.68 13.75
N GLU C 126 15.35 -11.83 14.99
CA GLU C 126 15.27 -13.15 15.60
C GLU C 126 13.81 -13.64 15.54
N VAL C 127 13.16 -13.85 16.70
CA VAL C 127 11.80 -14.41 16.66
C VAL C 127 10.85 -13.47 15.94
N PRO C 128 10.94 -12.15 16.06
CA PRO C 128 9.98 -11.32 15.32
C PRO C 128 10.05 -11.57 13.82
N LEU C 129 11.25 -11.80 13.26
CA LEU C 129 11.35 -12.10 11.83
C LEU C 129 10.79 -13.48 11.54
N LEU C 130 11.05 -14.43 12.42
CA LEU C 130 10.46 -15.75 12.26
C LEU C 130 8.94 -15.64 12.24
N ASN C 131 8.38 -14.86 13.18
CA ASN C 131 6.90 -14.70 13.20
C ASN C 131 6.38 -14.10 11.92
N THR C 132 7.14 -13.17 11.34
CA THR C 132 6.76 -12.55 10.08
C THR C 132 6.72 -13.61 8.98
N SER C 133 7.77 -14.42 8.89
CA SER C 133 7.75 -15.49 7.86
C SER C 133 6.60 -16.47 8.08
N VAL C 134 6.28 -16.76 9.34
CA VAL C 134 5.19 -17.70 9.67
C VAL C 134 3.85 -17.16 9.16
N LEU C 135 3.54 -15.89 9.47
CA LEU C 135 2.23 -15.39 9.05
C LEU C 135 2.17 -15.17 7.54
N LEU C 136 3.25 -14.66 6.95
CA LEU C 136 3.29 -14.56 5.49
C LEU C 136 3.09 -15.93 4.85
N ALA C 137 3.78 -16.94 5.36
CA ALA C 137 3.61 -18.28 4.80
C ALA C 137 2.16 -18.73 4.91
N SER C 138 1.52 -18.40 6.03
CA SER C 138 0.16 -18.87 6.21
C SER C 138 -0.80 -18.14 5.29
N GLY C 139 -0.42 -16.96 4.81
CA GLY C 139 -1.23 -16.28 3.79
C GLY C 139 -1.12 -16.99 2.45
N VAL C 140 0.04 -17.61 2.18
CA VAL C 140 0.22 -18.39 0.96
C VAL C 140 -0.56 -19.70 1.08
N SER C 141 -0.45 -20.37 2.24
CA SER C 141 -1.14 -21.65 2.34
C SER C 141 -2.66 -21.48 2.36
N ILE C 142 -3.17 -20.38 2.92
N ILE C 142 -3.19 -20.39 2.95
CA ILE C 142 -4.63 -20.25 2.95
CA ILE C 142 -4.65 -20.27 2.93
C ILE C 142 -5.14 -19.96 1.54
C ILE C 142 -5.12 -19.99 1.51
N THR C 143 -4.30 -19.31 0.71
CA THR C 143 -4.62 -19.10 -0.70
C THR C 143 -4.62 -20.41 -1.47
N TRP C 144 -3.66 -21.29 -1.19
CA TRP C 144 -3.74 -22.65 -1.73
C TRP C 144 -5.05 -23.33 -1.30
N ALA C 145 -5.44 -23.21 -0.03
CA ALA C 145 -6.67 -23.86 0.41
C ALA C 145 -7.87 -23.35 -0.36
N HIS C 146 -7.90 -22.03 -0.57
CA HIS C 146 -9.04 -21.43 -1.26
C HIS C 146 -9.17 -21.97 -2.67
N HIS C 147 -8.03 -22.00 -3.40
CA HIS C 147 -8.07 -22.51 -4.77
C HIS C 147 -8.39 -23.99 -4.82
N SER C 148 -7.89 -24.78 -3.88
CA SER C 148 -8.26 -26.20 -3.87
C SER C 148 -9.77 -26.37 -3.69
N LEU C 149 -10.37 -25.59 -2.77
CA LEU C 149 -11.81 -25.67 -2.56
C LEU C 149 -12.56 -25.32 -3.83
N MET C 150 -12.14 -24.22 -4.50
CA MET C 150 -12.81 -23.81 -5.74
C MET C 150 -12.68 -24.85 -6.81
N GLU C 151 -11.56 -25.58 -6.82
CA GLU C 151 -11.32 -26.61 -7.82
C GLU C 151 -11.90 -27.95 -7.42
N GLY C 152 -12.61 -27.99 -6.30
CA GLY C 152 -13.29 -29.18 -5.89
C GLY C 152 -12.44 -30.24 -5.24
N ASP C 153 -11.26 -29.87 -4.69
CA ASP C 153 -10.27 -30.85 -4.25
C ASP C 153 -10.32 -30.89 -2.72
N ARG C 154 -11.05 -31.87 -2.19
CA ARG C 154 -11.26 -31.97 -0.74
C ARG C 154 -9.94 -32.19 0.02
N LYS C 155 -9.14 -33.16 -0.41
CA LYS C 155 -7.95 -33.53 0.33
C LYS C 155 -6.95 -32.36 0.41
N HIS C 156 -6.70 -31.70 -0.72
CA HIS C 156 -5.72 -30.61 -0.65
C HIS C 156 -6.26 -29.37 0.03
N MET C 157 -7.59 -29.12 -0.02
CA MET C 157 -8.14 -28.06 0.80
C MET C 157 -7.83 -28.34 2.27
N LEU C 158 -8.11 -29.56 2.72
CA LEU C 158 -7.88 -29.88 4.14
C LEU C 158 -6.40 -29.76 4.49
N GLN C 159 -5.52 -30.23 3.59
N GLN C 159 -5.52 -30.24 3.60
CA GLN C 159 -4.09 -30.17 3.89
CA GLN C 159 -4.10 -30.17 3.89
C GLN C 159 -3.62 -28.73 4.00
C GLN C 159 -3.66 -28.71 4.03
N ALA C 160 -4.07 -27.87 3.08
CA ALA C 160 -3.59 -26.49 3.08
C ALA C 160 -4.17 -25.71 4.25
N LEU C 161 -5.43 -25.98 4.59
CA LEU C 161 -6.07 -25.33 5.73
C LEU C 161 -5.42 -25.80 7.03
N PHE C 162 -5.09 -27.08 7.11
CA PHE C 162 -4.37 -27.57 8.28
C PHE C 162 -3.01 -26.90 8.42
N ILE C 163 -2.27 -26.76 7.32
CA ILE C 163 -0.99 -26.06 7.39
C ILE C 163 -1.17 -24.62 7.86
N THR C 164 -2.20 -23.93 7.31
CA THR C 164 -2.48 -22.55 7.73
C THR C 164 -2.69 -22.45 9.23
N ILE C 165 -3.51 -23.38 9.77
CA ILE C 165 -3.82 -23.39 11.21
C ILE C 165 -2.57 -23.68 12.01
N THR C 166 -1.77 -24.66 11.57
CA THR C 166 -0.54 -24.99 12.27
C THR C 166 0.35 -23.78 12.35
N LEU C 167 0.45 -23.03 11.25
CA LEU C 167 1.28 -21.82 11.32
C LEU C 167 0.70 -20.79 12.28
N GLY C 168 -0.64 -20.63 12.29
CA GLY C 168 -1.24 -19.69 13.25
C GLY C 168 -0.92 -20.08 14.67
N VAL C 169 -0.99 -21.38 14.94
CA VAL C 169 -0.64 -21.89 16.27
C VAL C 169 0.84 -21.66 16.57
N TYR C 170 1.73 -21.89 15.59
CA TYR C 170 3.16 -21.66 15.76
C TYR C 170 3.41 -20.20 16.12
N PHE C 171 2.77 -19.28 15.39
CA PHE C 171 2.91 -17.86 15.73
C PHE C 171 2.52 -17.61 17.19
N THR C 172 1.40 -18.22 17.61
CA THR C 172 0.86 -17.95 18.94
C THR C 172 1.80 -18.48 20.00
N LEU C 173 2.32 -19.68 19.79
CA LEU C 173 3.29 -20.23 20.73
C LEU C 173 4.57 -19.40 20.75
N LEU C 174 5.08 -18.99 19.57
CA LEU C 174 6.30 -18.19 19.54
C LEU C 174 6.09 -16.87 20.28
N GLN C 175 4.94 -16.25 20.06
CA GLN C 175 4.66 -14.98 20.71
C GLN C 175 4.52 -15.16 22.23
N ALA C 176 3.87 -16.24 22.66
CA ALA C 176 3.77 -16.51 24.11
C ALA C 176 5.16 -16.66 24.72
N SER C 177 6.04 -17.36 24.02
CA SER C 177 7.42 -17.51 24.49
C SER C 177 8.13 -16.17 24.54
N GLU C 178 7.99 -15.36 23.48
CA GLU C 178 8.61 -14.05 23.48
C GLU C 178 8.09 -13.19 24.62
N TYR C 179 6.78 -13.28 24.89
CA TYR C 179 6.23 -12.52 26.01
C TYR C 179 6.94 -12.91 27.29
N TYR C 180 7.05 -14.22 27.53
CA TYR C 180 7.72 -14.67 28.76
C TYR C 180 9.19 -14.24 28.81
N GLU C 181 9.91 -14.33 27.70
CA GLU C 181 11.33 -14.02 27.69
C GLU C 181 11.63 -12.53 27.68
N ALA C 182 10.66 -11.67 27.32
CA ALA C 182 10.97 -10.26 27.17
C ALA C 182 11.44 -9.67 28.50
N PRO C 183 12.53 -8.92 28.50
CA PRO C 183 13.03 -8.30 29.74
C PRO C 183 12.28 -7.07 30.13
N PHE C 184 11.41 -6.56 29.27
CA PHE C 184 10.52 -5.47 29.63
C PHE C 184 9.10 -6.02 29.75
N THR C 185 8.26 -5.28 30.48
CA THR C 185 6.89 -5.68 30.80
C THR C 185 5.93 -4.57 30.41
N ILE C 186 4.66 -4.86 30.60
CA ILE C 186 3.63 -3.85 30.26
C ILE C 186 3.72 -2.67 31.20
N SER C 187 4.35 -2.83 32.37
CA SER C 187 4.50 -1.73 33.29
C SER C 187 5.79 -0.93 33.04
N ASP C 188 6.53 -1.25 31.97
CA ASP C 188 7.76 -0.50 31.68
C ASP C 188 7.44 0.71 30.79
N GLY C 189 6.70 1.62 31.38
CA GLY C 189 6.39 2.91 30.80
C GLY C 189 5.61 2.74 29.49
N VAL C 190 5.73 3.77 28.65
CA VAL C 190 4.95 3.75 27.40
C VAL C 190 5.54 2.81 26.36
N TYR C 191 6.82 2.43 26.49
CA TYR C 191 7.37 1.40 25.62
C TYR C 191 6.67 0.07 25.86
N GLY C 192 6.62 -0.37 27.12
CA GLY C 192 5.94 -1.61 27.44
C GLY C 192 4.44 -1.50 27.17
N SER C 193 3.86 -0.34 27.45
CA SER C 193 2.41 -0.19 27.25
C SER C 193 2.06 -0.39 25.78
N THR C 194 2.71 0.40 24.91
CA THR C 194 2.38 0.28 23.47
C THR C 194 2.73 -1.09 22.95
N PHE C 195 3.89 -1.62 23.34
CA PHE C 195 4.31 -2.94 22.86
C PHE C 195 3.30 -4.02 23.23
N PHE C 196 2.98 -4.17 24.50
CA PHE C 196 2.13 -5.29 24.87
C PHE C 196 0.67 -5.08 24.54
N VAL C 197 0.16 -3.86 24.63
CA VAL C 197 -1.26 -3.72 24.29
C VAL C 197 -1.48 -3.89 22.79
N ALA C 198 -0.61 -3.31 21.95
CA ALA C 198 -0.82 -3.45 20.50
C ALA C 198 -0.53 -4.87 20.03
N THR C 199 0.62 -5.46 20.42
CA THR C 199 0.86 -6.86 20.03
C THR C 199 -0.09 -7.81 20.75
N GLY C 200 -0.58 -7.42 21.92
CA GLY C 200 -1.51 -8.29 22.65
C GLY C 200 -2.88 -8.35 21.98
N PHE C 201 -3.41 -7.18 21.59
CA PHE C 201 -4.65 -7.24 20.82
C PHE C 201 -4.43 -7.97 19.51
N HIS C 202 -3.27 -7.77 18.87
CA HIS C 202 -3.01 -8.53 17.66
C HIS C 202 -3.00 -10.04 17.93
N GLY C 203 -2.35 -10.45 19.02
CA GLY C 203 -2.31 -11.87 19.34
C GLY C 203 -3.70 -12.43 19.62
N LEU C 204 -4.55 -11.64 20.27
CA LEU C 204 -5.92 -12.08 20.46
C LEU C 204 -6.62 -12.29 19.13
N HIS C 205 -6.38 -11.37 18.19
CA HIS C 205 -6.97 -11.55 16.86
C HIS C 205 -6.38 -12.76 16.14
N VAL C 206 -5.11 -13.08 16.37
CA VAL C 206 -4.57 -14.31 15.77
C VAL C 206 -5.28 -15.53 16.35
N ILE C 207 -5.55 -15.50 17.64
CA ILE C 207 -6.29 -16.60 18.28
C ILE C 207 -7.72 -16.68 17.73
N ILE C 208 -8.40 -15.54 17.62
CA ILE C 208 -9.74 -15.51 17.01
C ILE C 208 -9.70 -16.05 15.58
N GLY C 209 -8.76 -15.53 14.79
CA GLY C 209 -8.69 -15.96 13.40
C GLY C 209 -8.38 -17.44 13.27
N SER C 210 -7.50 -17.94 14.15
CA SER C 210 -7.17 -19.37 14.14
C SER C 210 -8.38 -20.20 14.50
N THR C 211 -9.14 -19.77 15.51
CA THR C 211 -10.38 -20.47 15.86
C THR C 211 -11.33 -20.49 14.68
N PHE C 212 -11.48 -19.36 13.98
CA PHE C 212 -12.38 -19.32 12.82
C PHE C 212 -11.88 -20.31 11.75
N LEU C 213 -10.57 -20.34 11.49
CA LEU C 213 -10.06 -21.32 10.51
C LEU C 213 -10.33 -22.75 10.97
N ILE C 214 -10.25 -23.00 12.28
CA ILE C 214 -10.55 -24.34 12.79
C ILE C 214 -12.01 -24.68 12.61
N VAL C 215 -12.92 -23.73 12.89
CA VAL C 215 -14.35 -23.96 12.54
C VAL C 215 -14.48 -24.36 11.09
N CYS C 216 -13.84 -23.60 10.19
CA CYS C 216 -13.90 -23.93 8.76
C CYS C 216 -13.34 -25.32 8.47
N PHE C 217 -12.26 -25.69 9.18
CA PHE C 217 -11.68 -27.01 8.96
C PHE C 217 -12.69 -28.11 9.29
N PHE C 218 -13.36 -27.99 10.43
CA PHE C 218 -14.33 -29.04 10.75
C PHE C 218 -15.56 -28.98 9.87
N ARG C 219 -16.02 -27.79 9.47
CA ARG C 219 -17.11 -27.74 8.51
C ARG C 219 -16.71 -28.39 7.20
N GLN C 220 -15.46 -28.18 6.75
CA GLN C 220 -14.97 -28.84 5.54
C GLN C 220 -14.93 -30.36 5.70
N LEU C 221 -14.47 -30.84 6.84
CA LEU C 221 -14.47 -32.27 7.10
C LEU C 221 -15.87 -32.84 7.00
N LYS C 222 -16.87 -32.04 7.40
CA LYS C 222 -18.26 -32.48 7.33
C LYS C 222 -18.95 -32.13 5.99
N PHE C 223 -18.18 -31.74 4.97
CA PHE C 223 -18.65 -31.49 3.61
C PHE C 223 -19.59 -30.30 3.51
N HIS C 224 -19.52 -29.30 4.43
CA HIS C 224 -20.52 -28.24 4.35
C HIS C 224 -20.32 -27.37 3.13
N PHE C 225 -19.05 -27.19 2.71
CA PHE C 225 -18.75 -26.22 1.66
C PHE C 225 -18.92 -26.84 0.31
N THR C 226 -19.50 -26.07 -0.63
CA THR C 226 -19.44 -26.51 -2.02
C THR C 226 -18.32 -25.79 -2.71
N SER C 227 -18.04 -26.22 -3.93
CA SER C 227 -16.94 -25.58 -4.65
C SER C 227 -17.25 -24.15 -5.04
N ASN C 228 -18.53 -23.75 -5.02
N ASN C 228 -18.52 -23.75 -5.01
CA ASN C 228 -18.92 -22.37 -5.34
CA ASN C 228 -18.90 -22.38 -5.32
C ASN C 228 -19.58 -21.61 -4.20
C ASN C 228 -19.38 -21.59 -4.12
N HIS C 229 -19.86 -22.25 -3.07
CA HIS C 229 -20.54 -21.57 -1.96
C HIS C 229 -19.85 -21.92 -0.65
N HIS C 230 -19.12 -20.93 -0.09
CA HIS C 230 -18.32 -21.21 1.08
C HIS C 230 -17.92 -19.90 1.72
N PHE C 231 -18.92 -19.06 1.99
CA PHE C 231 -18.54 -17.71 2.48
C PHE C 231 -17.85 -17.76 3.83
N GLY C 232 -18.18 -18.71 4.72
CA GLY C 232 -17.47 -18.73 6.01
C GLY C 232 -15.99 -18.92 5.82
N PHE C 233 -15.60 -19.72 4.82
CA PHE C 233 -14.17 -19.84 4.46
C PHE C 233 -13.62 -18.54 3.92
N GLU C 234 -14.34 -17.86 3.03
CA GLU C 234 -13.87 -16.59 2.49
C GLU C 234 -13.71 -15.56 3.61
N ALA C 235 -14.71 -15.44 4.47
CA ALA C 235 -14.61 -14.50 5.59
C ALA C 235 -13.44 -14.83 6.48
N ALA C 236 -13.23 -16.11 6.79
CA ALA C 236 -12.09 -16.43 7.65
C ALA C 236 -10.77 -16.10 6.95
N ALA C 237 -10.71 -16.29 5.63
CA ALA C 237 -9.49 -15.93 4.88
C ALA C 237 -9.29 -14.42 4.87
N TRP C 238 -10.36 -13.65 4.64
CA TRP C 238 -10.20 -12.18 4.70
C TRP C 238 -9.71 -11.75 6.08
N TYR C 239 -10.32 -12.29 7.13
CA TYR C 239 -9.91 -11.95 8.50
C TYR C 239 -8.46 -12.33 8.73
N TRP C 240 -8.04 -13.48 8.16
CA TRP C 240 -6.67 -13.95 8.35
C TRP C 240 -5.69 -13.05 7.62
N HIS C 241 -6.04 -12.58 6.42
CA HIS C 241 -5.15 -11.61 5.75
C HIS C 241 -5.10 -10.30 6.51
N PHE C 242 -6.23 -9.87 7.10
CA PHE C 242 -6.19 -8.67 7.97
C PHE C 242 -5.19 -8.88 9.13
N VAL C 243 -5.26 -10.01 9.80
CA VAL C 243 -4.33 -10.31 10.90
C VAL C 243 -2.88 -10.28 10.40
N ASP C 244 -2.65 -10.79 9.19
CA ASP C 244 -1.28 -10.79 8.64
C ASP C 244 -0.81 -9.35 8.37
N VAL C 245 -1.67 -8.52 7.76
CA VAL C 245 -1.30 -7.14 7.46
C VAL C 245 -1.07 -6.33 8.74
N VAL C 246 -1.94 -6.50 9.75
CA VAL C 246 -1.67 -5.81 11.02
C VAL C 246 -0.32 -6.23 11.57
N TRP C 247 0.01 -7.52 11.52
CA TRP C 247 1.35 -7.91 11.96
C TRP C 247 2.45 -7.19 11.18
N LEU C 248 2.34 -7.12 9.85
CA LEU C 248 3.42 -6.46 9.08
C LEU C 248 3.59 -5.02 9.53
N PHE C 249 2.46 -4.31 9.79
CA PHE C 249 2.58 -2.94 10.31
C PHE C 249 3.18 -2.91 11.70
N LEU C 250 2.82 -3.86 12.57
CA LEU C 250 3.46 -3.92 13.90
C LEU C 250 4.95 -4.17 13.79
N TYR C 251 5.32 -5.12 12.96
CA TYR C 251 6.74 -5.47 12.79
C TYR C 251 7.54 -4.26 12.33
N VAL C 252 7.09 -3.60 11.27
CA VAL C 252 7.83 -2.45 10.76
C VAL C 252 7.84 -1.33 11.80
N SER C 253 6.68 -1.05 12.42
CA SER C 253 6.58 0.12 13.32
C SER C 253 7.22 -0.13 14.67
N ILE C 254 6.74 -1.13 15.37
CA ILE C 254 7.16 -1.27 16.77
C ILE C 254 8.45 -2.06 16.91
N TYR C 255 8.59 -3.16 16.18
CA TYR C 255 9.77 -4.02 16.36
C TYR C 255 11.00 -3.50 15.66
N TRP C 256 10.85 -2.96 14.46
CA TRP C 256 12.00 -2.61 13.64
C TRP C 256 12.26 -1.11 13.79
N TRP C 257 11.37 -0.26 13.25
CA TRP C 257 11.59 1.19 13.34
C TRP C 257 11.67 1.67 14.80
N GLY C 258 10.87 1.12 15.72
CA GLY C 258 10.88 1.45 17.15
C GLY C 258 12.01 0.83 17.96
N SER C 259 12.95 0.14 17.34
CA SER C 259 14.05 -0.50 18.08
C SER C 259 15.25 0.42 18.18
N SER D 1 -68.63 9.07 1.55
CA SER D 1 -69.34 8.48 2.69
C SER D 1 -68.33 7.80 3.71
N VAL D 2 -68.37 6.48 4.01
CA VAL D 2 -67.70 5.87 5.19
C VAL D 2 -66.34 5.21 4.79
N VAL D 3 -65.24 5.77 5.27
CA VAL D 3 -63.89 5.28 4.92
C VAL D 3 -63.39 4.27 5.95
N LYS D 4 -62.84 3.16 5.48
CA LYS D 4 -62.43 2.08 6.34
C LYS D 4 -60.91 1.91 6.30
N SER D 5 -60.38 1.52 7.47
CA SER D 5 -58.96 1.23 7.56
C SER D 5 -58.52 0.19 6.52
N GLU D 6 -59.31 -0.89 6.36
CA GLU D 6 -58.87 -1.92 5.42
C GLU D 6 -58.89 -1.43 4.00
N ASP D 7 -59.14 -0.15 3.74
CA ASP D 7 -59.18 0.40 2.40
C ASP D 7 -57.91 1.13 2.03
N TYR D 8 -56.84 0.96 2.81
CA TYR D 8 -55.72 1.89 2.70
C TYR D 8 -54.98 1.77 1.37
N ALA D 9 -55.11 0.66 0.61
CA ALA D 9 -54.37 0.49 -0.63
C ALA D 9 -55.19 0.92 -1.83
N LEU D 10 -56.43 1.34 -1.62
CA LEU D 10 -57.27 1.81 -2.71
C LEU D 10 -57.15 3.31 -2.89
N PRO D 11 -57.37 3.80 -4.11
CA PRO D 11 -57.46 5.25 -4.33
C PRO D 11 -58.46 5.87 -3.36
N SER D 12 -58.12 7.05 -2.85
CA SER D 12 -58.91 7.64 -1.78
C SER D 12 -59.25 9.09 -2.11
N TYR D 13 -60.20 9.65 -1.37
CA TYR D 13 -60.62 11.04 -1.52
C TYR D 13 -59.79 11.96 -0.63
N VAL D 14 -59.45 13.15 -1.17
CA VAL D 14 -58.81 14.22 -0.39
C VAL D 14 -59.35 15.54 -0.84
N ASP D 15 -59.47 16.47 0.12
CA ASP D 15 -59.74 17.89 -0.14
C ASP D 15 -58.42 18.63 0.10
N ARG D 16 -57.77 18.99 -1.01
CA ARG D 16 -56.52 19.73 -1.00
C ARG D 16 -56.60 20.78 -2.10
N ARG D 17 -56.24 22.04 -1.79
CA ARG D 17 -56.45 23.07 -2.81
C ARG D 17 -55.46 22.91 -3.96
N ASP D 18 -54.36 22.19 -3.73
CA ASP D 18 -53.37 21.87 -4.75
C ASP D 18 -53.60 20.54 -5.44
N TYR D 19 -54.72 19.88 -5.18
CA TYR D 19 -55.03 18.62 -5.84
C TYR D 19 -56.54 18.68 -6.08
N PRO D 20 -56.98 19.61 -6.94
CA PRO D 20 -58.39 19.95 -6.96
C PRO D 20 -59.29 18.82 -7.39
N LEU D 21 -58.82 17.88 -8.21
CA LEU D 21 -59.70 16.81 -8.73
C LEU D 21 -59.20 15.49 -8.16
N PRO D 22 -59.68 15.08 -6.99
CA PRO D 22 -59.20 13.82 -6.37
C PRO D 22 -59.49 12.58 -7.20
N ASP D 23 -58.90 11.48 -6.74
CA ASP D 23 -58.84 10.22 -7.49
C ASP D 23 -60.19 9.50 -7.53
N VAL D 24 -61.07 9.81 -6.59
CA VAL D 24 -62.40 9.21 -6.60
C VAL D 24 -63.40 10.29 -6.27
N ALA D 25 -64.68 9.97 -6.55
CA ALA D 25 -65.77 10.82 -6.12
C ALA D 25 -65.97 10.70 -4.62
N HIS D 26 -66.40 11.80 -4.00
CA HIS D 26 -66.74 11.79 -2.57
C HIS D 26 -67.83 10.74 -2.25
N VAL D 27 -68.85 10.69 -3.09
CA VAL D 27 -69.98 9.73 -2.92
C VAL D 27 -70.06 8.85 -4.14
N LYS D 28 -69.86 7.53 -3.97
CA LYS D 28 -69.97 6.59 -5.09
C LYS D 28 -71.31 5.93 -5.19
N ASN D 29 -71.96 5.67 -4.07
CA ASN D 29 -73.28 5.02 -4.18
C ASN D 29 -74.36 6.08 -4.35
N LEU D 30 -75.29 5.83 -5.27
CA LEU D 30 -76.33 6.78 -5.68
C LEU D 30 -77.72 6.22 -5.35
N SER D 31 -78.56 7.06 -4.77
CA SER D 31 -79.98 6.68 -4.61
C SER D 31 -80.73 6.73 -5.94
N ALA D 32 -82.01 6.29 -5.94
CA ALA D 32 -82.77 6.45 -7.16
C ALA D 32 -82.76 7.91 -7.67
N SER D 33 -82.94 8.89 -6.77
CA SER D 33 -83.07 10.25 -7.31
C SER D 33 -81.70 10.78 -7.73
N GLN D 34 -80.68 10.30 -7.07
CA GLN D 34 -79.30 10.70 -7.40
C GLN D 34 -78.90 10.09 -8.74
N LYS D 35 -79.36 8.86 -9.01
CA LYS D 35 -79.14 8.26 -10.33
C LYS D 35 -79.82 9.11 -11.39
N ALA D 36 -81.06 9.55 -11.10
CA ALA D 36 -81.79 10.33 -12.10
C ALA D 36 -81.08 11.66 -12.35
N LEU D 37 -80.49 12.24 -11.29
CA LEU D 37 -79.74 13.49 -11.42
C LEU D 37 -78.51 13.29 -12.29
N LYS D 38 -77.79 12.18 -12.10
CA LYS D 38 -76.63 11.94 -12.97
C LYS D 38 -77.06 11.73 -14.41
N GLU D 39 -78.26 11.18 -14.64
N GLU D 39 -78.26 11.18 -14.64
CA GLU D 39 -78.71 11.08 -16.03
CA GLU D 39 -78.73 11.09 -16.02
C GLU D 39 -79.05 12.47 -16.58
C GLU D 39 -79.04 12.48 -16.58
N LYS D 40 -79.64 13.33 -15.76
CA LYS D 40 -79.99 14.67 -16.22
C LYS D 40 -78.76 15.49 -16.55
N GLU D 41 -77.67 15.20 -15.82
CA GLU D 41 -76.38 15.85 -16.07
C GLU D 41 -75.86 15.57 -17.48
N LYS D 42 -76.40 14.53 -18.16
CA LYS D 42 -75.90 14.29 -19.48
C LYS D 42 -76.58 15.23 -20.49
N ALA D 43 -77.65 15.92 -20.09
CA ALA D 43 -78.31 16.91 -20.91
C ALA D 43 -77.75 18.29 -20.59
N SER D 44 -78.32 19.33 -21.20
CA SER D 44 -77.80 20.69 -20.99
C SER D 44 -77.81 21.06 -19.52
N TRP D 45 -76.65 21.56 -19.03
CA TRP D 45 -76.62 21.98 -17.65
C TRP D 45 -77.47 23.21 -17.38
N SER D 46 -77.86 23.96 -18.44
CA SER D 46 -78.76 25.08 -18.22
C SER D 46 -80.11 24.63 -17.71
N SER D 47 -80.46 23.36 -17.94
CA SER D 47 -81.72 22.78 -17.46
C SER D 47 -81.64 22.28 -16.03
N LEU D 48 -80.44 22.22 -15.44
CA LEU D 48 -80.32 21.88 -14.04
C LEU D 48 -80.68 23.09 -13.18
N SER D 49 -81.41 22.86 -12.09
CA SER D 49 -81.64 23.92 -11.11
C SER D 49 -80.38 24.17 -10.29
N ILE D 50 -80.39 25.30 -9.57
CA ILE D 50 -79.30 25.58 -8.64
C ILE D 50 -79.15 24.43 -7.64
N ASP D 51 -80.26 23.97 -7.07
CA ASP D 51 -80.14 22.92 -6.06
C ASP D 51 -79.57 21.64 -6.67
N GLU D 52 -79.96 21.32 -7.90
CA GLU D 52 -79.41 20.14 -8.55
C GLU D 52 -77.91 20.30 -8.81
N LYS D 53 -77.50 21.49 -9.22
CA LYS D 53 -76.07 21.74 -9.42
C LYS D 53 -75.28 21.58 -8.12
N VAL D 54 -75.80 22.11 -7.01
CA VAL D 54 -75.16 21.94 -5.71
C VAL D 54 -75.10 20.46 -5.36
N GLU D 55 -76.17 19.67 -5.63
N GLU D 55 -76.19 19.72 -5.65
CA GLU D 55 -76.08 18.26 -5.24
CA GLU D 55 -76.21 18.31 -5.34
C GLU D 55 -75.09 17.51 -6.12
C GLU D 55 -75.13 17.57 -6.10
N LEU D 56 -75.00 17.84 -7.40
CA LEU D 56 -73.93 17.23 -8.20
C LEU D 56 -72.55 17.56 -7.61
N TYR D 57 -72.36 18.81 -7.19
CA TYR D 57 -71.06 19.17 -6.62
C TYR D 57 -70.79 18.36 -5.34
N ARG D 58 -71.80 18.20 -4.50
CA ARG D 58 -71.60 17.53 -3.22
C ARG D 58 -71.54 16.02 -3.36
N LEU D 59 -71.97 15.47 -4.50
CA LEU D 59 -71.68 14.07 -4.77
C LEU D 59 -70.22 13.88 -5.15
N LYS D 60 -69.70 14.83 -5.93
CA LYS D 60 -68.31 14.72 -6.40
C LYS D 60 -67.31 15.05 -5.30
N PHE D 61 -67.63 16.09 -4.55
CA PHE D 61 -66.68 16.64 -3.57
C PHE D 61 -67.27 16.71 -2.18
N LYS D 62 -66.41 16.67 -1.17
CA LYS D 62 -66.87 16.77 0.21
C LYS D 62 -67.00 18.24 0.60
N GLU D 63 -65.87 18.93 0.75
CA GLU D 63 -65.86 20.36 1.05
C GLU D 63 -65.48 21.21 -0.16
N SER D 64 -66.10 22.39 -0.25
CA SER D 64 -65.67 23.39 -1.24
C SER D 64 -64.29 23.97 -0.87
N PHE D 65 -63.69 24.68 -1.83
CA PHE D 65 -62.45 25.42 -1.50
C PHE D 65 -62.64 26.33 -0.31
N ALA D 66 -63.72 27.14 -0.30
CA ALA D 66 -63.90 28.08 0.82
C ALA D 66 -63.97 27.33 2.15
N GLU D 67 -64.65 26.17 2.18
CA GLU D 67 -64.75 25.39 3.40
C GLU D 67 -63.40 24.79 3.80
N MET D 68 -62.68 24.17 2.86
CA MET D 68 -61.44 23.51 3.24
C MET D 68 -60.37 24.51 3.62
N ASN D 69 -60.49 25.76 3.13
CA ASN D 69 -59.46 26.76 3.40
C ASN D 69 -59.80 27.70 4.56
N ARG D 70 -60.85 27.41 5.31
CA ARG D 70 -61.30 28.38 6.30
C ARG D 70 -60.28 28.50 7.42
N SER D 71 -60.16 29.72 7.93
CA SER D 71 -59.33 29.94 9.11
C SER D 71 -60.10 29.57 10.38
N THR D 72 -59.37 29.41 11.49
CA THR D 72 -60.02 28.90 12.70
C THR D 72 -59.54 29.74 13.88
N ASN D 73 -60.21 29.52 15.00
CA ASN D 73 -59.81 30.18 16.26
C ASN D 73 -58.82 29.38 17.05
N GLU D 74 -58.22 28.35 16.45
CA GLU D 74 -57.32 27.48 17.19
C GLU D 74 -56.15 28.27 17.82
N TRP D 75 -55.66 29.32 17.16
CA TRP D 75 -54.52 30.03 17.71
C TRP D 75 -54.82 30.56 19.10
N LYS D 76 -56.08 30.92 19.38
CA LYS D 76 -56.40 31.42 20.71
C LYS D 76 -56.17 30.37 21.77
N THR D 77 -56.66 29.17 21.50
CA THR D 77 -56.46 28.06 22.39
C THR D 77 -54.96 27.76 22.55
N VAL D 78 -54.21 27.70 21.43
CA VAL D 78 -52.78 27.36 21.53
C VAL D 78 -52.05 28.41 22.37
N VAL D 79 -52.24 29.68 22.02
CA VAL D 79 -51.46 30.71 22.73
C VAL D 79 -51.90 30.79 24.18
N GLY D 80 -53.22 30.75 24.42
CA GLY D 80 -53.74 30.85 25.79
C GLY D 80 -53.29 29.69 26.65
N ALA D 81 -53.32 28.47 26.08
CA ALA D 81 -52.92 27.29 26.83
C ALA D 81 -51.42 27.33 27.09
N ALA D 82 -50.62 27.71 26.08
CA ALA D 82 -49.17 27.81 26.30
C ALA D 82 -48.87 28.82 27.42
N MET D 83 -49.60 29.95 27.44
CA MET D 83 -49.35 30.91 28.54
C MET D 83 -49.82 30.35 29.87
N PHE D 84 -50.93 29.60 29.88
N PHE D 84 -50.93 29.59 29.87
CA PHE D 84 -51.29 28.94 31.13
CA PHE D 84 -51.34 28.90 31.10
C PHE D 84 -50.14 28.09 31.64
C PHE D 84 -50.22 28.01 31.65
N PHE D 85 -49.59 27.23 30.78
CA PHE D 85 -48.59 26.28 31.26
C PHE D 85 -47.30 26.98 31.60
N ILE D 86 -46.97 28.05 30.89
CA ILE D 86 -45.84 28.88 31.33
C ILE D 86 -46.14 29.50 32.69
N GLY D 87 -47.38 29.96 32.90
CA GLY D 87 -47.73 30.47 34.22
C GLY D 87 -47.64 29.41 35.29
N PHE D 88 -48.09 28.18 34.99
CA PHE D 88 -47.94 27.06 35.92
C PHE D 88 -46.48 26.84 36.29
N THR D 89 -45.57 26.99 35.31
CA THR D 89 -44.15 26.86 35.60
C THR D 89 -43.72 27.82 36.70
N ALA D 90 -44.23 29.06 36.66
CA ALA D 90 -43.82 30.00 37.71
C ALA D 90 -44.28 29.54 39.08
N LEU D 91 -45.42 28.83 39.16
CA LEU D 91 -45.79 28.21 40.45
C LEU D 91 -44.71 27.24 40.93
N LEU D 92 -44.16 26.44 40.01
CA LEU D 92 -43.12 25.50 40.39
C LEU D 92 -41.89 26.25 40.90
N LEU D 93 -41.57 27.37 40.24
CA LEU D 93 -40.42 28.18 40.65
C LEU D 93 -40.62 28.85 42.01
N ILE D 94 -41.85 29.29 42.28
CA ILE D 94 -42.20 29.80 43.60
C ILE D 94 -42.01 28.72 44.64
N TRP D 95 -42.51 27.51 44.37
CA TRP D 95 -42.31 26.39 45.27
C TRP D 95 -40.83 26.13 45.50
N GLU D 96 -40.04 26.09 44.43
CA GLU D 96 -38.60 25.88 44.60
C GLU D 96 -37.94 26.95 45.47
N LYS D 97 -38.25 28.21 45.21
CA LYS D 97 -37.64 29.29 46.01
C LYS D 97 -37.99 29.14 47.49
N HIS D 98 -39.23 28.74 47.77
CA HIS D 98 -39.73 28.67 49.15
C HIS D 98 -39.19 27.46 49.89
N TYR D 99 -39.15 26.30 49.24
CA TYR D 99 -38.87 25.06 49.94
C TYR D 99 -37.52 24.43 49.66
N VAL D 100 -36.83 24.80 48.58
CA VAL D 100 -35.56 24.19 48.21
C VAL D 100 -34.40 25.12 48.49
N TYR D 101 -34.52 26.38 48.06
CA TYR D 101 -33.38 27.30 48.15
C TYR D 101 -33.31 27.93 49.54
N GLY D 102 -32.11 27.93 50.10
CA GLY D 102 -31.83 28.66 51.35
C GLY D 102 -31.33 30.05 51.00
N PRO D 103 -30.80 30.75 52.01
CA PRO D 103 -30.31 32.11 51.78
C PRO D 103 -29.15 32.17 50.81
N ILE D 104 -29.08 33.26 50.08
CA ILE D 104 -27.92 33.45 49.19
C ILE D 104 -26.79 34.08 50.01
N PRO D 105 -25.58 34.15 49.48
CA PRO D 105 -24.43 34.56 50.29
C PRO D 105 -24.54 35.99 50.77
N HIS D 106 -23.79 36.26 51.87
CA HIS D 106 -23.87 37.60 52.45
C HIS D 106 -23.33 38.72 51.57
N THR D 107 -22.62 38.38 50.46
CA THR D 107 -22.11 39.40 49.54
C THR D 107 -23.18 40.11 48.73
N PHE D 108 -24.45 39.68 48.83
CA PHE D 108 -25.56 40.35 48.17
C PHE D 108 -26.30 41.31 49.11
N GLU D 109 -25.82 41.44 50.36
CA GLU D 109 -26.41 42.40 51.27
C GLU D 109 -26.16 43.81 50.71
N GLU D 110 -27.14 44.69 50.89
CA GLU D 110 -27.06 46.03 50.29
C GLU D 110 -25.78 46.78 50.67
N GLU D 111 -25.36 46.71 51.92
CA GLU D 111 -24.15 47.43 52.30
C GLU D 111 -22.90 46.81 51.63
N TRP D 112 -22.85 45.46 51.54
CA TRP D 112 -21.73 44.80 50.87
C TRP D 112 -21.65 45.26 49.42
N VAL D 113 -22.80 45.26 48.73
CA VAL D 113 -22.85 45.67 47.33
C VAL D 113 -22.41 47.11 47.16
N ALA D 114 -22.77 47.98 48.12
CA ALA D 114 -22.35 49.37 47.97
C ALA D 114 -20.83 49.51 48.12
N LYS D 115 -20.26 48.75 49.06
CA LYS D 115 -18.83 48.79 49.26
C LYS D 115 -18.09 48.14 48.10
N GLN D 116 -18.65 47.05 47.59
CA GLN D 116 -18.02 46.34 46.49
C GLN D 116 -18.05 47.19 45.22
N THR D 117 -19.16 47.93 45.04
CA THR D 117 -19.24 48.86 43.93
C THR D 117 -18.16 49.91 44.02
N LYS D 118 -17.97 50.52 45.21
CA LYS D 118 -16.90 51.52 45.29
C LYS D 118 -15.56 50.88 44.97
N ARG D 119 -15.31 49.69 45.50
CA ARG D 119 -14.02 49.11 45.26
C ARG D 119 -13.81 48.73 43.80
N MET D 120 -14.89 48.32 43.11
CA MET D 120 -14.77 48.10 41.68
C MET D 120 -14.43 49.37 40.96
N LEU D 121 -15.01 50.50 41.41
CA LEU D 121 -14.67 51.78 40.79
C LEU D 121 -13.26 52.23 41.17
N ASP D 122 -12.85 51.92 42.40
CA ASP D 122 -11.47 52.23 42.82
C ASP D 122 -10.45 51.45 41.98
N MET D 123 -10.77 50.20 41.58
CA MET D 123 -9.81 49.49 40.74
C MET D 123 -10.14 49.68 39.26
N LYS D 124 -11.07 50.59 38.96
CA LYS D 124 -11.38 50.96 37.57
C LYS D 124 -11.78 49.73 36.73
N VAL D 125 -12.61 48.87 37.33
CA VAL D 125 -13.19 47.77 36.52
C VAL D 125 -13.83 48.36 35.27
N ALA D 126 -13.51 47.73 34.10
CA ALA D 126 -14.05 48.07 32.78
C ALA D 126 -14.12 49.60 32.60
N PRO D 127 -12.96 50.26 32.55
CA PRO D 127 -12.91 51.74 32.51
C PRO D 127 -13.04 52.34 31.13
N ILE D 128 -13.07 51.49 30.08
CA ILE D 128 -13.20 52.02 28.73
C ILE D 128 -14.65 52.12 28.31
N GLN D 129 -15.43 51.07 28.61
CA GLN D 129 -16.86 51.03 28.28
C GLN D 129 -17.70 50.45 29.39
N GLY D 130 -17.27 49.34 30.00
CA GLY D 130 -18.24 48.47 30.66
C GLY D 130 -18.86 48.91 31.99
N PHE D 131 -18.03 49.55 32.84
CA PHE D 131 -18.49 49.78 34.20
C PHE D 131 -17.99 51.12 34.75
N SER D 132 -16.69 51.22 35.00
CA SER D 132 -16.15 52.50 35.52
C SER D 132 -16.24 53.60 34.49
N ALA D 133 -16.26 53.27 33.20
CA ALA D 133 -16.55 54.29 32.21
C ALA D 133 -17.87 54.99 32.45
N LYS D 134 -18.81 54.36 33.16
CA LYS D 134 -20.11 54.97 33.40
C LYS D 134 -20.16 55.80 34.69
N TRP D 135 -19.05 55.88 35.39
CA TRP D 135 -18.93 56.66 36.60
C TRP D 135 -18.16 57.95 36.32
N ASP D 136 -18.65 59.05 36.88
CA ASP D 136 -18.03 60.36 36.71
C ASP D 136 -17.10 60.57 37.90
N TYR D 137 -15.82 60.40 37.67
CA TYR D 137 -14.84 60.51 38.75
C TYR D 137 -14.66 61.93 39.21
N ASP D 138 -15.01 62.90 38.37
CA ASP D 138 -14.90 64.30 38.74
C ASP D 138 -16.07 64.74 39.60
N LYS D 139 -17.29 64.41 39.19
CA LYS D 139 -18.47 64.79 39.96
C LYS D 139 -18.85 63.77 41.03
N ASN D 140 -18.19 62.61 41.09
CA ASN D 140 -18.47 61.60 42.11
C ASN D 140 -19.92 61.10 42.06
N GLU D 141 -20.38 60.75 40.85
CA GLU D 141 -21.75 60.32 40.63
C GLU D 141 -21.77 59.49 39.35
N TRP D 142 -22.83 58.70 39.16
CA TRP D 142 -23.03 58.00 37.89
C TRP D 142 -23.26 59.03 36.78
N LYS D 143 -22.61 58.86 35.64
CA LYS D 143 -22.82 59.75 34.50
C LYS D 143 -24.28 59.73 34.08
N LYS D 144 -24.77 60.87 33.62
CA LYS D 144 -26.18 60.97 33.24
C LYS D 144 -26.43 60.36 31.87
N HIS E 1 -36.72 28.07 -23.30
CA HIS E 1 -37.62 26.97 -22.91
C HIS E 1 -38.77 26.86 -23.92
N GLU E 2 -39.85 27.62 -23.67
CA GLU E 2 -40.95 27.83 -24.61
C GLU E 2 -41.64 29.14 -24.25
N THR E 3 -42.16 29.85 -25.28
CA THR E 3 -42.88 31.09 -25.01
C THR E 3 -44.14 30.81 -24.20
N ASP E 4 -44.62 31.86 -23.53
CA ASP E 4 -45.93 31.82 -22.89
C ASP E 4 -47.00 31.30 -23.85
N GLU E 5 -46.97 31.79 -25.09
CA GLU E 5 -47.99 31.40 -26.04
C GLU E 5 -47.91 29.91 -26.35
N GLU E 6 -46.68 29.40 -26.46
CA GLU E 6 -46.50 27.98 -26.77
C GLU E 6 -46.97 27.10 -25.62
N PHE E 7 -46.67 27.51 -24.38
CA PHE E 7 -47.19 26.84 -23.19
C PHE E 7 -48.72 26.81 -23.22
N ASP E 8 -49.34 27.98 -23.41
CA ASP E 8 -50.81 28.02 -23.35
C ASP E 8 -51.38 27.13 -24.44
N ALA E 9 -50.75 27.13 -25.61
CA ALA E 9 -51.31 26.38 -26.74
C ALA E 9 -51.25 24.88 -26.50
N ARG E 10 -50.18 24.37 -25.89
N ARG E 10 -50.15 24.39 -25.90
CA ARG E 10 -50.23 22.93 -25.70
CA ARG E 10 -50.05 22.99 -25.53
C ARG E 10 -51.13 22.52 -24.54
C ARG E 10 -51.19 22.59 -24.62
N TRP E 11 -51.50 23.44 -23.65
CA TRP E 11 -52.52 23.13 -22.66
C TRP E 11 -53.91 23.18 -23.25
N VAL E 12 -54.16 24.17 -24.13
CA VAL E 12 -55.44 24.19 -24.87
C VAL E 12 -55.59 22.90 -25.66
N THR E 13 -54.53 22.50 -26.38
CA THR E 13 -54.63 21.28 -27.18
C THR E 13 -54.89 20.07 -26.29
N TYR E 14 -54.23 20.04 -25.11
CA TYR E 14 -54.42 18.93 -24.19
C TYR E 14 -55.90 18.79 -23.83
N PHE E 15 -56.54 19.87 -23.38
CA PHE E 15 -57.93 19.71 -22.94
C PHE E 15 -58.92 19.58 -24.10
N ASN E 16 -58.53 20.06 -25.29
CA ASN E 16 -59.42 19.96 -26.46
C ASN E 16 -59.44 18.58 -27.07
N LYS E 17 -58.62 17.63 -26.64
CA LYS E 17 -58.70 16.32 -27.25
C LYS E 17 -60.12 15.78 -27.15
N PRO E 18 -60.80 15.49 -28.28
CA PRO E 18 -62.21 15.18 -28.17
C PRO E 18 -62.52 14.03 -27.23
N ASP E 19 -61.74 12.95 -27.26
CA ASP E 19 -62.02 11.79 -26.43
C ASP E 19 -61.17 11.77 -25.17
N ILE E 20 -60.77 12.95 -24.70
CA ILE E 20 -60.04 13.02 -23.42
C ILE E 20 -60.85 12.25 -22.39
N ASP E 21 -60.17 11.46 -21.54
CA ASP E 21 -60.93 10.71 -20.54
C ASP E 21 -60.81 11.37 -19.17
N ALA E 22 -61.60 10.85 -18.22
CA ALA E 22 -61.66 11.48 -16.90
C ALA E 22 -60.29 11.54 -16.24
N TRP E 23 -59.52 10.45 -16.34
CA TRP E 23 -58.18 10.43 -15.74
C TRP E 23 -57.35 11.55 -16.31
N GLU E 24 -57.40 11.74 -17.62
CA GLU E 24 -56.60 12.79 -18.26
C GLU E 24 -57.08 14.17 -17.88
N LEU E 25 -58.38 14.35 -17.67
CA LEU E 25 -58.88 15.64 -17.20
C LEU E 25 -58.28 15.96 -15.82
N ARG E 26 -58.37 15.00 -14.90
CA ARG E 26 -57.82 15.21 -13.56
C ARG E 26 -56.30 15.41 -13.61
N LYS E 27 -55.59 14.56 -14.36
CA LYS E 27 -54.13 14.68 -14.45
C LYS E 27 -53.77 16.06 -14.95
N GLY E 28 -54.49 16.55 -15.97
CA GLY E 28 -54.18 17.87 -16.53
C GLY E 28 -54.37 18.99 -15.51
N MET E 29 -55.53 19.05 -14.87
CA MET E 29 -55.76 20.12 -13.92
C MET E 29 -54.85 20.00 -12.69
N ASN E 30 -54.63 18.78 -12.22
CA ASN E 30 -53.78 18.66 -11.02
C ASN E 30 -52.32 18.96 -11.33
N THR E 31 -51.91 18.79 -12.58
CA THR E 31 -50.55 19.16 -12.96
C THR E 31 -50.44 20.66 -13.17
N LEU E 32 -51.40 21.21 -13.89
CA LEU E 32 -51.43 22.65 -14.19
C LEU E 32 -51.37 23.52 -12.96
N VAL E 33 -52.06 23.14 -11.88
CA VAL E 33 -52.08 24.03 -10.75
C VAL E 33 -50.78 23.96 -9.96
N GLY E 34 -49.84 23.11 -10.35
CA GLY E 34 -48.53 23.17 -9.68
C GLY E 34 -47.64 24.26 -10.20
N TYR E 35 -47.98 24.90 -11.32
CA TYR E 35 -47.09 25.90 -11.94
C TYR E 35 -47.32 27.28 -11.32
N ASP E 36 -46.29 28.14 -11.43
CA ASP E 36 -46.41 29.52 -10.94
C ASP E 36 -47.16 30.38 -11.94
N LEU E 37 -48.48 30.16 -12.02
CA LEU E 37 -49.33 31.00 -12.87
C LEU E 37 -50.79 30.65 -12.58
N VAL E 38 -51.66 31.61 -12.88
CA VAL E 38 -53.10 31.34 -12.97
C VAL E 38 -53.36 31.05 -14.44
N PRO E 39 -54.01 29.92 -14.79
CA PRO E 39 -54.15 29.59 -16.22
C PRO E 39 -54.97 30.63 -16.98
N GLU E 40 -54.49 30.91 -18.19
CA GLU E 40 -55.19 31.84 -19.07
C GLU E 40 -56.63 31.39 -19.30
N PRO E 41 -57.55 32.32 -19.48
CA PRO E 41 -58.95 31.95 -19.83
C PRO E 41 -59.03 30.92 -20.94
N LYS E 42 -58.18 31.00 -21.97
CA LYS E 42 -58.34 30.05 -23.07
C LYS E 42 -58.03 28.63 -22.63
N ILE E 43 -57.15 28.46 -21.63
CA ILE E 43 -56.91 27.12 -21.10
C ILE E 43 -58.14 26.66 -20.32
N ILE E 44 -58.61 27.50 -19.41
CA ILE E 44 -59.77 27.15 -18.59
C ILE E 44 -60.97 26.81 -19.48
N ASP E 45 -61.20 27.62 -20.53
CA ASP E 45 -62.26 27.32 -21.51
C ASP E 45 -62.18 25.88 -22.03
N ALA E 46 -60.98 25.48 -22.50
CA ALA E 46 -60.81 24.13 -23.02
C ALA E 46 -61.08 23.07 -21.96
N ALA E 47 -60.57 23.31 -20.72
CA ALA E 47 -60.86 22.36 -19.63
C ALA E 47 -62.36 22.28 -19.32
N LEU E 48 -63.07 23.42 -19.28
CA LEU E 48 -64.51 23.37 -18.99
C LEU E 48 -65.26 22.58 -20.08
N ARG E 49 -64.86 22.75 -21.34
CA ARG E 49 -65.55 22.00 -22.40
C ARG E 49 -65.20 20.54 -22.35
N ALA E 50 -63.99 20.20 -21.89
CA ALA E 50 -63.69 18.80 -21.60
C ALA E 50 -64.62 18.26 -20.52
N CYS E 51 -64.83 19.04 -19.44
CA CYS E 51 -65.84 18.65 -18.44
C CYS E 51 -67.17 18.35 -19.10
N ARG E 52 -67.56 19.20 -20.04
CA ARG E 52 -68.87 18.99 -20.69
C ARG E 52 -68.88 17.69 -21.48
N ARG E 53 -67.83 17.42 -22.25
CA ARG E 53 -67.79 16.17 -23.01
C ARG E 53 -67.77 14.95 -22.09
N LEU E 54 -67.21 15.10 -20.87
CA LEU E 54 -67.19 14.04 -19.88
C LEU E 54 -68.43 14.03 -18.99
N ASN E 55 -69.43 14.90 -19.28
CA ASN E 55 -70.69 14.99 -18.50
C ASN E 55 -70.40 15.19 -17.02
N ASP E 56 -69.44 16.07 -16.70
CA ASP E 56 -69.04 16.26 -15.32
C ASP E 56 -69.19 17.73 -14.95
N PHE E 57 -70.38 18.08 -14.49
CA PHE E 57 -70.67 19.44 -14.07
C PHE E 57 -69.83 19.83 -12.85
N ALA E 58 -69.73 18.95 -11.88
CA ALA E 58 -69.04 19.33 -10.65
C ALA E 58 -67.59 19.70 -10.90
N SER E 59 -66.90 18.94 -11.76
CA SER E 59 -65.47 19.29 -11.96
C SER E 59 -65.33 20.65 -12.65
N ALA E 60 -66.30 21.04 -13.47
CA ALA E 60 -66.28 22.38 -14.05
C ALA E 60 -66.31 23.44 -12.95
N VAL E 61 -67.17 23.29 -11.95
CA VAL E 61 -67.22 24.25 -10.86
C VAL E 61 -65.90 24.27 -10.08
N ARG E 62 -65.35 23.08 -9.82
CA ARG E 62 -64.09 22.94 -9.06
C ARG E 62 -62.94 23.63 -9.78
N ILE E 63 -62.92 23.56 -11.11
CA ILE E 63 -61.89 24.24 -11.89
C ILE E 63 -61.97 25.75 -11.68
N LEU E 64 -63.19 26.31 -11.65
CA LEU E 64 -63.35 27.73 -11.38
C LEU E 64 -62.81 28.07 -9.98
N GLU E 65 -63.10 27.21 -8.99
CA GLU E 65 -62.54 27.41 -7.65
C GLU E 65 -61.01 27.42 -7.67
N VAL E 66 -60.41 26.52 -8.43
CA VAL E 66 -58.95 26.46 -8.32
C VAL E 66 -58.32 27.65 -9.04
N VAL E 67 -58.97 28.22 -10.06
CA VAL E 67 -58.51 29.49 -10.63
C VAL E 67 -58.45 30.58 -9.56
N LYS E 68 -59.54 30.73 -8.79
CA LYS E 68 -59.54 31.72 -7.74
C LYS E 68 -58.42 31.43 -6.73
N ASP E 69 -58.23 30.14 -6.41
CA ASP E 69 -57.23 29.80 -5.39
C ASP E 69 -55.81 30.12 -5.86
N LYS E 70 -55.51 29.83 -7.13
CA LYS E 70 -54.15 30.03 -7.63
C LYS E 70 -53.79 31.51 -7.66
N ALA E 71 -54.78 32.40 -7.66
CA ALA E 71 -54.47 33.84 -7.65
C ALA E 71 -54.00 34.35 -6.29
N GLY E 72 -54.21 33.58 -5.21
CA GLY E 72 -53.68 34.03 -3.93
C GLY E 72 -54.35 35.34 -3.55
N PRO E 73 -53.56 36.31 -3.11
CA PRO E 73 -54.09 37.59 -2.66
C PRO E 73 -54.41 38.54 -3.79
N HIS E 74 -54.13 38.14 -5.03
CA HIS E 74 -54.39 38.97 -6.21
C HIS E 74 -55.86 38.87 -6.58
N LYS E 75 -56.68 39.64 -5.86
CA LYS E 75 -58.13 39.52 -5.89
C LYS E 75 -58.70 39.95 -7.23
N GLU E 76 -57.91 40.65 -8.03
CA GLU E 76 -58.40 41.12 -9.32
C GLU E 76 -58.39 40.04 -10.40
N ILE E 77 -57.70 38.92 -10.19
CA ILE E 77 -57.53 37.95 -11.27
C ILE E 77 -58.81 37.16 -11.51
N TYR E 78 -59.36 36.55 -10.46
CA TYR E 78 -60.55 35.72 -10.67
C TYR E 78 -61.71 36.45 -11.33
N PRO E 79 -62.11 37.66 -10.90
CA PRO E 79 -63.23 38.33 -11.60
C PRO E 79 -62.93 38.57 -13.06
N TYR E 80 -61.67 38.86 -13.41
CA TYR E 80 -61.28 39.01 -14.81
C TYR E 80 -61.48 37.71 -15.56
N VAL E 81 -61.04 36.60 -14.98
CA VAL E 81 -61.16 35.31 -15.66
C VAL E 81 -62.63 34.93 -15.84
N ILE E 82 -63.46 35.13 -14.81
CA ILE E 82 -64.88 34.84 -14.95
C ILE E 82 -65.47 35.72 -16.05
N GLN E 83 -65.12 37.00 -16.06
CA GLN E 83 -65.59 37.88 -17.14
C GLN E 83 -65.28 37.29 -18.50
N GLU E 84 -64.01 36.92 -18.71
CA GLU E 84 -63.61 36.38 -20.00
C GLU E 84 -64.32 35.08 -20.33
N LEU E 85 -64.70 34.32 -19.32
CA LEU E 85 -65.38 33.05 -19.55
C LEU E 85 -66.91 33.11 -19.66
N ARG E 86 -67.54 34.25 -19.39
CA ARG E 86 -69.00 34.27 -19.32
C ARG E 86 -69.68 33.72 -20.57
N PRO E 87 -69.21 33.97 -21.79
CA PRO E 87 -69.90 33.33 -22.93
C PRO E 87 -69.87 31.81 -22.86
N THR E 88 -68.73 31.27 -22.41
CA THR E 88 -68.66 29.82 -22.26
C THR E 88 -69.56 29.37 -21.11
N LEU E 89 -69.53 30.10 -19.99
CA LEU E 89 -70.35 29.71 -18.84
C LEU E 89 -71.82 29.67 -19.28
N ASN E 90 -72.26 30.72 -19.98
CA ASN E 90 -73.64 30.78 -20.45
C ASN E 90 -73.96 29.67 -21.43
N GLU E 91 -73.08 29.50 -22.41
CA GLU E 91 -73.31 28.45 -23.41
C GLU E 91 -73.49 27.08 -22.78
N LEU E 92 -72.63 26.72 -21.81
CA LEU E 92 -72.61 25.38 -21.24
C LEU E 92 -73.46 25.28 -19.98
N GLY E 93 -74.02 26.40 -19.54
CA GLY E 93 -74.86 26.39 -18.35
C GLY E 93 -74.05 26.10 -17.10
N ILE E 94 -72.80 26.56 -17.04
CA ILE E 94 -71.97 26.34 -15.86
C ILE E 94 -72.25 27.50 -14.91
N SER E 95 -72.68 27.19 -13.69
CA SER E 95 -72.82 28.18 -12.65
C SER E 95 -71.47 28.38 -11.92
N THR E 96 -71.17 29.61 -11.53
CA THR E 96 -69.93 29.82 -10.79
C THR E 96 -70.09 29.32 -9.37
N PRO E 97 -68.96 29.09 -8.67
CA PRO E 97 -69.05 28.76 -7.23
C PRO E 97 -69.87 29.79 -6.46
N GLU E 98 -69.71 31.08 -6.79
CA GLU E 98 -70.47 32.12 -6.11
C GLU E 98 -71.96 31.98 -6.37
N GLU E 99 -72.36 31.72 -7.62
CA GLU E 99 -73.77 31.54 -7.93
C GLU E 99 -74.35 30.33 -7.21
N LEU E 100 -73.51 29.36 -6.86
CA LEU E 100 -73.96 28.16 -6.16
C LEU E 100 -73.81 28.30 -4.65
N GLY E 101 -73.30 29.41 -4.15
CA GLY E 101 -73.12 29.52 -2.72
C GLY E 101 -71.92 28.80 -2.16
N LEU E 102 -71.04 28.25 -3.03
CA LEU E 102 -69.94 27.42 -2.57
C LEU E 102 -68.72 28.24 -2.15
N ASP E 103 -68.82 29.56 -2.20
CA ASP E 103 -67.80 30.42 -1.63
C ASP E 103 -68.05 30.76 -0.15
N LYS E 104 -69.11 30.26 0.47
CA LYS E 104 -69.37 30.51 1.88
C LYS E 104 -68.63 29.48 2.71
N VAL E 105 -68.02 29.93 3.81
CA VAL E 105 -67.12 29.11 4.63
C VAL E 105 -67.91 28.11 5.41
N ALA F 1 -1.93 -34.65 -6.72
CA ALA F 1 -2.42 -33.43 -7.36
C ALA F 1 -3.80 -33.57 -8.10
N SER F 2 -4.92 -33.66 -7.35
CA SER F 2 -6.30 -33.35 -7.76
C SER F 2 -7.35 -34.45 -7.70
N GLY F 3 -7.69 -34.92 -6.50
CA GLY F 3 -8.91 -35.67 -6.32
C GLY F 3 -10.10 -34.72 -6.35
N GLY F 4 -11.24 -35.28 -5.99
CA GLY F 4 -12.47 -34.51 -5.91
C GLY F 4 -12.91 -34.48 -4.46
N GLY F 5 -14.19 -34.75 -4.19
CA GLY F 5 -14.65 -34.85 -2.82
C GLY F 5 -15.39 -33.63 -2.29
N VAL F 6 -15.47 -32.56 -3.08
CA VAL F 6 -16.16 -31.34 -2.67
C VAL F 6 -17.50 -31.32 -3.39
N PRO F 7 -18.62 -31.20 -2.67
CA PRO F 7 -19.93 -31.21 -3.33
C PRO F 7 -20.11 -29.97 -4.18
N THR F 8 -20.95 -30.07 -5.22
CA THR F 8 -21.27 -28.89 -6.01
C THR F 8 -22.60 -28.33 -5.49
N ASP F 9 -22.90 -27.09 -5.91
CA ASP F 9 -24.23 -26.52 -5.65
C ASP F 9 -25.32 -27.37 -6.29
N GLU F 10 -25.07 -27.86 -7.50
CA GLU F 10 -26.09 -28.68 -8.14
C GLU F 10 -26.43 -29.87 -7.26
N GLU F 11 -25.42 -30.43 -6.60
CA GLU F 11 -25.62 -31.59 -5.74
C GLU F 11 -26.26 -31.24 -4.42
N GLN F 12 -25.90 -30.09 -3.85
CA GLN F 12 -26.14 -29.92 -2.43
C GLN F 12 -26.86 -28.62 -2.08
N ALA F 13 -26.98 -27.67 -2.98
CA ALA F 13 -27.81 -26.51 -2.64
C ALA F 13 -29.23 -26.94 -2.34
N THR F 14 -29.85 -26.26 -1.39
CA THR F 14 -31.20 -26.63 -0.95
C THR F 14 -32.07 -25.40 -0.73
N GLY F 15 -33.35 -25.64 -0.41
CA GLY F 15 -34.16 -24.52 0.05
C GLY F 15 -34.27 -23.43 -0.98
N LEU F 16 -34.34 -22.17 -0.50
CA LEU F 16 -34.55 -21.06 -1.42
C LEU F 16 -33.35 -20.86 -2.33
N GLU F 17 -32.14 -21.12 -1.81
CA GLU F 17 -30.94 -21.00 -2.65
C GLU F 17 -31.07 -21.88 -3.88
N ARG F 18 -31.55 -23.11 -3.68
CA ARG F 18 -31.70 -24.03 -4.79
C ARG F 18 -32.82 -23.56 -5.73
N GLU F 19 -33.94 -23.05 -5.19
CA GLU F 19 -35.00 -22.55 -6.07
C GLU F 19 -34.47 -21.44 -6.96
N VAL F 20 -33.71 -20.49 -6.37
CA VAL F 20 -33.18 -19.39 -7.18
C VAL F 20 -32.25 -19.93 -8.25
N MET F 21 -31.44 -20.93 -7.89
N MET F 21 -31.40 -20.89 -7.88
CA MET F 21 -30.44 -21.43 -8.83
CA MET F 21 -30.45 -21.44 -8.83
C MET F 21 -31.12 -22.14 -9.99
C MET F 21 -31.19 -22.08 -9.99
N LEU F 22 -32.15 -22.93 -9.68
CA LEU F 22 -32.84 -23.67 -10.74
C LEU F 22 -33.63 -22.73 -11.64
N ALA F 23 -34.28 -21.73 -11.05
CA ALA F 23 -35.06 -20.80 -11.87
C ALA F 23 -34.16 -20.00 -12.79
N ALA F 24 -32.98 -19.60 -12.30
CA ALA F 24 -32.07 -18.82 -13.10
C ALA F 24 -31.63 -19.61 -14.32
N ARG F 25 -31.41 -20.91 -14.17
CA ARG F 25 -31.05 -21.74 -15.32
C ARG F 25 -32.11 -21.70 -16.38
N LYS F 26 -33.36 -21.57 -15.97
CA LYS F 26 -34.47 -21.48 -16.90
C LYS F 26 -34.72 -20.05 -17.36
N GLY F 27 -33.85 -19.12 -16.98
CA GLY F 27 -34.11 -17.72 -17.26
C GLY F 27 -35.30 -17.12 -16.55
N GLN F 28 -35.72 -17.68 -15.42
CA GLN F 28 -36.85 -17.14 -14.69
C GLN F 28 -36.37 -16.44 -13.42
N ASP F 29 -37.19 -15.50 -12.93
CA ASP F 29 -36.83 -14.67 -11.78
C ASP F 29 -37.98 -14.59 -10.76
N PRO F 30 -38.41 -15.74 -10.23
CA PRO F 30 -39.52 -15.75 -9.27
C PRO F 30 -39.25 -14.98 -7.99
N TYR F 31 -37.99 -14.76 -7.63
CA TYR F 31 -37.68 -14.05 -6.39
C TYR F 31 -37.11 -12.68 -6.67
N ASN F 32 -37.40 -12.12 -7.84
CA ASN F 32 -37.25 -10.66 -8.03
C ASN F 32 -35.83 -10.17 -7.84
N ILE F 33 -34.86 -10.93 -8.33
CA ILE F 33 -33.46 -10.52 -8.22
C ILE F 33 -33.10 -9.49 -9.28
N LEU F 34 -33.78 -9.53 -10.41
CA LEU F 34 -33.50 -8.64 -11.53
C LEU F 34 -34.52 -7.50 -11.60
N ALA F 35 -34.05 -6.38 -12.12
CA ALA F 35 -34.97 -5.29 -12.47
C ALA F 35 -35.73 -5.61 -13.75
N PRO F 36 -37.05 -5.53 -13.75
CA PRO F 36 -37.81 -5.72 -14.99
C PRO F 36 -37.54 -4.61 -15.99
N LYS F 37 -37.57 -4.96 -17.26
CA LYS F 37 -37.32 -3.98 -18.31
C LYS F 37 -38.66 -3.43 -18.79
N ALA F 38 -38.74 -2.12 -18.99
CA ALA F 38 -40.02 -1.53 -19.27
C ALA F 38 -40.45 -1.86 -20.70
N THR F 39 -41.75 -1.83 -20.90
CA THR F 39 -42.34 -1.84 -22.23
C THR F 39 -42.45 -0.38 -22.68
N SER F 40 -43.13 -0.12 -23.80
CA SER F 40 -43.39 1.27 -24.14
C SER F 40 -44.41 1.92 -23.17
N GLY F 41 -45.13 1.13 -22.38
CA GLY F 41 -46.04 1.67 -21.38
C GLY F 41 -47.31 2.32 -21.90
N THR F 42 -47.68 2.11 -23.17
CA THR F 42 -48.95 2.61 -23.65
C THR F 42 -50.09 1.76 -23.10
N LYS F 43 -51.34 2.22 -23.32
CA LYS F 43 -52.45 1.37 -22.91
C LYS F 43 -52.49 0.08 -23.73
N GLU F 44 -51.98 0.12 -24.96
CA GLU F 44 -51.87 -1.09 -25.78
C GLU F 44 -50.75 -2.01 -25.32
N ASP F 45 -49.70 -1.45 -24.72
CA ASP F 45 -48.47 -2.17 -24.42
C ASP F 45 -48.07 -1.86 -22.97
N PRO F 46 -48.93 -2.19 -22.01
CA PRO F 46 -48.64 -1.79 -20.61
C PRO F 46 -47.49 -2.60 -20.05
N ASN F 47 -46.82 -2.01 -19.05
CA ASN F 47 -45.85 -2.81 -18.31
C ASN F 47 -46.60 -3.88 -17.57
N LEU F 48 -46.10 -5.13 -17.64
CA LEU F 48 -46.80 -6.26 -17.05
C LEU F 48 -46.15 -6.62 -15.71
N VAL F 49 -46.95 -6.60 -14.65
CA VAL F 49 -46.40 -6.59 -13.30
C VAL F 49 -46.84 -7.90 -12.65
N PRO F 50 -45.95 -8.88 -12.55
CA PRO F 50 -46.32 -10.15 -11.93
C PRO F 50 -46.66 -9.96 -10.45
N SER F 51 -47.58 -10.77 -9.96
CA SER F 51 -47.82 -10.74 -8.52
C SER F 51 -48.33 -12.09 -8.09
N ILE F 52 -48.04 -12.46 -6.84
CA ILE F 52 -48.69 -13.61 -6.24
C ILE F 52 -49.95 -13.26 -5.48
N THR F 53 -50.38 -12.01 -5.49
CA THR F 53 -51.65 -11.61 -4.90
C THR F 53 -52.34 -10.69 -5.92
N ASN F 54 -53.37 -9.99 -5.46
CA ASN F 54 -54.15 -9.12 -6.34
C ASN F 54 -53.80 -7.65 -6.22
N LYS F 55 -52.67 -7.33 -5.58
CA LYS F 55 -52.16 -5.98 -5.70
C LYS F 55 -50.67 -6.01 -5.39
N ARG F 56 -49.93 -5.07 -5.98
CA ARG F 56 -48.49 -4.96 -5.74
C ARG F 56 -48.11 -3.51 -5.82
N ILE F 57 -47.09 -3.08 -5.02
CA ILE F 57 -46.66 -1.69 -5.13
C ILE F 57 -45.73 -1.54 -6.32
N VAL F 58 -46.00 -0.54 -7.16
CA VAL F 58 -45.13 -0.10 -8.24
C VAL F 58 -44.40 1.14 -7.76
N GLY F 59 -43.12 1.22 -8.11
CA GLY F 59 -42.38 2.48 -8.07
C GLY F 59 -42.03 2.85 -9.50
N CYS F 60 -42.36 4.09 -9.88
CA CYS F 60 -42.11 4.54 -11.24
C CYS F 60 -41.05 5.63 -11.23
N ILE F 61 -39.92 5.34 -11.88
CA ILE F 61 -38.87 6.34 -12.13
C ILE F 61 -39.23 6.95 -13.48
N CYS F 62 -39.95 8.07 -13.46
CA CYS F 62 -40.68 8.47 -14.68
C CYS F 62 -39.74 8.79 -15.83
N GLU F 63 -38.62 9.42 -15.51
CA GLU F 63 -37.60 9.76 -16.47
C GLU F 63 -36.27 9.29 -15.92
N GLU F 64 -35.39 8.98 -16.84
CA GLU F 64 -34.11 8.44 -16.48
C GLU F 64 -33.43 9.41 -15.56
N ASP F 65 -32.91 8.88 -14.51
CA ASP F 65 -32.13 9.71 -13.58
C ASP F 65 -32.99 10.59 -12.68
N ASN F 66 -34.32 10.59 -12.79
CA ASN F 66 -35.10 11.20 -11.70
C ASN F 66 -34.64 10.62 -10.39
N SER F 67 -34.47 11.50 -9.38
CA SER F 67 -34.22 10.96 -8.05
C SER F 67 -35.52 10.62 -7.31
N THR F 68 -36.63 11.23 -7.69
CA THR F 68 -37.92 10.99 -7.06
C THR F 68 -38.60 9.78 -7.67
N VAL F 69 -38.94 8.79 -6.84
CA VAL F 69 -39.67 7.61 -7.33
C VAL F 69 -41.13 7.82 -6.94
N ILE F 70 -42.06 7.45 -7.82
CA ILE F 70 -43.49 7.65 -7.60
C ILE F 70 -44.07 6.27 -7.29
N TRP F 71 -44.65 6.12 -6.09
CA TRP F 71 -45.11 4.82 -5.55
C TRP F 71 -46.62 4.71 -5.50
N PHE F 72 -47.15 3.57 -5.96
CA PHE F 72 -48.61 3.39 -5.83
C PHE F 72 -48.92 1.92 -5.88
N TRP F 73 -50.07 1.55 -5.30
CA TRP F 73 -50.59 0.18 -5.44
C TRP F 73 -51.19 -0.06 -6.81
N LEU F 74 -50.73 -1.13 -7.46
CA LEU F 74 -51.37 -1.62 -8.67
C LEU F 74 -52.27 -2.78 -8.31
N HIS F 75 -53.55 -2.68 -8.75
CA HIS F 75 -54.53 -3.70 -8.41
C HIS F 75 -54.87 -4.54 -9.65
N LYS F 76 -55.23 -5.79 -9.40
CA LYS F 76 -55.83 -6.63 -10.45
C LYS F 76 -56.97 -5.91 -11.15
N GLY F 77 -57.01 -6.01 -12.48
CA GLY F 77 -58.07 -5.38 -13.27
C GLY F 77 -57.49 -4.53 -14.39
N GLU F 78 -58.23 -3.46 -14.69
CA GLU F 78 -57.86 -2.59 -15.80
C GLU F 78 -56.50 -1.97 -15.50
N ALA F 79 -55.69 -1.75 -16.54
CA ALA F 79 -54.39 -1.09 -16.29
C ALA F 79 -54.57 0.24 -15.61
N GLN F 80 -53.58 0.60 -14.78
CA GLN F 80 -53.56 1.88 -14.11
C GLN F 80 -52.38 2.67 -14.64
N ARG F 81 -52.39 3.98 -14.39
CA ARG F 81 -51.36 4.88 -14.89
C ARG F 81 -50.56 5.50 -13.75
N CYS F 82 -49.25 5.64 -13.97
CA CYS F 82 -48.45 6.40 -12.99
C CYS F 82 -49.07 7.79 -12.81
N PRO F 83 -49.30 8.25 -11.59
CA PRO F 83 -49.92 9.57 -11.38
C PRO F 83 -49.05 10.72 -11.79
N SER F 84 -47.75 10.50 -12.01
CA SER F 84 -46.86 11.56 -12.45
C SER F 84 -46.69 11.58 -13.96
N CYS F 85 -46.39 10.42 -14.56
CA CYS F 85 -46.06 10.42 -15.99
C CYS F 85 -47.13 9.74 -16.86
N GLY F 86 -48.11 9.09 -16.24
CA GLY F 86 -49.16 8.40 -17.01
C GLY F 86 -48.76 7.08 -17.63
N THR F 87 -47.53 6.60 -17.49
CA THR F 87 -47.20 5.35 -18.16
C THR F 87 -47.99 4.21 -17.51
N HIS F 88 -48.36 3.24 -18.34
CA HIS F 88 -49.36 2.26 -17.94
C HIS F 88 -48.73 1.00 -17.38
N TYR F 89 -49.42 0.42 -16.39
CA TYR F 89 -49.03 -0.82 -15.72
C TYR F 89 -50.26 -1.70 -15.56
N LYS F 90 -50.09 -3.01 -15.76
CA LYS F 90 -51.18 -3.96 -15.57
C LYS F 90 -50.71 -5.13 -14.74
N LEU F 91 -51.52 -5.50 -13.74
CA LEU F 91 -51.13 -6.60 -12.87
C LEU F 91 -51.38 -7.94 -13.56
N VAL F 92 -50.45 -8.87 -13.37
CA VAL F 92 -50.63 -10.22 -13.94
C VAL F 92 -50.51 -11.15 -12.74
N PRO F 93 -51.57 -11.40 -11.98
CA PRO F 93 -51.46 -12.33 -10.86
C PRO F 93 -51.23 -13.77 -11.34
N HIS F 94 -50.58 -14.56 -10.47
CA HIS F 94 -50.30 -16.01 -10.76
C HIS F 94 -50.10 -16.87 -9.48
N ALA G 1 7.39 -4.38 -8.11
CA ALA G 1 8.17 -5.57 -8.49
C ALA G 1 7.29 -6.66 -9.11
N SER G 2 7.90 -7.50 -9.97
CA SER G 2 7.37 -8.78 -10.44
C SER G 2 7.92 -9.95 -9.60
N ALA G 3 8.57 -9.62 -8.46
CA ALA G 3 9.27 -10.49 -7.51
C ALA G 3 10.63 -10.97 -8.04
N ALA G 4 10.63 -12.08 -8.79
CA ALA G 4 11.75 -12.68 -9.53
C ALA G 4 11.36 -14.10 -9.96
N LYS G 5 10.14 -14.52 -9.59
CA LYS G 5 9.60 -15.83 -9.93
C LYS G 5 9.01 -15.77 -11.36
N GLY G 6 7.71 -16.07 -11.56
CA GLY G 6 6.97 -15.74 -12.79
C GLY G 6 6.20 -16.78 -13.59
N ASP G 7 5.07 -17.34 -13.09
CA ASP G 7 4.33 -18.45 -13.75
C ASP G 7 3.13 -18.00 -14.61
N HIS G 8 2.16 -17.28 -14.02
CA HIS G 8 0.81 -16.97 -14.53
C HIS G 8 0.39 -17.50 -15.91
N GLY G 9 0.59 -18.78 -16.21
CA GLY G 9 0.00 -19.34 -17.42
C GLY G 9 -1.43 -19.80 -17.18
N GLY G 10 -2.16 -19.02 -16.37
CA GLY G 10 -3.35 -19.45 -15.67
C GLY G 10 -3.10 -19.59 -14.17
N TPO G 11 -4.09 -19.29 -13.33
CA TPO G 11 -3.86 -19.41 -11.88
CB TPO G 11 -4.16 -18.06 -11.18
CG2 TPO G 11 -5.53 -17.90 -10.52
OG1 TPO G 11 -3.16 -17.84 -10.18
P TPO G 11 -1.59 -18.14 -10.42
O1P TPO G 11 -0.94 -18.19 -8.99
O2P TPO G 11 -1.23 -19.51 -11.18
O3P TPO G 11 -0.89 -16.98 -11.24
C TPO G 11 -4.60 -20.58 -11.30
O TPO G 11 -5.64 -20.99 -11.80
N GLY G 12 -3.99 -21.17 -10.26
CA GLY G 12 -4.58 -22.28 -9.56
C GLY G 12 -3.99 -22.81 -8.27
N ALA G 13 -4.67 -23.88 -7.85
CA ALA G 13 -4.27 -24.56 -6.61
C ALA G 13 -2.85 -25.11 -6.73
N ARG G 14 -2.53 -25.67 -7.90
CA ARG G 14 -1.19 -26.23 -8.09
C ARG G 14 -0.12 -25.16 -7.92
N THR G 15 -0.33 -23.94 -8.45
CA THR G 15 0.68 -22.90 -8.28
C THR G 15 0.79 -22.48 -6.82
N TRP G 16 -0.34 -22.32 -6.14
CA TRP G 16 -0.25 -21.89 -4.74
C TRP G 16 0.32 -22.98 -3.85
N ARG G 17 0.10 -24.28 -4.17
CA ARG G 17 0.81 -25.32 -3.41
C ARG G 17 2.31 -25.23 -3.69
N PHE G 18 2.66 -25.01 -4.95
CA PHE G 18 4.07 -24.83 -5.32
C PHE G 18 4.71 -23.69 -4.51
N LEU G 19 4.00 -22.55 -4.40
CA LEU G 19 4.55 -21.44 -3.62
C LEU G 19 4.60 -21.80 -2.14
N THR G 20 3.61 -22.57 -1.64
CA THR G 20 3.59 -22.94 -0.22
C THR G 20 4.81 -23.78 0.14
N PHE G 21 5.06 -24.83 -0.63
CA PHE G 21 6.14 -25.76 -0.32
C PHE G 21 7.48 -25.32 -0.87
N GLY G 22 7.49 -24.47 -1.92
CA GLY G 22 8.74 -24.13 -2.62
C GLY G 22 9.37 -22.82 -2.15
N LEU G 23 8.54 -21.95 -1.59
CA LEU G 23 9.04 -20.63 -1.15
C LEU G 23 8.65 -20.39 0.30
N ALA G 24 7.37 -20.57 0.65
CA ALA G 24 6.89 -20.06 1.95
C ALA G 24 7.43 -20.91 3.09
N LEU G 25 7.23 -22.24 3.03
CA LEU G 25 7.73 -23.06 4.13
C LEU G 25 9.26 -23.14 4.16
N PRO G 26 9.97 -23.13 3.02
CA PRO G 26 11.43 -23.00 3.11
C PRO G 26 11.86 -21.75 3.84
N SER G 27 11.15 -20.63 3.61
CA SER G 27 11.47 -19.39 4.32
C SER G 27 11.29 -19.53 5.80
N VAL G 28 10.20 -20.19 6.22
CA VAL G 28 9.97 -20.44 7.64
C VAL G 28 11.08 -21.30 8.20
N ALA G 29 11.47 -22.33 7.44
CA ALA G 29 12.55 -23.20 7.93
C ALA G 29 13.85 -22.43 8.09
N LEU G 30 14.19 -21.55 7.14
CA LEU G 30 15.41 -20.76 7.27
C LEU G 30 15.32 -19.80 8.44
N CYS G 31 14.18 -19.15 8.63
CA CYS G 31 14.09 -18.23 9.76
C CYS G 31 14.10 -19.00 11.06
N THR G 32 13.58 -20.23 11.05
CA THR G 32 13.58 -21.07 12.25
C THR G 32 15.00 -21.45 12.63
N LEU G 33 15.83 -21.79 11.62
CA LEU G 33 17.26 -22.02 11.86
C LEU G 33 17.95 -20.75 12.35
N ASN G 34 17.77 -19.64 11.62
CA ASN G 34 18.36 -18.39 12.08
C ASN G 34 18.03 -18.14 13.55
N SER G 35 16.75 -18.28 13.93
CA SER G 35 16.34 -18.01 15.31
C SER G 35 16.95 -19.01 16.29
N TRP G 36 17.05 -20.28 15.90
CA TRP G 36 17.60 -21.25 16.85
C TRP G 36 19.11 -21.09 16.99
N LEU G 37 19.76 -20.39 16.07
CA LEU G 37 21.19 -20.13 16.21
C LEU G 37 21.50 -18.94 17.09
N HIS G 38 20.54 -18.05 17.31
CA HIS G 38 20.75 -16.86 18.12
C HIS G 38 19.84 -16.87 19.35
N SER G 39 19.32 -18.04 19.70
CA SER G 39 18.69 -18.23 20.98
C SER G 39 19.77 -18.49 22.03
N GLY G 40 19.37 -18.57 23.29
CA GLY G 40 20.36 -18.59 24.35
C GLY G 40 20.33 -17.27 25.09
N HIS G 41 20.34 -17.34 26.41
CA HIS G 41 20.01 -16.21 27.25
C HIS G 41 21.03 -15.07 27.09
N ARG G 42 20.51 -13.87 26.84
CA ARG G 42 21.30 -12.67 27.03
C ARG G 42 21.53 -12.44 28.52
N GLU G 43 22.75 -12.01 28.88
CA GLU G 43 23.04 -11.67 30.26
C GLU G 43 22.25 -10.43 30.68
N ARG G 44 21.52 -10.56 31.79
CA ARG G 44 20.66 -9.47 32.23
C ARG G 44 21.47 -8.28 32.72
N PRO G 45 21.00 -7.06 32.48
CA PRO G 45 21.77 -5.86 32.82
C PRO G 45 21.61 -5.48 34.28
N ALA G 46 22.58 -4.68 34.75
CA ALA G 46 22.50 -4.13 36.08
C ALA G 46 21.09 -3.58 36.30
N PHE G 47 20.55 -3.81 37.49
CA PHE G 47 19.27 -3.22 37.83
C PHE G 47 19.50 -1.77 38.22
N ILE G 48 18.68 -0.89 37.64
CA ILE G 48 18.68 0.53 37.98
C ILE G 48 17.21 0.88 38.20
N PRO G 49 16.82 1.41 39.38
CA PRO G 49 15.39 1.66 39.69
C PRO G 49 14.86 2.94 39.03
N TYR G 50 15.00 2.98 37.70
CA TYR G 50 14.39 4.05 36.90
C TYR G 50 12.90 4.25 37.22
N HIS G 51 12.49 5.51 37.32
CA HIS G 51 11.15 5.82 37.76
C HIS G 51 10.14 5.75 36.62
N HIS G 52 10.63 5.69 35.39
CA HIS G 52 9.70 5.52 34.24
C HIS G 52 9.45 4.05 33.91
N LEU G 53 10.05 3.13 34.65
CA LEU G 53 9.92 1.68 34.47
C LEU G 53 9.35 1.05 35.73
N ARG G 54 8.93 -0.21 35.61
CA ARG G 54 8.36 -0.92 36.77
C ARG G 54 7.25 -0.10 37.44
N ILE G 55 6.38 0.47 36.59
CA ILE G 55 5.33 1.36 37.10
C ILE G 55 4.36 0.60 37.98
N ARG G 56 4.00 1.22 39.12
CA ARG G 56 2.97 0.67 40.00
C ARG G 56 2.14 1.85 40.46
N THR G 57 1.01 2.08 39.80
CA THR G 57 0.06 3.03 40.32
C THR G 57 -1.14 2.34 40.96
N LYS G 58 -1.33 1.04 40.73
CA LYS G 58 -2.37 0.27 41.38
C LYS G 58 -1.86 -1.17 41.39
N PRO G 59 -2.07 -1.95 42.45
CA PRO G 59 -1.60 -3.34 42.43
C PRO G 59 -2.29 -4.09 41.30
N PHE G 60 -1.53 -5.00 40.68
CA PHE G 60 -2.13 -5.93 39.73
C PHE G 60 -3.16 -6.82 40.42
N SER G 61 -4.19 -7.18 39.65
CA SER G 61 -5.33 -7.94 40.15
C SER G 61 -5.02 -9.42 40.30
N TRP G 62 -3.77 -9.81 40.47
CA TRP G 62 -3.43 -11.21 40.64
C TRP G 62 -2.17 -11.30 41.50
N GLY G 63 -1.84 -12.51 41.92
CA GLY G 63 -0.61 -12.71 42.69
C GLY G 63 -0.57 -11.79 43.89
N ASP G 64 0.62 -11.30 44.20
CA ASP G 64 0.81 -10.38 45.30
C ASP G 64 0.61 -8.93 44.91
N GLY G 65 0.09 -8.68 43.70
CA GLY G 65 -0.12 -7.34 43.25
C GLY G 65 1.07 -6.69 42.62
N ASN G 66 2.28 -7.30 42.69
CA ASN G 66 3.51 -6.62 42.34
C ASN G 66 4.23 -7.34 41.21
N HIS G 67 3.64 -8.41 40.66
CA HIS G 67 4.27 -9.20 39.62
C HIS G 67 3.48 -9.06 38.31
N THR G 68 4.20 -8.80 37.22
CA THR G 68 3.44 -8.68 35.96
C THR G 68 2.93 -10.05 35.54
N PHE G 69 2.03 -10.06 34.55
CA PHE G 69 1.28 -11.27 34.27
C PHE G 69 2.14 -12.39 33.75
N PHE G 70 3.16 -12.09 32.98
N PHE G 70 3.13 -12.06 32.90
CA PHE G 70 4.03 -13.16 32.52
CA PHE G 70 4.13 -12.98 32.32
C PHE G 70 5.45 -12.83 33.00
C PHE G 70 5.50 -12.77 32.98
N HIS G 71 5.50 -12.46 34.28
CA HIS G 71 6.74 -12.24 35.01
C HIS G 71 7.72 -13.39 34.83
N ASN G 72 8.94 -13.03 34.48
CA ASN G 72 10.04 -13.97 34.32
C ASN G 72 11.12 -13.59 35.30
N PRO G 73 11.30 -14.36 36.36
CA PRO G 73 12.24 -13.95 37.41
C PRO G 73 13.65 -13.71 36.89
N ARG G 74 14.02 -14.38 35.80
N ARG G 74 14.02 -14.38 35.81
CA ARG G 74 15.37 -14.23 35.28
CA ARG G 74 15.36 -14.22 35.28
C ARG G 74 15.64 -12.84 34.70
C ARG G 74 15.62 -12.81 34.77
N VAL G 75 14.64 -12.20 34.09
CA VAL G 75 14.91 -10.97 33.34
C VAL G 75 14.00 -9.80 33.73
N ASN G 76 13.00 -10.03 34.58
CA ASN G 76 12.06 -8.97 34.96
C ASN G 76 12.29 -8.61 36.42
N PRO G 77 13.00 -7.54 36.71
CA PRO G 77 13.13 -7.11 38.10
C PRO G 77 11.82 -6.54 38.60
N LEU G 78 11.62 -6.65 39.92
CA LEU G 78 10.56 -5.93 40.62
C LEU G 78 10.99 -4.48 40.84
N PRO G 79 10.08 -3.62 41.31
CA PRO G 79 10.51 -2.25 41.60
C PRO G 79 11.72 -2.18 42.51
N THR G 80 11.89 -3.20 43.36
CA THR G 80 13.04 -3.26 44.28
C THR G 80 14.24 -4.05 43.76
N GLY G 81 14.19 -4.55 42.54
CA GLY G 81 15.30 -5.22 41.90
C GLY G 81 14.99 -6.65 41.56
N TYR G 82 16.00 -7.37 41.11
CA TYR G 82 15.76 -8.76 40.75
C TYR G 82 15.45 -9.60 41.97
N GLU G 83 14.62 -10.61 41.75
CA GLU G 83 14.28 -11.60 42.77
C GLU G 83 15.40 -12.58 43.03
N LYS G 84 15.35 -13.15 44.23
CA LYS G 84 16.48 -13.77 44.89
C LYS G 84 16.76 -15.18 44.38
N LYS H 1 29.68 38.72 31.14
CA LYS H 1 30.18 38.11 29.91
C LYS H 1 29.08 38.10 28.83
N ILE H 2 28.12 39.02 29.05
CA ILE H 2 26.73 39.08 28.58
C ILE H 2 25.90 38.79 29.84
N LYS H 3 26.18 39.56 30.88
CA LYS H 3 25.29 39.68 32.02
C LYS H 3 24.34 40.85 31.75
N ASN H 4 23.74 41.38 32.80
CA ASN H 4 22.46 42.06 32.68
C ASN H 4 21.38 41.10 32.15
N TYR H 5 21.62 39.79 32.30
CA TYR H 5 20.58 38.79 32.08
C TYR H 5 19.31 39.23 32.77
N GLN H 6 18.22 39.32 32.01
CA GLN H 6 16.92 39.55 32.61
C GLN H 6 16.17 38.21 32.66
N THR H 7 15.85 37.67 31.51
CA THR H 7 15.24 36.33 31.49
C THR H 7 15.78 35.58 30.29
N ALA H 8 15.30 34.34 30.13
CA ALA H 8 15.78 33.51 29.04
C ALA H 8 15.30 34.08 27.72
N PRO H 9 16.17 34.27 26.75
CA PRO H 9 15.73 34.82 25.46
C PRO H 9 15.00 33.81 24.59
N PHE H 10 14.22 34.32 23.63
CA PHE H 10 13.68 33.48 22.57
C PHE H 10 14.77 32.58 21.99
N ASP H 11 14.42 31.35 21.72
CA ASP H 11 15.39 30.38 21.21
C ASP H 11 14.72 29.70 20.03
N SER H 12 15.24 29.94 18.83
CA SER H 12 14.63 29.43 17.62
C SER H 12 14.52 27.91 17.62
N ARG H 13 15.32 27.20 18.41
CA ARG H 13 15.13 25.75 18.47
C ARG H 13 13.81 25.37 19.11
N PHE H 14 13.23 26.27 19.90
CA PHE H 14 12.01 25.99 20.66
C PHE H 14 11.03 27.16 20.47
N PRO H 15 10.43 27.27 19.28
CA PRO H 15 9.60 28.44 18.96
C PRO H 15 8.12 28.28 19.32
N ASN H 16 7.73 27.15 19.89
CA ASN H 16 6.29 26.86 20.00
C ASN H 16 5.81 26.93 21.43
N GLN H 17 4.51 26.72 21.60
CA GLN H 17 3.98 26.92 22.94
C GLN H 17 4.55 25.90 23.92
N ASN H 18 4.86 24.69 23.45
CA ASN H 18 5.39 23.67 24.34
C ASN H 18 6.88 23.91 24.59
N GLN H 19 7.22 24.37 25.81
CA GLN H 19 8.60 24.71 26.13
C GLN H 19 9.28 23.65 26.97
N THR H 20 8.68 22.45 27.09
CA THR H 20 9.27 21.39 27.92
C THR H 20 10.71 21.09 27.53
N ARG H 21 10.96 20.96 26.22
CA ARG H 21 12.30 20.55 25.80
C ARG H 21 13.35 21.65 26.01
N ASN H 22 12.92 22.92 25.94
CA ASN H 22 13.81 24.05 26.26
C ASN H 22 14.33 23.95 27.69
N CYS H 23 13.43 23.75 28.66
CA CYS H 23 13.84 23.53 30.04
C CYS H 23 14.77 22.33 30.12
N TRP H 24 14.37 21.22 29.46
CA TRP H 24 15.13 19.99 29.58
C TRP H 24 16.53 20.16 29.00
N GLN H 25 16.62 20.78 27.84
CA GLN H 25 17.90 20.86 27.14
C GLN H 25 18.86 21.71 27.93
N ASN H 26 18.37 22.81 28.44
CA ASN H 26 19.30 23.67 29.19
C ASN H 26 19.72 23.05 30.52
N TYR H 27 18.84 22.27 31.15
CA TYR H 27 19.23 21.53 32.34
C TYR H 27 20.33 20.52 32.01
N LEU H 28 20.16 19.80 30.91
CA LEU H 28 21.19 18.86 30.50
C LEU H 28 22.48 19.60 30.19
N ASP H 29 22.37 20.66 29.40
CA ASP H 29 23.58 21.37 28.99
C ASP H 29 24.35 21.87 30.19
N PHE H 30 23.65 22.46 31.16
CA PHE H 30 24.34 22.95 32.34
C PHE H 30 25.09 21.83 33.04
N HIS H 31 24.44 20.69 33.24
CA HIS H 31 25.07 19.62 34.02
C HIS H 31 26.14 18.89 33.22
N ARG H 32 25.96 18.81 31.90
CA ARG H 32 27.04 18.29 31.06
C ARG H 32 28.27 19.18 31.16
N CYS H 33 28.05 20.50 31.06
CA CYS H 33 29.14 21.48 31.17
C CYS H 33 29.78 21.44 32.54
N GLU H 34 28.97 21.38 33.58
CA GLU H 34 29.55 21.31 34.90
C GLU H 34 30.33 20.02 35.08
N LYS H 35 29.92 18.91 34.44
CA LYS H 35 30.73 17.69 34.50
C LYS H 35 32.06 17.89 33.79
N ALA H 36 32.03 18.34 32.54
CA ALA H 36 33.27 18.53 31.81
C ALA H 36 34.21 19.50 32.51
N MET H 37 33.68 20.51 33.23
CA MET H 37 34.57 21.46 33.88
C MET H 37 35.12 20.96 35.21
N THR H 38 34.26 20.42 36.09
CA THR H 38 34.78 19.91 37.36
C THR H 38 35.82 18.84 37.12
N ALA H 39 35.58 18.00 36.11
CA ALA H 39 36.52 16.98 35.71
C ALA H 39 37.83 17.63 35.30
N LYS H 40 37.87 18.17 34.07
CA LYS H 40 39.10 18.62 33.45
C LYS H 40 39.79 19.72 34.27
N GLY H 41 39.30 19.94 35.49
CA GLY H 41 39.89 20.84 36.46
C GLY H 41 39.43 22.29 36.37
N GLY H 42 38.74 22.66 35.29
CA GLY H 42 38.34 24.03 35.01
C GLY H 42 37.32 24.67 35.93
N ASP H 43 36.58 25.66 35.41
CA ASP H 43 35.67 26.50 36.18
C ASP H 43 34.23 26.36 35.73
N VAL H 44 33.35 25.97 36.65
CA VAL H 44 31.93 25.85 36.33
C VAL H 44 31.35 27.17 35.85
N SER H 45 32.05 28.27 36.07
CA SER H 45 31.55 29.59 35.69
C SER H 45 31.25 29.67 34.22
N VAL H 46 31.92 28.88 33.38
CA VAL H 46 31.59 28.95 31.95
C VAL H 46 30.22 28.34 31.65
N CYS H 47 29.71 27.57 32.61
CA CYS H 47 28.41 26.91 32.49
C CYS H 47 27.23 27.82 32.84
N GLU H 48 27.51 29.04 33.27
CA GLU H 48 26.53 29.88 33.94
C GLU H 48 25.32 30.18 33.08
N TRP H 49 25.51 30.37 31.78
CA TRP H 49 24.38 30.77 30.97
C TRP H 49 23.31 29.70 30.99
N TYR H 50 23.71 28.45 30.90
CA TYR H 50 22.74 27.35 30.90
C TYR H 50 22.03 27.26 32.24
N ARG H 51 22.79 27.46 33.33
CA ARG H 51 22.23 27.49 34.67
C ARG H 51 21.15 28.56 34.77
N ARG H 52 21.43 29.76 34.28
CA ARG H 52 20.44 30.84 34.42
C ARG H 52 19.18 30.54 33.58
N VAL H 53 19.38 29.97 32.38
CA VAL H 53 18.24 29.68 31.50
C VAL H 53 17.38 28.57 32.08
N TYR H 54 18.00 27.48 32.55
CA TYR H 54 17.14 26.43 33.07
C TYR H 54 16.50 26.86 34.39
N LYS H 55 17.17 27.70 35.18
CA LYS H 55 16.52 28.12 36.43
C LYS H 55 15.34 29.01 36.14
N SER H 56 15.42 29.83 35.08
CA SER H 56 14.30 30.67 34.70
C SER H 56 13.12 29.84 34.21
N LEU H 57 13.39 28.83 33.40
CA LEU H 57 12.29 28.18 32.67
C LEU H 57 11.71 27.01 33.40
N CYS H 58 12.52 26.29 34.17
CA CYS H 58 12.10 24.97 34.67
C CYS H 58 11.31 25.12 35.96
N PRO H 59 10.14 24.46 36.08
CA PRO H 59 9.48 24.34 37.39
C PRO H 59 10.42 23.84 38.47
N ILE H 60 10.33 24.46 39.66
CA ILE H 60 11.15 24.01 40.78
C ILE H 60 11.08 22.50 41.01
N SER H 61 9.85 21.91 40.91
CA SER H 61 9.72 20.50 41.24
C SER H 61 10.42 19.61 40.21
N TRP H 62 10.48 20.05 38.95
CA TRP H 62 11.17 19.30 37.91
C TRP H 62 12.66 19.24 38.20
N VAL H 63 13.22 20.42 38.52
CA VAL H 63 14.66 20.52 38.83
C VAL H 63 14.98 19.68 40.05
N SER H 64 14.15 19.82 41.06
CA SER H 64 14.33 19.06 42.28
C SER H 64 14.26 17.56 42.03
N THR H 65 13.25 17.10 41.26
CA THR H 65 13.17 15.68 41.00
C THR H 65 14.36 15.20 40.16
N TRP H 66 14.73 15.97 39.14
CA TRP H 66 15.86 15.59 38.32
C TRP H 66 17.14 15.55 39.17
N ASP H 67 17.31 16.53 40.05
CA ASP H 67 18.50 16.50 40.91
C ASP H 67 18.51 15.25 41.79
N ASP H 68 17.36 14.93 42.41
CA ASP H 68 17.26 13.72 43.22
C ASP H 68 17.61 12.50 42.40
N ARG H 69 17.11 12.40 41.15
CA ARG H 69 17.41 11.20 40.39
C ARG H 69 18.87 11.13 39.98
N ARG H 70 19.52 12.27 39.68
CA ARG H 70 20.97 12.23 39.44
C ARG H 70 21.70 11.70 40.67
N ALA H 71 21.31 12.14 41.88
CA ALA H 71 21.97 11.62 43.08
C ALA H 71 21.73 10.15 43.26
N GLU H 72 20.53 9.67 42.86
CA GLU H 72 20.15 8.29 43.08
C GLU H 72 20.80 7.36 42.04
N GLY H 73 21.21 7.89 40.91
CA GLY H 73 21.67 7.11 39.80
C GLY H 73 20.55 6.70 38.86
N THR H 74 19.43 7.41 38.92
CA THR H 74 18.26 7.02 38.09
C THR H 74 17.87 8.09 37.09
N PHE H 75 18.69 9.09 36.88
CA PHE H 75 18.41 10.10 35.88
C PHE H 75 18.52 9.51 34.48
N PRO H 76 17.49 9.61 33.64
CA PRO H 76 17.49 8.85 32.40
C PRO H 76 18.13 9.58 31.24
N GLY H 77 18.44 10.91 31.41
CA GLY H 77 19.19 11.58 30.36
C GLY H 77 20.70 11.29 30.48
N LYS H 78 21.43 11.57 29.39
CA LYS H 78 22.86 11.31 29.35
C LYS H 78 23.59 12.57 29.81
N ILE H 79 24.39 12.44 30.84
CA ILE H 79 25.25 13.53 31.31
C ILE H 79 26.69 13.02 31.39
C1A SAC I 1 -71.57 50.58 -17.22
C2A SAC I 1 -72.73 51.20 -17.93
OAC SAC I 1 -70.72 51.26 -16.64
N SAC I 1 -71.53 49.25 -17.24
CA SAC I 1 -70.47 48.45 -16.62
C SAC I 1 -69.36 48.12 -17.57
O SAC I 1 -69.55 47.39 -18.58
CB SAC I 1 -71.06 47.16 -16.06
OG SAC I 1 -71.72 46.50 -17.13
N THR I 2 -68.19 48.68 -17.27
CA THR I 2 -66.97 48.51 -18.05
C THR I 2 -66.27 47.16 -17.75
N ALA I 3 -65.63 46.62 -18.79
CA ALA I 3 -64.83 45.41 -18.61
C ALA I 3 -63.69 45.67 -17.63
N LEU I 4 -63.23 44.60 -17.02
CA LEU I 4 -62.01 44.66 -16.21
C LEU I 4 -60.81 44.46 -17.12
N ALA I 5 -59.72 45.19 -16.82
CA ALA I 5 -58.47 44.97 -17.54
C ALA I 5 -57.80 43.65 -17.22
N LYS I 6 -57.05 43.12 -18.17
CA LYS I 6 -56.30 41.89 -17.92
C LYS I 6 -55.17 42.16 -16.93
N PRO I 7 -55.12 41.48 -15.80
CA PRO I 7 -54.01 41.65 -14.87
C PRO I 7 -52.87 40.68 -15.21
N GLN I 8 -51.73 40.91 -14.57
CA GLN I 8 -50.67 39.93 -14.65
C GLN I 8 -51.15 38.63 -14.03
N MET I 9 -50.95 37.51 -14.73
CA MET I 9 -51.40 36.22 -14.23
C MET I 9 -50.31 35.19 -14.08
N ARG I 10 -49.11 35.46 -14.61
N ARG I 10 -49.08 35.51 -14.52
CA ARG I 10 -48.04 34.46 -14.58
CA ARG I 10 -48.02 34.52 -14.65
C ARG I 10 -46.91 34.94 -13.70
C ARG I 10 -46.83 34.94 -13.78
N GLY I 11 -46.21 33.97 -13.11
CA GLY I 11 -44.98 34.26 -12.38
C GLY I 11 -45.17 35.10 -11.15
N LEU I 12 -46.36 35.06 -10.54
CA LEU I 12 -46.62 35.92 -9.38
C LEU I 12 -45.75 35.53 -8.17
N LEU I 13 -45.47 34.24 -8.01
CA LEU I 13 -44.64 33.84 -6.87
C LEU I 13 -43.21 34.31 -7.10
N ALA I 14 -42.70 34.11 -8.32
CA ALA I 14 -41.32 34.50 -8.65
C ALA I 14 -41.18 36.00 -8.57
N ARG I 15 -42.19 36.73 -9.02
CA ARG I 15 -42.12 38.18 -8.93
C ARG I 15 -42.04 38.62 -7.47
N ARG I 16 -42.88 38.04 -6.62
CA ARG I 16 -42.86 38.37 -5.20
C ARG I 16 -41.49 38.07 -4.60
N LEU I 17 -40.91 36.93 -4.99
CA LEU I 17 -39.62 36.55 -4.42
C LEU I 17 -38.55 37.54 -4.82
N ARG I 18 -38.50 37.86 -6.11
CA ARG I 18 -37.48 38.78 -6.61
C ARG I 18 -37.53 40.10 -5.86
N PHE I 19 -38.72 40.69 -5.77
CA PHE I 19 -38.89 41.96 -5.09
C PHE I 19 -38.39 41.90 -3.64
N HIS I 20 -38.67 40.84 -2.91
CA HIS I 20 -38.35 40.84 -1.49
C HIS I 20 -36.93 40.39 -1.19
N ILE I 21 -36.34 39.56 -2.05
CA ILE I 21 -34.93 39.26 -1.85
C ILE I 21 -34.10 40.53 -2.00
N VAL I 22 -34.47 41.39 -2.96
CA VAL I 22 -33.79 42.68 -3.09
C VAL I 22 -34.01 43.55 -1.85
N GLY I 23 -35.24 43.62 -1.36
CA GLY I 23 -35.52 44.31 -0.11
C GLY I 23 -34.74 43.73 1.08
N ALA I 24 -34.65 42.41 1.16
CA ALA I 24 -33.81 41.78 2.19
C ALA I 24 -32.36 42.23 2.08
N PHE I 25 -31.83 42.32 0.86
CA PHE I 25 -30.45 42.77 0.66
C PHE I 25 -30.26 44.22 1.12
N MET I 26 -31.14 45.12 0.66
CA MET I 26 -31.04 46.54 1.02
C MET I 26 -31.10 46.74 2.54
N VAL I 27 -31.94 45.97 3.24
CA VAL I 27 -32.01 46.05 4.70
C VAL I 27 -30.67 45.63 5.32
N SER I 28 -30.10 44.53 4.82
CA SER I 28 -28.85 43.98 5.37
C SER I 28 -27.72 45.01 5.27
N LEU I 29 -27.59 45.65 4.10
CA LEU I 29 -26.72 46.83 3.94
C LEU I 29 -27.05 47.92 4.96
N GLY I 30 -28.32 48.29 5.06
CA GLY I 30 -28.72 49.31 6.00
C GLY I 30 -28.42 48.94 7.43
N PHE I 31 -28.51 47.64 7.74
CA PHE I 31 -28.18 47.23 9.09
C PHE I 31 -26.66 47.21 9.32
N ALA I 32 -25.92 46.70 8.34
CA ALA I 32 -24.47 46.70 8.46
C ALA I 32 -23.93 48.09 8.70
N THR I 33 -24.46 49.09 7.98
CA THR I 33 -24.03 50.47 8.22
C THR I 33 -24.35 50.91 9.64
N PHE I 34 -25.52 50.52 10.14
CA PHE I 34 -25.91 50.86 11.50
C PHE I 34 -25.05 50.15 12.53
N TYR I 35 -24.75 48.88 12.31
CA TYR I 35 -23.99 48.13 13.30
C TYR I 35 -22.54 48.59 13.37
N LYS I 36 -21.90 48.80 12.20
CA LYS I 36 -20.59 49.42 12.19
C LYS I 36 -20.61 50.73 12.99
N PHE I 37 -21.66 51.54 12.80
CA PHE I 37 -21.77 52.84 13.46
C PHE I 37 -22.07 52.70 14.96
N ALA I 38 -23.09 51.91 15.32
CA ALA I 38 -23.52 51.82 16.70
C ALA I 38 -22.63 50.92 17.56
N VAL I 39 -21.78 50.09 16.97
CA VAL I 39 -21.06 49.09 17.76
C VAL I 39 -19.58 49.12 17.44
N ALA I 40 -19.24 48.77 16.21
CA ALA I 40 -17.82 48.56 15.90
C ALA I 40 -17.05 49.87 15.99
N GLU I 41 -17.53 50.91 15.30
CA GLU I 41 -16.83 52.19 15.32
C GLU I 41 -16.89 52.81 16.70
N LYS I 42 -18.06 52.77 17.34
CA LYS I 42 -18.13 53.20 18.73
C LYS I 42 -17.03 52.57 19.57
N ARG I 43 -16.77 51.26 19.38
CA ARG I 43 -15.73 50.61 20.18
C ARG I 43 -14.34 51.14 19.85
N LYS I 44 -14.01 51.24 18.55
CA LYS I 44 -12.70 51.77 18.17
C LYS I 44 -12.48 53.16 18.76
N LYS I 45 -13.51 54.01 18.69
CA LYS I 45 -13.38 55.37 19.21
C LYS I 45 -13.25 55.39 20.73
N ALA I 46 -14.04 54.56 21.43
CA ALA I 46 -13.93 54.53 22.89
C ALA I 46 -12.53 54.16 23.32
N TYR I 47 -11.94 53.13 22.69
CA TYR I 47 -10.57 52.70 23.05
C TYR I 47 -9.53 53.75 22.63
N ALA I 48 -9.70 54.33 21.45
CA ALA I 48 -8.73 55.33 21.03
C ALA I 48 -8.81 56.58 21.90
N ASP I 49 -10.03 57.05 22.19
CA ASP I 49 -10.21 58.21 23.07
C ASP I 49 -9.65 57.92 24.47
N PHE I 50 -9.91 56.73 24.97
CA PHE I 50 -9.46 56.41 26.32
C PHE I 50 -7.95 56.48 26.40
N TYR I 51 -7.23 55.90 25.43
CA TYR I 51 -5.77 55.83 25.56
C TYR I 51 -5.04 57.06 25.02
N ARG I 52 -5.74 57.98 24.35
CA ARG I 52 -5.06 59.11 23.69
C ARG I 52 -4.22 59.94 24.67
N ASN I 53 -4.81 60.33 25.78
CA ASN I 53 -4.06 61.06 26.81
C ASN I 53 -3.92 60.28 28.11
N TYR I 54 -4.00 58.94 28.03
CA TYR I 54 -3.99 58.10 29.23
C TYR I 54 -2.63 58.16 29.91
N ASP I 55 -2.66 58.31 31.23
CA ASP I 55 -1.44 58.38 32.05
C ASP I 55 -1.51 57.20 33.01
N SER I 56 -0.73 56.15 32.71
CA SER I 56 -0.79 54.92 33.50
C SER I 56 -0.27 55.13 34.92
N MET I 57 0.72 56.03 35.09
CA MET I 57 1.21 56.27 36.45
C MET I 57 0.18 57.01 37.28
N LYS I 58 -0.53 57.98 36.68
CA LYS I 58 -1.59 58.67 37.40
C LYS I 58 -2.69 57.70 37.80
N ASP I 59 -3.06 56.77 36.87
CA ASP I 59 -4.04 55.75 37.20
C ASP I 59 -3.56 54.90 38.38
N PHE I 60 -2.31 54.43 38.30
CA PHE I 60 -1.74 53.64 39.38
C PHE I 60 -1.78 54.40 40.72
N GLU I 61 -1.37 55.68 40.71
N GLU I 61 -1.37 55.68 40.70
CA GLU I 61 -1.34 56.43 41.96
CA GLU I 61 -1.35 56.45 41.94
C GLU I 61 -2.73 56.54 42.57
C GLU I 61 -2.73 56.53 42.55
N GLU I 62 -3.76 56.78 41.72
CA GLU I 62 -5.13 56.78 42.18
C GLU I 62 -5.51 55.45 42.80
N MET I 63 -5.20 54.34 42.10
CA MET I 63 -5.50 53.04 42.68
C MET I 63 -4.74 52.81 43.98
N ARG I 64 -3.47 53.25 44.03
CA ARG I 64 -2.65 53.00 45.21
C ARG I 64 -3.21 53.76 46.41
N LYS I 65 -3.63 55.00 46.17
CA LYS I 65 -4.19 55.83 47.25
C LYS I 65 -5.55 55.33 47.71
N ALA I 66 -6.29 54.67 46.82
CA ALA I 66 -7.55 54.07 47.20
C ALA I 66 -7.34 52.78 48.00
N GLY I 67 -6.12 52.29 48.07
CA GLY I 67 -5.81 51.13 48.89
C GLY I 67 -6.02 49.79 48.22
N ILE I 68 -6.03 49.73 46.90
CA ILE I 68 -6.45 48.44 46.34
C ILE I 68 -5.34 47.41 46.29
N PHE I 69 -4.03 47.78 46.48
CA PHE I 69 -2.97 46.86 46.09
C PHE I 69 -2.36 46.16 47.30
N GLN I 70 -1.94 44.91 47.09
CA GLN I 70 -1.08 44.24 48.04
C GLN I 70 0.37 44.75 48.02
N SER I 71 0.85 45.16 46.85
CA SER I 71 2.27 45.44 46.72
C SER I 71 2.59 46.90 46.89
N ALA I 72 1.60 47.76 47.03
CA ALA I 72 1.83 49.20 46.98
C ALA I 72 0.84 49.83 47.94
N LYS I 73 1.34 50.58 48.93
CA LYS I 73 0.47 51.19 49.92
C LYS I 73 0.53 52.70 49.73
N PHE J 1 -14.37 -39.76 5.93
CA PHE J 1 -15.72 -39.52 6.42
C PHE J 1 -16.66 -39.45 5.25
N GLU J 2 -17.97 -39.49 5.53
CA GLU J 2 -18.98 -39.49 4.48
C GLU J 2 -19.84 -38.23 4.57
N ASN J 3 -20.35 -37.83 3.41
CA ASN J 3 -21.12 -36.59 3.33
C ASN J 3 -22.54 -36.88 3.80
N ARG J 4 -22.87 -36.43 5.00
CA ARG J 4 -24.22 -36.59 5.56
C ARG J 4 -25.00 -35.28 5.61
N VAL J 5 -24.63 -34.31 4.77
CA VAL J 5 -25.37 -33.03 4.74
C VAL J 5 -26.87 -33.24 4.38
N ALA J 6 -27.17 -34.15 3.43
CA ALA J 6 -28.57 -34.41 3.08
C ALA J 6 -29.41 -34.78 4.29
N GLU J 7 -28.87 -35.61 5.21
CA GLU J 7 -29.62 -36.00 6.38
C GLU J 7 -29.92 -34.81 7.25
N LYS J 8 -28.92 -33.91 7.38
CA LYS J 8 -29.09 -32.72 8.20
C LYS J 8 -30.07 -31.76 7.55
N GLN J 9 -30.06 -31.69 6.22
CA GLN J 9 -31.02 -30.86 5.52
C GLN J 9 -32.44 -31.37 5.77
N LYS J 10 -32.62 -32.69 5.74
CA LYS J 10 -33.95 -33.22 6.01
C LYS J 10 -34.39 -32.84 7.43
N LEU J 11 -33.50 -33.03 8.41
CA LEU J 11 -33.83 -32.72 9.79
C LEU J 11 -34.21 -31.25 9.94
N PHE J 12 -33.34 -30.34 9.46
CA PHE J 12 -33.66 -28.94 9.72
C PHE J 12 -34.74 -28.37 8.82
N GLN J 13 -35.23 -29.11 7.82
CA GLN J 13 -36.35 -28.63 7.04
C GLN J 13 -37.66 -29.33 7.42
N GLU J 14 -37.64 -30.17 8.45
CA GLU J 14 -38.86 -30.88 8.83
C GLU J 14 -39.94 -29.86 9.23
N ASP J 15 -41.18 -30.13 8.79
CA ASP J 15 -42.27 -29.15 8.96
C ASP J 15 -42.86 -29.26 10.38
N ASN J 16 -42.07 -28.89 11.38
CA ASN J 16 -42.48 -29.06 12.76
C ASN J 16 -42.63 -27.75 13.52
N GLY J 17 -42.53 -26.61 12.83
CA GLY J 17 -42.70 -25.32 13.47
C GLY J 17 -41.62 -24.97 14.51
N LEU J 18 -40.57 -25.74 14.65
CA LEU J 18 -39.56 -25.33 15.64
C LEU J 18 -38.67 -24.21 15.11
N PRO J 19 -38.30 -23.26 15.97
CA PRO J 19 -37.34 -22.24 15.50
C PRO J 19 -36.00 -22.88 15.35
N VAL J 20 -35.13 -22.26 14.52
CA VAL J 20 -33.90 -22.93 14.15
C VAL J 20 -33.03 -23.27 15.37
N HIS J 21 -33.06 -22.44 16.44
CA HIS J 21 -32.20 -22.70 17.57
C HIS J 21 -32.64 -23.90 18.40
N LEU J 22 -33.81 -24.48 18.13
CA LEU J 22 -34.28 -25.66 18.86
C LEU J 22 -34.49 -26.86 17.93
N LYS J 23 -34.22 -26.69 16.65
CA LYS J 23 -34.72 -27.65 15.67
C LYS J 23 -33.81 -28.86 15.57
N GLY J 24 -32.67 -28.83 16.27
CA GLY J 24 -31.82 -30.00 16.33
C GLY J 24 -32.35 -31.10 17.24
N GLY J 25 -33.21 -30.76 18.16
CA GLY J 25 -33.71 -31.77 19.09
C GLY J 25 -33.44 -31.36 20.53
N ALA J 26 -33.66 -32.31 21.43
CA ALA J 26 -33.76 -31.96 22.84
C ALA J 26 -32.46 -31.42 23.42
N THR J 27 -31.30 -31.74 22.83
CA THR J 27 -30.05 -31.15 23.27
C THR J 27 -30.05 -29.63 23.09
N ASP J 28 -30.68 -29.14 22.01
CA ASP J 28 -30.79 -27.68 21.85
C ASP J 28 -31.50 -27.06 23.04
N ASN J 29 -32.59 -27.71 23.49
CA ASN J 29 -33.34 -27.18 24.61
C ASN J 29 -32.49 -27.13 25.87
N ILE J 30 -31.68 -28.18 26.09
CA ILE J 30 -30.83 -28.21 27.27
C ILE J 30 -29.80 -27.09 27.20
N LEU J 31 -29.10 -26.98 26.07
CA LEU J 31 -28.08 -25.94 25.96
C LEU J 31 -28.70 -24.55 26.06
N TYR J 32 -29.89 -24.36 25.48
CA TYR J 32 -30.59 -23.08 25.62
C TYR J 32 -30.90 -22.79 27.09
N ARG J 33 -31.45 -23.78 27.81
CA ARG J 33 -31.78 -23.52 29.23
C ARG J 33 -30.55 -23.25 30.07
N VAL J 34 -29.43 -23.95 29.81
CA VAL J 34 -28.22 -23.67 30.54
C VAL J 34 -27.77 -22.24 30.26
N THR J 35 -27.79 -21.84 28.97
CA THR J 35 -27.29 -20.51 28.63
C THR J 35 -28.15 -19.43 29.28
N MET J 36 -29.46 -19.57 29.13
CA MET J 36 -30.35 -18.55 29.65
C MET J 36 -30.34 -18.55 31.17
N THR J 37 -30.19 -19.72 31.80
CA THR J 37 -30.08 -19.75 33.27
C THR J 37 -28.83 -19.02 33.75
N LEU J 38 -27.68 -19.30 33.10
CA LEU J 38 -26.44 -18.60 33.47
C LEU J 38 -26.56 -17.10 33.21
N CYS J 39 -27.19 -16.70 32.11
CA CYS J 39 -27.33 -15.27 31.82
C CYS J 39 -28.22 -14.57 32.84
N LEU J 40 -29.40 -15.14 33.09
CA LEU J 40 -30.35 -14.49 33.99
C LEU J 40 -29.86 -14.55 35.43
N GLY J 41 -29.35 -15.71 35.85
CA GLY J 41 -28.77 -15.81 37.18
C GLY J 41 -27.55 -14.93 37.36
N GLY J 42 -26.67 -14.90 36.35
CA GLY J 42 -25.51 -14.02 36.42
C GLY J 42 -25.94 -12.56 36.50
N THR J 43 -26.98 -12.19 35.74
CA THR J 43 -27.46 -10.80 35.78
C THR J 43 -28.02 -10.44 37.17
N LEU J 44 -28.80 -11.35 37.78
CA LEU J 44 -29.25 -11.10 39.15
C LEU J 44 -28.05 -10.96 40.07
N TYR J 45 -27.06 -11.83 39.93
CA TYR J 45 -25.87 -11.72 40.77
C TYR J 45 -25.17 -10.39 40.55
N SER J 46 -25.12 -9.90 39.31
CA SER J 46 -24.46 -8.62 39.08
C SER J 46 -25.21 -7.50 39.79
N LEU J 47 -26.55 -7.59 39.81
CA LEU J 47 -27.33 -6.60 40.55
C LEU J 47 -27.07 -6.68 42.05
N TYR J 48 -26.96 -7.91 42.57
CA TYR J 48 -26.55 -8.04 43.96
C TYR J 48 -25.21 -7.35 44.20
N CYS J 49 -24.24 -7.57 43.29
CA CYS J 49 -22.93 -6.96 43.47
C CYS J 49 -23.00 -5.44 43.41
N LEU J 50 -23.85 -4.89 42.55
CA LEU J 50 -24.07 -3.44 42.53
C LEU J 50 -24.58 -2.95 43.86
N GLY J 51 -25.61 -3.61 44.39
CA GLY J 51 -26.10 -3.25 45.70
C GLY J 51 -25.02 -3.30 46.75
N TRP J 52 -24.22 -4.37 46.75
CA TRP J 52 -23.11 -4.45 47.69
C TRP J 52 -22.16 -3.26 47.50
N ALA J 53 -21.74 -3.02 46.27
CA ALA J 53 -20.71 -2.01 46.00
C ALA J 53 -21.23 -0.59 46.12
N SER J 54 -22.54 -0.39 46.22
CA SER J 54 -23.11 0.94 46.28
C SER J 54 -22.94 1.58 47.63
N PHE J 55 -22.49 0.84 48.62
CA PHE J 55 -22.33 1.44 49.93
C PHE J 55 -20.93 1.19 50.44
N PRO J 56 -20.36 2.16 51.17
CA PRO J 56 -19.13 1.91 51.92
C PRO J 56 -19.54 1.00 53.05
N HIS J 57 -18.71 0.02 53.42
CA HIS J 57 -19.60 -1.06 53.86
C HIS J 57 -20.39 -0.90 55.16
N LYS J 58 -21.55 -0.28 54.91
CA LYS J 58 -22.73 -0.09 55.73
C LYS J 58 -23.41 -1.43 56.02
N ALA K 1 -70.75 23.66 12.45
CA ALA K 1 -71.06 23.91 13.87
C ALA K 1 -69.81 24.39 14.67
N PRO K 2 -70.02 25.21 15.72
CA PRO K 2 -68.86 25.78 16.47
C PRO K 2 -68.07 24.72 17.20
N ASP K 3 -66.73 24.86 17.18
CA ASP K 3 -65.88 23.85 17.76
C ASP K 3 -65.36 24.37 19.10
N PHE K 4 -64.45 23.61 19.70
CA PHE K 4 -63.87 24.01 20.99
C PHE K 4 -63.31 25.42 20.92
N HIS K 5 -62.63 25.76 19.82
CA HIS K 5 -61.92 27.06 19.76
C HIS K 5 -62.90 28.21 19.59
N ASP K 6 -63.97 27.99 18.80
CA ASP K 6 -65.03 28.99 18.70
C ASP K 6 -65.69 29.26 20.07
N LYS K 7 -65.91 28.19 20.84
CA LYS K 7 -66.62 28.32 22.10
C LYS K 7 -65.72 28.86 23.20
N TYR K 8 -64.48 28.36 23.27
CA TYR K 8 -63.67 28.66 24.46
C TYR K 8 -62.37 29.38 24.16
N GLY K 9 -62.03 29.61 22.87
CA GLY K 9 -60.72 30.19 22.56
C GLY K 9 -60.53 31.54 23.21
N ASN K 10 -61.55 32.40 23.15
CA ASN K 10 -61.37 33.73 23.73
C ASN K 10 -61.06 33.64 25.21
N ALA K 11 -61.78 32.76 25.93
CA ALA K 11 -61.57 32.69 27.37
C ALA K 11 -60.22 32.06 27.68
N VAL K 12 -59.82 31.06 26.88
CA VAL K 12 -58.51 30.44 27.14
C VAL K 12 -57.40 31.45 26.94
N LEU K 13 -57.49 32.24 25.86
CA LEU K 13 -56.48 33.25 25.60
C LEU K 13 -56.45 34.27 26.73
N ALA K 14 -57.62 34.77 27.12
CA ALA K 14 -57.64 35.84 28.12
C ALA K 14 -57.18 35.34 29.47
N SER K 15 -57.76 34.23 29.93
CA SER K 15 -57.38 33.72 31.25
C SER K 15 -55.92 33.28 31.28
N GLY K 16 -55.48 32.59 30.23
CA GLY K 16 -54.09 32.15 30.23
C GLY K 16 -53.10 33.31 30.29
N ALA K 17 -53.33 34.34 29.47
CA ALA K 17 -52.45 35.52 29.53
C ALA K 17 -52.49 36.18 30.90
N THR K 18 -53.67 36.38 31.46
CA THR K 18 -53.78 37.04 32.75
C THR K 18 -53.10 36.26 33.84
N PHE K 19 -53.33 34.95 33.85
CA PHE K 19 -52.68 34.09 34.83
C PHE K 19 -51.16 34.12 34.67
N CYS K 20 -50.69 34.00 33.43
CA CYS K 20 -49.25 33.93 33.19
C CYS K 20 -48.57 35.22 33.67
N VAL K 21 -49.12 36.36 33.28
CA VAL K 21 -48.51 37.63 33.68
C VAL K 21 -48.54 37.78 35.20
N ALA K 22 -49.67 37.45 35.81
CA ALA K 22 -49.80 37.68 37.25
C ALA K 22 -48.82 36.83 38.03
N VAL K 23 -48.68 35.56 37.67
N VAL K 23 -48.68 35.55 37.67
CA VAL K 23 -47.86 34.67 38.46
CA VAL K 23 -47.84 34.67 38.48
C VAL K 23 -46.37 34.92 38.21
C VAL K 23 -46.36 34.97 38.23
N TRP K 24 -45.98 35.30 36.99
CA TRP K 24 -44.56 35.63 36.76
C TRP K 24 -44.18 36.96 37.41
N VAL K 25 -45.11 37.93 37.42
CA VAL K 25 -44.83 39.20 38.11
C VAL K 25 -44.68 38.94 39.60
N TYR K 26 -45.56 38.12 40.17
CA TYR K 26 -45.45 37.77 41.59
C TYR K 26 -44.11 37.07 41.89
N MET K 27 -43.79 36.03 41.12
CA MET K 27 -42.54 35.30 41.33
C MET K 27 -41.37 36.25 41.21
N ALA K 28 -41.43 37.17 40.26
CA ALA K 28 -40.28 38.03 40.02
C ALA K 28 -40.10 39.09 41.10
N THR K 29 -41.16 39.48 41.79
CA THR K 29 -41.03 40.66 42.65
C THR K 29 -41.36 40.41 44.11
N GLN K 30 -42.00 39.31 44.47
CA GLN K 30 -42.62 39.24 45.79
C GLN K 30 -42.06 38.12 46.64
N ILE K 31 -41.05 37.36 46.17
CA ILE K 31 -40.68 36.19 46.98
C ILE K 31 -39.20 36.19 47.32
N GLY K 32 -38.53 37.30 47.08
CA GLY K 32 -37.17 37.46 47.58
C GLY K 32 -36.09 37.03 46.60
N ILE K 33 -36.41 36.86 45.32
CA ILE K 33 -35.37 36.56 44.34
C ILE K 33 -34.44 37.77 44.18
N GLU K 34 -33.13 37.51 44.23
CA GLU K 34 -32.10 38.55 44.08
C GLU K 34 -31.64 38.46 42.64
N TRP K 35 -32.16 39.39 41.81
CA TRP K 35 -31.77 39.42 40.40
C TRP K 35 -30.35 39.94 40.20
N ASN K 36 -29.83 40.69 41.17
CA ASN K 36 -28.51 41.30 41.10
C ASN K 36 -28.35 42.16 39.84
N PRO K 37 -29.17 43.19 39.70
CA PRO K 37 -29.03 44.09 38.56
C PRO K 37 -27.74 44.90 38.69
N SER K 38 -27.43 45.58 37.60
CA SER K 38 -26.28 46.48 37.59
C SER K 38 -26.43 47.53 38.67
N PRO K 39 -25.34 47.85 39.39
CA PRO K 39 -25.36 49.00 40.30
C PRO K 39 -25.35 50.35 39.59
N VAL K 40 -25.04 50.39 38.29
CA VAL K 40 -24.92 51.66 37.58
C VAL K 40 -26.24 52.41 37.68
N GLY K 41 -26.18 53.67 38.09
CA GLY K 41 -27.41 54.43 38.26
C GLY K 41 -28.26 53.97 39.42
N ARG K 42 -27.79 53.07 40.20
CA ARG K 42 -28.68 52.54 41.21
C ARG K 42 -28.04 52.53 42.59
N VAL K 43 -26.78 52.12 42.70
CA VAL K 43 -26.10 51.96 43.98
C VAL K 43 -25.26 53.20 44.27
N THR K 44 -25.38 53.74 45.49
CA THR K 44 -24.46 54.78 45.91
C THR K 44 -23.20 54.13 46.43
N PRO K 45 -22.04 54.28 45.77
CA PRO K 45 -20.83 53.60 46.27
C PRO K 45 -20.50 54.08 47.68
N LYS K 46 -20.04 53.14 48.51
CA LYS K 46 -19.73 53.43 49.91
C LYS K 46 -18.30 53.01 50.29
N GLU K 47 -17.63 53.82 51.14
CA GLU K 47 -16.27 53.51 51.53
C GLU K 47 -16.16 52.10 52.09
N TRP K 48 -15.11 51.40 51.66
CA TRP K 48 -14.91 49.98 51.96
C TRP K 48 -13.62 49.71 52.73
N ARG K 49 -12.59 50.52 52.57
CA ARG K 49 -11.24 50.15 53.07
C ARG K 49 -11.18 50.28 54.60
N HIS L 1 -50.43 -15.72 14.14
CA HIS L 1 -49.07 -15.41 14.54
C HIS L 1 -49.12 -14.35 15.64
N TYR L 2 -48.69 -13.16 15.33
CA TYR L 2 -48.80 -12.09 16.30
C TYR L 2 -50.00 -11.24 15.95
N GLU L 3 -50.47 -10.50 16.94
CA GLU L 3 -51.54 -9.55 16.72
C GLU L 3 -51.02 -8.38 15.90
N GLU L 4 -51.84 -7.89 15.01
CA GLU L 4 -51.49 -6.77 14.17
C GLU L 4 -52.52 -5.68 14.42
N GLY L 5 -52.14 -4.47 14.09
CA GLY L 5 -53.06 -3.38 14.11
C GLY L 5 -52.81 -2.43 15.27
N PRO L 6 -53.53 -1.32 15.27
CA PRO L 6 -53.39 -0.31 16.33
C PRO L 6 -53.60 -0.91 17.69
N GLY L 7 -52.64 -0.56 18.59
CA GLY L 7 -52.74 -1.01 19.97
C GLY L 7 -52.22 -2.39 20.17
N LYS L 8 -51.80 -3.07 19.07
CA LYS L 8 -51.34 -4.44 19.16
C LYS L 8 -49.89 -4.61 18.82
N ASN L 9 -49.25 -3.61 18.24
CA ASN L 9 -47.85 -3.72 17.79
C ASN L 9 -46.90 -3.06 18.78
N ILE L 10 -47.18 -3.23 20.08
CA ILE L 10 -46.46 -2.54 21.17
C ILE L 10 -46.36 -3.50 22.34
N PRO L 11 -45.32 -3.34 23.16
CA PRO L 11 -45.11 -4.33 24.24
C PRO L 11 -45.94 -3.99 25.48
N PHE L 12 -46.77 -2.98 25.44
CA PHE L 12 -47.60 -2.59 26.57
C PHE L 12 -49.06 -2.53 26.09
N SER L 13 -49.96 -2.75 27.03
CA SER L 13 -51.37 -2.77 26.64
C SER L 13 -51.96 -1.36 26.65
N VAL L 14 -52.85 -1.07 25.69
CA VAL L 14 -53.63 0.15 25.69
C VAL L 14 -55.12 -0.17 25.76
N GLU L 15 -55.43 -1.38 26.23
CA GLU L 15 -56.87 -1.76 26.32
C GLU L 15 -57.64 -0.93 27.35
N ASN L 16 -57.02 -0.50 28.45
CA ASN L 16 -57.70 0.32 29.45
C ASN L 16 -56.86 1.59 29.65
N LYS L 17 -57.46 2.76 29.37
CA LYS L 17 -56.64 3.98 29.41
C LYS L 17 -56.14 4.32 30.80
N TRP L 18 -56.79 3.84 31.85
CA TRP L 18 -56.38 4.17 33.21
C TRP L 18 -55.26 3.24 33.68
N ARG L 19 -55.34 1.95 33.34
CA ARG L 19 -54.19 1.09 33.53
C ARG L 19 -52.99 1.61 32.74
N LEU L 20 -53.24 2.08 31.52
CA LEU L 20 -52.16 2.66 30.70
C LEU L 20 -51.56 3.88 31.38
N LEU L 21 -52.42 4.75 31.93
CA LEU L 21 -51.90 5.92 32.62
C LEU L 21 -50.99 5.49 33.75
N ALA L 22 -51.39 4.48 34.50
CA ALA L 22 -50.55 3.97 35.60
C ALA L 22 -49.21 3.49 35.06
N MET L 23 -49.26 2.70 34.01
CA MET L 23 -48.04 2.15 33.44
C MET L 23 -47.12 3.26 32.88
N MET L 24 -47.69 4.24 32.20
CA MET L 24 -46.84 5.31 31.65
C MET L 24 -46.25 6.17 32.76
N THR L 25 -47.04 6.35 33.82
CA THR L 25 -46.64 7.10 35.04
C THR L 25 -45.45 6.41 35.71
N LEU L 26 -45.53 5.10 35.88
CA LEU L 26 -44.41 4.36 36.45
C LEU L 26 -43.19 4.39 35.53
N PHE L 27 -43.45 4.25 34.22
CA PHE L 27 -42.35 4.18 33.24
C PHE L 27 -41.63 5.52 33.17
N PHE L 28 -42.30 6.59 32.75
CA PHE L 28 -41.55 7.85 32.63
C PHE L 28 -41.20 8.43 34.01
N GLY L 29 -42.07 8.22 35.00
CA GLY L 29 -41.78 8.69 36.35
C GLY L 29 -40.52 8.04 36.94
N SER L 30 -40.31 6.75 36.69
CA SER L 30 -39.12 6.11 37.28
C SER L 30 -37.85 6.69 36.65
N GLY L 31 -37.89 6.93 35.34
CA GLY L 31 -36.72 7.53 34.68
C GLY L 31 -36.42 8.93 35.20
N PHE L 32 -37.47 9.73 35.31
CA PHE L 32 -37.27 11.10 35.78
C PHE L 32 -36.84 11.13 37.25
N ALA L 33 -37.39 10.20 38.07
CA ALA L 33 -37.03 10.23 39.50
C ALA L 33 -35.61 9.74 39.76
N ALA L 34 -35.09 8.83 38.92
CA ALA L 34 -33.85 8.14 39.25
C ALA L 34 -32.72 9.10 39.60
N PRO L 35 -32.41 10.12 38.80
CA PRO L 35 -31.27 11.00 39.16
C PRO L 35 -31.46 11.67 40.52
N PHE L 36 -32.70 12.04 40.89
CA PHE L 36 -32.90 12.66 42.20
C PHE L 36 -32.54 11.69 43.30
N PHE L 37 -32.89 10.41 43.13
CA PHE L 37 -32.58 9.45 44.17
C PHE L 37 -31.12 9.02 44.14
N ILE L 38 -30.46 9.13 42.98
CA ILE L 38 -29.00 8.93 42.97
C ILE L 38 -28.30 10.04 43.72
N VAL L 39 -28.74 11.28 43.51
CA VAL L 39 -28.17 12.41 44.28
C VAL L 39 -28.39 12.20 45.77
N ARG L 40 -29.60 11.80 46.15
CA ARG L 40 -29.87 11.53 47.57
C ARG L 40 -28.94 10.46 48.11
N HIS L 41 -28.73 9.40 47.34
CA HIS L 41 -27.87 8.30 47.73
C HIS L 41 -26.47 8.79 47.97
N GLN L 42 -25.95 9.58 47.01
CA GLN L 42 -24.58 10.06 47.20
C GLN L 42 -24.48 11.01 48.37
N LEU L 43 -25.49 11.86 48.59
CA LEU L 43 -25.45 12.76 49.76
C LEU L 43 -25.51 11.99 51.06
N LEU L 44 -26.29 10.91 51.10
CA LEU L 44 -26.44 10.16 52.34
C LEU L 44 -25.23 9.30 52.67
N LYS L 45 -24.37 8.95 51.72
CA LYS L 45 -23.11 8.32 52.10
C LYS L 45 -22.24 9.25 52.90
N LYS L 46 -22.14 10.50 52.46
CA LYS L 46 -21.42 11.60 53.08
C LYS L 46 -21.55 12.79 52.13
N ILE M 1 -53.85 14.70 7.40
CA ILE M 1 -54.22 13.27 7.60
C ILE M 1 -55.72 13.27 7.94
N THR M 2 -56.42 12.20 7.64
CA THR M 2 -57.77 12.05 8.20
C THR M 2 -57.81 10.84 9.14
N ALA M 3 -58.84 10.81 10.02
CA ALA M 3 -58.87 9.75 11.02
C ALA M 3 -60.31 9.56 11.45
N LYS M 4 -60.55 8.42 12.04
CA LYS M 4 -61.88 8.17 12.63
C LYS M 4 -62.04 8.96 13.91
N PRO M 5 -63.27 9.29 14.30
CA PRO M 5 -63.53 9.75 15.67
C PRO M 5 -63.02 8.74 16.67
N ALA M 6 -62.60 9.25 17.84
CA ALA M 6 -62.09 8.43 18.92
C ALA M 6 -62.96 7.21 19.18
N LYS M 7 -62.33 6.02 19.24
CA LYS M 7 -63.08 4.82 19.70
C LYS M 7 -63.44 4.89 21.18
N THR M 8 -62.60 5.54 22.00
CA THR M 8 -62.81 5.66 23.44
C THR M 8 -62.53 7.12 23.81
N PRO M 9 -63.48 8.02 23.49
CA PRO M 9 -63.26 9.47 23.70
C PRO M 9 -62.80 9.77 25.11
N THR M 10 -61.86 10.74 25.20
CA THR M 10 -61.29 11.16 26.48
C THR M 10 -61.83 12.56 26.74
N SER M 11 -62.86 12.64 27.63
CA SER M 11 -63.52 13.91 27.90
C SER M 11 -62.57 14.93 28.52
N PRO M 12 -62.96 16.20 28.56
CA PRO M 12 -62.14 17.19 29.27
C PRO M 12 -61.84 16.80 30.72
N LYS M 13 -62.82 16.29 31.46
CA LYS M 13 -62.54 15.80 32.81
C LYS M 13 -61.49 14.69 32.81
N GLU M 14 -61.63 13.71 31.92
CA GLU M 14 -60.64 12.62 31.84
C GLU M 14 -59.24 13.17 31.49
N GLN M 15 -59.20 14.16 30.60
CA GLN M 15 -57.90 14.73 30.26
C GLN M 15 -57.33 15.47 31.45
N ALA M 16 -58.17 16.16 32.24
CA ALA M 16 -57.64 16.82 33.43
C ALA M 16 -57.05 15.82 34.40
N ILE M 17 -57.68 14.68 34.56
CA ILE M 17 -57.14 13.63 35.41
C ILE M 17 -55.81 13.11 34.85
N GLY M 18 -55.78 12.74 33.58
CA GLY M 18 -54.54 12.19 33.02
C GLY M 18 -53.39 13.21 33.12
N LEU M 19 -53.69 14.47 32.80
CA LEU M 19 -52.65 15.52 32.89
C LEU M 19 -52.17 15.68 34.33
N SER M 20 -53.11 15.75 35.29
CA SER M 20 -52.74 15.98 36.69
C SER M 20 -51.89 14.82 37.19
N VAL M 21 -52.32 13.59 36.89
CA VAL M 21 -51.58 12.40 37.30
C VAL M 21 -50.19 12.40 36.67
N THR M 22 -50.13 12.72 35.37
CA THR M 22 -48.83 12.77 34.70
C THR M 22 -47.91 13.78 35.38
N PHE M 23 -48.40 15.00 35.60
CA PHE M 23 -47.54 16.01 36.23
C PHE M 23 -47.12 15.58 37.62
N LEU M 24 -48.07 15.06 38.43
CA LEU M 24 -47.68 14.65 39.77
C LEU M 24 -46.64 13.53 39.78
N SER M 25 -46.68 12.64 38.78
CA SER M 25 -45.69 11.55 38.72
C SER M 25 -44.28 12.10 38.54
N PHE M 26 -44.14 13.23 37.87
CA PHE M 26 -42.82 13.87 37.74
C PHE M 26 -42.50 14.74 38.94
N LEU M 27 -43.51 15.47 39.42
CA LEU M 27 -43.22 16.52 40.41
C LEU M 27 -43.07 15.97 41.82
N LEU M 28 -43.88 14.98 42.22
CA LEU M 28 -43.86 14.61 43.65
C LEU M 28 -42.56 13.92 44.07
N PRO M 29 -41.99 12.96 43.33
CA PRO M 29 -40.77 12.32 43.84
C PRO M 29 -39.60 13.30 43.85
N ALA M 30 -39.39 14.04 42.75
CA ALA M 30 -38.33 15.06 42.75
C ALA M 30 -38.56 16.08 43.85
N GLY M 31 -39.80 16.57 43.97
CA GLY M 31 -40.10 17.53 45.05
C GLY M 31 -39.77 16.99 46.43
N TRP M 32 -40.08 15.71 46.67
CA TRP M 32 -39.75 15.09 47.97
C TRP M 32 -38.24 15.10 48.22
N VAL M 33 -37.45 14.66 47.23
CA VAL M 33 -35.98 14.68 47.38
C VAL M 33 -35.49 16.10 47.63
N LEU M 34 -35.93 17.06 46.82
CA LEU M 34 -35.39 18.40 46.94
C LEU M 34 -35.83 19.08 48.25
N TYR M 35 -37.04 18.80 48.68
CA TYR M 35 -37.51 19.33 49.96
C TYR M 35 -36.66 18.83 51.10
N HIS M 36 -36.20 17.58 51.00
CA HIS M 36 -35.41 16.97 52.07
C HIS M 36 -33.91 17.08 51.88
N LEU M 37 -33.41 17.91 50.94
CA LEU M 37 -31.97 17.99 50.68
C LEU M 37 -31.18 18.30 51.94
N ASP M 38 -31.63 19.29 52.70
CA ASP M 38 -30.89 19.62 53.91
C ASP M 38 -30.79 18.42 54.84
N ASN M 39 -31.89 17.66 54.97
CA ASN M 39 -31.86 16.43 55.77
C ASN M 39 -30.75 15.48 55.34
N TYR M 40 -30.48 15.42 54.03
CA TYR M 40 -29.47 14.49 53.51
C TYR M 40 -28.06 14.97 53.80
N LYS M 41 -27.79 16.26 53.70
CA LYS M 41 -26.45 16.72 54.03
C LYS M 41 -26.10 16.50 55.50
N LYS M 42 -27.06 16.03 56.31
CA LYS M 42 -26.80 15.71 57.71
C LYS M 42 -26.19 14.31 57.85
N SER M 43 -26.99 13.25 57.61
CA SER M 43 -26.58 11.84 57.72
C SER M 43 -26.58 11.33 59.17
N FME N 1 13.15 -6.95 -51.77
CN FME N 1 13.49 -5.79 -51.17
O1 FME N 1 13.18 -5.52 -50.03
CA FME N 1 12.87 -8.14 -51.00
CB FME N 1 12.72 -9.36 -51.93
CG FME N 1 11.39 -10.11 -51.70
SD FME N 1 9.99 -9.02 -51.80
CE FME N 1 8.61 -9.74 -50.93
C FME N 1 13.92 -8.41 -49.98
O FME N 1 13.55 -8.79 -48.87
N PHE N 2 15.20 -8.16 -50.27
CA PHE N 2 16.26 -8.39 -49.27
C PHE N 2 16.09 -7.44 -48.09
N ILE N 3 15.84 -6.17 -48.39
CA ILE N 3 15.69 -5.20 -47.32
C ILE N 3 14.43 -5.48 -46.53
N ASN N 4 13.32 -5.79 -47.23
CA ASN N 4 12.09 -6.09 -46.52
C ASN N 4 12.31 -7.25 -45.58
N ARG N 5 13.00 -8.28 -46.05
CA ARG N 5 13.17 -9.50 -45.24
C ARG N 5 14.13 -9.26 -44.07
N TRP N 6 15.28 -8.62 -44.33
CA TRP N 6 16.36 -8.66 -43.33
C TRP N 6 16.54 -7.36 -42.55
N LEU N 7 15.98 -6.24 -43.03
CA LEU N 7 16.00 -4.99 -42.28
C LEU N 7 14.64 -4.65 -41.66
N PHE N 8 13.55 -5.12 -42.30
CA PHE N 8 12.18 -4.84 -41.87
C PHE N 8 11.50 -6.06 -41.29
N SER N 9 12.28 -7.03 -40.80
CA SER N 9 11.71 -8.28 -40.38
C SER N 9 10.64 -8.14 -39.29
N THR N 10 9.63 -9.03 -39.39
CA THR N 10 8.71 -9.30 -38.30
C THR N 10 8.62 -10.80 -38.09
N ASN N 11 9.71 -11.53 -38.31
CA ASN N 11 9.68 -12.99 -38.25
C ASN N 11 10.63 -13.48 -37.17
N HIS N 12 10.13 -14.35 -36.28
CA HIS N 12 10.97 -14.71 -35.14
C HIS N 12 12.23 -15.52 -35.57
N LYS N 13 12.12 -16.32 -36.64
CA LYS N 13 13.27 -17.12 -37.04
C LYS N 13 14.33 -16.25 -37.68
N ASP N 14 13.92 -15.38 -38.59
CA ASP N 14 14.90 -14.49 -39.23
C ASP N 14 15.55 -13.56 -38.21
N ILE N 15 14.79 -13.05 -37.24
CA ILE N 15 15.37 -12.15 -36.23
C ILE N 15 16.31 -12.97 -35.35
N GLY N 16 15.90 -14.18 -35.02
CA GLY N 16 16.83 -15.13 -34.37
C GLY N 16 18.15 -15.30 -35.12
N THR N 17 18.07 -15.52 -36.44
CA THR N 17 19.26 -15.64 -37.27
C THR N 17 20.10 -14.37 -37.22
N LEU N 18 19.47 -13.18 -37.32
CA LEU N 18 20.24 -11.93 -37.19
C LEU N 18 21.01 -11.89 -35.85
N TYR N 19 20.33 -12.23 -34.75
CA TYR N 19 21.00 -12.27 -33.45
C TYR N 19 22.16 -13.23 -33.42
N LEU N 20 22.00 -14.44 -34.00
CA LEU N 20 23.10 -15.40 -33.99
C LEU N 20 24.28 -14.87 -34.79
N LEU N 21 24.00 -14.24 -35.95
CA LEU N 21 25.08 -13.67 -36.75
C LEU N 21 25.77 -12.56 -35.96
N PHE N 22 24.96 -11.67 -35.37
CA PHE N 22 25.54 -10.57 -34.59
C PHE N 22 26.40 -11.10 -33.44
N GLY N 23 25.89 -12.08 -32.71
CA GLY N 23 26.62 -12.58 -31.57
C GLY N 23 27.89 -13.29 -31.96
N ALA N 24 27.86 -14.00 -33.07
CA ALA N 24 29.07 -14.67 -33.54
C ALA N 24 30.15 -13.66 -33.89
N TRP N 25 29.75 -12.59 -34.59
CA TRP N 25 30.68 -11.51 -34.93
C TRP N 25 31.24 -10.87 -33.65
N ALA N 26 30.35 -10.56 -32.70
CA ALA N 26 30.78 -10.00 -31.42
C ALA N 26 31.74 -10.94 -30.73
N GLY N 27 31.46 -12.24 -30.79
CA GLY N 27 32.38 -13.20 -30.18
C GLY N 27 33.80 -13.13 -30.75
N MET N 28 33.94 -12.88 -32.05
N MET N 28 33.92 -12.88 -32.05
CA MET N 28 35.28 -12.71 -32.60
CA MET N 28 35.25 -12.67 -32.64
C MET N 28 35.94 -11.46 -32.02
C MET N 28 35.92 -11.47 -31.99
N VAL N 29 35.20 -10.35 -31.92
CA VAL N 29 35.73 -9.13 -31.30
C VAL N 29 36.18 -9.43 -29.88
N GLY N 30 35.30 -10.10 -29.11
CA GLY N 30 35.60 -10.31 -27.70
C GLY N 30 36.76 -11.27 -27.52
N THR N 31 36.88 -12.25 -28.42
CA THR N 31 38.02 -13.18 -28.39
C THR N 31 39.33 -12.43 -28.69
N ALA N 32 39.32 -11.62 -29.75
CA ALA N 32 40.51 -10.81 -30.05
C ALA N 32 40.92 -9.97 -28.83
N LEU N 33 39.95 -9.32 -28.16
CA LEU N 33 40.32 -8.54 -26.99
C LEU N 33 40.94 -9.43 -25.92
N SER N 34 40.37 -10.62 -25.71
CA SER N 34 40.90 -11.54 -24.69
C SER N 34 42.32 -11.98 -25.02
N LEU N 35 42.62 -12.11 -26.31
CA LEU N 35 43.97 -12.49 -26.72
C LEU N 35 44.94 -11.34 -26.50
N LEU N 36 44.48 -10.10 -26.66
CA LEU N 36 45.36 -8.98 -26.36
C LEU N 36 45.65 -8.88 -24.87
N ILE N 37 44.62 -9.10 -24.03
CA ILE N 37 44.84 -9.20 -22.60
C ILE N 37 45.96 -10.20 -22.31
N ARG N 38 45.80 -11.41 -22.81
CA ARG N 38 46.73 -12.46 -22.44
C ARG N 38 48.09 -12.28 -23.12
N ALA N 39 48.13 -11.54 -24.23
CA ALA N 39 49.43 -11.22 -24.81
C ALA N 39 50.18 -10.25 -23.91
N GLU N 40 49.48 -9.28 -23.36
CA GLU N 40 50.14 -8.32 -22.47
C GLU N 40 50.74 -9.03 -21.25
N LEU N 41 50.02 -10.02 -20.71
CA LEU N 41 50.44 -10.78 -19.53
C LEU N 41 51.35 -11.98 -19.84
N GLY N 42 51.59 -12.31 -21.12
CA GLY N 42 52.21 -13.57 -21.48
C GLY N 42 53.68 -13.65 -21.16
N GLN N 43 54.31 -12.52 -20.88
CA GLN N 43 55.64 -12.50 -20.29
C GLN N 43 55.74 -11.24 -19.46
N PRO N 44 56.67 -11.21 -18.50
CA PRO N 44 56.75 -10.04 -17.61
C PRO N 44 57.25 -8.81 -18.35
N GLY N 45 56.82 -7.65 -17.85
CA GLY N 45 57.11 -6.39 -18.50
C GLY N 45 55.90 -5.85 -19.24
N THR N 46 56.16 -4.98 -20.21
CA THR N 46 55.06 -4.35 -20.93
C THR N 46 55.11 -4.72 -22.41
N LEU N 47 53.91 -4.96 -22.98
CA LEU N 47 53.82 -5.25 -24.39
C LEU N 47 53.28 -4.07 -25.16
N LEU N 48 52.13 -3.58 -24.74
CA LEU N 48 51.50 -2.46 -25.40
C LEU N 48 52.24 -1.15 -25.09
N GLY N 49 52.91 -1.06 -23.93
CA GLY N 49 53.55 0.19 -23.50
C GLY N 49 52.58 1.28 -23.12
N ASP N 50 51.35 0.93 -22.79
CA ASP N 50 50.33 1.93 -22.54
C ASP N 50 49.27 1.23 -21.69
N ASP N 51 49.37 1.41 -20.37
CA ASP N 51 48.46 0.62 -19.54
C ASP N 51 47.05 1.20 -19.56
N GLN N 52 46.87 2.47 -19.98
CA GLN N 52 45.50 2.92 -20.22
C GLN N 52 44.86 2.10 -21.34
N ILE N 53 45.61 1.85 -22.43
CA ILE N 53 45.11 1.00 -23.52
C ILE N 53 44.80 -0.39 -23.00
N TYR N 54 45.68 -0.97 -22.17
CA TYR N 54 45.37 -2.28 -21.59
C TYR N 54 44.03 -2.22 -20.85
N ASN N 55 43.86 -1.22 -20.00
CA ASN N 55 42.61 -1.15 -19.23
C ASN N 55 41.40 -0.99 -20.16
N VAL N 56 41.55 -0.24 -21.25
CA VAL N 56 40.45 -0.14 -22.23
C VAL N 56 40.16 -1.51 -22.85
N VAL N 57 41.19 -2.29 -23.16
CA VAL N 57 40.98 -3.63 -23.73
C VAL N 57 40.22 -4.51 -22.76
N VAL N 58 40.62 -4.48 -21.48
CA VAL N 58 39.95 -5.33 -20.49
C VAL N 58 38.47 -4.94 -20.42
N THR N 59 38.22 -3.64 -20.33
CA THR N 59 36.85 -3.12 -20.20
C THR N 59 36.01 -3.54 -21.38
N ALA N 60 36.53 -3.34 -22.60
CA ALA N 60 35.76 -3.68 -23.80
C ALA N 60 35.56 -5.18 -23.91
N HIS N 61 36.60 -5.97 -23.56
CA HIS N 61 36.46 -7.45 -23.61
C HIS N 61 35.20 -7.88 -22.88
N ALA N 62 35.02 -7.36 -21.68
CA ALA N 62 33.88 -7.81 -20.87
C ALA N 62 32.55 -7.34 -21.47
N PHE N 63 32.46 -6.05 -21.84
CA PHE N 63 31.19 -5.56 -22.40
C PHE N 63 30.83 -6.33 -23.64
N VAL N 64 31.80 -6.57 -24.51
CA VAL N 64 31.48 -7.30 -25.74
C VAL N 64 31.02 -8.72 -25.43
N MET N 65 31.78 -9.43 -24.57
CA MET N 65 31.41 -10.82 -24.30
C MET N 65 30.03 -10.93 -23.63
N ILE N 66 29.70 -10.01 -22.71
CA ILE N 66 28.42 -10.10 -21.98
C ILE N 66 27.27 -9.57 -22.83
N PHE N 67 27.38 -8.31 -23.27
CA PHE N 67 26.22 -7.65 -23.87
C PHE N 67 26.07 -7.89 -25.35
N PHE N 68 27.17 -8.23 -26.05
CA PHE N 68 27.02 -8.43 -27.50
C PHE N 68 27.23 -9.85 -27.95
N MET N 69 27.86 -10.72 -27.14
CA MET N 69 27.98 -12.14 -27.49
C MET N 69 26.96 -12.99 -26.73
N VAL N 70 27.06 -13.08 -25.38
CA VAL N 70 26.23 -14.08 -24.67
C VAL N 70 24.74 -13.73 -24.73
N MET N 71 24.38 -12.51 -24.31
CA MET N 71 22.93 -12.25 -24.25
C MET N 71 22.29 -12.28 -25.64
N PRO N 72 22.90 -11.69 -26.70
CA PRO N 72 22.24 -11.78 -28.01
C PRO N 72 22.12 -13.20 -28.48
N ILE N 73 23.15 -14.03 -28.25
CA ILE N 73 23.05 -15.40 -28.73
C ILE N 73 22.00 -16.17 -27.96
N MET N 74 22.06 -16.12 -26.63
CA MET N 74 21.16 -16.97 -25.82
C MET N 74 19.70 -16.54 -25.93
N ILE N 75 19.42 -15.27 -25.76
CA ILE N 75 18.07 -14.78 -25.64
C ILE N 75 17.53 -14.33 -26.99
N GLY N 76 18.30 -13.48 -27.67
CA GLY N 76 17.88 -13.03 -28.99
C GLY N 76 17.94 -14.15 -30.04
N GLY N 77 18.98 -15.00 -29.98
CA GLY N 77 19.17 -16.00 -31.05
C GLY N 77 18.39 -17.27 -30.72
N PHE N 78 18.87 -18.05 -29.73
CA PHE N 78 18.15 -19.28 -29.40
C PHE N 78 16.76 -18.99 -28.88
N GLY N 79 16.58 -17.92 -28.11
CA GLY N 79 15.23 -17.61 -27.62
C GLY N 79 14.25 -17.35 -28.75
N ASN N 80 14.61 -16.48 -29.67
CA ASN N 80 13.67 -16.18 -30.75
C ASN N 80 13.44 -17.38 -31.67
N TRP N 81 14.50 -18.14 -31.97
CA TRP N 81 14.27 -19.29 -32.87
C TRP N 81 13.39 -20.32 -32.20
N LEU N 82 13.72 -20.67 -30.96
CA LEU N 82 13.16 -21.85 -30.33
C LEU N 82 11.89 -21.58 -29.53
N VAL N 83 11.73 -20.45 -28.83
CA VAL N 83 10.60 -20.35 -27.90
C VAL N 83 9.27 -20.44 -28.65
N PRO N 84 9.03 -19.69 -29.73
CA PRO N 84 7.73 -19.85 -30.41
C PRO N 84 7.52 -21.26 -30.92
N LEU N 85 8.59 -21.92 -31.40
CA LEU N 85 8.39 -23.27 -31.94
C LEU N 85 8.04 -24.23 -30.81
N MET N 86 8.67 -24.07 -29.64
CA MET N 86 8.47 -25.02 -28.55
C MET N 86 7.08 -24.89 -27.92
N ILE N 87 6.37 -23.77 -28.12
CA ILE N 87 5.00 -23.65 -27.64
C ILE N 87 4.01 -23.61 -28.79
N GLY N 88 4.43 -23.95 -30.02
CA GLY N 88 3.48 -24.01 -31.14
C GLY N 88 2.90 -22.67 -31.52
N ALA N 89 3.62 -21.58 -31.20
CA ALA N 89 3.06 -20.25 -31.48
C ALA N 89 3.51 -19.77 -32.84
N PRO N 90 2.76 -18.86 -33.47
CA PRO N 90 3.06 -18.46 -34.85
C PRO N 90 4.13 -17.42 -34.98
N ASP N 91 4.45 -16.70 -33.89
CA ASP N 91 5.59 -15.80 -33.81
C ASP N 91 5.63 -15.33 -32.38
N MET N 92 6.43 -14.28 -32.13
CA MET N 92 6.39 -13.60 -30.82
C MET N 92 5.15 -12.68 -30.72
N ALA N 93 4.84 -12.27 -29.48
CA ALA N 93 3.66 -11.43 -29.26
C ALA N 93 3.80 -10.11 -30.00
N PHE N 94 5.00 -9.51 -29.97
CA PHE N 94 5.22 -8.20 -30.59
C PHE N 94 6.31 -8.35 -31.65
N PRO N 95 5.93 -8.83 -32.84
CA PRO N 95 6.95 -9.26 -33.79
C PRO N 95 7.74 -8.13 -34.37
N ARG N 96 7.13 -6.93 -34.40
CA ARG N 96 7.78 -5.74 -34.92
C ARG N 96 8.68 -5.09 -33.85
N MET N 97 8.19 -4.96 -32.59
CA MET N 97 9.08 -4.52 -31.51
C MET N 97 10.28 -5.44 -31.39
N ASN N 98 10.10 -6.73 -31.64
CA ASN N 98 11.20 -7.68 -31.57
C ASN N 98 12.34 -7.23 -32.49
N ASN N 99 11.98 -6.71 -33.69
CA ASN N 99 12.99 -6.31 -34.65
C ASN N 99 13.77 -5.10 -34.14
N MET N 100 13.12 -4.27 -33.33
CA MET N 100 13.86 -3.11 -32.79
C MET N 100 14.81 -3.55 -31.67
N SER N 101 14.43 -4.58 -30.90
CA SER N 101 15.40 -5.10 -29.93
C SER N 101 16.65 -5.56 -30.67
N PHE N 102 16.48 -6.17 -31.85
CA PHE N 102 17.67 -6.54 -32.62
C PHE N 102 18.43 -5.30 -33.09
N TRP N 103 17.73 -4.39 -33.80
CA TRP N 103 18.45 -3.30 -34.47
C TRP N 103 19.03 -2.27 -33.52
N LEU N 104 18.62 -2.27 -32.25
CA LEU N 104 19.34 -1.44 -31.28
C LEU N 104 20.76 -1.94 -31.01
N LEU N 105 21.08 -3.21 -31.31
CA LEU N 105 22.38 -3.67 -30.86
C LEU N 105 23.52 -3.22 -31.76
N PRO N 106 23.38 -3.15 -33.10
CA PRO N 106 24.55 -2.61 -33.89
C PRO N 106 24.88 -1.17 -33.48
N PRO N 107 23.90 -0.27 -33.23
CA PRO N 107 24.28 1.08 -32.74
C PRO N 107 24.88 1.05 -31.36
N SER N 108 24.36 0.16 -30.48
CA SER N 108 24.99 0.00 -29.16
C SER N 108 26.46 -0.40 -29.30
N PHE N 109 26.74 -1.34 -30.18
CA PHE N 109 28.13 -1.79 -30.40
C PHE N 109 28.96 -0.68 -31.02
N LEU N 110 28.37 0.06 -31.98
CA LEU N 110 29.06 1.21 -32.57
C LEU N 110 29.43 2.24 -31.50
N LEU N 111 28.52 2.51 -30.55
CA LEU N 111 28.87 3.45 -29.48
C LEU N 111 30.03 2.94 -28.66
N LEU N 112 30.06 1.63 -28.35
CA LEU N 112 31.22 1.06 -27.66
C LEU N 112 32.49 1.21 -28.50
N LEU N 113 32.43 0.94 -29.80
CA LEU N 113 33.59 1.16 -30.66
C LEU N 113 34.04 2.60 -30.55
N ALA N 114 33.08 3.52 -30.65
CA ALA N 114 33.43 4.93 -30.61
C ALA N 114 34.11 5.29 -29.30
N SER N 115 33.64 4.72 -28.19
N SER N 115 33.63 4.72 -28.18
CA SER N 115 34.26 4.99 -26.88
C SER N 115 35.76 4.69 -26.91
N SER N 116 36.17 3.60 -27.58
CA SER N 116 37.56 3.16 -27.60
C SER N 116 38.39 3.92 -28.62
N MET N 117 37.75 4.55 -29.60
N MET N 117 37.75 4.55 -29.60
CA MET N 117 38.48 5.29 -30.62
C MET N 117 38.73 6.75 -30.26
N VAL N 118 37.83 7.38 -29.54
CA VAL N 118 37.99 8.77 -29.12
C VAL N 118 38.80 8.86 -27.83
N GLU N 119 39.52 9.99 -27.66
CA GLU N 119 40.30 10.28 -26.47
C GLU N 119 41.19 9.06 -26.17
N ALA N 120 41.26 8.60 -24.92
CA ALA N 120 42.10 7.47 -24.58
C ALA N 120 41.25 6.28 -24.18
N GLY N 121 39.99 6.29 -24.59
CA GLY N 121 39.10 5.17 -24.33
C GLY N 121 38.62 5.21 -22.88
N ALA N 122 37.69 4.25 -22.57
CA ALA N 122 37.14 4.11 -21.21
C ALA N 122 37.90 2.98 -20.54
N GLY N 123 38.96 3.33 -19.79
CA GLY N 123 39.75 2.30 -19.13
C GLY N 123 39.33 2.16 -17.70
N THR N 124 38.08 1.69 -17.53
CA THR N 124 37.39 1.82 -16.26
C THR N 124 37.15 0.51 -15.55
N GLY N 125 37.32 -0.63 -16.22
CA GLY N 125 36.64 -1.84 -15.79
C GLY N 125 35.18 -1.83 -16.26
N TRP N 126 34.58 -3.02 -16.46
CA TRP N 126 33.21 -3.04 -16.93
C TRP N 126 32.20 -2.57 -15.87
N THR N 127 32.66 -2.44 -14.62
CA THR N 127 31.89 -1.89 -13.52
C THR N 127 31.76 -0.37 -13.63
N VAL N 128 32.69 0.31 -14.32
CA VAL N 128 32.61 1.76 -14.56
C VAL N 128 32.42 2.54 -13.25
N TYR N 129 33.17 2.20 -12.18
CA TYR N 129 33.02 2.91 -10.90
C TYR N 129 33.52 4.34 -10.97
N PRO N 130 32.76 5.29 -10.42
CA PRO N 130 33.34 6.60 -10.09
C PRO N 130 34.13 6.48 -8.81
N PRO N 131 35.10 7.40 -8.57
CA PRO N 131 35.39 8.52 -9.45
C PRO N 131 36.30 8.18 -10.63
N LEU N 132 36.90 6.98 -10.73
CA LEU N 132 37.72 6.73 -11.91
C LEU N 132 36.96 7.03 -13.21
N ALA N 133 35.67 6.63 -13.27
CA ALA N 133 34.87 6.89 -14.45
C ALA N 133 34.27 8.30 -14.50
N GLY N 134 34.56 9.17 -13.52
CA GLY N 134 34.02 10.52 -13.54
C GLY N 134 34.76 11.46 -14.49
N ASN N 135 34.34 12.74 -14.47
CA ASN N 135 34.81 13.65 -15.51
C ASN N 135 36.18 14.27 -15.23
N LEU N 136 36.80 13.96 -14.09
CA LEU N 136 38.16 14.42 -13.83
C LEU N 136 39.17 13.34 -14.18
N ALA N 137 38.92 12.08 -13.74
CA ALA N 137 39.84 10.97 -14.02
C ALA N 137 39.60 10.33 -15.40
N HIS N 138 38.43 10.56 -15.99
CA HIS N 138 38.14 10.10 -17.35
C HIS N 138 37.41 11.22 -18.10
N ALA N 139 38.11 12.36 -18.24
CA ALA N 139 37.56 13.50 -18.94
C ALA N 139 37.34 13.15 -20.41
N GLY N 140 36.31 13.74 -21.01
CA GLY N 140 36.08 13.55 -22.42
C GLY N 140 34.99 12.53 -22.70
N ALA N 141 34.81 12.25 -23.99
CA ALA N 141 33.59 11.54 -24.36
C ALA N 141 33.59 10.02 -24.13
N SER N 142 34.73 9.37 -23.87
CA SER N 142 34.75 7.90 -23.93
C SER N 142 33.74 7.28 -22.94
N VAL N 143 33.76 7.68 -21.68
CA VAL N 143 32.85 7.06 -20.72
C VAL N 143 31.41 7.37 -21.09
N ASP N 144 31.14 8.57 -21.60
CA ASP N 144 29.75 8.86 -21.94
C ASP N 144 29.28 8.00 -23.10
N LEU N 145 30.14 7.75 -24.07
CA LEU N 145 29.75 6.84 -25.14
C LEU N 145 29.52 5.43 -24.61
N THR N 146 30.31 5.00 -23.62
CA THR N 146 30.08 3.69 -22.98
C THR N 146 28.75 3.66 -22.26
N ILE N 147 28.41 4.74 -21.52
CA ILE N 147 27.11 4.79 -20.86
C ILE N 147 25.98 4.68 -21.89
N PHE N 148 26.09 5.45 -22.98
CA PHE N 148 25.00 5.40 -23.98
C PHE N 148 24.92 4.03 -24.65
N SER N 149 26.08 3.38 -24.88
CA SER N 149 26.10 2.01 -25.38
C SER N 149 25.25 1.14 -24.48
N LEU N 150 25.50 1.25 -23.17
CA LEU N 150 24.70 0.44 -22.21
C LEU N 150 23.24 0.85 -22.20
N HIS N 151 22.92 2.13 -22.32
CA HIS N 151 21.51 2.48 -22.41
C HIS N 151 20.83 1.76 -23.57
N LEU N 152 21.42 1.81 -24.78
CA LEU N 152 20.75 1.17 -25.91
C LEU N 152 20.64 -0.33 -25.71
N ALA N 153 21.71 -0.96 -25.23
CA ALA N 153 21.64 -2.40 -24.98
C ALA N 153 20.56 -2.69 -23.92
N GLY N 154 20.47 -1.84 -22.90
CA GLY N 154 19.45 -2.05 -21.87
C GLY N 154 18.06 -1.91 -22.44
N VAL N 155 17.83 -0.89 -23.29
CA VAL N 155 16.47 -0.78 -23.84
C VAL N 155 16.15 -2.00 -24.71
N SER N 156 17.13 -2.45 -25.50
CA SER N 156 16.93 -3.62 -26.34
C SER N 156 16.44 -4.81 -25.50
N SER N 157 17.13 -5.05 -24.38
CA SER N 157 16.83 -6.23 -23.57
C SER N 157 15.59 -6.05 -22.74
N ILE N 158 15.30 -4.84 -22.27
CA ILE N 158 14.03 -4.64 -21.54
C ILE N 158 12.86 -4.91 -22.47
N LEU N 159 12.90 -4.35 -23.70
CA LEU N 159 11.79 -4.61 -24.62
C LEU N 159 11.76 -6.07 -25.01
N GLY N 160 12.94 -6.72 -25.18
CA GLY N 160 12.91 -8.15 -25.48
C GLY N 160 12.30 -8.93 -24.33
N ALA N 161 12.60 -8.51 -23.09
CA ALA N 161 12.03 -9.23 -21.94
C ALA N 161 10.52 -9.11 -21.92
N ILE N 162 10.01 -7.92 -22.17
CA ILE N 162 8.56 -7.73 -22.25
C ILE N 162 7.99 -8.67 -23.30
N ASN N 163 8.67 -8.77 -24.45
CA ASN N 163 8.21 -9.64 -25.54
C ASN N 163 8.20 -11.11 -25.10
N PHE N 164 9.31 -11.58 -24.55
CA PHE N 164 9.36 -13.00 -24.17
C PHE N 164 8.39 -13.32 -23.05
N ILE N 165 8.27 -12.47 -22.01
CA ILE N 165 7.28 -12.78 -20.95
C ILE N 165 5.88 -12.87 -21.55
N THR N 166 5.51 -11.87 -22.38
CA THR N 166 4.16 -11.85 -22.92
C THR N 166 3.92 -13.07 -23.80
N THR N 167 4.90 -13.41 -24.64
CA THR N 167 4.73 -14.53 -25.56
C THR N 167 4.53 -15.83 -24.78
N ILE N 168 5.37 -16.03 -23.77
CA ILE N 168 5.36 -17.30 -23.03
C ILE N 168 4.09 -17.43 -22.16
N ILE N 169 3.62 -16.32 -21.59
CA ILE N 169 2.39 -16.34 -20.79
C ILE N 169 1.16 -16.47 -21.68
N ASN N 170 1.15 -15.80 -22.83
CA ASN N 170 -0.12 -15.57 -23.55
C ASN N 170 -0.32 -16.45 -24.76
N MET N 171 0.75 -17.08 -25.29
CA MET N 171 0.64 -17.64 -26.65
C MET N 171 0.89 -19.14 -26.69
N LYS N 172 0.69 -19.82 -25.54
CA LYS N 172 0.73 -21.28 -25.55
C LYS N 172 -0.61 -21.83 -26.07
N PRO N 173 -0.65 -23.11 -26.44
CA PRO N 173 -1.95 -23.70 -26.78
C PRO N 173 -2.87 -23.60 -25.58
N PRO N 174 -4.18 -23.41 -25.79
CA PRO N 174 -5.09 -23.18 -24.64
C PRO N 174 -5.03 -24.28 -23.60
N ALA N 175 -4.77 -25.53 -24.00
CA ALA N 175 -4.68 -26.62 -23.03
C ALA N 175 -3.35 -26.70 -22.28
N MET N 176 -2.29 -26.03 -22.76
CA MET N 176 -0.96 -26.17 -22.19
C MET N 176 -0.85 -25.26 -20.96
N SER N 177 -0.61 -25.83 -19.79
CA SER N 177 -0.33 -24.92 -18.67
C SER N 177 1.15 -24.57 -18.67
N GLN N 178 1.49 -23.63 -17.76
CA GLN N 178 2.90 -23.32 -17.66
C GLN N 178 3.72 -24.53 -17.25
N TYR N 179 3.10 -25.51 -16.59
CA TYR N 179 3.82 -26.70 -16.19
C TYR N 179 3.82 -27.77 -17.26
N GLN N 180 3.44 -27.41 -18.48
CA GLN N 180 3.62 -28.28 -19.65
C GLN N 180 4.51 -27.59 -20.68
N THR N 181 5.26 -26.54 -20.25
CA THR N 181 6.14 -25.97 -21.25
C THR N 181 7.57 -26.49 -21.04
N PRO N 182 8.38 -26.55 -22.09
CA PRO N 182 9.73 -27.10 -21.92
C PRO N 182 10.58 -26.23 -21.02
N LEU N 183 11.60 -26.88 -20.44
CA LEU N 183 12.48 -26.16 -19.53
C LEU N 183 13.20 -25.02 -20.22
N PHE N 184 13.54 -25.13 -21.52
CA PHE N 184 14.21 -23.94 -22.11
C PHE N 184 13.28 -22.73 -22.09
N VAL N 185 11.99 -22.97 -22.34
CA VAL N 185 11.01 -21.88 -22.30
C VAL N 185 10.92 -21.28 -20.90
N TRP N 186 10.92 -22.11 -19.85
CA TRP N 186 10.98 -21.59 -18.48
C TRP N 186 12.22 -20.75 -18.29
N SER N 187 13.35 -21.24 -18.80
CA SER N 187 14.60 -20.57 -18.51
C SER N 187 14.60 -19.15 -19.10
N VAL N 188 14.00 -19.02 -20.30
CA VAL N 188 13.93 -17.71 -20.96
C VAL N 188 12.95 -16.81 -20.25
N MET N 189 11.80 -17.36 -19.82
CA MET N 189 10.85 -16.55 -19.08
C MET N 189 11.51 -15.96 -17.82
N ILE N 190 12.22 -16.81 -17.07
CA ILE N 190 12.78 -16.33 -15.81
C ILE N 190 13.89 -15.34 -16.09
N THR N 191 14.71 -15.62 -17.09
CA THR N 191 15.75 -14.65 -17.51
C THR N 191 15.11 -13.32 -17.86
N ALA N 192 14.00 -13.36 -18.57
CA ALA N 192 13.32 -12.12 -18.96
C ALA N 192 12.78 -11.35 -17.75
N VAL N 193 12.24 -12.04 -16.75
CA VAL N 193 11.81 -11.31 -15.54
C VAL N 193 13.02 -10.67 -14.84
N LEU N 194 14.15 -11.39 -14.78
CA LEU N 194 15.34 -10.76 -14.18
C LEU N 194 15.80 -9.53 -14.97
N LEU N 195 15.75 -9.58 -16.31
CA LEU N 195 16.13 -8.41 -17.12
C LEU N 195 15.20 -7.24 -16.87
N LEU N 196 13.90 -7.52 -16.84
CA LEU N 196 12.88 -6.50 -16.68
C LEU N 196 13.09 -5.70 -15.41
N LEU N 197 13.50 -6.38 -14.32
CA LEU N 197 13.59 -5.70 -13.03
C LEU N 197 14.95 -5.12 -12.80
N SER N 198 15.99 -5.75 -13.36
CA SER N 198 17.34 -5.30 -13.03
C SER N 198 17.88 -4.20 -13.94
N LEU N 199 17.61 -4.31 -15.25
CA LEU N 199 18.19 -3.31 -16.16
C LEU N 199 17.72 -1.90 -15.86
N PRO N 200 16.48 -1.66 -15.39
CA PRO N 200 16.11 -0.26 -15.11
C PRO N 200 16.95 0.34 -13.98
N VAL N 201 17.37 -0.50 -13.04
CA VAL N 201 18.19 -0.01 -11.93
C VAL N 201 19.58 0.34 -12.45
N LEU N 202 20.16 -0.52 -13.30
CA LEU N 202 21.42 -0.11 -13.94
C LEU N 202 21.22 1.19 -14.69
N ALA N 203 20.10 1.28 -15.44
CA ALA N 203 19.86 2.50 -16.22
C ALA N 203 19.83 3.73 -15.33
N ALA N 204 19.20 3.62 -14.16
CA ALA N 204 19.17 4.76 -13.23
C ALA N 204 20.58 5.10 -12.78
N GLY N 205 21.36 4.08 -12.42
CA GLY N 205 22.72 4.33 -11.92
C GLY N 205 23.63 4.95 -12.96
N ILE N 206 23.63 4.45 -14.20
CA ILE N 206 24.55 5.01 -15.21
C ILE N 206 24.03 6.38 -15.65
N THR N 207 22.71 6.61 -15.52
CA THR N 207 22.21 7.96 -15.85
C THR N 207 22.71 8.95 -14.79
N MET N 208 22.71 8.55 -13.52
CA MET N 208 23.30 9.44 -12.50
C MET N 208 24.78 9.62 -12.75
N LEU N 209 25.49 8.60 -13.26
CA LEU N 209 26.91 8.84 -13.58
C LEU N 209 27.02 9.84 -14.73
N LEU N 210 26.13 9.72 -15.70
CA LEU N 210 26.11 10.65 -16.83
C LEU N 210 25.90 12.07 -16.33
N THR N 211 24.97 12.25 -15.40
CA THR N 211 24.68 13.62 -14.97
C THR N 211 25.79 14.13 -14.03
N ASP N 212 26.42 13.23 -13.27
CA ASP N 212 27.60 13.71 -12.50
C ASP N 212 28.72 14.16 -13.43
N ARG N 213 28.84 13.51 -14.58
CA ARG N 213 29.88 13.87 -15.52
C ARG N 213 29.53 15.10 -16.34
N ASN N 214 28.24 15.41 -16.54
CA ASN N 214 27.91 16.47 -17.50
C ASN N 214 26.95 17.52 -17.01
N LEU N 215 26.20 17.28 -15.94
CA LEU N 215 25.24 18.28 -15.52
C LEU N 215 25.52 18.77 -14.11
N ASN N 216 26.70 18.47 -13.58
CA ASN N 216 27.13 18.96 -12.26
C ASN N 216 26.26 18.43 -11.10
N THR N 217 25.63 17.27 -11.33
CA THR N 217 25.13 16.54 -10.16
C THR N 217 26.30 15.92 -9.38
N THR N 218 25.98 15.44 -8.17
CA THR N 218 27.00 14.90 -7.27
C THR N 218 26.46 13.68 -6.55
N PHE N 219 25.75 12.83 -7.30
CA PHE N 219 25.25 11.58 -6.70
C PHE N 219 26.38 10.77 -6.09
N PHE N 220 27.57 10.77 -6.76
CA PHE N 220 28.66 9.89 -6.37
C PHE N 220 29.87 10.68 -5.92
N ASP N 221 29.72 12.01 -5.74
CA ASP N 221 30.87 12.90 -5.46
C ASP N 221 30.72 13.38 -4.02
N PRO N 222 31.58 12.94 -3.10
CA PRO N 222 31.48 13.40 -1.70
C PRO N 222 31.50 14.90 -1.55
N ALA N 223 32.13 15.66 -2.48
CA ALA N 223 32.13 17.12 -2.32
C ALA N 223 30.72 17.69 -2.26
N GLY N 224 29.77 17.00 -2.96
CA GLY N 224 28.38 17.41 -2.95
C GLY N 224 27.54 16.65 -1.93
N GLY N 225 28.15 15.80 -1.10
CA GLY N 225 27.37 14.96 -0.24
C GLY N 225 27.02 13.62 -0.88
N GLY N 226 27.55 13.34 -2.07
CA GLY N 226 27.31 12.04 -2.72
C GLY N 226 28.28 10.99 -2.22
N ASP N 227 28.23 9.80 -2.86
CA ASP N 227 28.92 8.65 -2.29
C ASP N 227 29.28 7.70 -3.41
N PRO N 228 30.58 7.44 -3.66
CA PRO N 228 30.93 6.46 -4.72
C PRO N 228 30.29 5.11 -4.48
N ILE N 229 30.09 4.75 -3.20
CA ILE N 229 29.59 3.40 -2.89
C ILE N 229 28.11 3.28 -3.33
N LEU N 230 27.34 4.39 -3.38
CA LEU N 230 25.96 4.28 -3.92
C LEU N 230 25.97 3.74 -5.35
N TYR N 231 26.90 4.22 -6.18
CA TYR N 231 26.97 3.71 -7.55
C TYR N 231 27.17 2.19 -7.51
N GLN N 232 28.06 1.71 -6.64
CA GLN N 232 28.33 0.27 -6.59
C GLN N 232 27.07 -0.53 -6.24
N HIS N 233 26.30 -0.06 -5.26
CA HIS N 233 25.05 -0.75 -4.93
C HIS N 233 24.13 -0.82 -6.13
N LEU N 234 23.97 0.31 -6.84
CA LEU N 234 23.04 0.32 -7.97
C LEU N 234 23.54 -0.56 -9.09
N PHE N 235 24.87 -0.50 -9.34
CA PHE N 235 25.41 -1.34 -10.39
C PHE N 235 25.21 -2.80 -10.09
N TRP N 236 25.57 -3.22 -8.86
CA TRP N 236 25.53 -4.64 -8.52
C TRP N 236 24.13 -5.12 -8.22
N PHE N 237 23.19 -4.22 -7.89
CA PHE N 237 21.81 -4.65 -7.80
C PHE N 237 21.36 -5.17 -9.14
N PHE N 238 21.88 -4.57 -10.22
CA PHE N 238 21.68 -5.16 -11.55
C PHE N 238 22.66 -6.29 -11.82
N GLY N 239 23.92 -6.13 -11.40
CA GLY N 239 24.96 -7.04 -11.86
C GLY N 239 24.83 -8.46 -11.33
N HIS N 240 24.33 -8.64 -10.09
CA HIS N 240 24.14 -10.05 -9.70
C HIS N 240 23.01 -10.68 -10.50
N PRO N 241 21.83 -10.12 -10.57
CA PRO N 241 20.85 -10.69 -11.53
C PRO N 241 21.50 -10.96 -12.88
N GLU N 242 22.30 -10.02 -13.40
CA GLU N 242 22.92 -10.22 -14.71
C GLU N 242 23.70 -11.55 -14.81
N VAL N 243 24.46 -11.93 -13.74
CA VAL N 243 25.22 -13.18 -13.93
C VAL N 243 24.25 -14.37 -14.04
N TYR N 244 23.09 -14.29 -13.37
CA TYR N 244 22.11 -15.39 -13.54
C TYR N 244 21.40 -15.28 -14.87
N ILE N 245 21.15 -14.07 -15.37
CA ILE N 245 20.69 -13.90 -16.75
C ILE N 245 21.64 -14.55 -17.74
N LEU N 246 22.92 -14.46 -17.50
CA LEU N 246 23.91 -14.99 -18.45
C LEU N 246 23.92 -16.51 -18.44
N ILE N 247 23.50 -17.13 -17.34
CA ILE N 247 23.60 -18.59 -17.29
C ILE N 247 22.25 -19.30 -17.45
N LEU N 248 21.15 -18.64 -17.09
CA LEU N 248 19.88 -19.37 -17.04
C LEU N 248 19.47 -19.93 -18.38
N PRO N 249 19.52 -19.20 -19.50
CA PRO N 249 19.18 -19.84 -20.78
C PRO N 249 20.13 -20.97 -21.11
N GLY N 250 21.36 -20.91 -20.60
CA GLY N 250 22.28 -22.00 -20.75
C GLY N 250 21.81 -23.22 -19.98
N PHE N 251 21.35 -23.02 -18.73
CA PHE N 251 20.74 -24.13 -18.00
C PHE N 251 19.62 -24.73 -18.80
N GLY N 252 18.76 -23.88 -19.37
CA GLY N 252 17.65 -24.39 -20.18
C GLY N 252 18.12 -25.25 -21.34
N MET N 253 19.12 -24.74 -22.10
CA MET N 253 19.59 -25.54 -23.26
C MET N 253 20.25 -26.83 -22.80
N ILE N 254 21.03 -26.77 -21.72
CA ILE N 254 21.67 -27.99 -21.17
C ILE N 254 20.61 -29.03 -20.80
N SER N 255 19.52 -28.60 -20.17
CA SER N 255 18.44 -29.57 -19.91
C SER N 255 17.97 -30.25 -21.18
N HIS N 256 17.76 -29.49 -22.25
CA HIS N 256 17.27 -30.10 -23.47
C HIS N 256 18.31 -31.02 -24.09
N ILE N 257 19.57 -30.59 -24.10
CA ILE N 257 20.63 -31.39 -24.74
C ILE N 257 20.87 -32.69 -23.98
N VAL N 258 20.98 -32.61 -22.65
CA VAL N 258 21.21 -33.82 -21.85
C VAL N 258 20.05 -34.79 -22.00
N THR N 259 18.81 -34.26 -21.98
CA THR N 259 17.64 -35.13 -22.19
C THR N 259 17.71 -35.82 -23.54
N TYR N 260 17.99 -35.05 -24.59
CA TYR N 260 17.95 -35.56 -25.95
C TYR N 260 18.99 -36.65 -26.15
N TYR N 261 20.24 -36.39 -25.80
CA TYR N 261 21.28 -37.36 -26.09
C TYR N 261 21.38 -38.45 -25.06
N SER N 262 20.58 -38.38 -23.99
CA SER N 262 20.41 -39.56 -23.15
C SER N 262 19.30 -40.45 -23.68
N GLY N 263 18.68 -40.06 -24.80
CA GLY N 263 17.60 -40.87 -25.35
C GLY N 263 16.35 -40.87 -24.48
N LYS N 264 16.15 -39.80 -23.71
CA LYS N 264 15.02 -39.69 -22.79
C LYS N 264 13.92 -38.82 -23.40
N LYS N 265 12.69 -39.09 -22.98
CA LYS N 265 11.60 -38.25 -23.43
C LYS N 265 11.46 -36.99 -22.59
N GLU N 266 12.12 -36.94 -21.45
CA GLU N 266 11.92 -35.83 -20.52
C GLU N 266 13.12 -35.74 -19.60
N PRO N 267 13.38 -34.55 -19.05
CA PRO N 267 14.42 -34.39 -18.04
C PRO N 267 13.95 -34.98 -16.71
N PHE N 268 14.91 -35.39 -15.90
CA PHE N 268 14.59 -35.85 -14.56
C PHE N 268 14.07 -34.70 -13.73
N GLY N 269 12.96 -34.93 -13.02
CA GLY N 269 12.56 -33.97 -11.99
C GLY N 269 12.15 -32.61 -12.56
N TYR N 270 11.24 -32.63 -13.52
CA TYR N 270 10.86 -31.38 -14.19
C TYR N 270 10.46 -30.29 -13.21
N MET N 271 9.53 -30.59 -12.28
CA MET N 271 9.06 -29.51 -11.41
C MET N 271 10.17 -29.04 -10.49
N GLY N 272 11.08 -29.93 -10.08
CA GLY N 272 12.27 -29.47 -9.36
C GLY N 272 13.15 -28.50 -10.17
N MET N 273 13.31 -28.77 -11.49
CA MET N 273 14.07 -27.89 -12.37
C MET N 273 13.41 -26.52 -12.47
N VAL N 274 12.06 -26.50 -12.53
CA VAL N 274 11.33 -25.22 -12.57
C VAL N 274 11.51 -24.49 -11.23
N TRP N 275 11.33 -25.23 -10.13
CA TRP N 275 11.53 -24.66 -8.80
C TRP N 275 12.94 -24.08 -8.66
N ALA N 276 13.93 -24.84 -9.13
CA ALA N 276 15.31 -24.40 -8.94
C ALA N 276 15.58 -23.09 -9.72
N MET N 277 15.11 -23.01 -10.97
CA MET N 277 15.31 -21.77 -11.72
C MET N 277 14.58 -20.61 -11.07
N MET N 278 13.34 -20.82 -10.63
CA MET N 278 12.61 -19.73 -9.96
C MET N 278 13.32 -19.29 -8.71
N SER N 279 13.82 -20.26 -7.93
CA SER N 279 14.52 -19.96 -6.69
C SER N 279 15.80 -19.19 -6.95
N ILE N 280 16.56 -19.60 -7.97
CA ILE N 280 17.79 -18.89 -8.33
C ILE N 280 17.44 -17.47 -8.73
N GLY N 281 16.39 -17.31 -9.51
CA GLY N 281 15.96 -15.98 -9.93
C GLY N 281 15.61 -15.08 -8.76
N PHE N 282 14.87 -15.61 -7.81
CA PHE N 282 14.43 -14.84 -6.65
C PHE N 282 15.62 -14.51 -5.77
N LEU N 283 16.43 -15.53 -5.42
CA LEU N 283 17.57 -15.27 -4.57
C LEU N 283 18.60 -14.34 -5.26
N GLY N 284 18.58 -14.31 -6.59
CA GLY N 284 19.53 -13.48 -7.32
C GLY N 284 19.37 -12.00 -7.06
N PHE N 285 18.27 -11.55 -6.45
CA PHE N 285 18.07 -10.13 -6.12
C PHE N 285 18.48 -9.76 -4.70
N ILE N 286 18.90 -10.73 -3.84
CA ILE N 286 19.12 -10.35 -2.45
C ILE N 286 20.55 -10.65 -2.01
N VAL N 287 21.50 -10.68 -2.96
CA VAL N 287 22.86 -11.11 -2.63
C VAL N 287 23.92 -10.15 -3.14
N TRP N 288 23.55 -9.06 -3.81
CA TRP N 288 24.51 -8.32 -4.65
C TRP N 288 25.73 -7.78 -3.90
N ALA N 289 25.62 -7.51 -2.60
CA ALA N 289 26.73 -6.85 -1.92
C ALA N 289 27.92 -7.78 -1.66
N HIS N 290 27.83 -9.06 -2.04
CA HIS N 290 29.04 -9.89 -2.08
C HIS N 290 30.05 -9.43 -3.12
N HIS N 291 29.69 -8.44 -3.95
CA HIS N 291 30.65 -7.78 -4.80
C HIS N 291 31.26 -6.56 -4.10
N MET N 292 30.98 -6.41 -2.80
CA MET N 292 31.40 -5.20 -2.09
C MET N 292 31.96 -5.51 -0.69
N PHE N 293 32.47 -6.72 -0.49
CA PHE N 293 32.91 -7.11 0.85
C PHE N 293 34.13 -6.34 1.36
N THR N 294 34.85 -5.63 0.50
CA THR N 294 35.99 -4.82 1.01
C THR N 294 35.71 -3.33 1.01
N VAL N 295 34.48 -2.86 0.83
CA VAL N 295 34.25 -1.41 0.72
C VAL N 295 34.05 -0.78 2.09
N GLY N 296 33.98 -1.56 3.15
CA GLY N 296 33.71 -1.03 4.48
C GLY N 296 32.30 -1.19 5.03
N MET N 297 31.57 -2.28 4.70
CA MET N 297 30.23 -2.38 5.26
C MET N 297 30.27 -2.97 6.66
N ASP N 298 29.17 -2.76 7.40
CA ASP N 298 29.09 -3.30 8.74
C ASP N 298 29.19 -4.83 8.71
N VAL N 299 29.69 -5.41 9.80
CA VAL N 299 29.93 -6.84 9.88
C VAL N 299 28.61 -7.64 9.77
N ASP N 300 27.51 -7.14 10.38
CA ASP N 300 26.28 -7.92 10.26
C ASP N 300 25.79 -7.98 8.83
N THR N 301 25.97 -6.89 8.09
CA THR N 301 25.61 -6.91 6.67
C THR N 301 26.46 -7.92 5.91
N ARG N 302 27.77 -7.96 6.20
N ARG N 302 27.77 -7.96 6.20
CA ARG N 302 28.64 -8.95 5.57
C ARG N 302 28.18 -10.35 5.93
N ALA N 303 27.73 -10.57 7.17
CA ALA N 303 27.31 -11.91 7.54
C ALA N 303 26.05 -12.30 6.79
N TYR N 304 25.10 -11.36 6.69
CA TYR N 304 23.87 -11.66 5.95
C TYR N 304 24.22 -12.01 4.50
N PHE N 305 25.04 -11.16 3.86
CA PHE N 305 25.28 -11.46 2.45
C PHE N 305 26.08 -12.74 2.23
N THR N 306 27.02 -13.09 3.13
CA THR N 306 27.64 -14.41 3.01
C THR N 306 26.58 -15.50 3.02
N SER N 307 25.70 -15.47 4.02
CA SER N 307 24.72 -16.55 4.22
C SER N 307 23.73 -16.64 3.05
N ALA N 308 23.17 -15.49 2.62
CA ALA N 308 22.18 -15.51 1.56
C ALA N 308 22.80 -16.01 0.26
N THR N 309 24.04 -15.61 0.00
CA THR N 309 24.72 -16.03 -1.24
C THR N 309 24.87 -17.54 -1.27
N MET N 310 25.21 -18.14 -0.13
CA MET N 310 25.49 -19.57 -0.18
C MET N 310 24.21 -20.37 -0.42
N ILE N 311 23.03 -19.86 0.01
CA ILE N 311 21.76 -20.59 -0.19
C ILE N 311 21.55 -20.98 -1.65
N ILE N 312 22.02 -20.17 -2.59
CA ILE N 312 21.82 -20.41 -4.02
C ILE N 312 22.40 -21.76 -4.44
N ALA N 313 23.41 -22.26 -3.70
CA ALA N 313 23.96 -23.58 -4.06
C ALA N 313 22.93 -24.67 -3.95
N ILE N 314 21.90 -24.51 -3.10
CA ILE N 314 20.92 -25.57 -2.93
C ILE N 314 20.10 -25.76 -4.20
N PRO N 315 19.38 -24.74 -4.72
CA PRO N 315 18.65 -25.03 -5.98
C PRO N 315 19.59 -25.32 -7.14
N THR N 316 20.78 -24.73 -7.15
CA THR N 316 21.70 -25.02 -8.25
C THR N 316 22.11 -26.49 -8.24
N GLY N 317 22.38 -27.02 -7.05
CA GLY N 317 22.75 -28.41 -6.94
C GLY N 317 21.63 -29.35 -7.33
N VAL N 318 20.37 -28.97 -7.02
CA VAL N 318 19.27 -29.76 -7.57
C VAL N 318 19.37 -29.89 -9.10
N LYS N 319 19.70 -28.78 -9.79
CA LYS N 319 19.76 -28.89 -11.25
C LYS N 319 20.93 -29.78 -11.68
N VAL N 320 22.10 -29.63 -11.04
CA VAL N 320 23.25 -30.46 -11.41
C VAL N 320 22.92 -31.93 -11.21
N PHE N 321 22.41 -32.29 -10.03
CA PHE N 321 22.11 -33.68 -9.80
C PHE N 321 20.98 -34.17 -10.70
N SER N 322 20.04 -33.28 -11.06
CA SER N 322 18.98 -33.71 -11.97
C SER N 322 19.52 -33.96 -13.37
N TRP N 323 20.50 -33.16 -13.82
CA TRP N 323 21.11 -33.48 -15.12
C TRP N 323 21.78 -34.85 -15.05
N LEU N 324 22.47 -35.13 -13.95
CA LEU N 324 23.13 -36.43 -13.77
C LEU N 324 22.08 -37.53 -13.80
N ALA N 325 20.94 -37.31 -13.14
CA ALA N 325 19.86 -38.29 -13.11
C ALA N 325 19.13 -38.39 -14.45
N THR N 326 19.26 -37.37 -15.33
CA THR N 326 18.74 -37.55 -16.68
C THR N 326 19.64 -38.48 -17.50
N LEU N 327 20.98 -38.31 -17.36
CA LEU N 327 21.91 -39.26 -18.00
C LEU N 327 21.66 -40.68 -17.50
N HIS N 328 21.33 -40.80 -16.22
CA HIS N 328 21.15 -42.12 -15.58
C HIS N 328 20.19 -43.03 -16.34
N GLY N 329 20.67 -44.22 -16.73
CA GLY N 329 19.78 -45.11 -17.49
C GLY N 329 19.62 -44.75 -18.96
N GLY N 330 20.34 -43.73 -19.46
CA GLY N 330 20.14 -43.35 -20.83
C GLY N 330 20.82 -44.31 -21.78
N ASN N 331 20.32 -44.31 -23.00
CA ASN N 331 21.06 -44.86 -24.15
C ASN N 331 21.87 -43.67 -24.66
N ILE N 332 23.12 -43.58 -24.21
CA ILE N 332 23.89 -42.35 -24.41
C ILE N 332 24.35 -42.25 -25.86
N LYS N 333 24.03 -41.13 -26.50
CA LYS N 333 24.56 -40.83 -27.83
C LYS N 333 25.69 -39.82 -27.66
N TRP N 334 26.91 -40.24 -28.01
CA TRP N 334 28.09 -39.40 -27.78
C TRP N 334 28.27 -38.39 -28.92
N SER N 335 27.25 -37.56 -29.10
CA SER N 335 27.30 -36.52 -30.11
C SER N 335 28.19 -35.39 -29.64
N PRO N 336 28.58 -34.51 -30.56
CA PRO N 336 29.37 -33.35 -30.09
C PRO N 336 28.59 -32.47 -29.14
N ALA N 337 27.30 -32.24 -29.35
CA ALA N 337 26.53 -31.44 -28.40
C ALA N 337 26.56 -32.07 -27.01
N MET N 338 26.49 -33.40 -26.94
CA MET N 338 26.51 -34.06 -25.63
C MET N 338 27.84 -33.81 -24.96
N MET N 339 28.93 -33.85 -25.74
CA MET N 339 30.22 -33.53 -25.14
C MET N 339 30.26 -32.10 -24.58
N TRP N 340 29.76 -31.12 -25.34
CA TRP N 340 29.69 -29.76 -24.79
C TRP N 340 28.88 -29.74 -23.48
N ALA N 341 27.76 -30.48 -23.41
CA ALA N 341 26.93 -30.43 -22.21
C ALA N 341 27.60 -31.10 -21.03
N LEU N 342 28.30 -32.21 -21.27
CA LEU N 342 29.00 -32.87 -20.18
C LEU N 342 30.13 -31.98 -19.66
N GLY N 343 30.86 -31.33 -20.59
CA GLY N 343 31.87 -30.36 -20.18
C GLY N 343 31.24 -29.26 -19.34
N PHE N 344 30.07 -28.78 -19.79
CA PHE N 344 29.35 -27.77 -19.03
C PHE N 344 29.10 -28.23 -17.59
N ILE N 345 28.53 -29.42 -17.41
CA ILE N 345 28.13 -29.82 -16.06
C ILE N 345 29.35 -29.80 -15.13
N PHE N 346 30.44 -30.38 -15.58
CA PHE N 346 31.62 -30.44 -14.72
C PHE N 346 32.25 -29.07 -14.50
N LEU N 347 32.47 -28.28 -15.57
CA LEU N 347 33.21 -27.05 -15.43
C LEU N 347 32.36 -25.96 -14.74
N PHE N 348 31.05 -25.96 -15.02
CA PHE N 348 30.15 -25.10 -14.27
C PHE N 348 30.19 -25.44 -12.79
N THR N 349 30.22 -26.75 -12.48
CA THR N 349 30.30 -27.13 -11.07
C THR N 349 31.57 -26.60 -10.41
N VAL N 350 32.72 -26.73 -11.06
CA VAL N 350 33.98 -26.19 -10.52
C VAL N 350 33.83 -24.71 -10.26
N GLY N 351 33.37 -23.97 -11.27
CA GLY N 351 33.26 -22.52 -11.09
C GLY N 351 32.24 -22.12 -10.02
N GLY N 352 31.14 -22.87 -9.93
CA GLY N 352 30.16 -22.55 -8.90
C GLY N 352 30.74 -22.73 -7.52
N LEU N 353 31.56 -23.79 -7.37
CA LEU N 353 32.19 -24.08 -6.08
C LEU N 353 33.20 -23.03 -5.71
N THR N 354 34.00 -22.52 -6.64
CA THR N 354 34.88 -21.42 -6.22
C THR N 354 34.06 -20.14 -5.95
N GLY N 355 32.86 -20.03 -6.53
CA GLY N 355 31.99 -18.92 -6.13
C GLY N 355 31.55 -19.05 -4.68
N ILE N 356 31.26 -20.27 -4.25
CA ILE N 356 30.94 -20.50 -2.83
C ILE N 356 32.15 -20.17 -1.93
N VAL N 357 33.38 -20.47 -2.36
CA VAL N 357 34.54 -19.99 -1.61
C VAL N 357 34.47 -18.50 -1.44
N LEU N 358 34.26 -17.79 -2.55
CA LEU N 358 34.24 -16.33 -2.52
C LEU N 358 33.09 -15.76 -1.69
N ALA N 359 32.00 -16.49 -1.54
CA ALA N 359 30.86 -15.98 -0.77
C ALA N 359 31.19 -15.76 0.69
N ASN N 360 32.27 -16.37 1.17
CA ASN N 360 32.69 -16.15 2.56
C ASN N 360 33.42 -14.82 2.71
N SER N 361 32.74 -13.82 3.28
CA SER N 361 33.27 -12.47 3.32
C SER N 361 34.64 -12.45 3.97
N SER N 362 34.88 -13.35 4.94
CA SER N 362 36.20 -13.29 5.61
C SER N 362 37.30 -13.68 4.64
N LEU N 363 37.14 -14.79 3.92
CA LEU N 363 38.12 -15.19 2.93
C LEU N 363 38.11 -14.26 1.73
N ASP N 364 36.93 -13.72 1.35
CA ASP N 364 36.93 -12.79 0.23
C ASP N 364 37.77 -11.54 0.48
N ILE N 365 38.06 -11.17 1.74
CA ILE N 365 39.01 -10.06 1.92
C ILE N 365 40.29 -10.32 1.15
N VAL N 366 40.83 -11.55 1.28
CA VAL N 366 42.10 -11.84 0.62
C VAL N 366 41.93 -12.17 -0.86
N LEU N 367 40.75 -12.64 -1.28
CA LEU N 367 40.60 -13.06 -2.66
C LEU N 367 39.95 -11.98 -3.55
N HIS N 368 39.30 -10.98 -2.95
CA HIS N 368 38.66 -9.94 -3.75
C HIS N 368 39.67 -9.22 -4.62
N ASP N 369 39.27 -8.88 -5.85
CA ASP N 369 40.16 -8.11 -6.75
C ASP N 369 41.49 -8.84 -7.01
N THR N 370 41.44 -10.20 -7.01
CA THR N 370 42.58 -11.05 -7.40
C THR N 370 42.14 -11.95 -8.52
N TYR N 371 43.12 -12.65 -9.10
CA TYR N 371 42.77 -13.59 -10.17
C TYR N 371 41.95 -14.79 -9.69
N TYR N 372 41.74 -14.98 -8.38
CA TYR N 372 40.83 -16.05 -7.97
C TYR N 372 39.43 -15.74 -8.49
N VAL N 373 39.03 -14.45 -8.41
CA VAL N 373 37.71 -14.08 -8.92
C VAL N 373 37.63 -14.30 -10.40
N VAL N 374 38.69 -13.92 -11.13
CA VAL N 374 38.74 -14.11 -12.57
C VAL N 374 38.62 -15.59 -12.93
N ALA N 375 39.26 -16.46 -12.14
CA ALA N 375 39.16 -17.90 -12.36
C ALA N 375 37.74 -18.38 -12.11
N HIS N 376 37.14 -17.93 -11.00
CA HIS N 376 35.75 -18.31 -10.72
C HIS N 376 34.87 -17.98 -11.91
N PHE N 377 34.94 -16.72 -12.39
CA PHE N 377 33.88 -16.41 -13.35
C PHE N 377 34.21 -16.84 -14.75
N HIS N 378 35.47 -17.12 -15.09
CA HIS N 378 35.69 -17.69 -16.43
C HIS N 378 35.35 -19.18 -16.45
N TYR N 379 35.36 -19.87 -15.31
CA TYR N 379 34.82 -21.22 -15.31
C TYR N 379 33.30 -21.18 -15.50
N VAL N 380 32.59 -20.27 -14.84
N VAL N 380 32.63 -20.42 -14.61
CA VAL N 380 31.15 -20.29 -15.14
CA VAL N 380 31.20 -20.57 -14.38
C VAL N 380 30.82 -19.66 -16.49
C VAL N 380 30.39 -19.75 -15.36
N LEU N 381 31.61 -18.72 -17.02
N LEU N 381 30.90 -18.56 -15.71
CA LEU N 381 31.24 -18.05 -18.29
CA LEU N 381 30.30 -17.73 -16.76
C LEU N 381 31.91 -18.69 -19.51
C LEU N 381 30.92 -17.99 -18.11
N SER N 382 33.22 -18.93 -19.48
N SER N 382 32.22 -17.73 -18.27
CA SER N 382 33.90 -19.49 -20.64
CA SER N 382 32.85 -17.86 -19.58
C SER N 382 33.73 -20.98 -20.74
C SER N 382 32.75 -19.27 -20.13
N MET N 383 33.46 -21.64 -19.64
N MET N 383 33.26 -20.27 -19.42
CA MET N 383 33.18 -23.06 -19.68
CA MET N 383 33.11 -21.64 -19.90
C MET N 383 31.75 -23.39 -19.30
C MET N 383 31.66 -22.11 -19.83
N GLY N 384 30.94 -22.39 -18.97
N GLY N 384 30.98 -21.82 -18.72
CA GLY N 384 29.52 -22.57 -18.73
CA GLY N 384 29.61 -22.32 -18.57
C GLY N 384 28.73 -21.88 -19.82
C GLY N 384 28.72 -21.86 -19.70
N ALA N 385 28.64 -20.54 -19.85
CA ALA N 385 27.87 -19.91 -20.90
C ALA N 385 28.34 -20.35 -22.30
N VAL N 386 29.66 -20.31 -22.54
CA VAL N 386 30.16 -20.64 -23.88
C VAL N 386 29.92 -22.12 -24.21
N PHE N 387 30.07 -23.01 -23.24
CA PHE N 387 29.87 -24.42 -23.56
C PHE N 387 28.39 -24.70 -23.84
N ALA N 388 27.48 -24.04 -23.09
CA ALA N 388 26.07 -24.22 -23.41
C ALA N 388 25.76 -23.66 -24.78
N ILE N 389 26.32 -22.50 -25.09
CA ILE N 389 26.14 -21.91 -26.43
C ILE N 389 26.65 -22.84 -27.51
N MET N 390 27.85 -23.41 -27.34
CA MET N 390 28.39 -24.29 -28.37
C MET N 390 27.58 -25.55 -28.45
N GLY N 391 27.16 -26.10 -27.29
CA GLY N 391 26.32 -27.30 -27.37
C GLY N 391 24.99 -27.03 -28.05
N GLY N 392 24.36 -25.90 -27.72
CA GLY N 392 23.13 -25.53 -28.40
C GLY N 392 23.35 -25.31 -29.89
N PHE N 393 24.43 -24.63 -30.23
CA PHE N 393 24.67 -24.33 -31.63
C PHE N 393 24.86 -25.62 -32.43
N VAL N 394 25.67 -26.56 -31.92
CA VAL N 394 25.91 -27.78 -32.65
C VAL N 394 24.62 -28.57 -32.74
N HIS N 395 23.84 -28.58 -31.64
CA HIS N 395 22.62 -29.38 -31.63
C HIS N 395 21.58 -28.84 -32.61
N TRP N 396 21.35 -27.51 -32.60
CA TRP N 396 20.28 -26.93 -33.38
C TRP N 396 20.71 -26.37 -34.72
N PHE N 397 22.02 -26.30 -35.02
CA PHE N 397 22.42 -25.84 -36.35
C PHE N 397 21.67 -26.55 -37.48
N PRO N 398 21.43 -27.86 -37.45
CA PRO N 398 20.68 -28.50 -38.54
C PRO N 398 19.23 -28.07 -38.60
N LEU N 399 18.62 -27.72 -37.46
CA LEU N 399 17.26 -27.18 -37.49
C LEU N 399 17.25 -25.81 -38.15
N PHE N 400 18.18 -24.94 -37.75
CA PHE N 400 18.15 -23.57 -38.27
C PHE N 400 18.55 -23.51 -39.73
N SER N 401 19.50 -24.36 -40.16
CA SER N 401 20.07 -24.23 -41.48
C SER N 401 19.53 -25.23 -42.47
N GLY N 402 19.06 -26.38 -42.01
CA GLY N 402 18.73 -27.51 -42.90
C GLY N 402 19.89 -28.41 -43.22
N TYR N 403 21.11 -28.10 -42.74
CA TYR N 403 22.32 -28.85 -43.11
C TYR N 403 22.97 -29.48 -41.88
N THR N 404 23.59 -30.65 -42.07
CA THR N 404 24.34 -31.24 -40.98
C THR N 404 25.80 -30.81 -40.93
N LEU N 405 26.33 -30.76 -39.70
CA LEU N 405 27.75 -30.59 -39.46
C LEU N 405 28.49 -31.91 -39.63
N ASN N 406 29.82 -31.81 -39.76
CA ASN N 406 30.64 -33.01 -39.69
C ASN N 406 30.91 -33.30 -38.22
N ASP N 407 30.37 -34.41 -37.72
CA ASP N 407 30.46 -34.67 -36.28
C ASP N 407 31.89 -34.91 -35.83
N THR N 408 32.71 -35.57 -36.66
CA THR N 408 34.09 -35.77 -36.23
C THR N 408 34.81 -34.43 -36.05
N TRP N 409 34.64 -33.51 -37.01
CA TRP N 409 35.24 -32.19 -36.83
C TRP N 409 34.71 -31.51 -35.58
N ALA N 410 33.41 -31.65 -35.33
CA ALA N 410 32.83 -30.97 -34.17
C ALA N 410 33.39 -31.53 -32.87
N LYS N 411 33.70 -32.81 -32.84
CA LYS N 411 34.31 -33.40 -31.66
C LYS N 411 35.74 -32.93 -31.51
N ILE N 412 36.47 -32.79 -32.62
CA ILE N 412 37.82 -32.24 -32.55
C ILE N 412 37.79 -30.83 -31.97
N HIS N 413 36.87 -30.01 -32.47
CA HIS N 413 36.69 -28.65 -31.97
C HIS N 413 36.44 -28.64 -30.45
N PHE N 414 35.50 -29.48 -29.99
CA PHE N 414 35.29 -29.59 -28.55
C PHE N 414 36.59 -29.90 -27.81
N ALA N 415 37.33 -30.91 -28.28
CA ALA N 415 38.55 -31.36 -27.58
C ALA N 415 39.56 -30.22 -27.45
N ILE N 416 39.82 -29.51 -28.55
CA ILE N 416 40.76 -28.38 -28.52
C ILE N 416 40.29 -27.33 -27.52
N MET N 417 39.02 -26.96 -27.62
CA MET N 417 38.50 -25.93 -26.70
C MET N 417 38.64 -26.35 -25.24
N PHE N 418 38.34 -27.61 -24.93
CA PHE N 418 38.38 -28.06 -23.56
C PHE N 418 39.79 -27.92 -22.99
N VAL N 419 40.79 -28.31 -23.78
CA VAL N 419 42.18 -28.14 -23.36
C VAL N 419 42.49 -26.67 -23.19
N GLY N 420 42.15 -25.86 -24.19
CA GLY N 420 42.55 -24.45 -24.14
C GLY N 420 41.97 -23.69 -22.95
N VAL N 421 40.66 -23.82 -22.71
CA VAL N 421 40.12 -23.01 -21.62
C VAL N 421 40.65 -23.49 -20.26
N ASN N 422 40.88 -24.79 -20.10
CA ASN N 422 41.41 -25.23 -18.80
C ASN N 422 42.86 -24.82 -18.61
N MET N 423 43.66 -24.87 -19.67
CA MET N 423 45.06 -24.37 -19.55
C MET N 423 45.08 -22.87 -19.27
N THR N 424 44.14 -22.13 -19.86
CA THR N 424 44.08 -20.69 -19.66
C THR N 424 43.71 -20.36 -18.22
N PHE N 425 42.62 -20.99 -17.69
CA PHE N 425 42.05 -20.45 -16.47
C PHE N 425 42.38 -21.25 -15.23
N PHE N 426 42.70 -22.53 -15.34
CA PHE N 426 42.98 -23.23 -14.08
C PHE N 426 44.16 -22.64 -13.30
N PRO N 427 45.27 -22.26 -13.94
CA PRO N 427 46.37 -21.67 -13.16
C PRO N 427 46.00 -20.35 -12.54
N GLN N 428 44.94 -19.69 -13.01
CA GLN N 428 44.60 -18.40 -12.39
C GLN N 428 44.13 -18.58 -10.94
N HIS N 429 43.69 -19.80 -10.55
CA HIS N 429 43.42 -20.03 -9.12
C HIS N 429 44.68 -19.79 -8.29
N PHE N 430 45.80 -20.34 -8.74
CA PHE N 430 47.05 -20.19 -8.02
C PHE N 430 47.47 -18.74 -7.97
N LEU N 431 47.36 -18.04 -9.09
CA LEU N 431 47.69 -16.63 -9.10
C LEU N 431 46.86 -15.87 -8.07
N GLY N 432 45.56 -16.20 -7.98
CA GLY N 432 44.70 -15.50 -7.03
C GLY N 432 45.03 -15.80 -5.58
N LEU N 433 45.17 -17.10 -5.24
CA LEU N 433 45.48 -17.50 -3.87
C LEU N 433 46.79 -16.85 -3.41
N SER N 434 47.76 -16.78 -4.33
CA SER N 434 49.08 -16.21 -4.01
C SER N 434 49.10 -14.68 -4.13
N GLY N 435 47.95 -14.06 -4.45
CA GLY N 435 47.80 -12.62 -4.28
C GLY N 435 47.97 -11.76 -5.51
N MET N 436 47.99 -12.34 -6.73
CA MET N 436 48.08 -11.48 -7.90
C MET N 436 46.79 -10.69 -8.11
N PRO N 437 46.83 -9.37 -8.19
CA PRO N 437 45.60 -8.60 -8.41
C PRO N 437 45.08 -8.78 -9.83
N ARG N 438 43.73 -8.71 -9.98
CA ARG N 438 43.19 -8.53 -11.31
C ARG N 438 43.37 -7.09 -11.78
N ARG N 439 43.07 -6.86 -13.07
CA ARG N 439 43.11 -5.55 -13.69
C ARG N 439 44.53 -4.97 -13.74
N TYR N 440 45.52 -5.84 -13.77
CA TYR N 440 46.95 -5.47 -13.84
C TYR N 440 47.51 -5.76 -15.22
N SER N 441 48.39 -4.86 -15.70
CA SER N 441 49.06 -5.04 -16.99
C SER N 441 50.40 -5.76 -16.84
N ASP N 442 50.88 -5.95 -15.62
CA ASP N 442 52.17 -6.55 -15.37
C ASP N 442 52.17 -6.97 -13.90
N TYR N 443 53.09 -7.86 -13.55
CA TYR N 443 53.03 -8.53 -12.27
C TYR N 443 54.42 -8.72 -11.68
N PRO N 444 54.53 -8.74 -10.37
CA PRO N 444 55.79 -9.15 -9.74
C PRO N 444 56.27 -10.47 -10.34
N ASP N 445 57.59 -10.62 -10.37
CA ASP N 445 58.22 -11.68 -11.12
C ASP N 445 57.81 -13.06 -10.65
N ALA N 446 57.55 -13.23 -9.35
CA ALA N 446 57.07 -14.53 -8.85
C ALA N 446 55.91 -15.12 -9.64
N TYR N 447 55.04 -14.27 -10.17
CA TYR N 447 53.82 -14.75 -10.86
C TYR N 447 54.05 -15.16 -12.31
N THR N 448 55.30 -15.19 -12.80
CA THR N 448 55.54 -15.35 -14.22
C THR N 448 55.09 -16.72 -14.72
N MET N 449 55.43 -17.79 -14.01
CA MET N 449 55.15 -19.11 -14.59
C MET N 449 53.66 -19.30 -14.93
N TRP N 450 52.77 -19.04 -13.99
CA TRP N 450 51.36 -19.30 -14.30
C TRP N 450 50.77 -18.32 -15.31
N ASN N 451 51.21 -17.06 -15.33
CA ASN N 451 50.80 -16.15 -16.38
C ASN N 451 51.23 -16.64 -17.75
N THR N 452 52.47 -17.17 -17.85
CA THR N 452 52.96 -17.69 -19.12
C THR N 452 52.07 -18.83 -19.60
N ILE N 453 51.78 -19.77 -18.70
CA ILE N 453 50.95 -20.93 -19.09
C ILE N 453 49.55 -20.49 -19.50
N SER N 454 48.99 -19.57 -18.72
CA SER N 454 47.64 -19.09 -18.99
C SER N 454 47.57 -18.47 -20.39
N SER N 455 48.53 -17.63 -20.74
CA SER N 455 48.57 -17.03 -22.06
C SER N 455 48.78 -18.06 -23.19
N MET N 456 49.58 -19.10 -22.96
CA MET N 456 49.69 -20.15 -23.95
C MET N 456 48.36 -20.86 -24.12
N GLY N 457 47.63 -21.08 -23.02
CA GLY N 457 46.28 -21.64 -23.14
C GLY N 457 45.38 -20.82 -24.03
N SER N 458 45.48 -19.48 -23.94
CA SER N 458 44.55 -18.65 -24.70
C SER N 458 44.74 -18.83 -26.18
N PHE N 459 45.98 -19.15 -26.64
CA PHE N 459 46.16 -19.41 -28.06
C PHE N 459 45.51 -20.71 -28.48
N ILE N 460 45.44 -21.71 -27.58
CA ILE N 460 44.79 -22.98 -27.96
C ILE N 460 43.31 -22.74 -28.25
N SER N 461 42.68 -21.90 -27.42
CA SER N 461 41.27 -21.65 -27.67
C SER N 461 41.09 -20.81 -28.93
N LEU N 462 42.08 -19.96 -29.25
CA LEU N 462 42.02 -19.28 -30.54
C LEU N 462 41.96 -20.30 -31.68
N THR N 463 42.83 -21.31 -31.63
CA THR N 463 42.81 -22.32 -32.68
C THR N 463 41.44 -22.99 -32.78
N ALA N 464 40.82 -23.26 -31.61
CA ALA N 464 39.46 -23.80 -31.60
C ALA N 464 38.46 -22.87 -32.30
N VAL N 465 38.54 -21.56 -32.02
CA VAL N 465 37.62 -20.61 -32.64
C VAL N 465 37.78 -20.60 -34.15
N MET N 466 39.03 -20.58 -34.63
CA MET N 466 39.22 -20.60 -36.08
C MET N 466 38.67 -21.87 -36.67
N LEU N 467 38.87 -22.99 -35.97
CA LEU N 467 38.37 -24.26 -36.48
C LEU N 467 36.85 -24.25 -36.53
N MET N 468 36.20 -23.64 -35.52
CA MET N 468 34.75 -23.54 -35.52
C MET N 468 34.25 -22.85 -36.78
N VAL N 469 34.92 -21.76 -37.20
CA VAL N 469 34.51 -21.06 -38.41
C VAL N 469 34.64 -21.98 -39.62
N PHE N 470 35.75 -22.69 -39.71
CA PHE N 470 35.92 -23.64 -40.82
C PHE N 470 34.83 -24.72 -40.79
N ILE N 471 34.47 -25.20 -39.59
CA ILE N 471 33.46 -26.28 -39.54
C ILE N 471 32.11 -25.79 -40.04
N ILE N 472 31.74 -24.55 -39.67
CA ILE N 472 30.50 -23.98 -40.17
C ILE N 472 30.56 -23.83 -41.68
N TRP N 473 31.68 -23.30 -42.19
CA TRP N 473 31.86 -23.22 -43.64
C TRP N 473 31.68 -24.59 -44.29
N GLU N 474 32.31 -25.62 -43.72
CA GLU N 474 32.24 -26.93 -44.40
C GLU N 474 30.81 -27.45 -44.48
N ALA N 475 29.99 -27.16 -43.47
CA ALA N 475 28.62 -27.65 -43.52
C ALA N 475 27.84 -26.94 -44.62
N PHE N 476 27.98 -25.61 -44.71
CA PHE N 476 27.29 -24.88 -45.77
C PHE N 476 27.87 -25.18 -47.14
N ALA N 477 29.17 -25.49 -47.18
CA ALA N 477 29.81 -25.85 -48.45
C ALA N 477 29.35 -27.21 -48.97
N SER N 478 29.12 -28.19 -48.09
CA SER N 478 28.80 -29.56 -48.57
C SER N 478 27.30 -29.81 -48.80
N LYS N 479 26.42 -29.10 -48.06
CA LYS N 479 24.96 -29.17 -48.27
C LYS N 479 24.44 -30.59 -48.12
N ARG N 480 24.72 -31.20 -46.97
CA ARG N 480 24.03 -32.41 -46.54
C ARG N 480 22.68 -32.01 -45.92
N GLU N 481 21.59 -32.23 -46.65
CA GLU N 481 20.30 -31.74 -46.17
C GLU N 481 19.66 -32.75 -45.24
N VAL N 482 19.12 -32.25 -44.11
CA VAL N 482 18.58 -33.12 -43.09
C VAL N 482 17.37 -33.84 -43.65
N LEU N 483 17.27 -35.12 -43.36
CA LEU N 483 15.99 -35.78 -43.59
C LEU N 483 15.16 -35.83 -42.32
N THR N 484 15.61 -36.67 -41.38
CA THR N 484 14.84 -36.99 -40.19
C THR N 484 15.70 -36.87 -38.94
N VAL N 485 15.03 -36.65 -37.82
CA VAL N 485 15.67 -36.54 -36.53
C VAL N 485 14.84 -37.39 -35.56
N ASP N 486 15.51 -38.01 -34.57
CA ASP N 486 14.81 -38.85 -33.62
C ASP N 486 14.21 -37.99 -32.50
N LEU N 487 13.30 -38.59 -31.74
CA LEU N 487 12.71 -37.96 -30.53
C LEU N 487 11.86 -36.73 -30.86
N THR N 488 11.29 -36.65 -32.06
CA THR N 488 10.44 -35.47 -32.31
C THR N 488 9.20 -35.47 -31.43
N THR N 489 8.78 -36.62 -30.92
CA THR N 489 7.61 -36.59 -30.04
C THR N 489 7.85 -35.75 -28.79
N THR N 490 9.11 -35.52 -28.40
CA THR N 490 9.32 -34.67 -27.22
C THR N 490 10.25 -33.50 -27.54
N ASN N 491 10.30 -33.09 -28.81
CA ASN N 491 11.14 -31.96 -29.21
C ASN N 491 10.40 -31.28 -30.37
N LEU N 492 9.32 -30.57 -30.02
CA LEU N 492 8.40 -29.99 -31.00
C LEU N 492 9.08 -29.07 -32.00
N GLU N 493 10.18 -28.40 -31.60
CA GLU N 493 10.77 -27.43 -32.53
C GLU N 493 11.27 -28.08 -33.81
N TRP N 494 11.49 -29.41 -33.83
CA TRP N 494 11.96 -30.13 -35.03
C TRP N 494 10.84 -30.59 -35.94
N LEU N 495 9.60 -30.51 -35.47
CA LEU N 495 8.55 -31.24 -36.20
C LEU N 495 8.05 -30.54 -37.45
N ASN N 496 8.52 -29.33 -37.75
CA ASN N 496 8.21 -28.71 -39.02
C ASN N 496 9.35 -28.81 -40.04
N GLY N 497 10.33 -29.69 -39.77
CA GLY N 497 11.42 -29.92 -40.72
C GLY N 497 12.52 -28.89 -40.57
N CYS N 498 13.52 -29.01 -41.45
CA CYS N 498 14.79 -28.27 -41.29
C CYS N 498 15.19 -27.63 -42.61
N PRO N 499 15.23 -26.30 -42.70
CA PRO N 499 14.71 -25.37 -41.70
C PRO N 499 13.19 -25.37 -41.79
N PRO N 500 12.51 -25.01 -40.70
CA PRO N 500 11.07 -24.88 -40.77
C PRO N 500 10.69 -23.78 -41.72
N PRO N 501 9.51 -23.86 -42.31
CA PRO N 501 9.05 -22.78 -43.19
C PRO N 501 9.00 -21.44 -42.48
N TYR N 502 9.06 -20.39 -43.30
CA TYR N 502 9.01 -19.03 -42.77
C TYR N 502 7.88 -18.85 -41.76
N HIS N 503 6.65 -19.25 -42.14
CA HIS N 503 5.53 -19.26 -41.21
C HIS N 503 5.30 -20.69 -40.77
N THR N 504 5.35 -20.91 -39.47
CA THR N 504 4.98 -22.18 -38.88
C THR N 504 3.80 -21.97 -37.93
N PHE N 505 3.05 -23.09 -37.70
CA PHE N 505 1.88 -23.07 -36.79
C PHE N 505 0.83 -22.05 -37.26
N GLU N 506 0.74 -21.88 -38.59
CA GLU N 506 -0.40 -21.10 -39.11
C GLU N 506 -1.70 -21.76 -38.70
N GLU N 507 -1.75 -23.10 -38.83
CA GLU N 507 -2.75 -23.87 -38.14
C GLU N 507 -2.13 -24.33 -36.84
N PRO N 508 -2.67 -23.93 -35.68
CA PRO N 508 -2.03 -24.25 -34.40
C PRO N 508 -2.13 -25.73 -34.11
N THR N 509 -1.31 -26.17 -33.18
CA THR N 509 -1.42 -27.56 -32.72
C THR N 509 -2.76 -27.81 -32.06
N TYR N 510 -3.17 -29.09 -32.10
CA TYR N 510 -4.34 -29.56 -31.42
C TYR N 510 -3.89 -30.18 -30.10
N VAL N 511 -4.36 -29.64 -28.96
CA VAL N 511 -4.04 -30.24 -27.65
C VAL N 511 -5.32 -30.24 -26.84
N ASN N 512 -5.76 -31.44 -26.42
N ASN N 512 -5.81 -31.42 -26.45
CA ASN N 512 -6.99 -31.68 -25.64
CA ASN N 512 -7.08 -31.39 -25.74
C ASN N 512 -6.80 -31.32 -24.18
C ASN N 512 -6.88 -31.52 -24.23
N LEU N 513 -7.93 -31.18 -23.51
CA LEU N 513 -8.00 -31.36 -22.06
C LEU N 513 -8.88 -32.58 -21.79
N LYS N 514 -8.27 -33.58 -21.17
CA LYS N 514 -8.94 -34.82 -20.85
C LYS N 514 -9.63 -34.68 -19.50
N FME O 1 55.63 -12.12 0.83
CN FME O 1 55.41 -11.13 1.72
O1 FME O 1 55.14 -9.99 1.36
CA FME O 1 55.43 -11.92 -0.62
CB FME O 1 56.61 -11.18 -1.23
CG FME O 1 57.90 -12.06 -1.09
SD FME O 1 59.30 -11.34 -1.85
CE FME O 1 59.02 -11.67 -3.57
C FME O 1 55.23 -13.24 -1.29
O FME O 1 55.50 -14.26 -0.72
N ALA O 2 54.71 -13.24 -2.52
CA ALA O 2 54.60 -14.52 -3.23
C ALA O 2 55.96 -14.97 -3.75
N TYR O 3 56.08 -16.23 -4.11
CA TYR O 3 57.34 -16.77 -4.61
C TYR O 3 57.04 -17.60 -5.86
N PRO O 4 58.04 -17.90 -6.69
CA PRO O 4 57.79 -18.64 -7.93
C PRO O 4 57.12 -19.99 -7.72
N MET O 5 56.18 -20.29 -8.63
CA MET O 5 55.40 -21.54 -8.70
C MET O 5 54.50 -21.75 -7.49
N GLN O 6 54.11 -20.70 -6.80
CA GLN O 6 53.29 -20.85 -5.62
C GLN O 6 51.87 -21.29 -6.02
N LEU O 7 51.28 -22.20 -5.23
CA LEU O 7 49.93 -22.68 -5.52
C LEU O 7 48.88 -22.10 -4.57
N GLY O 8 49.28 -21.79 -3.32
CA GLY O 8 48.32 -21.41 -2.30
C GLY O 8 48.60 -20.01 -1.73
N PHE O 9 48.09 -19.76 -0.54
CA PHE O 9 48.24 -18.47 0.09
C PHE O 9 49.69 -18.24 0.51
N GLN O 10 50.08 -16.98 0.47
CA GLN O 10 51.29 -16.56 1.18
C GLN O 10 51.25 -17.01 2.63
N ASP O 11 52.45 -17.29 3.20
CA ASP O 11 52.47 -17.71 4.59
C ASP O 11 51.82 -16.65 5.48
N ALA O 12 51.05 -17.10 6.45
CA ALA O 12 50.33 -16.22 7.33
C ALA O 12 51.33 -15.46 8.21
N THR O 13 51.13 -14.14 8.32
CA THR O 13 51.95 -13.32 9.20
C THR O 13 51.16 -12.83 10.39
N SER O 14 49.84 -12.94 10.37
CA SER O 14 49.00 -12.52 11.47
C SER O 14 48.13 -13.69 11.91
N PRO O 15 47.62 -13.66 13.14
CA PRO O 15 46.71 -14.73 13.59
C PRO O 15 45.48 -14.85 12.74
N ILE O 16 44.87 -13.72 12.34
CA ILE O 16 43.67 -13.82 11.50
C ILE O 16 44.01 -14.51 10.18
N MET O 17 45.18 -14.24 9.62
CA MET O 17 45.52 -14.91 8.36
C MET O 17 45.74 -16.41 8.57
N GLU O 18 46.32 -16.81 9.72
CA GLU O 18 46.38 -18.25 9.98
C GLU O 18 44.98 -18.85 10.03
N GLU O 19 44.03 -18.13 10.66
CA GLU O 19 42.67 -18.68 10.70
C GLU O 19 42.12 -18.86 9.31
N LEU O 20 42.34 -17.86 8.45
CA LEU O 20 41.88 -17.99 7.07
C LEU O 20 42.53 -19.19 6.38
N LEU O 21 43.82 -19.46 6.64
CA LEU O 21 44.40 -20.62 5.98
C LEU O 21 43.69 -21.89 6.39
N HIS O 22 43.42 -22.07 7.68
N HIS O 22 43.42 -22.02 7.70
CA HIS O 22 42.77 -23.32 8.05
CA HIS O 22 42.75 -23.21 8.24
C HIS O 22 41.34 -23.35 7.52
C HIS O 22 41.33 -23.34 7.68
N PHE O 23 40.65 -22.20 7.53
CA PHE O 23 39.29 -22.16 6.97
C PHE O 23 39.33 -22.47 5.49
N HIS O 24 40.31 -21.93 4.76
CA HIS O 24 40.41 -22.30 3.37
C HIS O 24 40.73 -23.78 3.18
N ASP O 25 41.60 -24.35 4.02
CA ASP O 25 41.86 -25.79 3.92
C ASP O 25 40.58 -26.59 4.06
N HIS O 26 39.77 -26.25 5.05
CA HIS O 26 38.47 -26.89 5.29
C HIS O 26 37.54 -26.76 4.08
N THR O 27 37.44 -25.56 3.53
CA THR O 27 36.50 -25.36 2.43
C THR O 27 36.99 -26.01 1.15
N LEU O 28 38.31 -25.94 0.90
CA LEU O 28 38.86 -26.54 -0.33
C LEU O 28 38.67 -28.04 -0.29
N MET O 29 38.75 -28.63 0.90
CA MET O 29 38.51 -30.06 0.96
C MET O 29 37.11 -30.38 0.45
N ILE O 30 36.15 -29.55 0.87
CA ILE O 30 34.76 -29.76 0.45
C ILE O 30 34.62 -29.53 -1.04
N VAL O 31 35.23 -28.47 -1.55
CA VAL O 31 35.22 -28.18 -2.99
C VAL O 31 35.76 -29.37 -3.77
N PHE O 32 36.90 -29.91 -3.33
CA PHE O 32 37.52 -31.01 -4.05
C PHE O 32 36.60 -32.22 -4.05
N LEU O 33 36.04 -32.54 -2.90
CA LEU O 33 35.15 -33.68 -2.80
C LEU O 33 33.94 -33.53 -3.71
N ILE O 34 33.30 -32.36 -3.68
CA ILE O 34 32.05 -32.23 -4.46
C ILE O 34 32.36 -32.26 -5.95
N SER O 35 33.41 -31.53 -6.36
CA SER O 35 33.84 -31.54 -7.75
C SER O 35 34.15 -32.95 -8.21
N SER O 36 34.84 -33.72 -7.35
CA SER O 36 35.29 -35.05 -7.76
C SER O 36 34.11 -36.01 -7.76
N LEU O 37 33.17 -35.84 -6.81
CA LEU O 37 31.95 -36.66 -6.85
C LEU O 37 31.15 -36.42 -8.12
N VAL O 38 30.99 -35.16 -8.52
CA VAL O 38 30.25 -34.89 -9.75
C VAL O 38 30.95 -35.50 -10.97
N LEU O 39 32.28 -35.34 -11.07
CA LEU O 39 33.01 -35.98 -12.16
C LEU O 39 32.84 -37.49 -12.12
N TYR O 40 32.97 -38.07 -10.92
CA TYR O 40 32.81 -39.51 -10.80
C TYR O 40 31.42 -39.94 -11.25
N ILE O 41 30.39 -39.27 -10.73
CA ILE O 41 29.03 -39.68 -11.06
C ILE O 41 28.78 -39.51 -12.54
N ILE O 42 29.27 -38.43 -13.14
CA ILE O 42 29.18 -38.34 -14.60
C ILE O 42 29.76 -39.60 -15.23
N SER O 43 30.96 -40.00 -14.81
CA SER O 43 31.55 -41.16 -15.49
C SER O 43 30.73 -42.42 -15.21
N LEU O 44 30.21 -42.55 -13.99
CA LEU O 44 29.33 -43.68 -13.66
C LEU O 44 28.10 -43.71 -14.54
N MET O 45 27.48 -42.54 -14.80
CA MET O 45 26.27 -42.53 -15.63
C MET O 45 26.55 -42.92 -17.06
N LEU O 46 27.81 -42.74 -17.52
CA LEU O 46 28.14 -42.88 -18.93
C LEU O 46 28.80 -44.21 -19.28
N THR O 47 28.93 -45.13 -18.30
CA THR O 47 29.75 -46.32 -18.50
C THR O 47 28.96 -47.62 -18.32
N THR O 48 27.64 -47.60 -18.60
CA THR O 48 26.90 -48.87 -18.58
C THR O 48 25.98 -48.98 -19.78
N LYS O 49 25.89 -50.21 -20.32
CA LYS O 49 24.91 -50.48 -21.35
C LYS O 49 23.51 -50.69 -20.77
N LEU O 50 23.38 -50.77 -19.45
CA LEU O 50 22.04 -50.94 -18.86
C LEU O 50 21.25 -49.66 -19.05
N THR O 51 19.94 -49.82 -19.29
CA THR O 51 19.08 -48.65 -19.48
C THR O 51 17.82 -48.68 -18.62
N HIS O 52 17.30 -47.47 -18.43
CA HIS O 52 16.05 -47.24 -17.72
C HIS O 52 15.59 -45.88 -18.24
N THR O 53 14.67 -45.90 -19.22
CA THR O 53 14.28 -44.66 -19.93
C THR O 53 12.84 -44.24 -19.66
N SER O 54 12.08 -45.03 -18.91
CA SER O 54 10.74 -44.61 -18.54
C SER O 54 10.84 -43.56 -17.43
N THR O 55 9.68 -43.00 -17.05
CA THR O 55 9.67 -41.91 -16.08
C THR O 55 10.20 -42.36 -14.72
N MET O 56 11.05 -41.52 -14.13
CA MET O 56 11.63 -41.83 -12.83
C MET O 56 11.01 -40.92 -11.78
N ASP O 57 10.74 -41.46 -10.61
CA ASP O 57 10.21 -40.64 -9.53
C ASP O 57 11.32 -39.89 -8.81
N ALA O 58 11.11 -38.56 -8.65
CA ALA O 58 12.18 -37.67 -8.19
C ALA O 58 12.05 -37.24 -6.73
N GLN O 59 10.92 -37.47 -6.08
CA GLN O 59 10.68 -36.89 -4.76
C GLN O 59 11.69 -37.37 -3.73
N GLU O 60 11.89 -38.69 -3.65
CA GLU O 60 12.77 -39.24 -2.62
C GLU O 60 14.18 -38.70 -2.75
N VAL O 61 14.73 -38.74 -3.96
N VAL O 61 14.74 -38.75 -3.97
CA VAL O 61 16.14 -38.40 -4.09
CA VAL O 61 16.14 -38.39 -4.12
C VAL O 61 16.36 -36.90 -3.91
C VAL O 61 16.35 -36.91 -3.86
N GLU O 62 15.34 -36.07 -4.16
CA GLU O 62 15.53 -34.62 -4.00
C GLU O 62 15.61 -34.19 -2.54
N THR O 63 15.08 -34.99 -1.61
CA THR O 63 15.35 -34.70 -0.20
C THR O 63 16.86 -34.81 0.08
N ILE O 64 17.51 -35.87 -0.40
CA ILE O 64 18.96 -36.03 -0.20
C ILE O 64 19.70 -34.84 -0.79
N TRP O 65 19.45 -34.51 -2.04
N TRP O 65 19.33 -34.50 -2.04
CA TRP O 65 20.31 -33.47 -2.58
CA TRP O 65 19.98 -33.45 -2.85
C TRP O 65 19.75 -32.06 -2.39
C TRP O 65 19.81 -32.06 -2.28
N THR O 66 18.85 -31.86 -1.40
CA THR O 66 18.72 -30.54 -0.77
C THR O 66 19.20 -30.55 0.68
N ILE O 67 18.90 -31.61 1.43
CA ILE O 67 19.33 -31.63 2.83
C ILE O 67 20.85 -31.72 2.96
N LEU O 68 21.48 -32.59 2.16
CA LEU O 68 22.94 -32.73 2.35
C LEU O 68 23.69 -31.47 1.95
N PRO O 69 23.41 -30.85 0.80
CA PRO O 69 24.03 -29.53 0.53
C PRO O 69 23.72 -28.49 1.58
N ALA O 70 22.50 -28.48 2.14
CA ALA O 70 22.20 -27.53 3.20
C ALA O 70 23.11 -27.75 4.40
N ILE O 71 23.30 -29.00 4.78
CA ILE O 71 24.21 -29.27 5.89
C ILE O 71 25.62 -28.81 5.55
N ILE O 72 26.09 -29.13 4.35
CA ILE O 72 27.47 -28.76 3.98
C ILE O 72 27.64 -27.25 4.03
N LEU O 73 26.64 -26.51 3.52
CA LEU O 73 26.73 -25.05 3.57
C LEU O 73 26.83 -24.55 5.00
N ILE O 74 26.05 -25.14 5.91
CA ILE O 74 26.12 -24.71 7.31
C ILE O 74 27.51 -24.97 7.90
N LEU O 75 28.09 -26.11 7.53
CA LEU O 75 29.43 -26.47 8.00
C LEU O 75 30.52 -25.57 7.41
N ILE O 76 30.25 -24.89 6.28
CA ILE O 76 31.17 -23.85 5.80
C ILE O 76 30.89 -22.53 6.51
N ALA O 77 29.62 -22.18 6.62
CA ALA O 77 29.25 -20.87 7.14
C ALA O 77 29.60 -20.70 8.61
N LEU O 78 29.47 -21.73 9.42
CA LEU O 78 29.78 -21.57 10.84
C LEU O 78 31.23 -21.10 11.08
N PRO O 79 32.27 -21.78 10.57
CA PRO O 79 33.64 -21.24 10.76
C PRO O 79 33.88 -19.96 10.00
N SER O 80 33.26 -19.80 8.83
CA SER O 80 33.40 -18.55 8.07
C SER O 80 32.98 -17.35 8.92
N LEU O 81 31.81 -17.47 9.55
CA LEU O 81 31.26 -16.36 10.31
C LEU O 81 31.99 -16.19 11.64
N ARG O 82 32.44 -17.30 12.24
CA ARG O 82 33.28 -17.18 13.45
C ARG O 82 34.47 -16.27 13.16
N ILE O 83 35.16 -16.48 12.04
CA ILE O 83 36.32 -15.66 11.70
C ILE O 83 35.90 -14.23 11.39
N LEU O 84 34.78 -14.08 10.69
CA LEU O 84 34.27 -12.75 10.40
C LEU O 84 34.10 -11.94 11.67
N TYR O 85 33.51 -12.56 12.68
CA TYR O 85 33.24 -11.79 13.88
C TYR O 85 34.50 -11.61 14.71
N MET O 86 35.38 -12.61 14.71
CA MET O 86 36.70 -12.42 15.33
C MET O 86 37.46 -11.22 14.72
N MET O 87 37.47 -11.08 13.38
CA MET O 87 38.07 -9.88 12.76
C MET O 87 37.51 -8.59 13.36
N ASP O 88 36.18 -8.49 13.47
CA ASP O 88 35.48 -7.28 13.96
C ASP O 88 35.66 -7.02 15.46
N GLU O 89 36.10 -8.01 16.26
CA GLU O 89 36.19 -7.87 17.72
C GLU O 89 36.97 -6.63 18.16
N ILE O 90 36.51 -6.01 19.27
CA ILE O 90 37.22 -4.90 19.89
C ILE O 90 38.58 -5.39 20.34
N ASN O 91 39.63 -4.72 19.86
CA ASN O 91 40.98 -5.11 20.21
C ASN O 91 41.77 -3.99 20.87
N ASN O 92 41.20 -2.79 20.95
CA ASN O 92 41.82 -1.53 21.37
C ASN O 92 43.29 -1.44 20.94
N PRO O 93 43.55 -0.70 19.87
CA PRO O 93 44.91 -0.61 19.33
C PRO O 93 45.79 0.24 20.22
N SER O 94 47.12 0.14 20.00
CA SER O 94 48.05 1.03 20.68
C SER O 94 48.55 2.14 19.77
N LEU O 95 48.18 2.13 18.50
CA LEU O 95 48.73 3.04 17.50
C LEU O 95 47.70 3.16 16.38
N THR O 96 47.51 4.38 15.86
CA THR O 96 46.70 4.58 14.65
C THR O 96 47.57 5.16 13.55
N VAL O 97 47.49 4.58 12.36
CA VAL O 97 48.19 5.07 11.18
C VAL O 97 47.15 5.25 10.09
N LYS O 98 47.20 6.36 9.37
CA LYS O 98 46.31 6.57 8.23
C LYS O 98 47.10 6.36 6.96
N THR O 99 46.41 5.87 5.92
CA THR O 99 47.00 5.86 4.60
C THR O 99 46.02 6.47 3.61
N MET O 100 46.52 7.30 2.69
CA MET O 100 45.70 7.92 1.67
C MET O 100 46.16 7.44 0.32
N GLY O 101 45.25 6.85 -0.45
CA GLY O 101 45.56 6.52 -1.81
C GLY O 101 45.58 7.74 -2.71
N HIS O 102 46.45 7.68 -3.74
CA HIS O 102 46.54 8.68 -4.80
C HIS O 102 46.87 7.97 -6.10
N GLN O 103 46.63 8.66 -7.20
CA GLN O 103 47.18 8.29 -8.51
C GLN O 103 48.63 8.83 -8.67
N TRP O 104 49.65 7.96 -8.58
CA TRP O 104 49.58 6.54 -8.21
C TRP O 104 50.70 6.23 -7.19
N TYR O 105 50.36 6.37 -5.91
CA TYR O 105 51.26 6.13 -4.79
C TYR O 105 50.42 6.23 -3.52
N TRP O 106 50.99 5.80 -2.40
CA TRP O 106 50.29 5.92 -1.12
C TRP O 106 50.98 6.97 -0.27
N SER O 107 50.18 7.62 0.56
CA SER O 107 50.83 8.44 1.60
C SER O 107 50.38 7.90 2.95
N TYR O 108 51.18 8.21 3.99
CA TYR O 108 50.95 7.66 5.31
C TYR O 108 51.05 8.81 6.31
N GLU O 109 50.24 8.73 7.34
CA GLU O 109 50.17 9.75 8.39
C GLU O 109 50.19 9.07 9.72
N TYR O 110 51.09 9.51 10.59
CA TYR O 110 51.18 9.00 11.96
C TYR O 110 50.95 10.20 12.84
N THR O 111 49.72 10.42 13.26
CA THR O 111 49.44 11.68 13.94
C THR O 111 48.92 11.48 15.36
N ASP O 112 49.21 10.34 15.96
CA ASP O 112 48.85 10.16 17.37
C ASP O 112 49.49 11.22 18.29
N TYR O 113 50.76 11.56 18.07
CA TYR O 113 51.53 12.55 18.89
C TYR O 113 52.17 13.63 18.04
N GLU O 114 53.12 13.23 17.21
CA GLU O 114 53.73 14.15 16.26
C GLU O 114 52.89 14.15 14.99
N ASP O 115 53.15 15.07 14.09
CA ASP O 115 52.44 15.06 12.82
C ASP O 115 53.38 14.54 11.73
N LEU O 116 53.63 13.23 11.75
CA LEU O 116 54.52 12.65 10.76
C LEU O 116 53.69 12.27 9.52
N SER O 117 54.21 12.56 8.32
CA SER O 117 53.53 12.06 7.11
C SER O 117 54.57 11.96 6.01
N PHE O 118 54.31 11.08 5.05
CA PHE O 118 55.27 10.95 3.96
C PHE O 118 54.59 10.22 2.82
N ASP O 119 55.23 10.29 1.64
CA ASP O 119 54.71 9.59 0.45
C ASP O 119 55.52 8.33 0.24
N SER O 120 54.92 7.35 -0.45
CA SER O 120 55.53 6.04 -0.65
C SER O 120 55.28 5.63 -2.10
N TYR O 121 56.34 5.66 -2.91
CA TYR O 121 56.30 5.44 -4.35
C TYR O 121 57.03 4.17 -4.71
N MET O 122 56.48 3.44 -5.70
CA MET O 122 57.20 2.31 -6.26
C MET O 122 58.60 2.70 -6.75
N ILE O 123 59.56 1.84 -6.47
CA ILE O 123 60.91 2.02 -7.07
C ILE O 123 60.82 1.59 -8.53
N PRO O 124 61.12 2.45 -9.50
CA PRO O 124 61.18 2.00 -10.92
C PRO O 124 62.18 0.87 -11.14
N THR O 125 61.87 0.01 -12.11
CA THR O 125 62.78 -1.11 -12.36
C THR O 125 64.22 -0.65 -12.64
N SER O 126 64.35 0.45 -13.37
CA SER O 126 65.69 0.93 -13.68
C SER O 126 66.49 1.40 -12.44
N GLU O 127 65.83 1.58 -11.27
CA GLU O 127 66.48 2.09 -10.06
C GLU O 127 66.61 1.05 -8.96
N LEU O 128 66.08 -0.17 -9.16
CA LEU O 128 66.17 -1.22 -8.17
C LEU O 128 67.61 -1.51 -7.80
N LYS O 129 67.86 -1.58 -6.50
CA LYS O 129 69.20 -2.05 -6.07
C LYS O 129 69.27 -3.54 -6.33
N PRO O 130 70.45 -4.11 -6.54
CA PRO O 130 70.53 -5.52 -6.93
C PRO O 130 69.90 -6.41 -5.88
N GLY O 131 69.06 -7.35 -6.34
CA GLY O 131 68.36 -8.22 -5.45
C GLY O 131 67.02 -7.70 -4.97
N GLU O 132 66.67 -6.46 -5.29
CA GLU O 132 65.36 -5.93 -4.89
C GLU O 132 64.31 -6.37 -5.90
N LEU O 133 63.05 -6.26 -5.48
CA LEU O 133 61.95 -6.93 -6.17
C LEU O 133 61.21 -6.01 -7.13
N ARG O 134 61.11 -6.44 -8.39
CA ARG O 134 60.48 -5.62 -9.41
C ARG O 134 58.99 -5.40 -9.08
N LEU O 135 58.53 -4.15 -9.21
CA LEU O 135 57.11 -3.71 -9.00
C LEU O 135 56.68 -3.73 -7.54
N LEU O 136 57.55 -4.12 -6.60
CA LEU O 136 57.14 -4.29 -5.23
C LEU O 136 57.81 -3.32 -4.26
N GLU O 137 59.04 -2.84 -4.53
CA GLU O 137 59.69 -2.00 -3.56
C GLU O 137 59.14 -0.59 -3.60
N VAL O 138 59.26 0.09 -2.45
CA VAL O 138 58.95 1.49 -2.37
C VAL O 138 60.13 2.27 -1.77
N ASP O 139 60.08 3.55 -1.97
CA ASP O 139 61.15 4.39 -1.39
C ASP O 139 61.02 4.49 0.12
N ASN O 140 59.78 4.63 0.64
CA ASN O 140 59.50 4.84 2.08
C ASN O 140 58.52 3.78 2.56
N ARG O 141 58.99 2.85 3.39
CA ARG O 141 58.13 1.77 3.87
C ARG O 141 57.30 2.24 5.07
N VAL O 142 56.22 1.49 5.34
CA VAL O 142 55.38 1.77 6.48
C VAL O 142 56.00 1.10 7.69
N VAL O 143 56.81 1.87 8.45
CA VAL O 143 57.42 1.32 9.62
C VAL O 143 56.38 1.16 10.72
N LEU O 144 56.36 -0.01 11.36
CA LEU O 144 55.33 -0.34 12.34
C LEU O 144 55.92 -1.24 13.41
N PRO O 145 55.38 -1.20 14.63
CA PRO O 145 55.84 -2.12 15.69
C PRO O 145 55.19 -3.50 15.52
N MET O 146 56.02 -4.53 15.64
CA MET O 146 55.54 -5.91 15.62
C MET O 146 54.85 -6.26 16.93
N GLU O 147 54.03 -7.32 16.87
CA GLU O 147 53.40 -7.92 18.03
C GLU O 147 52.52 -6.91 18.76
N MET O 148 51.96 -5.97 18.00
CA MET O 148 51.12 -4.92 18.53
C MET O 148 49.89 -4.72 17.64
N THR O 149 48.77 -4.46 18.29
CA THR O 149 47.53 -4.21 17.57
C THR O 149 47.52 -2.79 17.04
N ILE O 150 47.42 -2.64 15.70
CA ILE O 150 47.53 -1.33 15.07
C ILE O 150 46.22 -1.07 14.33
N ARG O 151 45.68 0.12 14.49
CA ARG O 151 44.53 0.56 13.71
C ARG O 151 45.02 1.26 12.45
N MET O 152 44.63 0.73 11.28
CA MET O 152 44.91 1.39 10.01
C MET O 152 43.62 2.03 9.53
N LEU O 153 43.70 3.30 9.15
CA LEU O 153 42.56 4.02 8.57
C LEU O 153 42.90 4.33 7.14
N VAL O 154 41.97 4.05 6.23
CA VAL O 154 42.30 4.07 4.81
C VAL O 154 41.32 5.02 4.12
N SER O 155 41.85 5.94 3.33
CA SER O 155 41.01 6.79 2.48
C SER O 155 41.76 7.09 1.19
N SER O 156 41.19 8.00 0.40
CA SER O 156 41.82 8.39 -0.86
C SER O 156 41.65 9.88 -1.06
N GLU O 157 42.63 10.51 -1.71
CA GLU O 157 42.42 11.87 -2.12
C GLU O 157 42.04 12.02 -3.59
N ASP O 158 41.77 10.90 -4.33
CA ASP O 158 41.26 11.10 -5.68
C ASP O 158 40.26 9.99 -6.05
N VAL O 159 40.71 8.95 -6.76
CA VAL O 159 39.78 7.89 -7.21
C VAL O 159 39.76 6.76 -6.19
N LEU O 160 39.03 5.67 -6.46
CA LEU O 160 39.13 4.55 -5.54
C LEU O 160 40.48 3.88 -5.64
N HIS O 161 41.02 3.45 -4.49
CA HIS O 161 42.16 2.52 -4.50
C HIS O 161 41.81 1.41 -3.53
N SER O 162 42.75 0.49 -3.25
CA SER O 162 42.44 -0.46 -2.19
C SER O 162 43.74 -0.94 -1.58
N TRP O 163 43.82 -0.85 -0.26
CA TRP O 163 45.08 -1.05 0.46
C TRP O 163 45.09 -2.50 0.91
N ALA O 164 46.05 -3.28 0.40
CA ALA O 164 46.09 -4.69 0.65
C ALA O 164 47.45 -5.21 1.08
N VAL O 165 47.44 -6.18 1.99
CA VAL O 165 48.68 -6.88 2.36
C VAL O 165 48.28 -8.34 2.56
N PRO O 166 48.49 -9.19 1.56
CA PRO O 166 47.97 -10.58 1.66
C PRO O 166 48.52 -11.36 2.85
N SER O 167 49.83 -11.24 3.18
CA SER O 167 50.49 -11.84 4.35
C SER O 167 49.64 -11.67 5.60
N LEU O 168 49.02 -10.50 5.75
CA LEU O 168 48.35 -10.14 7.00
C LEU O 168 46.84 -10.30 6.88
N GLY O 169 46.35 -10.81 5.74
CA GLY O 169 44.92 -10.94 5.53
C GLY O 169 44.18 -9.63 5.37
N LEU O 170 44.81 -8.60 4.83
N LEU O 170 44.81 -8.61 4.81
CA LEU O 170 44.27 -7.25 4.80
CA LEU O 170 44.28 -7.25 4.80
C LEU O 170 43.91 -6.85 3.39
C LEU O 170 43.91 -6.84 3.38
N LYS O 171 42.71 -6.29 3.23
CA LYS O 171 42.36 -5.55 2.02
C LYS O 171 41.21 -4.61 2.36
N THR O 172 41.45 -3.29 2.30
CA THR O 172 40.43 -2.31 2.67
C THR O 172 40.37 -1.27 1.57
N ASP O 173 39.18 -1.08 0.95
CA ASP O 173 39.11 -0.08 -0.11
C ASP O 173 39.31 1.33 0.42
N ALA O 174 39.92 2.16 -0.42
CA ALA O 174 40.30 3.53 -0.14
C ALA O 174 39.37 4.43 -0.95
N ILE O 175 38.43 5.06 -0.27
CA ILE O 175 37.32 5.75 -0.92
C ILE O 175 37.36 7.21 -0.49
N PRO O 176 37.44 8.15 -1.43
CA PRO O 176 37.42 9.57 -1.04
C PRO O 176 36.17 9.92 -0.26
N GLY O 177 36.37 10.72 0.79
CA GLY O 177 35.27 11.11 1.67
C GLY O 177 34.88 10.08 2.69
N ARG O 178 35.61 8.98 2.80
CA ARG O 178 35.26 7.91 3.71
C ARG O 178 36.53 7.45 4.41
N LEU O 179 36.43 7.17 5.70
CA LEU O 179 37.59 6.72 6.49
C LEU O 179 37.31 5.27 6.88
N ASN O 180 37.91 4.30 6.17
CA ASN O 180 37.69 2.89 6.47
C ASN O 180 38.75 2.38 7.43
N GLN O 181 38.33 1.58 8.38
CA GLN O 181 39.19 1.07 9.42
C GLN O 181 39.48 -0.42 9.24
N THR O 182 40.74 -0.80 9.53
CA THR O 182 41.03 -2.22 9.65
C THR O 182 42.08 -2.32 10.75
N THR O 183 42.35 -3.53 11.24
N THR O 183 42.36 -3.55 11.16
CA THR O 183 43.39 -3.69 12.25
CA THR O 183 43.32 -3.83 12.23
C THR O 183 44.44 -4.68 11.77
C THR O 183 44.45 -4.67 11.68
N LEU O 184 45.65 -4.41 12.19
CA LEU O 184 46.86 -5.03 11.69
C LEU O 184 47.59 -5.54 12.92
N MET O 185 48.03 -6.78 12.92
CA MET O 185 48.86 -7.28 14.00
C MET O 185 49.84 -8.28 13.40
N SER O 186 51.17 -7.96 13.39
CA SER O 186 52.10 -8.90 12.80
C SER O 186 52.77 -9.70 13.92
N SER O 187 52.75 -11.03 13.77
CA SER O 187 53.41 -11.95 14.68
C SER O 187 54.91 -11.91 14.54
N ARG O 188 55.42 -11.32 13.46
CA ARG O 188 56.85 -11.43 13.19
C ARG O 188 57.40 -10.08 12.71
N PRO O 189 58.70 -9.84 12.92
CA PRO O 189 59.34 -8.73 12.20
C PRO O 189 59.45 -9.12 10.73
N GLY O 190 59.78 -8.12 9.90
CA GLY O 190 60.13 -8.41 8.53
C GLY O 190 59.57 -7.38 7.59
N LEU O 191 59.53 -7.72 6.31
CA LEU O 191 58.97 -6.87 5.26
C LEU O 191 57.77 -7.61 4.67
N TYR O 192 56.65 -6.93 4.59
CA TYR O 192 55.41 -7.54 4.08
C TYR O 192 54.81 -6.67 3.00
N TYR O 193 54.50 -7.29 1.87
CA TYR O 193 54.26 -6.59 0.62
C TYR O 193 52.78 -6.75 0.21
N GLY O 194 52.28 -5.73 -0.49
CA GLY O 194 50.93 -5.78 -1.08
C GLY O 194 50.84 -4.79 -2.24
N GLN O 195 49.69 -4.80 -2.93
CA GLN O 195 49.54 -4.05 -4.17
C GLN O 195 48.14 -3.41 -4.24
N CYS O 196 48.06 -2.24 -4.89
CA CYS O 196 46.76 -1.56 -5.00
C CYS O 196 45.72 -2.50 -5.60
N SER O 197 44.55 -2.60 -4.95
CA SER O 197 43.60 -3.66 -5.29
C SER O 197 42.22 -3.13 -5.69
N GLU O 198 42.15 -1.90 -6.22
CA GLU O 198 40.94 -1.40 -6.89
C GLU O 198 41.41 -0.58 -8.08
N ILE O 199 40.93 -0.93 -9.28
CA ILE O 199 41.46 -0.31 -10.49
C ILE O 199 41.29 1.18 -10.42
N CYS O 200 42.42 1.90 -10.58
CA CYS O 200 42.49 3.32 -10.31
C CYS O 200 43.13 4.05 -11.49
N GLY O 201 43.16 3.39 -12.66
CA GLY O 201 43.68 4.02 -13.85
C GLY O 201 44.98 3.39 -14.35
N SER O 202 45.70 4.19 -15.14
CA SER O 202 46.79 3.61 -15.92
C SER O 202 47.91 3.00 -15.07
N ASN O 203 48.19 3.49 -13.84
CA ASN O 203 49.28 2.93 -13.05
C ASN O 203 48.78 2.14 -11.84
N HIS O 204 47.55 1.59 -11.94
CA HIS O 204 47.04 0.66 -10.94
C HIS O 204 48.05 -0.44 -10.57
N SER O 205 48.78 -0.96 -11.58
CA SER O 205 49.70 -2.08 -11.36
C SER O 205 50.95 -1.66 -10.57
N PHE O 206 51.11 -0.39 -10.31
CA PHE O 206 52.46 0.15 -9.96
C PHE O 206 52.39 1.09 -8.76
N MET O 207 51.58 0.77 -7.74
CA MET O 207 51.57 1.55 -6.50
C MET O 207 51.47 0.57 -5.34
N PRO O 208 52.59 -0.08 -5.01
CA PRO O 208 52.58 -1.15 -4.01
C PRO O 208 52.66 -0.61 -2.59
N ILE O 209 52.49 -1.53 -1.63
CA ILE O 209 52.47 -1.29 -0.19
C ILE O 209 53.60 -2.12 0.39
N VAL O 210 54.45 -1.54 1.23
CA VAL O 210 55.49 -2.34 1.87
C VAL O 210 55.49 -2.00 3.36
N LEU O 211 55.20 -2.98 4.22
CA LEU O 211 55.24 -2.75 5.67
C LEU O 211 56.60 -3.20 6.17
N GLU O 212 57.13 -2.50 7.16
CA GLU O 212 58.41 -2.87 7.75
C GLU O 212 58.17 -3.01 9.25
N LEU O 213 58.13 -4.25 9.71
CA LEU O 213 57.73 -4.59 11.08
C LEU O 213 59.01 -4.78 11.90
N VAL O 214 59.09 -4.05 13.01
CA VAL O 214 60.28 -4.00 13.84
C VAL O 214 59.84 -3.97 15.30
N PRO O 215 60.74 -4.30 16.22
CA PRO O 215 60.37 -4.24 17.64
C PRO O 215 59.98 -2.83 18.06
N LEU O 216 59.13 -2.74 19.08
CA LEU O 216 58.63 -1.45 19.54
C LEU O 216 59.75 -0.43 19.78
N LYS O 217 60.80 -0.85 20.51
N LYS O 217 60.82 -0.83 20.49
CA LYS O 217 61.94 0.03 20.79
CA LYS O 217 61.86 0.13 20.79
C LYS O 217 62.45 0.66 19.52
C LYS O 217 62.50 0.67 19.52
N TYR O 218 62.61 -0.17 18.47
CA TYR O 218 63.08 0.33 17.20
C TYR O 218 62.02 1.19 16.51
N PHE O 219 60.74 0.82 16.63
CA PHE O 219 59.71 1.73 16.14
C PHE O 219 59.80 3.09 16.82
N GLU O 220 59.91 3.11 18.15
CA GLU O 220 60.06 4.38 18.88
C GLU O 220 61.29 5.18 18.43
N LYS O 221 62.44 4.49 18.26
CA LYS O 221 63.64 5.20 17.78
C LYS O 221 63.34 5.83 16.43
N TRP O 222 62.68 5.08 15.54
CA TRP O 222 62.41 5.61 14.22
C TRP O 222 61.49 6.84 14.26
N SER O 223 60.37 6.77 15.02
CA SER O 223 59.51 7.95 15.21
C SER O 223 60.28 9.16 15.72
N ALA O 224 61.04 8.94 16.80
CA ALA O 224 61.84 10.01 17.42
C ALA O 224 62.77 10.64 16.40
N SER O 225 63.40 9.82 15.56
CA SER O 225 64.30 10.36 14.56
C SER O 225 63.59 11.20 13.51
N MET O 226 62.26 11.20 13.46
CA MET O 226 61.55 11.94 12.43
C MET O 226 61.21 13.35 12.88
N LEU O 227 61.53 13.68 14.12
CA LEU O 227 61.38 15.01 14.68
C LEU O 227 62.42 15.92 14.08
N HIS P 1 -3.23 -19.11 -44.97
CA HIS P 1 -4.19 -18.56 -44.04
C HIS P 1 -4.07 -19.17 -42.67
N GLN P 2 -4.27 -18.32 -41.66
CA GLN P 2 -4.09 -18.81 -40.32
C GLN P 2 -5.42 -19.25 -39.71
N THR P 3 -5.34 -20.18 -38.75
CA THR P 3 -6.49 -20.47 -37.92
C THR P 3 -6.16 -20.31 -36.44
N HIS P 4 -5.23 -19.41 -36.14
CA HIS P 4 -5.07 -18.89 -34.78
C HIS P 4 -5.53 -17.44 -34.81
N ALA P 5 -5.62 -16.81 -33.62
CA ALA P 5 -6.12 -15.44 -33.46
C ALA P 5 -5.01 -14.37 -33.36
N TYR P 6 -3.74 -14.72 -33.62
CA TYR P 6 -2.66 -13.78 -33.36
C TYR P 6 -2.30 -12.99 -34.60
N HIS P 7 -1.53 -11.91 -34.37
CA HIS P 7 -1.31 -10.92 -35.40
C HIS P 7 0.06 -11.09 -36.02
N MET P 8 0.08 -11.43 -37.31
CA MET P 8 1.30 -11.46 -38.09
C MET P 8 1.47 -10.07 -38.70
N VAL P 9 2.49 -9.35 -38.28
CA VAL P 9 2.60 -7.94 -38.58
C VAL P 9 3.31 -7.76 -39.93
N ASN P 10 2.84 -6.79 -40.72
CA ASN P 10 3.52 -6.51 -41.98
C ASN P 10 4.97 -6.10 -41.71
N PRO P 11 5.92 -6.53 -42.56
CA PRO P 11 7.31 -6.02 -42.45
C PRO P 11 7.30 -4.51 -42.38
N SER P 12 8.14 -3.96 -41.47
CA SER P 12 8.02 -2.54 -41.12
C SER P 12 9.39 -1.92 -41.00
N PRO P 13 9.54 -0.68 -41.45
CA PRO P 13 10.81 0.04 -41.29
C PRO P 13 10.96 0.70 -39.92
N TRP P 14 9.91 0.76 -39.09
CA TRP P 14 10.02 1.64 -37.91
C TRP P 14 10.95 1.09 -36.83
N PRO P 15 11.10 -0.23 -36.68
CA PRO P 15 12.14 -0.68 -35.74
C PRO P 15 13.52 -0.18 -36.11
N LEU P 16 13.86 -0.22 -37.41
CA LEU P 16 15.13 0.30 -37.86
C LEU P 16 15.21 1.80 -37.67
N THR P 17 14.17 2.54 -38.04
CA THR P 17 14.30 3.99 -37.83
C THR P 17 14.32 4.36 -36.34
N GLY P 18 13.63 3.59 -35.50
CA GLY P 18 13.70 3.86 -34.05
C GLY P 18 15.08 3.56 -33.51
N ALA P 19 15.67 2.44 -33.91
CA ALA P 19 17.02 2.11 -33.48
C ALA P 19 18.02 3.15 -33.96
N LEU P 20 17.90 3.62 -35.20
CA LEU P 20 18.82 4.67 -35.64
C LEU P 20 18.54 5.97 -34.92
N SER P 21 17.27 6.27 -34.61
N SER P 21 17.27 6.28 -34.62
CA SER P 21 16.98 7.48 -33.84
CA SER P 21 16.98 7.48 -33.83
C SER P 21 17.62 7.43 -32.46
C SER P 21 17.69 7.42 -32.49
N ALA P 22 17.73 6.24 -31.86
CA ALA P 22 18.43 6.09 -30.60
C ALA P 22 19.94 6.35 -30.77
N LEU P 23 20.53 5.84 -31.83
CA LEU P 23 21.94 6.14 -32.13
C LEU P 23 22.14 7.65 -32.27
N LEU P 24 21.24 8.33 -32.99
CA LEU P 24 21.40 9.75 -33.26
C LEU P 24 21.18 10.57 -31.99
N MET P 25 20.21 10.18 -31.15
CA MET P 25 20.01 10.93 -29.91
C MET P 25 21.21 10.77 -28.97
N THR P 26 21.75 9.57 -28.84
CA THR P 26 22.85 9.36 -27.90
C THR P 26 24.15 9.94 -28.43
N SER P 27 24.47 9.67 -29.70
CA SER P 27 25.65 10.37 -30.23
C SER P 27 25.42 11.87 -30.26
N GLY P 28 24.16 12.29 -30.43
CA GLY P 28 23.85 13.71 -30.39
C GLY P 28 24.09 14.33 -29.01
N LEU P 29 23.66 13.63 -27.95
CA LEU P 29 23.96 14.12 -26.59
C LEU P 29 25.45 14.18 -26.37
N THR P 30 26.20 13.17 -26.84
CA THR P 30 27.64 13.18 -26.72
C THR P 30 28.22 14.42 -27.41
N MET P 31 27.76 14.70 -28.62
CA MET P 31 28.25 15.85 -29.35
C MET P 31 27.91 17.17 -28.65
N TRP P 32 26.73 17.24 -28.04
CA TRP P 32 26.31 18.43 -27.31
C TRP P 32 27.15 18.64 -26.05
N PHE P 33 27.37 17.56 -25.28
CA PHE P 33 28.18 17.64 -24.05
C PHE P 33 29.66 17.91 -24.33
N HIS P 34 30.19 17.47 -25.47
CA HIS P 34 31.65 17.44 -25.65
C HIS P 34 32.19 18.16 -26.86
N PHE P 35 31.33 18.55 -27.80
CA PHE P 35 31.84 19.16 -29.02
C PHE P 35 30.98 20.33 -29.42
N ASN P 36 30.25 20.89 -28.46
CA ASN P 36 29.55 22.16 -28.61
C ASN P 36 28.61 22.21 -29.80
N SER P 37 27.85 21.14 -30.05
CA SER P 37 26.95 21.16 -31.20
C SER P 37 25.69 20.36 -30.95
N MET P 38 24.55 20.90 -31.38
N MET P 38 24.55 20.90 -31.38
CA MET P 38 23.25 20.26 -31.20
C MET P 38 22.77 19.53 -32.44
N THR P 39 23.55 19.48 -33.51
CA THR P 39 23.02 19.04 -34.81
C THR P 39 22.50 17.61 -34.78
N LEU P 40 23.38 16.66 -34.50
CA LEU P 40 22.98 15.27 -34.40
C LEU P 40 21.79 15.09 -33.46
N LEU P 41 21.82 15.73 -32.30
CA LEU P 41 20.76 15.58 -31.32
C LEU P 41 19.42 16.03 -31.89
N MET P 42 19.38 17.17 -32.59
CA MET P 42 18.11 17.60 -33.18
C MET P 42 17.63 16.62 -34.24
N ILE P 43 18.53 16.06 -35.06
CA ILE P 43 18.12 15.06 -36.04
C ILE P 43 17.54 13.83 -35.33
N GLY P 44 18.25 13.34 -34.33
CA GLY P 44 17.75 12.18 -33.58
C GLY P 44 16.39 12.40 -32.89
N LEU P 45 16.20 13.57 -32.24
CA LEU P 45 14.88 13.86 -31.66
C LEU P 45 13.81 13.85 -32.76
N THR P 46 14.11 14.47 -33.92
CA THR P 46 13.14 14.51 -35.00
C THR P 46 12.81 13.11 -35.49
N THR P 47 13.83 12.27 -35.72
CA THR P 47 13.52 10.96 -36.27
C THR P 47 12.85 10.09 -35.21
N ASN P 48 13.15 10.34 -33.95
CA ASN P 48 12.46 9.57 -32.90
C ASN P 48 10.97 9.90 -32.90
N MET P 49 10.64 11.19 -33.00
N MET P 49 10.63 11.20 -32.99
CA MET P 49 9.22 11.56 -33.00
CA MET P 49 9.23 11.58 -33.01
C MET P 49 8.53 11.05 -34.25
C MET P 49 8.55 11.05 -34.25
N LEU P 50 9.22 11.13 -35.40
CA LEU P 50 8.66 10.57 -36.63
C LEU P 50 8.42 9.07 -36.46
N THR P 51 9.38 8.38 -35.84
CA THR P 51 9.22 6.92 -35.67
C THR P 51 8.03 6.59 -34.76
N MET P 52 7.94 7.22 -33.61
CA MET P 52 6.80 6.97 -32.71
C MET P 52 5.48 7.28 -33.40
N TYR P 53 5.41 8.42 -34.11
CA TYR P 53 4.16 8.79 -34.78
C TYR P 53 3.74 7.70 -35.75
N GLN P 54 4.67 7.26 -36.63
CA GLN P 54 4.25 6.33 -37.68
C GLN P 54 4.01 4.93 -37.12
N TRP P 55 4.78 4.55 -36.11
CA TRP P 55 4.60 3.24 -35.53
C TRP P 55 3.23 3.13 -34.87
N TRP P 56 2.91 4.08 -33.99
CA TRP P 56 1.62 3.99 -33.32
C TRP P 56 0.47 4.31 -34.26
N ARG P 57 0.68 5.15 -35.25
CA ARG P 57 -0.31 5.27 -36.33
C ARG P 57 -0.62 3.90 -36.94
N ASP P 58 0.41 3.10 -37.21
CA ASP P 58 0.19 1.80 -37.83
C ASP P 58 -0.54 0.87 -36.87
N VAL P 59 -0.29 0.98 -35.57
CA VAL P 59 -1.01 0.13 -34.63
C VAL P 59 -2.50 0.46 -34.66
N ILE P 60 -2.82 1.75 -34.77
CA ILE P 60 -4.23 2.14 -34.88
C ILE P 60 -4.81 1.60 -36.17
N ARG P 61 -4.06 1.73 -37.26
CA ARG P 61 -4.54 1.15 -38.53
C ARG P 61 -4.81 -0.34 -38.41
N GLU P 62 -3.89 -1.06 -37.77
CA GLU P 62 -4.03 -2.51 -37.65
C GLU P 62 -5.22 -2.92 -36.83
N SER P 63 -5.64 -2.07 -35.88
CA SER P 63 -6.64 -2.45 -34.90
C SER P 63 -8.00 -1.83 -35.24
N THR P 64 -8.13 -0.49 -35.13
CA THR P 64 -9.38 0.17 -35.45
C THR P 64 -9.76 -0.09 -36.91
N PHE P 65 -8.79 0.06 -37.82
CA PHE P 65 -9.17 0.03 -39.25
C PHE P 65 -9.12 -1.34 -39.87
N GLN P 66 -8.27 -2.26 -39.37
CA GLN P 66 -8.13 -3.57 -40.03
C GLN P 66 -8.63 -4.73 -39.20
N GLY P 67 -8.87 -4.53 -37.89
CA GLY P 67 -9.48 -5.62 -37.14
C GLY P 67 -8.53 -6.68 -36.60
N HIS P 68 -7.23 -6.40 -36.48
CA HIS P 68 -6.34 -7.47 -36.04
C HIS P 68 -6.30 -7.68 -34.51
N HIS P 69 -6.90 -6.77 -33.72
CA HIS P 69 -6.79 -6.95 -32.27
C HIS P 69 -7.98 -7.79 -31.79
N THR P 70 -7.81 -9.09 -31.97
CA THR P 70 -8.68 -10.10 -31.38
C THR P 70 -8.49 -10.05 -29.88
N PRO P 71 -9.34 -10.74 -29.12
CA PRO P 71 -9.16 -10.73 -27.65
C PRO P 71 -7.78 -11.26 -27.24
N ALA P 72 -7.25 -12.26 -27.96
CA ALA P 72 -5.93 -12.79 -27.59
C ALA P 72 -4.85 -11.74 -27.80
N VAL P 73 -4.94 -10.97 -28.89
CA VAL P 73 -3.95 -9.91 -29.13
C VAL P 73 -4.06 -8.84 -28.08
N GLN P 74 -5.30 -8.44 -27.77
CA GLN P 74 -5.49 -7.44 -26.72
C GLN P 74 -4.92 -7.91 -25.40
N LYS P 75 -5.14 -9.17 -25.06
CA LYS P 75 -4.60 -9.69 -23.81
C LYS P 75 -3.08 -9.59 -23.78
N GLY P 76 -2.43 -9.96 -24.90
CA GLY P 76 -0.99 -9.74 -25.00
C GLY P 76 -0.62 -8.29 -24.72
N LEU P 77 -1.34 -7.34 -25.33
CA LEU P 77 -0.96 -5.94 -25.14
C LEU P 77 -1.16 -5.50 -23.69
N ARG P 78 -2.17 -6.06 -23.01
CA ARG P 78 -2.35 -5.76 -21.58
C ARG P 78 -1.10 -6.20 -20.79
N TYR P 79 -0.64 -7.43 -21.00
CA TYR P 79 0.58 -7.87 -20.33
C TYR P 79 1.75 -6.98 -20.69
N GLY P 80 1.89 -6.63 -21.96
CA GLY P 80 3.03 -5.83 -22.38
C GLY P 80 3.03 -4.49 -21.66
N MET P 81 1.86 -3.86 -21.53
CA MET P 81 1.82 -2.54 -20.87
C MET P 81 2.10 -2.67 -19.37
N ILE P 82 1.56 -3.72 -18.75
CA ILE P 82 1.85 -3.92 -17.32
C ILE P 82 3.33 -4.10 -17.12
N LEU P 83 3.96 -4.94 -17.96
CA LEU P 83 5.39 -5.20 -17.78
C LEU P 83 6.19 -3.93 -18.02
N PHE P 84 5.79 -3.14 -19.02
CA PHE P 84 6.51 -1.88 -19.26
C PHE P 84 6.41 -0.96 -18.04
N ILE P 85 5.21 -0.86 -17.46
CA ILE P 85 5.07 -0.02 -16.26
C ILE P 85 5.97 -0.55 -15.14
N ILE P 86 6.00 -1.87 -14.95
CA ILE P 86 6.89 -2.45 -13.93
C ILE P 86 8.32 -1.99 -14.17
N SER P 87 8.79 -2.03 -15.42
CA SER P 87 10.18 -1.61 -15.66
C SER P 87 10.37 -0.14 -15.30
N GLU P 88 9.35 0.65 -15.56
CA GLU P 88 9.43 2.07 -15.20
C GLU P 88 9.41 2.29 -13.69
N VAL P 89 8.69 1.45 -12.95
CA VAL P 89 8.74 1.56 -11.49
C VAL P 89 10.15 1.27 -11.00
N LEU P 90 10.81 0.25 -11.58
CA LEU P 90 12.16 -0.07 -11.11
C LEU P 90 13.16 1.02 -11.47
N PHE P 91 12.95 1.67 -12.63
CA PHE P 91 13.79 2.82 -12.96
C PHE P 91 13.69 3.89 -11.86
N PHE P 92 12.46 4.24 -11.49
CA PHE P 92 12.32 5.24 -10.43
C PHE P 92 12.86 4.74 -9.11
N THR P 93 12.75 3.42 -8.86
CA THR P 93 13.29 2.88 -7.61
C THR P 93 14.76 3.21 -7.46
N GLY P 94 15.51 3.22 -8.57
CA GLY P 94 16.93 3.58 -8.50
C GLY P 94 17.13 5.01 -8.03
N PHE P 95 16.26 5.93 -8.49
CA PHE P 95 16.41 7.31 -8.02
C PHE P 95 15.94 7.48 -6.57
N PHE P 96 14.88 6.77 -6.14
CA PHE P 96 14.53 6.82 -4.73
C PHE P 96 15.62 6.24 -3.85
N TRP P 97 16.26 5.17 -4.31
CA TRP P 97 17.37 4.61 -3.55
C TRP P 97 18.46 5.68 -3.38
N ALA P 98 18.81 6.37 -4.47
CA ALA P 98 19.84 7.41 -4.34
C ALA P 98 19.41 8.45 -3.33
N PHE P 99 18.14 8.88 -3.40
CA PHE P 99 17.65 9.89 -2.47
C PHE P 99 17.77 9.42 -1.01
N TYR P 100 17.29 8.22 -0.71
CA TYR P 100 17.34 7.75 0.67
C TYR P 100 18.78 7.52 1.13
N HIS P 101 19.64 7.01 0.25
CA HIS P 101 21.03 6.80 0.59
C HIS P 101 21.68 8.08 1.06
N SER P 102 21.42 9.16 0.32
CA SER P 102 22.09 10.44 0.63
C SER P 102 21.49 11.11 1.84
N SER P 103 20.14 11.06 1.97
CA SER P 103 19.43 11.80 3.01
C SER P 103 19.43 11.10 4.37
N LEU P 104 19.55 9.78 4.39
CA LEU P 104 19.57 9.04 5.66
C LEU P 104 20.95 9.06 6.29
N ALA P 105 21.99 9.28 5.51
CA ALA P 105 23.37 9.31 6.03
C ALA P 105 24.08 10.55 5.51
N PRO P 106 23.62 11.74 5.89
CA PRO P 106 24.22 12.95 5.32
C PRO P 106 25.68 13.08 5.71
N THR P 107 26.53 13.36 4.71
CA THR P 107 28.00 13.36 4.93
C THR P 107 28.47 14.69 5.52
N PRO P 108 29.73 14.72 5.97
CA PRO P 108 30.23 15.98 6.59
C PRO P 108 30.20 17.15 5.63
N GLU P 109 30.35 16.92 4.34
CA GLU P 109 30.34 18.04 3.39
C GLU P 109 29.01 18.76 3.42
N LEU P 110 27.92 18.04 3.80
CA LEU P 110 26.60 18.65 3.86
C LEU P 110 26.40 19.46 5.12
N GLY P 111 27.33 19.36 6.08
CA GLY P 111 27.00 19.70 7.45
C GLY P 111 26.60 18.52 8.31
N GLY P 112 26.66 17.29 7.77
CA GLY P 112 26.20 16.12 8.51
C GLY P 112 24.73 16.14 8.89
N CYS P 113 23.89 16.87 8.15
CA CYS P 113 22.47 17.02 8.40
C CYS P 113 21.72 16.99 7.09
N TRP P 114 20.42 16.79 7.17
CA TRP P 114 19.52 16.87 6.03
C TRP P 114 18.30 17.69 6.42
N PRO P 115 17.88 18.66 5.61
CA PRO P 115 18.54 19.10 4.36
C PRO P 115 19.92 19.65 4.68
N PRO P 116 20.79 19.70 3.67
CA PRO P 116 22.15 20.22 3.87
C PRO P 116 22.11 21.64 4.39
N THR P 117 23.18 22.03 5.06
CA THR P 117 23.37 23.45 5.31
C THR P 117 23.30 24.24 4.03
N GLY P 118 22.61 25.39 4.11
CA GLY P 118 22.53 26.25 2.96
C GLY P 118 21.40 25.91 2.01
N ILE P 119 20.69 24.80 2.23
CA ILE P 119 19.55 24.41 1.39
C ILE P 119 18.29 24.87 2.10
N HIS P 120 17.41 25.57 1.37
CA HIS P 120 16.13 26.02 1.91
C HIS P 120 15.03 25.36 1.07
N PRO P 121 14.53 24.22 1.52
CA PRO P 121 13.50 23.49 0.73
C PRO P 121 12.26 24.33 0.46
N LEU P 122 11.52 23.92 -0.60
CA LEU P 122 10.20 24.49 -0.83
C LEU P 122 9.28 24.07 0.30
N ASN P 123 8.25 24.85 0.53
CA ASN P 123 7.24 24.49 1.55
C ASN P 123 6.29 23.45 0.95
N PRO P 124 6.28 22.22 1.47
CA PRO P 124 5.45 21.17 0.85
C PRO P 124 3.98 21.45 0.94
N LEU P 125 3.55 22.39 1.79
CA LEU P 125 2.16 22.75 1.89
C LEU P 125 1.75 23.80 0.88
N GLU P 126 2.69 24.29 0.05
CA GLU P 126 2.33 25.32 -0.91
C GLU P 126 2.11 24.67 -2.28
N VAL P 127 2.91 25.00 -3.30
CA VAL P 127 2.66 24.41 -4.64
C VAL P 127 2.79 22.90 -4.65
N PRO P 128 3.71 22.26 -3.90
CA PRO P 128 3.73 20.79 -3.93
C PRO P 128 2.42 20.14 -3.50
N LEU P 129 1.75 20.72 -2.49
CA LEU P 129 0.44 20.20 -2.09
C LEU P 129 -0.59 20.43 -3.19
N LEU P 130 -0.56 21.59 -3.82
CA LEU P 130 -1.48 21.85 -4.92
C LEU P 130 -1.24 20.84 -6.05
N ASN P 131 0.03 20.61 -6.39
CA ASN P 131 0.30 19.57 -7.40
C ASN P 131 -0.24 18.21 -7.02
N THR P 132 -0.16 17.88 -5.75
CA THR P 132 -0.71 16.59 -5.28
C THR P 132 -2.22 16.54 -5.48
N SER P 133 -2.92 17.62 -5.11
CA SER P 133 -4.37 17.65 -5.34
C SER P 133 -4.70 17.59 -6.82
N VAL P 134 -3.88 18.22 -7.66
CA VAL P 134 -4.11 18.22 -9.11
C VAL P 134 -4.01 16.81 -9.68
N LEU P 135 -2.94 16.08 -9.31
CA LEU P 135 -2.80 14.75 -9.90
C LEU P 135 -3.81 13.77 -9.31
N LEU P 136 -4.11 13.88 -8.00
CA LEU P 136 -5.16 13.02 -7.44
C LEU P 136 -6.47 13.31 -8.13
N ALA P 137 -6.79 14.60 -8.34
CA ALA P 137 -8.06 14.91 -8.98
C ALA P 137 -8.12 14.35 -10.39
N SER P 138 -6.98 14.36 -11.09
CA SER P 138 -7.02 13.83 -12.45
C SER P 138 -7.15 12.31 -12.45
N GLY P 139 -6.76 11.65 -11.38
CA GLY P 139 -7.08 10.23 -11.25
C GLY P 139 -8.56 9.97 -11.10
N VAL P 140 -9.28 10.89 -10.43
CA VAL P 140 -10.74 10.78 -10.33
C VAL P 140 -11.36 11.04 -11.70
N SER P 141 -10.91 12.12 -12.36
CA SER P 141 -11.56 12.44 -13.64
C SER P 141 -11.26 11.39 -14.71
N ILE P 142 -10.08 10.76 -14.69
N ILE P 142 -10.07 10.78 -14.72
CA ILE P 142 -9.85 9.77 -15.75
CA ILE P 142 -9.85 9.76 -15.76
C ILE P 142 -10.65 8.50 -15.49
C ILE P 142 -10.74 8.55 -15.50
N THR P 143 -11.02 8.27 -14.22
CA THR P 143 -11.92 7.15 -13.89
C THR P 143 -13.34 7.44 -14.34
N TRP P 144 -13.79 8.68 -14.16
CA TRP P 144 -15.05 9.10 -14.75
C TRP P 144 -15.03 8.90 -16.28
N ALA P 145 -13.94 9.31 -16.94
CA ALA P 145 -13.89 9.10 -18.40
C ALA P 145 -14.01 7.63 -18.76
N HIS P 146 -13.33 6.78 -18.01
CA HIS P 146 -13.35 5.36 -18.32
C HIS P 146 -14.77 4.80 -18.21
N HIS P 147 -15.46 5.15 -17.13
CA HIS P 147 -16.83 4.66 -16.97
C HIS P 147 -17.77 5.23 -18.02
N SER P 148 -17.59 6.50 -18.38
CA SER P 148 -18.44 7.07 -19.41
C SER P 148 -18.24 6.31 -20.71
N LEU P 149 -16.99 6.01 -21.06
CA LEU P 149 -16.74 5.24 -22.29
C LEU P 149 -17.43 3.87 -22.22
N MET P 150 -17.23 3.13 -21.11
CA MET P 150 -17.87 1.82 -21.00
C MET P 150 -19.38 1.92 -21.07
N GLU P 151 -19.96 3.03 -20.60
CA GLU P 151 -21.41 3.23 -20.65
C GLU P 151 -21.86 3.83 -21.98
N GLY P 152 -20.96 4.04 -22.93
CA GLY P 152 -21.35 4.49 -24.25
C GLY P 152 -21.62 5.96 -24.37
N ASP P 153 -21.10 6.77 -23.46
CA ASP P 153 -21.43 8.20 -23.40
C ASP P 153 -20.27 9.01 -23.97
N ARG P 154 -20.40 9.37 -25.26
CA ARG P 154 -19.34 10.09 -25.94
C ARG P 154 -19.04 11.44 -25.29
N LYS P 155 -20.08 12.25 -25.06
CA LYS P 155 -19.90 13.62 -24.59
C LYS P 155 -19.19 13.65 -23.24
N HIS P 156 -19.66 12.81 -22.30
CA HIS P 156 -19.03 12.87 -20.98
C HIS P 156 -17.67 12.20 -20.95
N MET P 157 -17.43 11.19 -21.81
CA MET P 157 -16.05 10.72 -21.92
C MET P 157 -15.13 11.86 -22.35
N LEU P 158 -15.52 12.59 -23.39
CA LEU P 158 -14.70 13.69 -23.86
C LEU P 158 -14.51 14.77 -22.79
N GLN P 159 -15.57 15.14 -22.07
N GLN P 159 -15.58 15.14 -22.09
CA GLN P 159 -15.41 16.16 -21.04
CA GLN P 159 -15.49 16.13 -21.02
C GLN P 159 -14.49 15.69 -19.94
C GLN P 159 -14.50 15.67 -19.96
N ALA P 160 -14.67 14.43 -19.50
CA ALA P 160 -13.82 13.94 -18.41
C ALA P 160 -12.36 13.82 -18.83
N LEU P 161 -12.11 13.34 -20.06
CA LEU P 161 -10.75 13.22 -20.55
C LEU P 161 -10.13 14.59 -20.74
N PHE P 162 -10.92 15.56 -21.23
CA PHE P 162 -10.42 16.94 -21.33
C PHE P 162 -10.00 17.50 -19.98
N ILE P 163 -10.83 17.29 -18.96
CA ILE P 163 -10.48 17.75 -17.61
C ILE P 163 -9.20 17.08 -17.15
N THR P 164 -9.06 15.76 -17.42
CA THR P 164 -7.86 15.03 -17.00
C THR P 164 -6.62 15.65 -17.62
N ILE P 165 -6.68 15.92 -18.93
CA ILE P 165 -5.55 16.49 -19.64
C ILE P 165 -5.23 17.88 -19.12
N THR P 166 -6.28 18.70 -18.90
CA THR P 166 -6.11 20.05 -18.36
C THR P 166 -5.38 19.99 -17.03
N LEU P 167 -5.75 19.01 -16.17
CA LEU P 167 -5.05 18.92 -14.89
C LEU P 167 -3.58 18.49 -15.08
N GLY P 168 -3.31 17.53 -16.02
CA GLY P 168 -1.91 17.21 -16.32
C GLY P 168 -1.11 18.42 -16.80
N VAL P 169 -1.71 19.22 -17.68
CA VAL P 169 -1.04 20.46 -18.12
C VAL P 169 -0.83 21.45 -16.95
N TYR P 170 -1.82 21.61 -16.08
CA TYR P 170 -1.71 22.49 -14.91
C TYR P 170 -0.54 22.03 -14.04
N PHE P 171 -0.44 20.72 -13.80
CA PHE P 171 0.69 20.20 -13.03
C PHE P 171 2.00 20.59 -13.68
N THR P 172 2.07 20.43 -15.02
CA THR P 172 3.31 20.68 -15.74
C THR P 172 3.68 22.15 -15.66
N LEU P 173 2.70 23.03 -15.79
CA LEU P 173 3.00 24.46 -15.71
C LEU P 173 3.36 24.85 -14.29
N LEU P 174 2.68 24.25 -13.29
CA LEU P 174 3.04 24.56 -11.91
C LEU P 174 4.47 24.12 -11.62
N GLN P 175 4.84 22.91 -12.06
CA GLN P 175 6.18 22.38 -11.83
C GLN P 175 7.23 23.21 -12.58
N ALA P 176 6.94 23.63 -13.82
CA ALA P 176 7.89 24.52 -14.52
C ALA P 176 8.11 25.80 -13.73
N SER P 177 7.03 26.37 -13.20
CA SER P 177 7.17 27.58 -12.40
C SER P 177 7.96 27.32 -11.13
N GLU P 178 7.68 26.21 -10.45
N GLU P 178 7.64 26.21 -10.44
CA GLU P 178 8.44 25.92 -9.24
CA GLU P 178 8.40 25.80 -9.26
C GLU P 178 9.91 25.66 -9.54
C GLU P 178 9.89 25.70 -9.56
N TYR P 179 10.23 25.07 -10.70
CA TYR P 179 11.65 24.93 -11.10
C TYR P 179 12.31 26.28 -11.22
N TYR P 180 11.63 27.21 -11.88
CA TYR P 180 12.21 28.55 -12.03
C TYR P 180 12.35 29.27 -10.68
N GLU P 181 11.35 29.14 -9.79
CA GLU P 181 11.38 29.85 -8.51
C GLU P 181 12.29 29.21 -7.50
N ALA P 182 12.68 27.93 -7.69
CA ALA P 182 13.42 27.23 -6.66
C ALA P 182 14.72 27.96 -6.40
N PRO P 183 15.04 28.22 -5.13
CA PRO P 183 16.31 28.89 -4.81
C PRO P 183 17.50 27.97 -4.91
N PHE P 184 17.29 26.68 -5.05
CA PHE P 184 18.38 25.73 -5.22
C PHE P 184 18.28 25.17 -6.65
N THR P 185 19.40 24.60 -7.11
CA THR P 185 19.56 24.14 -8.49
C THR P 185 20.05 22.71 -8.51
N ILE P 186 20.12 22.15 -9.72
CA ILE P 186 20.63 20.78 -9.87
C ILE P 186 22.08 20.69 -9.44
N SER P 187 22.81 21.80 -9.49
CA SER P 187 24.21 21.81 -9.05
C SER P 187 24.36 22.02 -7.55
N ASP P 188 23.25 22.09 -6.79
CA ASP P 188 23.36 22.29 -5.35
C ASP P 188 23.49 20.96 -4.61
N GLY P 189 24.59 20.27 -4.92
CA GLY P 189 25.00 19.08 -4.22
C GLY P 189 23.99 17.96 -4.47
N VAL P 190 24.02 16.99 -3.57
CA VAL P 190 23.12 15.83 -3.74
C VAL P 190 21.66 16.19 -3.46
N TYR P 191 21.38 17.25 -2.65
CA TYR P 191 20.00 17.69 -2.51
C TYR P 191 19.43 18.11 -3.86
N GLY P 192 20.14 19.01 -4.57
CA GLY P 192 19.65 19.43 -5.87
C GLY P 192 19.64 18.28 -6.87
N SER P 193 20.64 17.41 -6.79
CA SER P 193 20.76 16.32 -7.75
C SER P 193 19.57 15.40 -7.64
N THR P 194 19.30 14.94 -6.42
CA THR P 194 18.16 14.01 -6.26
C THR P 194 16.86 14.71 -6.56
N PHE P 195 16.70 15.95 -6.07
CA PHE P 195 15.44 16.65 -6.29
C PHE P 195 15.14 16.81 -7.78
N PHE P 196 16.10 17.36 -8.52
CA PHE P 196 15.77 17.66 -9.92
C PHE P 196 15.82 16.46 -10.83
N VAL P 197 16.70 15.48 -10.58
CA VAL P 197 16.68 14.33 -11.48
C VAL P 197 15.43 13.48 -11.22
N ALA P 198 15.06 13.28 -9.95
CA ALA P 198 13.88 12.44 -9.69
C ALA P 198 12.58 13.15 -10.08
N THR P 199 12.38 14.42 -9.65
CA THR P 199 11.16 15.11 -10.08
C THR P 199 11.20 15.43 -11.58
N GLY P 200 12.41 15.53 -12.16
CA GLY P 200 12.52 15.83 -13.57
C GLY P 200 12.12 14.64 -14.43
N PHE P 201 12.65 13.45 -14.10
CA PHE P 201 12.14 12.27 -14.82
C PHE P 201 10.65 12.13 -14.58
N HIS P 202 10.16 12.43 -13.37
CA HIS P 202 8.70 12.33 -13.20
C HIS P 202 7.97 13.31 -14.11
N GLY P 203 8.44 14.55 -14.16
CA GLY P 203 7.80 15.54 -15.03
C GLY P 203 7.81 15.13 -16.49
N LEU P 204 8.90 14.52 -16.94
CA LEU P 204 8.95 13.96 -18.29
C LEU P 204 7.84 12.94 -18.48
N HIS P 205 7.65 12.05 -17.47
CA HIS P 205 6.59 11.05 -17.57
C HIS P 205 5.20 11.69 -17.53
N VAL P 206 5.03 12.81 -16.81
CA VAL P 206 3.75 13.53 -16.87
C VAL P 206 3.50 14.03 -18.29
N ILE P 207 4.54 14.58 -18.92
CA ILE P 207 4.38 15.06 -20.30
C ILE P 207 4.08 13.92 -21.27
N ILE P 208 4.79 12.79 -21.11
CA ILE P 208 4.50 11.59 -21.90
C ILE P 208 3.07 11.13 -21.66
N GLY P 209 2.69 11.02 -20.39
CA GLY P 209 1.36 10.53 -20.10
C GLY P 209 0.29 11.48 -20.61
N SER P 210 0.53 12.78 -20.51
CA SER P 210 -0.44 13.75 -21.00
C SER P 210 -0.57 13.64 -22.52
N THR P 211 0.57 13.49 -23.19
CA THR P 211 0.55 13.29 -24.65
C THR P 211 -0.26 12.06 -25.00
N PHE P 212 -0.05 10.97 -24.27
CA PHE P 212 -0.81 9.76 -24.53
C PHE P 212 -2.30 10.01 -24.32
N LEU P 213 -2.66 10.77 -23.28
CA LEU P 213 -4.07 11.08 -23.09
C LEU P 213 -4.62 11.92 -24.24
N ILE P 214 -3.77 12.82 -24.76
CA ILE P 214 -4.20 13.68 -25.87
C ILE P 214 -4.43 12.84 -27.13
N VAL P 215 -3.55 11.86 -27.38
CA VAL P 215 -3.79 10.93 -28.49
C VAL P 215 -5.13 10.27 -28.29
N CYS P 216 -5.41 9.77 -27.08
CA CYS P 216 -6.70 9.12 -26.84
C CYS P 216 -7.85 10.08 -27.06
N PHE P 217 -7.67 11.36 -26.69
CA PHE P 217 -8.75 12.33 -26.85
C PHE P 217 -9.09 12.48 -28.33
N PHE P 218 -8.06 12.65 -29.16
CA PHE P 218 -8.36 12.79 -30.59
C PHE P 218 -8.88 11.50 -31.20
N ARG P 219 -8.40 10.32 -30.74
CA ARG P 219 -8.99 9.08 -31.27
C ARG P 219 -10.45 8.97 -30.84
N GLN P 220 -10.77 9.43 -29.63
CA GLN P 220 -12.17 9.44 -29.20
C GLN P 220 -12.99 10.41 -30.05
N LEU P 221 -12.45 11.59 -30.32
CA LEU P 221 -13.17 12.52 -31.19
C LEU P 221 -13.49 11.87 -32.53
N LYS P 222 -12.57 11.01 -33.02
CA LYS P 222 -12.74 10.32 -34.30
C LYS P 222 -13.50 8.99 -34.21
N PHE P 223 -14.12 8.70 -33.06
CA PHE P 223 -14.96 7.53 -32.82
C PHE P 223 -14.16 6.20 -32.88
N HIS P 224 -12.84 6.21 -32.62
CA HIS P 224 -12.11 4.93 -32.76
C HIS P 224 -12.51 3.93 -31.70
N PHE P 225 -12.86 4.40 -30.50
CA PHE P 225 -13.07 3.49 -29.39
C PHE P 225 -14.51 2.99 -29.41
N THR P 226 -14.70 1.69 -29.11
CA THR P 226 -16.04 1.21 -28.82
C THR P 226 -16.22 1.14 -27.33
N SER P 227 -17.45 0.89 -26.90
CA SER P 227 -17.72 0.83 -25.46
C SER P 227 -17.04 -0.36 -24.80
N ASN P 228 -16.64 -1.38 -25.59
CA ASN P 228 -15.97 -2.54 -25.03
C ASN P 228 -14.53 -2.66 -25.47
N HIS P 229 -14.08 -1.95 -26.49
CA HIS P 229 -12.73 -2.18 -27.00
C HIS P 229 -12.01 -0.85 -27.12
N HIS P 230 -11.02 -0.63 -26.22
CA HIS P 230 -10.45 0.70 -26.15
C HIS P 230 -9.14 0.58 -25.37
N PHE P 231 -8.31 -0.39 -25.77
CA PHE P 231 -7.11 -0.65 -24.96
C PHE P 231 -6.15 0.54 -24.90
N GLY P 232 -6.05 1.36 -25.95
CA GLY P 232 -5.16 2.50 -25.86
C GLY P 232 -5.57 3.41 -24.70
N PHE P 233 -6.87 3.58 -24.51
CA PHE P 233 -7.38 4.37 -23.38
C PHE P 233 -7.03 3.70 -22.05
N GLU P 234 -7.22 2.37 -21.94
CA GLU P 234 -6.87 1.64 -20.72
C GLU P 234 -5.40 1.78 -20.39
N ALA P 235 -4.55 1.58 -21.39
CA ALA P 235 -3.11 1.72 -21.19
C ALA P 235 -2.72 3.11 -20.79
N ALA P 236 -3.32 4.15 -21.43
CA ALA P 236 -2.99 5.51 -21.01
C ALA P 236 -3.48 5.79 -19.58
N ALA P 237 -4.60 5.19 -19.17
CA ALA P 237 -5.07 5.39 -17.79
C ALA P 237 -4.17 4.67 -16.80
N TRP P 238 -3.72 3.45 -17.14
CA TRP P 238 -2.76 2.74 -16.25
C TRP P 238 -1.50 3.56 -16.11
N TYR P 239 -1.02 4.09 -17.23
CA TYR P 239 0.21 4.88 -17.20
C TYR P 239 0.00 6.14 -16.37
N TRP P 240 -1.17 6.74 -16.48
CA TRP P 240 -1.50 7.96 -15.73
C TRP P 240 -1.57 7.66 -14.25
N HIS P 241 -2.11 6.51 -13.86
CA HIS P 241 -2.14 6.18 -12.44
C HIS P 241 -0.74 5.92 -11.92
N PHE P 242 0.09 5.27 -12.73
CA PHE P 242 1.50 5.12 -12.39
C PHE P 242 2.15 6.48 -12.15
N VAL P 243 1.91 7.46 -13.02
CA VAL P 243 2.52 8.77 -12.86
C VAL P 243 2.03 9.41 -11.55
N ASP P 244 0.75 9.16 -11.24
CA ASP P 244 0.18 9.75 -10.02
C ASP P 244 0.81 9.09 -8.79
N VAL P 245 0.99 7.77 -8.81
CA VAL P 245 1.57 7.08 -7.66
C VAL P 245 3.03 7.48 -7.48
N VAL P 246 3.80 7.56 -8.57
CA VAL P 246 5.18 8.04 -8.41
C VAL P 246 5.20 9.42 -7.77
N TRP P 247 4.31 10.32 -8.19
CA TRP P 247 4.25 11.65 -7.57
C TRP P 247 4.03 11.52 -6.05
N LEU P 248 3.07 10.67 -5.64
CA LEU P 248 2.78 10.58 -4.20
C LEU P 248 4.02 10.13 -3.43
N PHE P 249 4.78 9.20 -3.98
CA PHE P 249 6.01 8.78 -3.33
C PHE P 249 7.02 9.91 -3.34
N LEU P 250 7.13 10.65 -4.45
CA LEU P 250 8.04 11.82 -4.44
C LEU P 250 7.63 12.83 -3.39
N TYR P 251 6.34 13.13 -3.31
CA TYR P 251 5.84 14.14 -2.37
C TYR P 251 6.17 13.76 -0.94
N VAL P 252 5.84 12.54 -0.57
CA VAL P 252 6.09 12.08 0.79
C VAL P 252 7.59 11.99 1.07
N SER P 253 8.38 11.49 0.11
CA SER P 253 9.81 11.24 0.35
C SER P 253 10.61 12.51 0.27
N ILE P 254 10.62 13.15 -0.89
CA ILE P 254 11.56 14.27 -1.14
C ILE P 254 11.02 15.58 -0.60
N TYR P 255 9.75 15.89 -0.86
CA TYR P 255 9.23 17.20 -0.48
C TYR P 255 8.90 17.25 1.00
N TRP P 256 8.32 16.19 1.55
CA TRP P 256 7.79 16.26 2.93
C TRP P 256 8.81 15.68 3.91
N TRP P 257 9.04 14.36 3.86
CA TRP P 257 10.00 13.75 4.79
C TRP P 257 11.40 14.39 4.64
N GLY P 258 11.77 14.77 3.40
CA GLY P 258 13.11 15.30 3.12
C GLY P 258 13.28 16.81 3.35
N SER P 259 12.27 17.46 3.87
CA SER P 259 12.38 18.93 4.06
C SER P 259 12.88 19.26 5.43
N SER Q 1 15.78 -41.31 -55.82
CA SER Q 1 15.46 -40.55 -54.62
C SER Q 1 16.66 -39.74 -54.09
N VAL Q 2 16.56 -38.40 -54.16
CA VAL Q 2 17.32 -37.49 -53.29
C VAL Q 2 16.47 -37.25 -52.05
N VAL Q 3 16.28 -38.33 -51.25
CA VAL Q 3 15.18 -38.68 -50.33
C VAL Q 3 14.15 -37.58 -50.02
N LYS Q 4 12.88 -37.98 -49.84
CA LYS Q 4 11.71 -37.09 -49.90
C LYS Q 4 11.73 -36.01 -48.79
N SER Q 5 10.85 -35.00 -48.96
CA SER Q 5 10.77 -33.83 -48.09
C SER Q 5 9.45 -33.70 -47.32
N GLU Q 6 8.49 -34.61 -47.54
CA GLU Q 6 7.37 -34.85 -46.63
C GLU Q 6 7.80 -35.68 -45.43
N ASP Q 7 9.06 -36.10 -45.44
CA ASP Q 7 9.58 -37.09 -44.51
C ASP Q 7 9.44 -36.60 -43.10
N TYR Q 8 9.62 -35.29 -42.90
CA TYR Q 8 9.55 -34.80 -41.56
C TYR Q 8 8.19 -35.05 -40.96
N ALA Q 9 7.13 -35.16 -41.80
CA ALA Q 9 5.78 -35.29 -41.21
C ALA Q 9 5.30 -36.72 -41.20
N LEU Q 10 6.10 -37.64 -41.70
CA LEU Q 10 5.71 -39.02 -41.75
C LEU Q 10 6.54 -39.88 -40.79
N PRO Q 11 5.95 -40.98 -40.30
CA PRO Q 11 6.71 -41.93 -39.49
C PRO Q 11 7.97 -42.36 -40.23
N SER Q 12 9.05 -42.58 -39.47
CA SER Q 12 10.35 -42.86 -40.04
C SER Q 12 10.97 -44.06 -39.35
N TYR Q 13 12.00 -44.59 -39.99
CA TYR Q 13 12.73 -45.75 -39.49
C TYR Q 13 13.89 -45.26 -38.61
N VAL Q 14 14.14 -45.97 -37.50
CA VAL Q 14 15.33 -45.72 -36.68
C VAL Q 14 15.85 -47.06 -36.16
N ASP Q 15 17.18 -47.17 -36.07
CA ASP Q 15 17.83 -48.26 -35.38
C ASP Q 15 18.28 -47.70 -34.04
N ARG Q 16 17.58 -48.07 -33.00
CA ARG Q 16 17.88 -47.54 -31.68
C ARG Q 16 17.61 -48.66 -30.70
N ARG Q 17 18.62 -49.03 -29.90
CA ARG Q 17 18.47 -50.23 -29.07
C ARG Q 17 17.31 -50.09 -28.07
N ASP Q 18 16.89 -48.87 -27.73
CA ASP Q 18 15.77 -48.65 -26.82
C ASP Q 18 14.46 -48.42 -27.55
N TYR Q 19 14.43 -48.61 -28.87
CA TYR Q 19 13.20 -48.55 -29.64
C TYR Q 19 13.28 -49.69 -30.65
N PRO Q 20 13.30 -50.93 -30.15
CA PRO Q 20 13.60 -52.08 -31.02
C PRO Q 20 12.70 -52.26 -32.20
N LEU Q 21 11.43 -51.87 -32.11
CA LEU Q 21 10.46 -52.10 -33.19
C LEU Q 21 10.02 -50.76 -33.78
N PRO Q 22 10.75 -50.23 -34.77
CA PRO Q 22 10.45 -48.91 -35.34
C PRO Q 22 9.07 -48.84 -35.99
N ASP Q 23 8.68 -47.60 -36.29
CA ASP Q 23 7.33 -47.28 -36.74
C ASP Q 23 7.05 -47.82 -38.13
N VAL Q 24 8.08 -48.04 -38.94
CA VAL Q 24 7.88 -48.53 -40.29
C VAL Q 24 8.90 -49.61 -40.58
N ALA Q 25 8.59 -50.43 -41.58
CA ALA Q 25 9.55 -51.39 -42.10
C ALA Q 25 10.69 -50.66 -42.78
N HIS Q 26 11.90 -51.22 -42.63
CA HIS Q 26 13.08 -50.69 -43.33
C HIS Q 26 12.86 -50.66 -44.85
N VAL Q 27 12.24 -51.69 -45.40
CA VAL Q 27 12.00 -51.82 -46.85
C VAL Q 27 10.51 -51.62 -47.09
N LYS Q 28 10.16 -50.51 -47.74
CA LYS Q 28 8.74 -50.15 -47.89
C LYS Q 28 8.08 -50.88 -49.06
N ASN Q 29 8.75 -50.90 -50.21
CA ASN Q 29 8.18 -51.39 -51.47
C ASN Q 29 8.84 -52.70 -51.87
N LEU Q 30 8.05 -53.76 -51.84
CA LEU Q 30 8.55 -55.10 -52.04
C LEU Q 30 8.53 -55.48 -53.52
N SER Q 31 9.60 -56.16 -53.96
CA SER Q 31 9.64 -56.89 -55.22
C SER Q 31 8.73 -58.11 -55.15
N ALA Q 32 8.55 -58.75 -56.32
CA ALA Q 32 7.65 -59.89 -56.40
C ALA Q 32 8.17 -61.06 -55.57
N SER Q 33 9.47 -61.32 -55.65
CA SER Q 33 10.01 -62.38 -54.81
C SER Q 33 9.82 -62.04 -53.34
N GLN Q 34 10.10 -60.78 -52.95
CA GLN Q 34 9.98 -60.40 -51.56
C GLN Q 34 8.55 -60.58 -51.06
N LYS Q 35 7.58 -60.15 -51.87
CA LYS Q 35 6.18 -60.36 -51.52
C LYS Q 35 5.87 -61.84 -51.34
N ALA Q 36 6.49 -62.70 -52.16
CA ALA Q 36 6.24 -64.14 -52.03
C ALA Q 36 6.78 -64.66 -50.72
N LEU Q 37 7.98 -64.23 -50.35
CA LEU Q 37 8.55 -64.53 -49.04
C LEU Q 37 7.61 -64.12 -47.91
N LYS Q 38 6.95 -62.96 -48.04
CA LYS Q 38 6.02 -62.54 -46.98
C LYS Q 38 4.80 -63.44 -46.95
N GLU Q 39 4.37 -63.95 -48.10
N GLU Q 39 4.36 -63.94 -48.11
CA GLU Q 39 3.30 -64.92 -48.07
CA GLU Q 39 3.30 -64.94 -48.11
C GLU Q 39 3.77 -66.23 -47.44
C GLU Q 39 3.78 -66.22 -47.43
N LYS Q 40 4.99 -66.66 -47.77
CA LYS Q 40 5.54 -67.87 -47.16
C LYS Q 40 5.61 -67.71 -45.65
N GLU Q 41 5.91 -66.49 -45.22
CA GLU Q 41 6.05 -66.20 -43.79
C GLU Q 41 4.75 -66.49 -43.05
N LYS Q 42 3.62 -66.56 -43.77
CA LYS Q 42 2.37 -66.87 -43.09
C LYS Q 42 2.23 -68.35 -42.78
N ALA Q 43 3.10 -69.17 -43.37
CA ALA Q 43 3.16 -70.58 -43.05
C ALA Q 43 4.16 -70.81 -41.93
N SER Q 44 4.37 -72.07 -41.57
CA SER Q 44 5.26 -72.40 -40.46
C SER Q 44 6.65 -71.84 -40.70
N TRP Q 45 7.22 -71.19 -39.68
CA TRP Q 45 8.53 -70.63 -39.89
C TRP Q 45 9.60 -71.72 -39.94
N SER Q 46 9.27 -72.92 -39.46
CA SER Q 46 10.20 -74.05 -39.60
C SER Q 46 10.50 -74.37 -41.07
N SER Q 47 9.53 -74.16 -41.96
CA SER Q 47 9.72 -74.37 -43.39
C SER Q 47 10.55 -73.28 -44.05
N LEU Q 48 10.92 -72.22 -43.34
CA LEU Q 48 11.81 -71.22 -43.89
C LEU Q 48 13.26 -71.67 -43.73
N SER Q 49 14.07 -71.39 -44.76
CA SER Q 49 15.51 -71.60 -44.69
C SER Q 49 16.14 -70.48 -43.88
N ILE Q 50 17.36 -70.73 -43.39
CA ILE Q 50 18.13 -69.69 -42.71
C ILE Q 50 18.23 -68.44 -43.59
N ASP Q 51 18.54 -68.63 -44.87
CA ASP Q 51 18.68 -67.48 -45.76
C ASP Q 51 17.37 -66.71 -45.87
N GLU Q 52 16.24 -67.44 -45.95
CA GLU Q 52 14.96 -66.77 -46.09
C GLU Q 52 14.62 -66.00 -44.82
N LYS Q 53 14.88 -66.61 -43.66
CA LYS Q 53 14.76 -65.92 -42.37
C LYS Q 53 15.58 -64.63 -42.33
N VAL Q 54 16.84 -64.69 -42.72
CA VAL Q 54 17.67 -63.49 -42.76
C VAL Q 54 17.08 -62.46 -43.71
N GLU Q 55 16.60 -62.91 -44.86
N GLU Q 55 16.56 -62.89 -44.86
CA GLU Q 55 15.99 -61.98 -45.82
CA GLU Q 55 16.07 -61.86 -45.76
C GLU Q 55 14.80 -61.26 -45.19
C GLU Q 55 14.74 -61.26 -45.28
N LEU Q 56 13.94 -62.02 -44.52
CA LEU Q 56 12.80 -61.42 -43.84
C LEU Q 56 13.27 -60.37 -42.83
N TYR Q 57 14.34 -60.68 -42.09
CA TYR Q 57 14.83 -59.74 -41.09
C TYR Q 57 15.31 -58.45 -41.74
N ARG Q 58 16.01 -58.57 -42.88
CA ARG Q 58 16.55 -57.41 -43.58
C ARG Q 58 15.48 -56.61 -44.32
N LEU Q 59 14.30 -57.20 -44.60
CA LEU Q 59 13.15 -56.40 -45.03
C LEU Q 59 12.65 -55.47 -43.93
N LYS Q 60 12.57 -56.00 -42.69
CA LYS Q 60 11.98 -55.25 -41.58
C LYS Q 60 12.97 -54.26 -40.99
N PHE Q 61 14.23 -54.67 -40.88
CA PHE Q 61 15.23 -53.90 -40.16
C PHE Q 61 16.42 -53.57 -41.06
N LYS Q 62 17.08 -52.43 -40.78
CA LYS Q 62 18.28 -52.07 -41.54
C LYS Q 62 19.53 -52.71 -40.96
N GLU Q 63 19.87 -52.38 -39.72
CA GLU Q 63 21.01 -52.98 -39.02
C GLU Q 63 20.54 -53.85 -37.86
N SER Q 64 21.28 -54.92 -37.61
CA SER Q 64 21.03 -55.73 -36.43
C SER Q 64 21.53 -54.99 -35.17
N PHE Q 65 21.18 -55.52 -33.99
CA PHE Q 65 21.69 -54.91 -32.76
C PHE Q 65 23.21 -54.95 -32.71
N ALA Q 66 23.81 -56.07 -33.15
CA ALA Q 66 25.27 -56.16 -33.15
C ALA Q 66 25.89 -55.07 -34.02
N GLU Q 67 25.34 -54.89 -35.23
CA GLU Q 67 25.80 -53.87 -36.14
C GLU Q 67 25.60 -52.47 -35.57
N MET Q 68 24.38 -52.17 -35.09
CA MET Q 68 24.16 -50.81 -34.65
C MET Q 68 24.96 -50.48 -33.39
N ASN Q 69 25.43 -51.48 -32.63
CA ASN Q 69 26.16 -51.21 -31.41
C ASN Q 69 27.67 -51.25 -31.57
N ARG Q 70 28.19 -51.24 -32.80
CA ARG Q 70 29.62 -51.47 -33.01
C ARG Q 70 30.45 -50.23 -32.67
N SER Q 71 31.62 -50.47 -32.08
CA SER Q 71 32.56 -49.41 -31.79
C SER Q 71 33.24 -48.98 -33.08
N THR Q 72 33.92 -47.84 -33.04
CA THR Q 72 34.52 -47.31 -34.25
C THR Q 72 35.92 -46.82 -33.92
N ASN Q 73 36.66 -46.49 -34.98
CA ASN Q 73 37.99 -45.94 -34.78
C ASN Q 73 37.99 -44.43 -34.72
N GLU Q 74 36.82 -43.81 -34.62
CA GLU Q 74 36.74 -42.35 -34.70
C GLU Q 74 37.59 -41.66 -33.62
N TRP Q 75 37.69 -42.26 -32.43
CA TRP Q 75 38.43 -41.60 -31.37
C TRP Q 75 39.89 -41.36 -31.75
N LYS Q 76 40.46 -42.23 -32.59
CA LYS Q 76 41.83 -42.04 -33.05
C LYS Q 76 41.95 -40.77 -33.88
N THR Q 77 41.02 -40.60 -34.82
CA THR Q 77 40.99 -39.39 -35.61
C THR Q 77 40.79 -38.16 -34.73
N VAL Q 78 39.83 -38.23 -33.80
CA VAL Q 78 39.51 -37.03 -33.02
C VAL Q 78 40.69 -36.65 -32.13
N VAL Q 79 41.24 -37.62 -31.40
CA VAL Q 79 42.33 -37.30 -30.51
C VAL Q 79 43.58 -36.88 -31.29
N GLY Q 80 43.88 -37.59 -32.41
CA GLY Q 80 45.04 -37.23 -33.19
C GLY Q 80 44.93 -35.85 -33.85
N ALA Q 81 43.77 -35.55 -34.45
CA ALA Q 81 43.61 -34.20 -35.01
C ALA Q 81 43.66 -33.14 -33.92
N ALA Q 82 43.01 -33.37 -32.78
CA ALA Q 82 43.10 -32.38 -31.70
C ALA Q 82 44.56 -32.12 -31.35
N MET Q 83 45.35 -33.18 -31.30
CA MET Q 83 46.76 -32.98 -30.98
C MET Q 83 47.48 -32.25 -32.11
N PHE Q 84 47.13 -32.52 -33.37
N PHE Q 84 47.11 -32.52 -33.36
CA PHE Q 84 47.74 -31.73 -34.44
CA PHE Q 84 47.69 -31.76 -34.48
C PHE Q 84 47.47 -30.25 -34.23
C PHE Q 84 47.44 -30.27 -34.31
N PHE Q 85 46.21 -29.91 -33.96
CA PHE Q 85 45.85 -28.50 -33.86
C PHE Q 85 46.43 -27.87 -32.62
N ILE Q 86 46.57 -28.66 -31.54
CA ILE Q 86 47.28 -28.11 -30.37
C ILE Q 86 48.76 -27.92 -30.70
N GLY Q 87 49.32 -28.85 -31.49
CA GLY Q 87 50.69 -28.65 -31.96
C GLY Q 87 50.83 -27.41 -32.81
N PHE Q 88 49.88 -27.20 -33.75
CA PHE Q 88 49.91 -26.00 -34.57
C PHE Q 88 49.89 -24.74 -33.74
N THR Q 89 49.16 -24.79 -32.61
CA THR Q 89 49.11 -23.62 -31.72
C THR Q 89 50.51 -23.28 -31.21
N ALA Q 90 51.30 -24.29 -30.87
CA ALA Q 90 52.67 -23.99 -30.42
C ALA Q 90 53.49 -23.31 -31.52
N LEU Q 91 53.20 -23.60 -32.80
CA LEU Q 91 53.85 -22.81 -33.86
C LEU Q 91 53.52 -21.35 -33.73
N LEU Q 92 52.23 -21.02 -33.51
CA LEU Q 92 51.84 -19.62 -33.34
C LEU Q 92 52.55 -18.98 -32.16
N LEU Q 93 52.73 -19.75 -31.09
CA LEU Q 93 53.40 -19.25 -29.91
C LEU Q 93 54.89 -19.02 -30.16
N ILE Q 94 55.51 -19.92 -30.94
CA ILE Q 94 56.90 -19.71 -31.34
C ILE Q 94 57.00 -18.44 -32.18
N TRP Q 95 56.09 -18.27 -33.16
CA TRP Q 95 56.05 -17.01 -33.90
C TRP Q 95 55.93 -15.80 -32.98
N GLU Q 96 54.99 -15.86 -32.02
CA GLU Q 96 54.80 -14.71 -31.14
C GLU Q 96 56.06 -14.40 -30.36
N LYS Q 97 56.71 -15.44 -29.82
CA LYS Q 97 57.90 -15.17 -29.03
C LYS Q 97 59.02 -14.55 -29.88
N HIS Q 98 59.09 -14.93 -31.17
CA HIS Q 98 60.17 -14.47 -32.06
C HIS Q 98 59.94 -13.06 -32.57
N TYR Q 99 58.72 -12.72 -32.94
CA TYR Q 99 58.45 -11.47 -33.61
C TYR Q 99 57.71 -10.43 -32.80
N VAL Q 100 57.06 -10.82 -31.71
CA VAL Q 100 56.22 -9.90 -30.93
C VAL Q 100 56.90 -9.53 -29.63
N TYR Q 101 57.38 -10.52 -28.87
CA TYR Q 101 57.93 -10.24 -27.56
C TYR Q 101 59.39 -9.77 -27.67
N GLY Q 102 59.69 -8.69 -26.96
CA GLY Q 102 61.06 -8.24 -26.77
C GLY Q 102 61.63 -8.86 -25.52
N PRO Q 103 62.78 -8.37 -25.07
CA PRO Q 103 63.40 -9.00 -23.90
C PRO Q 103 62.60 -8.73 -22.64
N ILE Q 104 62.75 -9.64 -21.67
CA ILE Q 104 62.08 -9.46 -20.39
C ILE Q 104 62.96 -8.58 -19.49
N PRO Q 105 62.49 -8.19 -18.31
CA PRO Q 105 63.29 -7.28 -17.46
C PRO Q 105 64.56 -7.92 -16.94
N HIS Q 106 65.55 -7.04 -16.62
CA HIS Q 106 66.82 -7.55 -16.16
C HIS Q 106 66.75 -8.30 -14.83
N THR Q 107 65.64 -8.19 -14.08
CA THR Q 107 65.53 -8.87 -12.80
C THR Q 107 65.48 -10.38 -12.96
N PHE Q 108 65.36 -10.87 -14.19
CA PHE Q 108 65.37 -12.31 -14.44
C PHE Q 108 66.77 -12.84 -14.74
N GLU Q 109 67.76 -11.95 -14.85
CA GLU Q 109 69.11 -12.46 -15.10
C GLU Q 109 69.57 -13.30 -13.92
N GLU Q 110 70.40 -14.30 -14.23
CA GLU Q 110 70.79 -15.28 -13.22
C GLU Q 110 71.42 -14.63 -11.99
N GLU Q 111 72.24 -13.61 -12.20
CA GLU Q 111 72.89 -12.99 -11.04
C GLU Q 111 71.89 -12.22 -10.19
N TRP Q 112 70.96 -11.50 -10.85
CA TRP Q 112 69.91 -10.80 -10.10
C TRP Q 112 69.09 -11.79 -9.29
N VAL Q 113 68.68 -12.89 -9.92
CA VAL Q 113 67.89 -13.88 -9.23
C VAL Q 113 68.64 -14.45 -8.05
N ALA Q 114 69.98 -14.63 -8.18
CA ALA Q 114 70.73 -15.19 -7.09
C ALA Q 114 70.77 -14.21 -5.91
N LYS Q 115 70.94 -12.93 -6.21
CA LYS Q 115 70.94 -11.92 -5.16
C LYS Q 115 69.55 -11.76 -4.55
N GLN Q 116 68.52 -11.70 -5.39
CA GLN Q 116 67.14 -11.57 -4.91
C GLN Q 116 66.74 -12.75 -4.01
N THR Q 117 67.14 -13.96 -4.40
CA THR Q 117 66.92 -15.15 -3.58
C THR Q 117 67.53 -15.02 -2.20
N LYS Q 118 68.82 -14.58 -2.13
CA LYS Q 118 69.42 -14.37 -0.83
C LYS Q 118 68.65 -13.34 -0.01
N ARG Q 119 68.32 -12.19 -0.62
CA ARG Q 119 67.57 -11.19 0.11
C ARG Q 119 66.23 -11.74 0.60
N MET Q 120 65.56 -12.57 -0.21
CA MET Q 120 64.30 -13.14 0.28
C MET Q 120 64.53 -14.06 1.47
N LEU Q 121 65.62 -14.85 1.45
CA LEU Q 121 65.96 -15.69 2.60
C LEU Q 121 66.35 -14.86 3.81
N ASP Q 122 67.02 -13.73 3.57
CA ASP Q 122 67.42 -12.85 4.66
C ASP Q 122 66.22 -12.22 5.32
N MET Q 123 65.19 -11.91 4.54
CA MET Q 123 64.00 -11.38 5.15
C MET Q 123 63.01 -12.48 5.46
N LYS Q 124 63.44 -13.76 5.33
CA LYS Q 124 62.66 -14.92 5.79
C LYS Q 124 61.28 -14.96 5.12
N VAL Q 125 61.27 -14.69 3.81
CA VAL Q 125 60.00 -14.83 3.06
C VAL Q 125 59.45 -16.21 3.31
N ALA Q 126 58.14 -16.27 3.65
CA ALA Q 126 57.41 -17.53 3.85
C ALA Q 126 58.23 -18.53 4.66
N PRO Q 127 58.45 -18.25 5.94
CA PRO Q 127 59.36 -19.08 6.75
C PRO Q 127 58.70 -20.29 7.38
N ILE Q 128 57.36 -20.41 7.31
CA ILE Q 128 56.71 -21.53 7.96
C ILE Q 128 56.61 -22.71 7.01
N GLN Q 129 56.30 -22.45 5.74
CA GLN Q 129 56.20 -23.54 4.77
C GLN Q 129 56.70 -23.16 3.39
N GLY Q 130 56.45 -21.93 2.94
CA GLY Q 130 56.46 -21.67 1.51
C GLY Q 130 57.82 -21.56 0.86
N PHE Q 131 58.78 -20.94 1.53
CA PHE Q 131 60.02 -20.58 0.84
C PHE Q 131 61.22 -20.74 1.78
N SER Q 132 61.34 -19.85 2.77
CA SER Q 132 62.49 -19.92 3.68
C SER Q 132 62.45 -21.17 4.52
N ALA Q 133 61.26 -21.71 4.75
CA ALA Q 133 61.14 -22.98 5.43
C ALA Q 133 61.94 -24.07 4.73
N LYS Q 134 62.26 -23.87 3.45
CA LYS Q 134 62.91 -24.88 2.65
C LYS Q 134 64.41 -24.65 2.60
N TRP Q 135 64.89 -23.64 3.31
CA TRP Q 135 66.30 -23.35 3.45
C TRP Q 135 66.77 -23.80 4.83
N ASP Q 136 67.90 -24.49 4.89
CA ASP Q 136 68.53 -24.83 6.17
C ASP Q 136 69.43 -23.68 6.56
N TYR Q 137 69.05 -22.96 7.60
CA TYR Q 137 69.78 -21.76 7.97
C TYR Q 137 71.04 -22.09 8.75
N ASP Q 138 71.12 -23.30 9.31
CA ASP Q 138 72.34 -23.70 10.02
C ASP Q 138 73.41 -24.15 9.05
N LYS Q 139 73.03 -25.02 8.11
CA LYS Q 139 73.97 -25.55 7.14
C LYS Q 139 74.18 -24.65 5.93
N ASN Q 140 73.42 -23.57 5.80
CA ASN Q 140 73.57 -22.64 4.68
C ASN Q 140 73.43 -23.35 3.33
N GLU Q 141 72.34 -24.10 3.19
CA GLU Q 141 72.03 -24.79 1.93
C GLU Q 141 70.53 -25.11 1.89
N TRP Q 142 70.03 -25.46 0.72
CA TRP Q 142 68.64 -25.89 0.62
C TRP Q 142 68.44 -27.21 1.34
N LYS Q 143 67.43 -27.29 2.20
CA LYS Q 143 67.17 -28.52 2.91
C LYS Q 143 67.01 -29.66 1.90
N LYS Q 144 67.60 -30.80 2.20
CA LYS Q 144 67.48 -31.93 1.28
C LYS Q 144 66.43 -32.82 1.88
N HIS R 1 2.91 -49.93 -5.73
CA HIS R 1 2.99 -50.38 -7.11
C HIS R 1 2.21 -51.69 -7.30
N GLU R 2 2.94 -52.81 -7.39
CA GLU R 2 2.43 -54.16 -7.65
C GLU R 2 3.58 -55.15 -7.47
N THR R 3 3.25 -56.40 -7.15
CA THR R 3 4.32 -57.38 -7.06
C THR R 3 4.94 -57.61 -8.44
N ASP R 4 6.13 -58.19 -8.42
CA ASP R 4 6.72 -58.69 -9.67
C ASP R 4 5.73 -59.58 -10.40
N GLU R 5 5.06 -60.47 -9.66
CA GLU R 5 4.12 -61.40 -10.26
C GLU R 5 3.01 -60.67 -10.99
N GLU R 6 2.46 -59.62 -10.38
CA GLU R 6 1.34 -58.89 -10.97
C GLU R 6 1.79 -58.12 -12.19
N PHE R 7 2.94 -57.46 -12.11
CA PHE R 7 3.54 -56.85 -13.27
C PHE R 7 3.71 -57.85 -14.41
N ASP R 8 4.34 -59.01 -14.11
CA ASP R 8 4.57 -59.98 -15.18
C ASP R 8 3.25 -60.43 -15.80
N ALA R 9 2.23 -60.63 -14.95
CA ALA R 9 0.96 -61.15 -15.46
C ALA R 9 0.28 -60.19 -16.41
N ARG R 10 0.25 -58.90 -16.04
CA ARG R 10 -0.33 -57.88 -16.91
C ARG R 10 0.35 -57.90 -18.26
N TRP R 11 1.67 -58.06 -18.27
CA TRP R 11 2.37 -58.08 -19.55
C TRP R 11 2.11 -59.37 -20.32
N VAL R 12 2.03 -60.52 -19.63
CA VAL R 12 1.64 -61.75 -20.35
C VAL R 12 0.26 -61.56 -20.96
N THR R 13 -0.68 -61.07 -20.16
CA THR R 13 -2.04 -60.86 -20.68
C THR R 13 -2.01 -59.94 -21.90
N TYR R 14 -1.20 -58.87 -21.81
CA TYR R 14 -1.10 -57.91 -22.90
C TYR R 14 -0.71 -58.61 -24.19
N PHE R 15 0.37 -59.38 -24.17
CA PHE R 15 0.81 -59.96 -25.41
C PHE R 15 -0.03 -61.16 -25.82
N ASN R 16 -0.77 -61.76 -24.90
CA ASN R 16 -1.59 -62.92 -25.25
C ASN R 16 -2.91 -62.54 -25.90
N LYS R 17 -3.30 -61.26 -25.91
CA LYS R 17 -4.56 -60.90 -26.55
C LYS R 17 -4.61 -61.47 -27.96
N PRO R 18 -5.63 -62.27 -28.31
CA PRO R 18 -5.54 -63.00 -29.57
C PRO R 18 -5.46 -62.09 -30.78
N ASP R 19 -6.25 -60.99 -30.80
CA ASP R 19 -6.27 -60.05 -31.91
C ASP R 19 -5.38 -58.84 -31.65
N ILE R 20 -4.31 -59.01 -30.87
CA ILE R 20 -3.36 -57.90 -30.71
C ILE R 20 -2.90 -57.48 -32.11
N ASP R 21 -2.85 -56.17 -32.37
CA ASP R 21 -2.40 -55.75 -33.69
C ASP R 21 -0.94 -55.36 -33.68
N ALA R 22 -0.41 -55.06 -34.87
CA ALA R 22 1.01 -54.78 -35.01
C ALA R 22 1.41 -53.53 -34.22
N TRP R 23 0.59 -52.51 -34.24
CA TRP R 23 0.90 -51.32 -33.43
C TRP R 23 1.03 -51.69 -31.95
N GLU R 24 0.12 -52.49 -31.45
CA GLU R 24 0.14 -52.88 -30.04
C GLU R 24 1.35 -53.75 -29.69
N LEU R 25 1.75 -54.65 -30.61
CA LEU R 25 2.99 -55.41 -30.42
C LEU R 25 4.18 -54.49 -30.26
N ARG R 26 4.34 -53.53 -31.19
CA ARG R 26 5.44 -52.58 -31.12
C ARG R 26 5.36 -51.71 -29.88
N LYS R 27 4.17 -51.20 -29.58
CA LYS R 27 3.99 -50.34 -28.40
C LYS R 27 4.38 -51.09 -27.14
N GLY R 28 3.95 -52.36 -27.05
CA GLY R 28 4.27 -53.14 -25.87
C GLY R 28 5.76 -53.36 -25.72
N MET R 29 6.43 -53.79 -26.78
CA MET R 29 7.88 -54.08 -26.64
C MET R 29 8.66 -52.81 -26.40
N ASN R 30 8.31 -51.74 -27.12
CA ASN R 30 9.10 -50.53 -26.96
C ASN R 30 8.87 -49.92 -25.58
N THR R 31 7.68 -50.10 -25.00
CA THR R 31 7.47 -49.62 -23.63
C THR R 31 8.24 -50.48 -22.65
N LEU R 32 8.10 -51.81 -22.82
CA LEU R 32 8.69 -52.74 -21.86
C LEU R 32 10.20 -52.54 -21.71
N VAL R 33 10.91 -52.29 -22.83
CA VAL R 33 12.36 -52.20 -22.72
C VAL R 33 12.82 -50.87 -22.12
N GLY R 34 11.88 -49.96 -21.81
CA GLY R 34 12.25 -48.75 -21.07
C GLY R 34 12.46 -49.00 -19.59
N TYR R 35 11.97 -50.14 -19.06
CA TYR R 35 12.04 -50.42 -17.63
C TYR R 35 13.42 -50.97 -17.23
N ASP R 36 13.74 -50.83 -15.93
CA ASP R 36 14.97 -51.39 -15.37
C ASP R 36 14.76 -52.86 -15.04
N LEU R 37 14.66 -53.66 -16.12
CA LEU R 37 14.55 -55.11 -15.99
C LEU R 37 14.77 -55.74 -17.37
N VAL R 38 15.15 -57.02 -17.37
CA VAL R 38 15.07 -57.84 -18.57
C VAL R 38 13.78 -58.64 -18.41
N PRO R 39 12.89 -58.65 -19.41
CA PRO R 39 11.57 -59.29 -19.25
C PRO R 39 11.72 -60.77 -18.95
N GLU R 40 10.85 -61.25 -18.05
CA GLU R 40 10.78 -62.68 -17.74
C GLU R 40 10.52 -63.50 -19.01
N PRO R 41 11.06 -64.72 -19.09
CA PRO R 41 10.76 -65.57 -20.26
C PRO R 41 9.26 -65.71 -20.52
N LYS R 42 8.42 -65.76 -19.47
CA LYS R 42 6.99 -65.92 -19.76
C LYS R 42 6.43 -64.72 -20.52
N ILE R 43 6.96 -63.51 -20.25
CA ILE R 43 6.55 -62.35 -21.04
C ILE R 43 7.04 -62.49 -22.46
N ILE R 44 8.31 -62.86 -22.63
CA ILE R 44 8.90 -62.97 -23.96
C ILE R 44 8.14 -64.03 -24.76
N ASP R 45 7.79 -65.13 -24.08
CA ASP R 45 7.01 -66.18 -24.71
C ASP R 45 5.73 -65.64 -25.30
N ALA R 46 4.97 -64.88 -24.49
CA ALA R 46 3.72 -64.32 -25.00
C ALA R 46 3.99 -63.37 -26.17
N ALA R 47 5.07 -62.59 -26.08
CA ALA R 47 5.33 -61.65 -27.17
C ALA R 47 5.71 -62.38 -28.47
N LEU R 48 6.50 -63.45 -28.37
CA LEU R 48 6.87 -64.21 -29.56
C LEU R 48 5.65 -64.85 -30.19
N ARG R 49 4.73 -65.32 -29.35
CA ARG R 49 3.52 -65.94 -29.91
C ARG R 49 2.64 -64.88 -30.56
N ALA R 50 2.62 -63.66 -30.01
CA ALA R 50 1.95 -62.58 -30.70
C ALA R 50 2.58 -62.35 -32.07
N CYS R 51 3.93 -62.36 -32.13
CA CYS R 51 4.62 -62.23 -33.42
C CYS R 51 4.10 -63.29 -34.38
N ARG R 52 3.94 -64.52 -33.89
CA ARG R 52 3.45 -65.59 -34.78
C ARG R 52 2.07 -65.26 -35.30
N ARG R 53 1.15 -64.85 -34.41
CA ARG R 53 -0.19 -64.49 -34.87
C ARG R 53 -0.17 -63.34 -35.88
N LEU R 54 0.76 -62.41 -35.74
CA LEU R 54 0.92 -61.30 -36.67
C LEU R 54 1.78 -61.63 -37.89
N ASN R 55 2.16 -62.91 -38.09
CA ASN R 55 3.01 -63.35 -39.22
C ASN R 55 4.26 -62.49 -39.38
N ASP R 56 4.95 -62.23 -38.26
CA ASP R 56 6.07 -61.32 -38.24
C ASP R 56 7.25 -62.06 -37.62
N PHE R 57 7.99 -62.78 -38.46
CA PHE R 57 9.15 -63.52 -38.00
C PHE R 57 10.27 -62.58 -37.56
N ALA R 58 10.48 -61.50 -38.30
CA ALA R 58 11.57 -60.60 -38.03
C ALA R 58 11.45 -59.95 -36.65
N SER R 59 10.23 -59.53 -36.25
CA SER R 59 10.11 -58.92 -34.91
C SER R 59 10.42 -59.93 -33.83
N ALA R 60 10.13 -61.24 -34.08
CA ALA R 60 10.47 -62.27 -33.10
C ALA R 60 11.99 -62.31 -32.86
N VAL R 61 12.77 -62.22 -33.94
CA VAL R 61 14.21 -62.21 -33.82
C VAL R 61 14.63 -60.96 -33.07
N ARG R 62 14.03 -59.83 -33.43
CA ARG R 62 14.42 -58.57 -32.82
C ARG R 62 14.18 -58.58 -31.32
N ILE R 63 13.07 -59.20 -30.89
CA ILE R 63 12.74 -59.31 -29.48
C ILE R 63 13.82 -60.08 -28.75
N LEU R 64 14.32 -61.18 -29.36
CA LEU R 64 15.42 -61.89 -28.72
C LEU R 64 16.67 -61.01 -28.63
N GLU R 65 16.93 -60.21 -29.66
CA GLU R 65 18.07 -59.29 -29.58
C GLU R 65 17.89 -58.31 -28.44
N VAL R 66 16.68 -57.75 -28.30
CA VAL R 66 16.56 -56.69 -27.30
C VAL R 66 16.63 -57.27 -25.88
N VAL R 67 16.19 -58.52 -25.69
CA VAL R 67 16.39 -59.18 -24.42
C VAL R 67 17.88 -59.29 -24.09
N LYS R 68 18.68 -59.77 -25.05
CA LYS R 68 20.11 -59.82 -24.78
C LYS R 68 20.68 -58.44 -24.48
N ASP R 69 20.24 -57.45 -25.24
CA ASP R 69 20.75 -56.09 -25.05
C ASP R 69 20.41 -55.54 -23.66
N LYS R 70 19.20 -55.81 -23.17
CA LYS R 70 18.79 -55.24 -21.88
C LYS R 70 19.60 -55.80 -20.74
N ALA R 71 20.21 -56.99 -20.89
CA ALA R 71 21.06 -57.54 -19.84
C ALA R 71 22.39 -56.81 -19.69
N GLY R 72 22.78 -55.99 -20.68
CA GLY R 72 24.06 -55.30 -20.58
C GLY R 72 25.18 -56.31 -20.34
N PRO R 73 25.99 -56.07 -19.31
CA PRO R 73 27.17 -56.92 -19.10
C PRO R 73 26.85 -58.22 -18.37
N HIS R 74 25.58 -58.44 -18.02
CA HIS R 74 25.20 -59.63 -17.25
C HIS R 74 24.93 -60.80 -18.21
N LYS R 75 26.05 -61.45 -18.56
CA LYS R 75 26.17 -62.41 -19.64
C LYS R 75 25.35 -63.64 -19.41
N GLU R 76 25.01 -63.93 -18.16
CA GLU R 76 24.27 -65.16 -17.90
C GLU R 76 22.78 -65.05 -18.19
N ILE R 77 22.24 -63.84 -18.33
CA ILE R 77 20.79 -63.71 -18.45
C ILE R 77 20.32 -64.27 -19.78
N TYR R 78 20.98 -63.91 -20.87
CA TYR R 78 20.48 -64.32 -22.18
C TYR R 78 20.49 -65.84 -22.37
N PRO R 79 21.57 -66.56 -22.07
CA PRO R 79 21.52 -68.03 -22.23
C PRO R 79 20.46 -68.67 -21.35
N TYR R 80 20.20 -68.12 -20.15
CA TYR R 80 19.09 -68.66 -19.34
C TYR R 80 17.75 -68.41 -20.01
N VAL R 81 17.51 -67.20 -20.51
CA VAL R 81 16.28 -66.92 -21.23
C VAL R 81 16.13 -67.86 -22.43
N ILE R 82 17.17 -68.00 -23.25
CA ILE R 82 17.04 -68.88 -24.42
C ILE R 82 16.76 -70.32 -23.97
N GLN R 83 17.45 -70.77 -22.91
CA GLN R 83 17.13 -72.08 -22.34
C GLN R 83 15.64 -72.21 -22.02
N GLU R 84 15.08 -71.25 -21.28
CA GLU R 84 13.67 -71.30 -20.91
C GLU R 84 12.74 -71.18 -22.11
N LEU R 85 13.20 -70.56 -23.20
CA LEU R 85 12.36 -70.33 -24.38
C LEU R 85 12.49 -71.42 -25.45
N ARG R 86 13.42 -72.33 -25.27
CA ARG R 86 13.74 -73.28 -26.35
C ARG R 86 12.53 -74.10 -26.79
N PRO R 87 11.66 -74.56 -25.91
CA PRO R 87 10.45 -75.25 -26.41
C PRO R 87 9.64 -74.39 -27.35
N THR R 88 9.43 -73.12 -26.99
CA THR R 88 8.66 -72.22 -27.86
C THR R 88 9.42 -71.93 -29.14
N LEU R 89 10.74 -71.71 -29.05
CA LEU R 89 11.51 -71.46 -30.28
C LEU R 89 11.38 -72.62 -31.23
N ASN R 90 11.46 -73.84 -30.69
CA ASN R 90 11.30 -75.04 -31.53
C ASN R 90 9.90 -75.11 -32.12
N GLU R 91 8.88 -74.98 -31.26
CA GLU R 91 7.50 -75.08 -31.70
C GLU R 91 7.18 -74.12 -32.85
N LEU R 92 7.62 -72.87 -32.74
CA LEU R 92 7.29 -71.84 -33.72
C LEU R 92 8.32 -71.74 -34.83
N GLY R 93 9.44 -72.46 -34.74
CA GLY R 93 10.44 -72.29 -35.78
C GLY R 93 11.16 -70.97 -35.73
N ILE R 94 11.33 -70.40 -34.54
CA ILE R 94 12.06 -69.15 -34.41
C ILE R 94 13.56 -69.45 -34.31
N SER R 95 14.34 -68.93 -35.27
CA SER R 95 15.80 -69.03 -35.15
C SER R 95 16.33 -67.88 -34.28
N THR R 96 17.33 -68.16 -33.46
CA THR R 96 17.91 -67.11 -32.66
C THR R 96 18.75 -66.19 -33.53
N PRO R 97 18.98 -64.96 -33.05
CA PRO R 97 19.93 -64.08 -33.75
C PRO R 97 21.27 -64.75 -34.01
N GLU R 98 21.79 -65.49 -33.04
CA GLU R 98 23.06 -66.18 -33.22
C GLU R 98 22.94 -67.21 -34.34
N GLU R 99 21.87 -68.01 -34.34
CA GLU R 99 21.68 -69.01 -35.38
C GLU R 99 21.59 -68.36 -36.76
N LEU R 100 21.14 -67.13 -36.83
CA LEU R 100 21.03 -66.43 -38.10
C LEU R 100 22.28 -65.66 -38.45
N GLY R 101 23.31 -65.71 -37.59
CA GLY R 101 24.47 -64.89 -37.82
C GLY R 101 24.29 -63.41 -37.58
N LEU R 102 23.12 -62.98 -37.11
CA LEU R 102 22.88 -61.55 -36.90
C LEU R 102 23.57 -61.00 -35.65
N ASP R 103 24.35 -61.82 -34.95
CA ASP R 103 25.14 -61.35 -33.81
C ASP R 103 26.56 -60.94 -34.18
N LYS R 104 26.95 -61.01 -35.46
CA LYS R 104 28.29 -60.67 -35.89
C LYS R 104 28.26 -59.33 -36.62
N VAL R 105 29.24 -58.46 -36.33
CA VAL R 105 29.25 -57.16 -36.98
C VAL R 105 29.53 -57.38 -38.44
N SER S 2 -26.56 11.75 -19.23
CA SER S 2 -27.04 10.80 -20.24
C SER S 2 -26.26 10.96 -21.53
N GLY S 3 -26.60 10.14 -22.50
CA GLY S 3 -26.17 10.39 -23.86
C GLY S 3 -25.43 9.20 -24.45
N GLY S 4 -25.48 9.04 -25.77
CA GLY S 4 -24.84 7.91 -26.48
C GLY S 4 -23.65 8.39 -27.29
N GLY S 5 -23.48 7.87 -28.54
CA GLY S 5 -22.44 8.32 -29.44
C GLY S 5 -21.17 7.49 -29.48
N VAL S 6 -21.10 6.41 -28.71
CA VAL S 6 -19.93 5.53 -28.70
C VAL S 6 -20.32 4.28 -29.50
N PRO S 7 -19.58 3.94 -30.54
CA PRO S 7 -19.95 2.76 -31.34
C PRO S 7 -19.78 1.50 -30.48
N THR S 8 -20.52 0.47 -30.82
CA THR S 8 -20.36 -0.84 -30.19
C THR S 8 -19.47 -1.72 -31.03
N ASP S 9 -18.99 -2.81 -30.44
CA ASP S 9 -18.25 -3.79 -31.26
C ASP S 9 -19.15 -4.35 -32.36
N GLU S 10 -20.40 -4.64 -32.03
CA GLU S 10 -21.35 -5.15 -33.06
C GLU S 10 -21.42 -4.19 -34.25
N GLU S 11 -21.41 -2.89 -34.00
CA GLU S 11 -21.42 -1.91 -35.08
C GLU S 11 -20.11 -1.78 -35.84
N GLN S 12 -18.96 -1.85 -35.15
CA GLN S 12 -17.75 -1.34 -35.71
C GLN S 12 -16.57 -2.34 -35.72
N ALA S 13 -16.64 -3.47 -35.00
CA ALA S 13 -15.49 -4.37 -35.10
C ALA S 13 -15.39 -4.88 -36.54
N THR S 14 -14.18 -5.16 -36.98
CA THR S 14 -13.97 -5.53 -38.39
C THR S 14 -12.92 -6.65 -38.49
N GLY S 15 -12.64 -7.14 -39.72
CA GLY S 15 -11.47 -8.00 -39.82
C GLY S 15 -11.63 -9.26 -38.96
N LEU S 16 -10.46 -9.74 -38.47
CA LEU S 16 -10.45 -10.99 -37.72
C LEU S 16 -11.17 -10.83 -36.39
N GLU S 17 -11.01 -9.65 -35.74
CA GLU S 17 -11.77 -9.42 -34.51
C GLU S 17 -13.25 -9.67 -34.70
N ARG S 18 -13.84 -9.14 -35.79
CA ARG S 18 -15.25 -9.39 -36.05
C ARG S 18 -15.54 -10.89 -36.33
N GLU S 19 -14.66 -11.57 -37.08
CA GLU S 19 -14.92 -12.99 -37.33
C GLU S 19 -14.93 -13.79 -36.04
N VAL S 20 -13.99 -13.49 -35.11
CA VAL S 20 -13.95 -14.21 -33.84
C VAL S 20 -15.21 -13.93 -33.05
N MET S 21 -15.67 -12.68 -33.06
CA MET S 21 -16.86 -12.30 -32.32
C MET S 21 -18.08 -13.00 -32.88
N LEU S 22 -18.20 -13.06 -34.21
CA LEU S 22 -19.36 -13.70 -34.83
C LEU S 22 -19.35 -15.20 -34.59
N ALA S 23 -18.18 -15.83 -34.72
CA ALA S 23 -18.11 -17.26 -34.50
C ALA S 23 -18.46 -17.60 -33.05
N ALA S 24 -17.99 -16.78 -32.10
CA ALA S 24 -18.28 -17.05 -30.70
C ALA S 24 -19.77 -16.98 -30.40
N ARG S 25 -20.47 -16.07 -31.07
CA ARG S 25 -21.92 -15.99 -30.97
C ARG S 25 -22.58 -17.31 -31.39
N LYS S 26 -22.07 -17.91 -32.44
CA LYS S 26 -22.57 -19.19 -32.94
C LYS S 26 -22.02 -20.38 -32.16
N GLY S 27 -21.27 -20.17 -31.09
CA GLY S 27 -20.62 -21.26 -30.37
C GLY S 27 -19.59 -22.05 -31.16
N GLN S 28 -18.93 -21.45 -32.16
CA GLN S 28 -17.90 -22.12 -32.95
C GLN S 28 -16.56 -21.54 -32.59
N ASP S 29 -15.50 -22.30 -32.87
CA ASP S 29 -14.13 -21.89 -32.55
C ASP S 29 -13.18 -22.08 -33.72
N PRO S 30 -13.42 -21.37 -34.83
CA PRO S 30 -12.54 -21.54 -36.00
C PRO S 30 -11.12 -21.14 -35.76
N TYR S 31 -10.91 -20.21 -34.83
CA TYR S 31 -9.57 -19.70 -34.60
C TYR S 31 -8.94 -20.27 -33.33
N ASN S 32 -9.43 -21.40 -32.84
CA ASN S 32 -8.62 -22.22 -31.90
C ASN S 32 -8.31 -21.48 -30.61
N ILE S 33 -9.31 -20.74 -30.13
CA ILE S 33 -9.16 -20.01 -28.89
C ILE S 33 -9.38 -20.88 -27.67
N LEU S 34 -10.17 -21.94 -27.79
CA LEU S 34 -10.53 -22.82 -26.69
C LEU S 34 -9.79 -24.15 -26.78
N ALA S 35 -9.54 -24.75 -25.60
CA ALA S 35 -8.98 -26.10 -25.61
C ALA S 35 -10.09 -27.11 -25.89
N PRO S 36 -9.90 -28.00 -26.85
CA PRO S 36 -10.93 -29.01 -27.11
C PRO S 36 -11.03 -30.00 -25.95
N LYS S 37 -12.25 -30.46 -25.65
CA LYS S 37 -12.41 -31.44 -24.59
C LYS S 37 -12.28 -32.84 -25.18
N ALA S 38 -11.52 -33.71 -24.50
CA ALA S 38 -11.26 -35.05 -25.03
C ALA S 38 -12.51 -35.92 -25.04
N THR S 39 -12.57 -36.84 -26.01
CA THR S 39 -13.54 -37.94 -25.95
C THR S 39 -12.93 -39.04 -25.09
N SER S 40 -13.52 -40.23 -25.12
CA SER S 40 -12.87 -41.34 -24.45
C SER S 40 -11.60 -41.80 -25.18
N GLY S 41 -11.41 -41.42 -26.45
CA GLY S 41 -10.23 -41.77 -27.21
C GLY S 41 -10.09 -43.23 -27.61
N THR S 42 -11.14 -44.06 -27.44
CA THR S 42 -11.05 -45.41 -27.97
C THR S 42 -11.10 -45.39 -29.47
N LYS S 43 -10.91 -46.57 -30.09
CA LYS S 43 -11.03 -46.60 -31.54
C LYS S 43 -12.44 -46.37 -32.02
N GLU S 44 -13.44 -46.65 -31.17
CA GLU S 44 -14.85 -46.41 -31.49
C GLU S 44 -15.23 -44.96 -31.29
N ASP S 45 -14.46 -44.25 -30.47
CA ASP S 45 -14.80 -42.90 -30.02
C ASP S 45 -13.52 -42.05 -30.04
N PRO S 46 -12.89 -41.90 -31.20
CA PRO S 46 -11.59 -41.20 -31.25
C PRO S 46 -11.79 -39.72 -31.02
N ASN S 47 -10.71 -39.06 -30.63
CA ASN S 47 -10.77 -37.62 -30.56
C ASN S 47 -10.81 -37.09 -31.97
N LEU S 48 -11.72 -36.15 -32.23
CA LEU S 48 -11.90 -35.64 -33.59
C LEU S 48 -11.09 -34.35 -33.75
N VAL S 49 -10.10 -34.35 -34.65
CA VAL S 49 -9.17 -33.22 -34.76
C VAL S 49 -9.51 -32.49 -36.05
N PRO S 50 -10.09 -31.29 -35.98
CA PRO S 50 -10.35 -30.50 -37.21
C PRO S 50 -9.06 -30.02 -37.85
N SER S 51 -9.09 -29.95 -39.18
CA SER S 51 -7.97 -29.34 -39.86
C SER S 51 -8.50 -28.71 -41.13
N ILE S 52 -7.90 -27.59 -41.51
CA ILE S 52 -8.11 -27.04 -42.85
C ILE S 52 -7.32 -27.76 -43.92
N THR S 53 -6.42 -28.69 -43.56
CA THR S 53 -5.61 -29.37 -44.56
C THR S 53 -5.63 -30.86 -44.22
N ASN S 54 -4.61 -31.60 -44.68
CA ASN S 54 -4.66 -33.05 -44.55
C ASN S 54 -3.75 -33.57 -43.46
N LYS S 55 -3.18 -32.69 -42.63
CA LYS S 55 -2.43 -33.21 -41.50
C LYS S 55 -2.32 -32.07 -40.50
N ARG S 56 -2.24 -32.42 -39.24
CA ARG S 56 -2.13 -31.38 -38.19
C ARG S 56 -1.33 -31.95 -37.04
N ILE S 57 -0.54 -31.07 -36.36
CA ILE S 57 0.21 -31.57 -35.23
C ILE S 57 -0.70 -31.69 -34.03
N VAL S 58 -0.63 -32.84 -33.37
CA VAL S 58 -1.35 -33.09 -32.13
C VAL S 58 -0.30 -33.09 -31.02
N GLY S 59 -0.61 -32.45 -29.90
CA GLY S 59 0.11 -32.70 -28.65
C GLY S 59 -0.81 -33.45 -27.70
N CYS S 60 -0.29 -34.54 -27.12
CA CYS S 60 -1.10 -35.34 -26.18
C CYS S 60 -0.53 -35.21 -24.76
N ILE S 61 -1.36 -34.72 -23.85
CA ILE S 61 -1.03 -34.70 -22.42
C ILE S 61 -1.67 -35.97 -21.89
N CYS S 62 -0.87 -37.05 -21.81
CA CYS S 62 -1.48 -38.40 -21.72
C CYS S 62 -2.25 -38.59 -20.42
N GLU S 63 -1.74 -38.06 -19.35
CA GLU S 63 -2.41 -38.03 -18.07
C GLU S 63 -2.37 -36.61 -17.55
N GLU S 64 -3.36 -36.31 -16.73
CA GLU S 64 -3.55 -34.98 -16.23
C GLU S 64 -2.32 -34.61 -15.39
N ASP S 65 -1.85 -33.42 -15.59
CA ASP S 65 -0.69 -32.95 -14.85
C ASP S 65 0.64 -33.57 -15.33
N ASN S 66 0.69 -34.49 -16.32
CA ASN S 66 1.97 -34.73 -17.01
C ASN S 66 2.57 -33.39 -17.41
N SER S 67 3.86 -33.23 -17.21
CA SER S 67 4.55 -32.07 -17.78
C SER S 67 5.04 -32.33 -19.19
N THR S 68 5.25 -33.59 -19.59
CA THR S 68 5.72 -33.93 -20.91
C THR S 68 4.56 -34.02 -21.89
N VAL S 69 4.63 -33.24 -22.97
CA VAL S 69 3.60 -33.32 -24.00
C VAL S 69 4.15 -34.16 -25.14
N ILE S 70 3.33 -35.05 -25.70
CA ILE S 70 3.79 -35.96 -26.76
C ILE S 70 3.25 -35.43 -28.08
N TRP S 71 4.16 -35.08 -29.00
CA TRP S 71 3.80 -34.38 -30.25
C TRP S 71 3.91 -35.28 -31.47
N PHE S 72 2.91 -35.24 -32.35
CA PHE S 72 3.07 -35.96 -33.62
C PHE S 72 2.12 -35.38 -34.67
N TRP S 73 2.48 -35.60 -35.95
CA TRP S 73 1.55 -35.25 -37.02
C TRP S 73 0.47 -36.29 -37.11
N LEU S 74 -0.76 -35.81 -37.13
CA LEU S 74 -1.93 -36.64 -37.39
C LEU S 74 -2.34 -36.46 -38.85
N HIS S 75 -2.44 -37.55 -39.60
CA HIS S 75 -2.72 -37.48 -41.02
C HIS S 75 -4.16 -37.90 -41.29
N LYS S 76 -4.69 -37.36 -42.38
CA LYS S 76 -6.01 -37.74 -42.85
C LYS S 76 -6.03 -39.25 -43.08
N GLY S 77 -7.16 -39.88 -42.81
CA GLY S 77 -7.28 -41.31 -43.01
C GLY S 77 -7.60 -42.05 -41.73
N GLU S 78 -7.07 -43.27 -41.63
CA GLU S 78 -7.37 -44.10 -40.47
C GLU S 78 -6.89 -43.38 -39.21
N ALA S 79 -7.66 -43.50 -38.12
CA ALA S 79 -7.24 -42.88 -36.85
C ALA S 79 -5.85 -43.36 -36.45
N GLN S 80 -5.11 -42.46 -35.79
CA GLN S 80 -3.77 -42.79 -35.29
C GLN S 80 -3.84 -42.73 -33.78
N ARG S 81 -2.80 -43.30 -33.15
CA ARG S 81 -2.73 -43.38 -31.69
C ARG S 81 -1.50 -42.63 -31.17
N CYS S 82 -1.67 -42.02 -30.00
CA CYS S 82 -0.56 -41.37 -29.31
C CYS S 82 0.51 -42.42 -29.06
N PRO S 83 1.76 -42.20 -29.47
CA PRO S 83 2.81 -43.20 -29.25
C PRO S 83 3.12 -43.43 -27.80
N SER S 84 2.63 -42.58 -26.90
CA SER S 84 2.88 -42.83 -25.49
C SER S 84 1.72 -43.53 -24.78
N CYS S 85 0.47 -43.09 -24.97
CA CYS S 85 -0.67 -43.63 -24.24
C CYS S 85 -1.65 -44.40 -25.12
N GLY S 86 -1.45 -44.38 -26.43
CA GLY S 86 -2.36 -45.08 -27.35
C GLY S 86 -3.70 -44.44 -27.58
N THR S 87 -4.01 -43.30 -26.98
CA THR S 87 -5.31 -42.73 -27.19
C THR S 87 -5.48 -42.31 -28.65
N HIS S 88 -6.70 -42.50 -29.17
CA HIS S 88 -6.95 -42.41 -30.60
C HIS S 88 -7.36 -41.00 -31.03
N TYR S 89 -6.83 -40.59 -32.20
CA TYR S 89 -7.14 -39.30 -32.82
C TYR S 89 -7.46 -39.52 -34.29
N LYS S 90 -8.51 -38.82 -34.77
CA LYS S 90 -8.92 -38.90 -36.17
C LYS S 90 -9.04 -37.51 -36.79
N LEU S 91 -8.33 -37.28 -37.91
CA LEU S 91 -8.43 -35.98 -38.58
C LEU S 91 -9.78 -35.81 -39.25
N VAL S 92 -10.38 -34.65 -39.08
CA VAL S 92 -11.67 -34.36 -39.73
C VAL S 92 -11.38 -33.10 -40.55
N PRO S 93 -10.90 -33.21 -41.81
CA PRO S 93 -10.75 -31.98 -42.61
C PRO S 93 -12.08 -31.27 -42.86
N HIS S 94 -12.03 -29.92 -42.83
CA HIS S 94 -13.17 -29.03 -43.16
C HIS S 94 -12.75 -27.58 -43.54
N ALA T 1 -10.02 2.42 5.67
CA ALA T 1 -11.03 3.49 5.70
C ALA T 1 -12.18 3.31 4.64
N SER T 2 -13.46 3.47 5.06
CA SER T 2 -14.66 3.58 4.21
C SER T 2 -14.91 5.02 3.75
N ALA T 3 -14.03 5.96 4.17
CA ALA T 3 -13.85 7.36 3.74
C ALA T 3 -14.41 8.35 4.76
N ALA T 4 -15.73 8.53 4.69
CA ALA T 4 -16.61 9.44 5.40
C ALA T 4 -17.69 9.81 4.40
N LYS T 5 -17.45 9.44 3.13
CA LYS T 5 -18.43 9.52 2.05
C LYS T 5 -19.51 8.45 2.31
N GLY T 6 -19.86 7.60 1.34
CA GLY T 6 -20.82 6.54 1.65
C GLY T 6 -21.43 5.73 0.51
N ASP T 7 -21.42 6.22 -0.73
CA ASP T 7 -22.32 5.76 -1.80
C ASP T 7 -22.43 4.25 -1.98
N HIS T 8 -21.42 3.65 -2.62
CA HIS T 8 -21.49 2.36 -3.32
C HIS T 8 -22.85 1.66 -3.39
N GLY T 9 -23.81 2.23 -4.11
CA GLY T 9 -24.89 1.38 -4.57
C GLY T 9 -24.40 0.59 -5.76
N GLY T 10 -23.69 1.32 -6.64
CA GLY T 10 -22.93 0.82 -7.79
C GLY T 10 -21.99 1.92 -8.30
N TPO T 11 -20.71 1.60 -8.48
CA TPO T 11 -19.74 2.58 -8.99
CB TPO T 11 -18.30 2.27 -8.53
CG2 TPO T 11 -17.26 2.17 -9.66
OG1 TPO T 11 -17.84 3.32 -7.67
P TPO T 11 -17.97 3.28 -6.06
O1P TPO T 11 -16.94 4.27 -5.33
O2P TPO T 11 -19.46 3.69 -5.66
O3P TPO T 11 -17.65 1.79 -5.61
C TPO T 11 -19.93 2.60 -10.50
O TPO T 11 -19.81 1.58 -11.17
N GLY T 12 -20.33 3.79 -10.99
CA GLY T 12 -20.50 4.10 -12.40
C GLY T 12 -20.09 5.52 -12.79
N ALA T 13 -20.38 5.91 -14.03
CA ALA T 13 -19.91 7.22 -14.49
C ALA T 13 -20.54 8.36 -13.69
N ARG T 14 -21.82 8.23 -13.35
CA ARG T 14 -22.47 9.28 -12.57
C ARG T 14 -21.77 9.50 -11.24
N THR T 15 -21.41 8.41 -10.55
CA THR T 15 -20.69 8.53 -9.27
C THR T 15 -19.32 9.15 -9.46
N TRP T 16 -18.59 8.74 -10.52
CA TRP T 16 -17.25 9.31 -10.66
C TRP T 16 -17.30 10.75 -11.13
N ARG T 17 -18.35 11.12 -11.88
CA ARG T 17 -18.52 12.55 -12.16
C ARG T 17 -18.84 13.32 -10.88
N PHE T 18 -19.69 12.76 -10.05
CA PHE T 18 -20.02 13.38 -8.74
C PHE T 18 -18.74 13.59 -7.92
N LEU T 19 -17.87 12.56 -7.84
CA LEU T 19 -16.59 12.73 -7.12
C LEU T 19 -15.72 13.80 -7.77
N THR T 20 -15.71 13.85 -9.10
CA THR T 20 -14.85 14.79 -9.81
C THR T 20 -15.22 16.22 -9.48
N PHE T 21 -16.52 16.55 -9.63
CA PHE T 21 -16.96 17.92 -9.38
C PHE T 21 -17.28 18.23 -7.92
N GLY T 22 -17.55 17.21 -7.10
CA GLY T 22 -18.01 17.48 -5.73
C GLY T 22 -16.88 17.36 -4.71
N LEU T 23 -15.79 16.64 -5.05
CA LEU T 23 -14.69 16.49 -4.11
C LEU T 23 -13.37 16.89 -4.75
N ALA T 24 -13.09 16.36 -5.96
CA ALA T 24 -11.74 16.50 -6.48
C ALA T 24 -11.47 17.92 -6.93
N LEU T 25 -12.34 18.48 -7.77
CA LEU T 25 -12.07 19.85 -8.24
C LEU T 25 -12.23 20.87 -7.10
N PRO T 26 -13.17 20.69 -6.16
CA PRO T 26 -13.16 21.60 -4.99
C PRO T 26 -11.85 21.54 -4.23
N SER T 27 -11.26 20.33 -4.04
CA SER T 27 -9.92 20.22 -3.41
C SER T 27 -8.88 21.03 -4.13
N VAL T 28 -8.87 20.92 -5.47
CA VAL T 28 -7.92 21.68 -6.28
C VAL T 28 -8.15 23.17 -6.09
N ALA T 29 -9.43 23.57 -6.09
CA ALA T 29 -9.76 24.98 -5.88
C ALA T 29 -9.26 25.45 -4.53
N LEU T 30 -9.44 24.62 -3.49
CA LEU T 30 -8.98 25.05 -2.17
C LEU T 30 -7.46 25.14 -2.10
N CYS T 31 -6.76 24.16 -2.67
CA CYS T 31 -5.29 24.23 -2.65
C CYS T 31 -4.79 25.36 -3.54
N THR T 32 -5.53 25.70 -4.60
CA THR T 32 -5.13 26.84 -5.44
C THR T 32 -5.25 28.12 -4.62
N LEU T 33 -6.34 28.24 -3.85
N LEU T 33 -6.24 28.21 -3.74
CA LEU T 33 -6.48 29.35 -2.90
CA LEU T 33 -6.36 29.44 -2.97
C LEU T 33 -5.29 29.38 -1.96
C LEU T 33 -5.43 29.48 -1.77
N ASN T 34 -5.13 28.33 -1.15
CA ASN T 34 -4.02 28.26 -0.21
C ASN T 34 -2.70 28.69 -0.84
N SER T 35 -2.38 28.12 -2.00
CA SER T 35 -1.08 28.43 -2.61
C SER T 35 -0.99 29.89 -3.00
N TRP T 36 -2.09 30.43 -3.49
CA TRP T 36 -2.07 31.82 -3.90
C TRP T 36 -2.04 32.77 -2.70
N LEU T 37 -2.47 32.31 -1.51
CA LEU T 37 -2.35 33.17 -0.33
C LEU T 37 -0.90 33.23 0.15
N HIS T 38 -0.16 32.12 0.05
CA HIS T 38 1.22 32.06 0.50
C HIS T 38 2.20 32.33 -0.64
N SER T 39 1.75 32.99 -1.71
CA SER T 39 2.63 33.46 -2.76
C SER T 39 3.19 34.83 -2.37
N GLY T 40 4.21 35.26 -3.11
CA GLY T 40 4.94 36.44 -2.71
C GLY T 40 6.36 36.04 -2.35
N HIS T 41 7.31 36.91 -2.72
CA HIS T 41 8.71 36.51 -2.71
C HIS T 41 9.29 36.60 -1.31
N ARG T 42 10.05 35.57 -0.95
CA ARG T 42 10.75 35.52 0.32
C ARG T 42 12.02 36.37 0.26
N GLU T 43 12.43 36.91 1.40
CA GLU T 43 13.76 37.50 1.50
C GLU T 43 14.80 36.45 1.16
N ARG T 44 15.63 36.73 0.17
CA ARG T 44 16.67 35.78 -0.19
C ARG T 44 17.81 35.83 0.84
N PRO T 45 18.40 34.68 1.15
CA PRO T 45 19.40 34.63 2.23
C PRO T 45 20.74 35.20 1.78
N ALA T 46 21.51 35.68 2.77
CA ALA T 46 22.90 36.03 2.51
C ALA T 46 23.55 34.92 1.68
N PHE T 47 24.37 35.33 0.72
CA PHE T 47 25.21 34.37 0.00
C PHE T 47 26.35 33.92 0.89
N ILE T 48 26.59 32.61 0.90
CA ILE T 48 27.76 32.01 1.52
C ILE T 48 28.31 31.01 0.51
N PRO T 49 29.60 31.12 0.09
CA PRO T 49 30.14 30.25 -0.98
C PRO T 49 30.47 28.85 -0.48
N TYR T 50 29.44 28.15 0.04
CA TYR T 50 29.56 26.76 0.48
C TYR T 50 30.09 25.88 -0.64
N HIS T 51 31.03 25.00 -0.30
CA HIS T 51 31.71 24.22 -1.32
C HIS T 51 30.90 23.00 -1.74
N HIS T 52 29.88 22.67 -0.99
CA HIS T 52 28.98 21.59 -1.44
C HIS T 52 27.84 22.09 -2.30
N LEU T 53 27.77 23.36 -2.61
CA LEU T 53 26.71 23.95 -3.41
C LEU T 53 27.32 24.65 -4.61
N ARG T 54 26.50 25.02 -5.59
CA ARG T 54 27.01 25.68 -6.79
C ARG T 54 28.17 24.88 -7.43
N ILE T 55 27.97 23.55 -7.52
CA ILE T 55 29.02 22.68 -8.01
C ILE T 55 29.32 22.96 -9.47
N ARG T 56 30.61 22.99 -9.80
CA ARG T 56 31.09 23.17 -11.18
C ARG T 56 32.26 22.23 -11.39
N THR T 57 32.01 21.02 -11.88
CA THR T 57 33.10 20.15 -12.26
C THR T 57 33.30 20.11 -13.78
N LYS T 58 32.32 20.59 -14.55
CA LYS T 58 32.44 20.73 -15.99
C LYS T 58 31.47 21.83 -16.38
N PRO T 59 31.80 22.68 -17.35
CA PRO T 59 30.87 23.75 -17.72
C PRO T 59 29.59 23.16 -18.29
N PHE T 60 28.47 23.82 -17.97
CA PHE T 60 27.23 23.42 -18.64
C PHE T 60 27.33 23.63 -20.14
N SER T 61 26.62 22.79 -20.91
CA SER T 61 26.71 22.82 -22.36
C SER T 61 25.79 23.87 -22.99
N TRP T 62 25.52 24.97 -22.30
CA TRP T 62 24.71 26.05 -22.84
C TRP T 62 25.18 27.36 -22.19
N GLY T 63 24.72 28.48 -22.74
CA GLY T 63 25.10 29.80 -22.21
C GLY T 63 26.60 29.96 -22.03
N ASP T 64 26.99 30.58 -20.89
CA ASP T 64 28.41 30.77 -20.62
C ASP T 64 29.02 29.61 -19.86
N GLY T 65 28.30 28.50 -19.76
CA GLY T 65 28.74 27.34 -19.05
C GLY T 65 28.58 27.42 -17.53
N ASN T 66 28.18 28.58 -16.98
CA ASN T 66 28.17 28.78 -15.53
C ASN T 66 26.76 29.05 -14.98
N HIS T 67 25.73 29.00 -15.84
CA HIS T 67 24.35 29.24 -15.43
C HIS T 67 23.57 27.93 -15.52
N THR T 68 22.81 27.63 -14.47
CA THR T 68 21.99 26.41 -14.56
C THR T 68 20.83 26.63 -15.54
N PHE T 69 20.20 25.52 -15.95
CA PHE T 69 19.29 25.55 -17.09
C PHE T 69 18.09 26.48 -16.87
N PHE T 70 17.52 26.49 -15.67
CA PHE T 70 16.39 27.33 -15.25
C PHE T 70 16.88 28.35 -14.22
N HIS T 71 18.09 28.88 -14.45
CA HIS T 71 18.66 29.94 -13.63
C HIS T 71 17.67 31.09 -13.44
N ASN T 72 17.45 31.46 -12.18
CA ASN T 72 16.64 32.62 -11.81
C ASN T 72 17.55 33.62 -11.11
N PRO T 73 17.86 34.76 -11.74
CA PRO T 73 18.82 35.71 -11.13
C PRO T 73 18.45 36.18 -9.74
N ARG T 74 17.15 36.19 -9.41
N ARG T 74 17.14 36.22 -9.43
CA ARG T 74 16.73 36.73 -8.13
CA ARG T 74 16.74 36.72 -8.14
C ARG T 74 17.05 35.78 -6.98
C ARG T 74 17.20 35.79 -7.02
N VAL T 75 17.11 34.47 -7.22
CA VAL T 75 17.25 33.54 -6.12
C VAL T 75 18.38 32.52 -6.31
N ASN T 76 19.01 32.49 -7.47
CA ASN T 76 20.07 31.51 -7.70
C ASN T 76 21.40 32.25 -7.83
N PRO T 77 22.22 32.27 -6.79
CA PRO T 77 23.57 32.86 -6.95
C PRO T 77 24.46 31.94 -7.79
N LEU T 78 25.43 32.57 -8.45
CA LEU T 78 26.53 31.87 -9.11
C LEU T 78 27.56 31.47 -8.06
N PRO T 79 28.57 30.67 -8.45
CA PRO T 79 29.63 30.33 -7.48
C PRO T 79 30.23 31.55 -6.82
N THR T 80 30.20 32.68 -7.49
CA THR T 80 30.78 33.94 -6.96
C THR T 80 29.76 34.85 -6.28
N GLY T 81 28.50 34.46 -6.26
CA GLY T 81 27.46 35.14 -5.54
C GLY T 81 26.35 35.57 -6.46
N TYR T 82 25.44 36.37 -5.91
CA TYR T 82 24.29 36.81 -6.69
C TYR T 82 24.74 37.76 -7.81
N GLU T 83 23.99 37.74 -8.91
CA GLU T 83 24.22 38.63 -10.05
C GLU T 83 23.65 40.04 -9.81
N LYS T 84 24.17 41.01 -10.58
CA LYS T 84 23.92 42.45 -10.38
C LYS T 84 22.48 42.93 -10.67
N LYS U 1 46.07 15.67 34.20
CA LYS U 1 45.18 14.68 34.79
C LYS U 1 44.47 13.86 33.72
N ILE U 2 44.41 12.55 33.97
CA ILE U 2 43.55 11.58 33.28
C ILE U 2 44.11 11.26 31.88
N LYS U 3 45.35 11.71 31.58
CA LYS U 3 46.02 11.45 30.28
C LYS U 3 46.96 10.23 30.27
N ASN U 4 48.10 10.37 29.58
CA ASN U 4 48.97 9.29 29.10
C ASN U 4 48.34 8.62 27.87
N TYR U 5 47.84 9.46 26.98
CA TYR U 5 47.18 9.02 25.75
C TYR U 5 48.15 8.27 24.84
N GLN U 6 47.65 7.20 24.21
CA GLN U 6 48.39 6.52 23.14
C GLN U 6 47.71 6.80 21.80
N THR U 7 46.53 6.28 21.61
CA THR U 7 45.73 6.61 20.43
C THR U 7 44.28 6.64 20.83
N ALA U 8 43.41 6.90 19.88
CA ALA U 8 42.00 7.00 20.21
C ALA U 8 41.45 5.62 20.59
N PRO U 9 40.77 5.49 21.71
CA PRO U 9 40.15 4.21 22.08
C PRO U 9 38.94 3.87 21.23
N PHE U 10 38.55 2.59 21.26
CA PHE U 10 37.26 2.18 20.72
C PHE U 10 36.15 3.07 21.29
N ASP U 11 35.24 3.49 20.43
CA ASP U 11 34.09 4.31 20.81
C ASP U 11 32.84 3.57 20.35
N SER U 12 32.03 3.13 21.30
CA SER U 12 30.84 2.35 20.97
C SER U 12 29.87 3.11 20.06
N ARG U 13 29.94 4.44 20.00
CA ARG U 13 29.12 5.17 19.03
C ARG U 13 29.50 4.89 17.57
N PHE U 14 30.74 4.44 17.34
CA PHE U 14 31.30 4.27 16.00
C PHE U 14 32.03 2.92 15.96
N PRO U 15 31.29 1.81 15.98
CA PRO U 15 31.89 0.49 16.08
C PRO U 15 32.17 -0.23 14.77
N ASN U 16 31.91 0.39 13.64
CA ASN U 16 31.98 -0.28 12.34
C ASN U 16 33.19 0.18 11.54
N GLN U 17 33.35 -0.38 10.34
CA GLN U 17 34.55 -0.07 9.55
C GLN U 17 34.56 1.38 9.10
N ASN U 18 33.39 1.97 8.84
CA ASN U 18 33.35 3.36 8.42
C ASN U 18 33.52 4.25 9.64
N GLN U 19 34.67 4.94 9.72
CA GLN U 19 35.03 5.76 10.87
C GLN U 19 34.91 7.24 10.56
N THR U 20 34.32 7.59 9.43
CA THR U 20 34.22 8.99 9.02
C THR U 20 33.59 9.86 10.08
N ARG U 21 32.42 9.42 10.58
CA ARG U 21 31.69 10.22 11.56
C ARG U 21 32.45 10.38 12.87
N ASN U 22 33.25 9.37 13.27
CA ASN U 22 34.06 9.46 14.48
C ASN U 22 35.07 10.60 14.35
N CYS U 23 35.76 10.70 13.20
CA CYS U 23 36.66 11.83 12.95
C CYS U 23 35.89 13.16 12.94
N TRP U 24 34.75 13.19 12.26
CA TRP U 24 33.94 14.39 12.18
C TRP U 24 33.46 14.84 13.56
N GLN U 25 32.90 13.92 14.34
CA GLN U 25 32.30 14.29 15.62
C GLN U 25 33.35 14.86 16.55
N ASN U 26 34.53 14.25 16.55
CA ASN U 26 35.54 14.75 17.48
C ASN U 26 36.12 16.08 17.01
N TYR U 27 36.17 16.31 15.70
CA TYR U 27 36.59 17.61 15.17
C TYR U 27 35.59 18.68 15.62
N LEU U 28 34.29 18.41 15.41
CA LEU U 28 33.24 19.31 15.91
C LEU U 28 33.34 19.51 17.42
N ASP U 29 33.43 18.40 18.17
CA ASP U 29 33.48 18.51 19.64
C ASP U 29 34.64 19.39 20.07
N PHE U 30 35.84 19.14 19.54
CA PHE U 30 36.96 19.99 19.89
C PHE U 30 36.66 21.45 19.63
N HIS U 31 36.14 21.75 18.46
CA HIS U 31 35.98 23.16 18.11
C HIS U 31 34.77 23.79 18.81
N ARG U 32 33.71 23.04 19.07
CA ARG U 32 32.63 23.63 19.87
C ARG U 32 33.13 23.95 21.26
N CYS U 33 33.95 23.05 21.82
CA CYS U 33 34.49 23.26 23.16
C CYS U 33 35.45 24.43 23.18
N GLU U 34 36.30 24.54 22.18
CA GLU U 34 37.27 25.62 22.19
C GLU U 34 36.60 26.98 22.08
N LYS U 35 35.50 27.06 21.32
CA LYS U 35 34.73 28.30 21.24
C LYS U 35 34.02 28.60 22.55
N ALA U 36 33.39 27.59 23.17
CA ALA U 36 32.84 27.80 24.51
C ALA U 36 33.91 28.30 25.48
N MET U 37 35.08 27.67 25.51
CA MET U 37 36.11 28.04 26.49
C MET U 37 36.77 29.38 26.21
N THR U 38 36.65 29.93 25.00
CA THR U 38 37.20 31.26 24.81
C THR U 38 36.14 32.32 25.05
N ALA U 39 34.88 31.99 24.75
CA ALA U 39 33.81 32.99 24.78
C ALA U 39 33.34 33.30 26.20
N LYS U 40 33.51 32.38 27.14
CA LYS U 40 32.89 32.51 28.46
C LYS U 40 33.91 32.68 29.58
N GLY U 41 35.19 32.81 29.27
CA GLY U 41 36.16 33.01 30.33
C GLY U 41 36.56 31.72 31.02
N GLY U 42 37.14 30.79 30.24
CA GLY U 42 37.67 29.50 30.64
C GLY U 42 38.92 29.11 29.86
N ASP U 43 39.34 27.82 29.90
CA ASP U 43 40.63 27.42 29.31
C ASP U 43 40.51 26.20 28.40
N VAL U 44 41.18 26.28 27.24
CA VAL U 44 40.99 25.29 26.17
C VAL U 44 41.58 23.94 26.54
N SER U 45 42.49 23.88 27.51
CA SER U 45 43.00 22.59 27.97
C SER U 45 41.88 21.59 28.24
N VAL U 46 40.68 22.05 28.60
CA VAL U 46 39.59 21.12 28.87
C VAL U 46 39.13 20.42 27.59
N CYS U 47 39.47 21.00 26.45
CA CYS U 47 39.04 20.45 25.16
C CYS U 47 40.03 19.41 24.64
N GLU U 48 41.06 19.08 25.43
CA GLU U 48 42.24 18.39 24.90
C GLU U 48 41.90 17.00 24.37
N TRP U 49 41.05 16.26 25.08
CA TRP U 49 40.69 14.92 24.64
C TRP U 49 40.21 14.92 23.19
N TYR U 50 39.24 15.79 22.88
CA TYR U 50 38.72 15.83 21.52
C TYR U 50 39.80 16.20 20.51
N ARG U 51 40.73 17.05 20.93
CA ARG U 51 41.81 17.46 20.05
C ARG U 51 42.67 16.26 19.70
N ARG U 52 43.02 15.47 20.71
CA ARG U 52 43.89 14.33 20.46
C ARG U 52 43.20 13.28 19.62
N VAL U 53 41.92 13.00 19.91
CA VAL U 53 41.19 11.99 19.14
C VAL U 53 41.07 12.44 17.69
N TYR U 54 40.62 13.68 17.43
CA TYR U 54 40.45 14.00 16.02
C TYR U 54 41.80 14.10 15.32
N LYS U 55 42.86 14.51 16.02
CA LYS U 55 44.15 14.55 15.35
C LYS U 55 44.64 13.14 15.02
N SER U 56 44.35 12.18 15.91
CA SER U 56 44.73 10.79 15.66
C SER U 56 43.99 10.18 14.45
N LEU U 57 42.69 10.44 14.38
CA LEU U 57 41.83 9.77 13.43
C LEU U 57 41.72 10.47 12.07
N CYS U 58 41.73 11.80 12.05
CA CYS U 58 41.32 12.51 10.85
C CYS U 58 42.47 12.65 9.87
N PRO U 59 42.24 12.40 8.58
CA PRO U 59 43.27 12.72 7.56
C PRO U 59 43.67 14.18 7.66
N ILE U 60 44.98 14.44 7.48
CA ILE U 60 45.49 15.80 7.51
C ILE U 60 44.75 16.70 6.54
N SER U 61 44.43 16.19 5.33
CA SER U 61 43.80 17.08 4.36
C SER U 61 42.38 17.44 4.73
N TRP U 62 41.72 16.55 5.47
CA TRP U 62 40.37 16.84 5.96
C TRP U 62 40.43 17.97 6.98
N VAL U 63 41.33 17.82 7.97
CA VAL U 63 41.51 18.85 9.00
C VAL U 63 41.87 20.17 8.35
N SER U 64 42.81 20.11 7.43
CA SER U 64 43.25 21.32 6.77
C SER U 64 42.13 21.97 5.96
N THR U 65 41.35 21.16 5.21
CA THR U 65 40.24 21.75 4.48
C THR U 65 39.17 22.34 5.40
N TRP U 66 38.80 21.60 6.45
CA TRP U 66 37.82 22.10 7.41
C TRP U 66 38.30 23.39 8.09
N ASP U 67 39.59 23.41 8.49
CA ASP U 67 40.15 24.63 9.09
C ASP U 67 40.01 25.80 8.13
N ASP U 68 40.39 25.57 6.87
CA ASP U 68 40.28 26.61 5.85
C ASP U 68 38.85 27.08 5.74
N ARG U 69 37.88 26.13 5.73
CA ARG U 69 36.51 26.60 5.55
C ARG U 69 35.99 27.33 6.80
N ARG U 70 36.38 26.94 8.01
CA ARG U 70 35.98 27.75 9.16
C ARG U 70 36.49 29.19 9.01
N ALA U 71 37.71 29.35 8.49
CA ALA U 71 38.28 30.71 8.33
C ALA U 71 37.53 31.49 7.27
N GLU U 72 37.09 30.80 6.19
CA GLU U 72 36.35 31.44 5.10
C GLU U 72 34.90 31.74 5.47
N GLY U 73 34.35 31.09 6.50
CA GLY U 73 32.95 31.21 6.84
C GLY U 73 32.07 30.27 6.03
N THR U 74 32.66 29.22 5.44
CA THR U 74 31.91 28.24 4.66
C THR U 74 31.86 26.86 5.29
N PHE U 75 32.30 26.71 6.52
CA PHE U 75 32.20 25.42 7.19
C PHE U 75 30.73 25.05 7.42
N PRO U 76 30.26 23.88 6.96
CA PRO U 76 28.82 23.62 7.00
C PRO U 76 28.30 22.98 8.27
N GLY U 77 29.20 22.50 9.15
CA GLY U 77 28.76 22.04 10.45
C GLY U 77 28.56 23.22 11.41
N LYS U 78 27.84 22.96 12.49
CA LYS U 78 27.47 23.98 13.44
C LYS U 78 28.48 23.98 14.57
N ILE U 79 29.14 25.13 14.80
CA ILE U 79 30.09 25.22 15.91
C ILE U 79 29.63 26.26 16.90
C1A SAC V 1 23.88 -83.09 -16.49
C2A SAC V 1 24.69 -82.46 -17.58
OAC SAC V 1 24.40 -83.77 -15.62
N SAC V 1 22.55 -82.89 -16.50
CA SAC V 1 21.91 -81.74 -17.11
C SAC V 1 22.10 -80.50 -16.29
O SAC V 1 21.25 -80.21 -15.41
CB SAC V 1 20.42 -82.00 -17.31
OG SAC V 1 20.10 -83.37 -17.07
N THR V 2 23.17 -79.77 -16.56
CA THR V 2 23.43 -78.50 -15.89
C THR V 2 22.48 -77.41 -16.45
N ALA V 3 21.18 -77.55 -16.18
CA ALA V 3 20.24 -76.48 -16.47
C ALA V 3 20.70 -75.21 -15.78
N LEU V 4 20.70 -74.11 -16.51
CA LEU V 4 21.05 -72.81 -15.96
C LEU V 4 20.03 -72.36 -14.92
N ALA V 5 20.53 -71.85 -13.81
CA ALA V 5 19.66 -71.27 -12.80
C ALA V 5 19.29 -69.83 -13.19
N LYS V 6 18.12 -69.39 -12.72
CA LYS V 6 17.60 -68.05 -13.05
C LYS V 6 18.51 -66.97 -12.44
N PRO V 7 19.12 -66.07 -13.22
CA PRO V 7 19.89 -64.98 -12.62
C PRO V 7 18.96 -63.85 -12.23
N GLN V 8 19.47 -62.90 -11.46
CA GLN V 8 18.72 -61.69 -11.17
C GLN V 8 18.46 -60.94 -12.49
N MET V 9 17.21 -60.61 -12.75
CA MET V 9 16.85 -59.96 -14.00
C MET V 9 16.23 -58.59 -13.82
N ARG V 10 15.88 -58.20 -12.60
CA ARG V 10 15.22 -56.92 -12.36
C ARG V 10 16.11 -55.96 -11.58
N GLY V 11 16.01 -54.68 -11.92
CA GLY V 11 16.73 -53.68 -11.17
C GLY V 11 18.22 -53.69 -11.31
N LEU V 12 18.76 -54.17 -12.45
CA LEU V 12 20.21 -54.24 -12.60
C LEU V 12 20.85 -52.84 -12.60
N LEU V 13 20.16 -51.86 -13.20
CA LEU V 13 20.72 -50.50 -13.19
C LEU V 13 20.71 -49.91 -11.78
N ALA V 14 19.60 -50.10 -11.06
CA ALA V 14 19.53 -49.57 -9.68
C ALA V 14 20.55 -50.24 -8.80
N ARG V 15 20.73 -51.55 -8.97
CA ARG V 15 21.70 -52.27 -8.15
C ARG V 15 23.12 -51.77 -8.41
N ARG V 16 23.47 -51.54 -9.68
CA ARG V 16 24.74 -50.93 -10.03
C ARG V 16 24.89 -49.55 -9.38
N LEU V 17 23.85 -48.74 -9.44
CA LEU V 17 23.94 -47.39 -8.88
C LEU V 17 24.22 -47.43 -7.39
N ARG V 18 23.45 -48.25 -6.65
CA ARG V 18 23.61 -48.34 -5.21
C ARG V 18 25.02 -48.73 -4.86
N PHE V 19 25.50 -49.80 -5.49
CA PHE V 19 26.85 -50.31 -5.20
C PHE V 19 27.88 -49.19 -5.36
N HIS V 20 27.79 -48.45 -6.45
CA HIS V 20 28.83 -47.47 -6.68
C HIS V 20 28.60 -46.18 -5.96
N ILE V 21 27.35 -45.85 -5.59
CA ILE V 21 27.22 -44.65 -4.77
C ILE V 21 27.85 -44.91 -3.40
N VAL V 22 27.67 -46.13 -2.90
CA VAL V 22 28.31 -46.52 -1.64
C VAL V 22 29.83 -46.49 -1.77
N GLY V 23 30.37 -47.11 -2.82
CA GLY V 23 31.78 -46.98 -3.11
C GLY V 23 32.25 -45.53 -3.14
N ALA V 24 31.50 -44.65 -3.82
CA ALA V 24 31.94 -43.24 -3.90
C ALA V 24 31.99 -42.60 -2.52
N PHE V 25 30.98 -42.85 -1.69
CA PHE V 25 31.00 -42.33 -0.32
C PHE V 25 32.24 -42.82 0.43
N MET V 26 32.57 -44.11 0.31
CA MET V 26 33.72 -44.64 1.03
C MET V 26 35.02 -43.99 0.56
N VAL V 27 35.18 -43.82 -0.75
CA VAL V 27 36.34 -43.10 -1.27
C VAL V 27 36.40 -41.69 -0.68
N SER V 28 35.25 -41.02 -0.62
CA SER V 28 35.20 -39.66 -0.07
C SER V 28 35.72 -39.64 1.36
N LEU V 29 35.17 -40.52 2.21
CA LEU V 29 35.69 -40.78 3.55
C LEU V 29 37.20 -40.97 3.56
N GLY V 30 37.69 -41.95 2.82
CA GLY V 30 39.13 -42.15 2.74
C GLY V 30 39.86 -40.90 2.30
N PHE V 31 39.30 -40.20 1.32
CA PHE V 31 40.00 -39.00 0.87
C PHE V 31 39.97 -37.93 1.94
N ALA V 32 38.82 -37.76 2.61
CA ALA V 32 38.75 -36.79 3.70
C ALA V 32 39.83 -37.07 4.73
N THR V 33 40.01 -38.33 5.09
CA THR V 33 41.07 -38.72 6.01
C THR V 33 42.45 -38.30 5.48
N PHE V 34 42.77 -38.72 4.24
CA PHE V 34 44.03 -38.33 3.60
C PHE V 34 44.27 -36.83 3.64
N TYR V 35 43.22 -36.05 3.37
CA TYR V 35 43.38 -34.61 3.23
C TYR V 35 43.64 -33.98 4.60
N LYS V 36 42.95 -34.44 5.64
CA LYS V 36 43.26 -34.01 6.99
C LYS V 36 44.73 -34.25 7.32
N PHE V 37 45.22 -35.47 7.13
CA PHE V 37 46.62 -35.78 7.40
C PHE V 37 47.54 -34.90 6.56
N ALA V 38 47.41 -34.98 5.23
CA ALA V 38 48.41 -34.42 4.31
C ALA V 38 48.37 -32.90 4.16
N VAL V 39 47.27 -32.26 4.54
CA VAL V 39 47.10 -30.84 4.24
C VAL V 39 46.74 -30.09 5.50
N ALA V 40 45.58 -30.39 6.07
CA ALA V 40 45.06 -29.58 7.16
C ALA V 40 45.91 -29.72 8.42
N GLU V 41 46.06 -30.96 8.92
CA GLU V 41 46.84 -31.20 10.14
C GLU V 41 48.28 -30.78 9.96
N LYS V 42 48.88 -31.19 8.83
CA LYS V 42 50.21 -30.76 8.47
C LYS V 42 50.38 -29.26 8.61
N ARG V 43 49.41 -28.49 8.09
CA ARG V 43 49.50 -27.05 8.23
C ARG V 43 49.40 -26.61 9.69
N LYS V 44 48.45 -27.18 10.45
CA LYS V 44 48.31 -26.78 11.85
C LYS V 44 49.62 -27.04 12.60
N LYS V 45 50.21 -28.21 12.36
CA LYS V 45 51.46 -28.58 13.03
C LYS V 45 52.61 -27.67 12.60
N ALA V 46 52.71 -27.39 11.30
CA ALA V 46 53.80 -26.55 10.82
C ALA V 46 53.79 -25.20 11.52
N TYR V 47 52.60 -24.58 11.66
CA TYR V 47 52.52 -23.28 12.34
C TYR V 47 52.77 -23.43 13.82
N ALA V 48 52.17 -24.44 14.45
CA ALA V 48 52.36 -24.66 15.86
C ALA V 48 53.83 -24.97 16.16
N ASP V 49 54.45 -25.81 15.32
CA ASP V 49 55.88 -26.08 15.52
C ASP V 49 56.72 -24.82 15.35
N PHE V 50 56.39 -24.02 14.35
CA PHE V 50 57.20 -22.84 14.07
C PHE V 50 57.19 -21.88 15.25
N TYR V 51 56.01 -21.66 15.82
CA TYR V 51 55.88 -20.65 16.86
C TYR V 51 56.15 -21.19 18.25
N ARG V 52 56.28 -22.51 18.41
CA ARG V 52 56.36 -23.05 19.76
C ARG V 52 57.52 -22.43 20.51
N ASN V 53 58.67 -22.40 19.87
CA ASN V 53 59.85 -21.80 20.48
C ASN V 53 60.45 -20.68 19.62
N TYR V 54 59.59 -19.95 18.93
CA TYR V 54 60.03 -18.85 18.08
C TYR V 54 60.47 -17.65 18.91
N ASP V 55 61.57 -17.03 18.49
CA ASP V 55 62.15 -15.88 19.20
C ASP V 55 62.12 -14.69 18.25
N SER V 56 61.10 -13.83 18.41
CA SER V 56 60.89 -12.73 17.47
C SER V 56 61.99 -11.69 17.51
N MET V 57 62.59 -11.45 18.69
CA MET V 57 63.73 -10.54 18.74
C MET V 57 64.93 -11.14 18.05
N LYS V 58 65.16 -12.45 18.27
CA LYS V 58 66.26 -13.11 17.59
C LYS V 58 66.04 -13.07 16.09
N ASP V 59 64.80 -13.35 15.65
CA ASP V 59 64.49 -13.24 14.22
C ASP V 59 64.83 -11.83 13.71
N PHE V 60 64.37 -10.81 14.43
CA PHE V 60 64.61 -9.44 14.01
C PHE V 60 66.11 -9.11 13.94
N GLU V 61 66.87 -9.53 14.95
CA GLU V 61 68.29 -9.22 14.94
C GLU V 61 68.98 -9.83 13.73
N GLU V 62 68.58 -11.07 13.36
CA GLU V 62 69.11 -11.69 12.15
C GLU V 62 68.80 -10.87 10.92
N MET V 63 67.53 -10.45 10.76
CA MET V 63 67.20 -9.60 9.62
C MET V 63 67.96 -8.28 9.64
N ARG V 64 68.10 -7.69 10.83
CA ARG V 64 68.79 -6.41 10.95
C ARG V 64 70.25 -6.56 10.53
N LYS V 65 70.92 -7.61 11.02
CA LYS V 65 72.34 -7.84 10.67
C LYS V 65 72.49 -7.98 9.16
N ALA V 66 71.49 -8.57 8.50
CA ALA V 66 71.61 -8.83 7.06
C ALA V 66 71.31 -7.57 6.24
N GLY V 67 70.86 -6.50 6.89
CA GLY V 67 70.68 -5.22 6.24
C GLY V 67 69.33 -5.03 5.60
N ILE V 68 68.32 -5.77 6.03
CA ILE V 68 67.07 -5.65 5.24
C ILE V 68 66.30 -4.36 5.55
N PHE V 69 66.51 -3.73 6.71
CA PHE V 69 65.59 -2.70 7.17
C PHE V 69 66.03 -1.30 6.83
N GLN V 70 65.06 -0.49 6.44
CA GLN V 70 65.24 0.95 6.26
C GLN V 70 65.48 1.66 7.58
N SER V 71 64.70 1.33 8.61
CA SER V 71 64.65 2.12 9.84
C SER V 71 65.60 1.62 10.93
N ALA V 72 66.26 0.48 10.72
CA ALA V 72 67.13 -0.11 11.74
C ALA V 72 68.28 -0.72 10.96
N LYS V 73 69.38 0.02 10.83
CA LYS V 73 70.52 -0.51 10.10
C LYS V 73 71.36 -1.37 11.03
N PHE W 1 -18.75 16.24 -34.92
CA PHE W 1 -18.10 15.38 -35.91
C PHE W 1 -18.91 14.12 -36.16
N GLU W 2 -18.63 13.42 -37.26
CA GLU W 2 -19.34 12.23 -37.66
C GLU W 2 -18.40 11.02 -37.70
N ASN W 3 -18.97 9.84 -37.56
CA ASN W 3 -18.16 8.64 -37.38
C ASN W 3 -17.81 8.14 -38.79
N ARG W 4 -16.56 8.34 -39.21
CA ARG W 4 -16.07 7.93 -40.54
C ARG W 4 -15.13 6.72 -40.45
N VAL W 5 -15.22 5.93 -39.35
CA VAL W 5 -14.32 4.78 -39.19
C VAL W 5 -14.55 3.76 -40.31
N ALA W 6 -15.82 3.54 -40.71
CA ALA W 6 -16.09 2.57 -41.78
C ALA W 6 -15.36 2.93 -43.05
N GLU W 7 -15.27 4.22 -43.36
CA GLU W 7 -14.57 4.54 -44.60
C GLU W 7 -13.05 4.31 -44.48
N LYS W 8 -12.49 4.48 -43.27
CA LYS W 8 -11.07 4.15 -43.09
C LYS W 8 -10.86 2.66 -43.08
N GLN W 9 -11.83 1.90 -42.57
CA GLN W 9 -11.72 0.45 -42.64
C GLN W 9 -11.70 0.01 -44.09
N LYS W 10 -12.53 0.61 -44.93
CA LYS W 10 -12.50 0.20 -46.34
C LYS W 10 -11.15 0.55 -46.97
N LEU W 11 -10.65 1.76 -46.72
CA LEU W 11 -9.35 2.14 -47.25
C LEU W 11 -8.26 1.18 -46.82
N PHE W 12 -8.18 0.86 -45.51
CA PHE W 12 -7.04 0.09 -45.03
C PHE W 12 -7.19 -1.40 -45.24
N GLN W 13 -8.34 -1.87 -45.77
CA GLN W 13 -8.56 -3.26 -46.13
C GLN W 13 -8.54 -3.46 -47.63
N GLU W 14 -8.35 -2.39 -48.39
CA GLU W 14 -8.36 -2.54 -49.85
C GLU W 14 -7.24 -3.48 -50.27
N ASP W 15 -7.56 -4.40 -51.18
CA ASP W 15 -6.57 -5.40 -51.56
C ASP W 15 -5.63 -4.83 -52.61
N ASN W 16 -4.64 -4.06 -52.18
CA ASN W 16 -3.71 -3.43 -53.11
C ASN W 16 -2.27 -3.90 -52.87
N GLY W 17 -2.08 -4.86 -51.97
CA GLY W 17 -0.78 -5.39 -51.63
C GLY W 17 0.12 -4.46 -50.84
N LEU W 18 -0.36 -3.29 -50.43
CA LEU W 18 0.53 -2.34 -49.73
C LEU W 18 0.71 -2.75 -48.28
N PRO W 19 1.92 -2.64 -47.74
CA PRO W 19 2.10 -2.83 -46.29
C PRO W 19 1.43 -1.69 -45.53
N VAL W 20 1.04 -1.97 -44.28
CA VAL W 20 0.22 -1.01 -43.53
C VAL W 20 0.87 0.37 -43.44
N HIS W 21 2.23 0.46 -43.40
CA HIS W 21 2.84 1.78 -43.21
C HIS W 21 2.79 2.65 -44.46
N LEU W 22 2.34 2.07 -45.59
CA LEU W 22 2.19 2.83 -46.82
C LEU W 22 0.75 2.86 -47.31
N LYS W 23 -0.16 2.21 -46.61
CA LYS W 23 -1.48 1.96 -47.14
C LYS W 23 -2.40 3.18 -47.10
N GLY W 24 -1.98 4.27 -46.43
CA GLY W 24 -2.75 5.48 -46.45
C GLY W 24 -2.65 6.25 -47.75
N GLY W 25 -1.64 5.95 -48.57
CA GLY W 25 -1.49 6.65 -49.85
C GLY W 25 -0.19 7.42 -49.93
N ALA W 26 -0.12 8.39 -50.82
CA ALA W 26 1.18 8.97 -51.19
C ALA W 26 1.84 9.71 -50.04
N THR W 27 1.06 10.26 -49.10
CA THR W 27 1.70 10.95 -47.99
C THR W 27 2.50 10.00 -47.13
N ASP W 28 2.04 8.76 -46.99
CA ASP W 28 2.84 7.77 -46.27
C ASP W 28 4.22 7.65 -46.88
N ASN W 29 4.29 7.56 -48.22
CA ASN W 29 5.60 7.44 -48.89
C ASN W 29 6.49 8.62 -48.56
N ILE W 30 5.93 9.84 -48.64
CA ILE W 30 6.69 11.05 -48.34
C ILE W 30 7.24 10.98 -46.93
N LEU W 31 6.36 10.72 -45.96
CA LEU W 31 6.79 10.70 -44.57
C LEU W 31 7.85 9.61 -44.34
N TYR W 32 7.65 8.44 -44.96
CA TYR W 32 8.63 7.37 -44.88
C TYR W 32 9.98 7.82 -45.47
N ARG W 33 9.98 8.41 -46.67
CA ARG W 33 11.28 8.79 -47.25
C ARG W 33 11.97 9.87 -46.43
N VAL W 34 11.22 10.83 -45.88
CA VAL W 34 11.80 11.84 -44.99
C VAL W 34 12.42 11.14 -43.80
N THR W 35 11.66 10.24 -43.19
CA THR W 35 12.17 9.58 -41.99
C THR W 35 13.43 8.81 -42.30
N MET W 36 13.38 7.97 -43.34
CA MET W 36 14.52 7.16 -43.66
C MET W 36 15.70 8.00 -44.14
N THR W 37 15.45 9.06 -44.90
CA THR W 37 16.58 9.92 -45.30
C THR W 37 17.25 10.57 -44.10
N LEU W 38 16.45 11.07 -43.14
CA LEU W 38 17.06 11.68 -41.96
C LEU W 38 17.84 10.65 -41.16
N CYS W 39 17.28 9.44 -41.04
CA CYS W 39 17.94 8.40 -40.27
C CYS W 39 19.25 7.97 -40.90
N LEU W 40 19.24 7.69 -42.23
CA LEU W 40 20.45 7.22 -42.89
C LEU W 40 21.47 8.34 -43.05
N GLY W 41 21.03 9.53 -43.45
CA GLY W 41 21.94 10.67 -43.51
C GLY W 41 22.50 11.03 -42.14
N GLY W 42 21.63 11.05 -41.11
CA GLY W 42 22.12 11.30 -39.77
C GLY W 42 23.15 10.26 -39.35
N THR W 43 22.89 8.99 -39.70
CA THR W 43 23.86 7.94 -39.35
C THR W 43 25.18 8.16 -40.06
N LEU W 44 25.15 8.45 -41.37
CA LEU W 44 26.39 8.81 -42.04
C LEU W 44 27.08 9.99 -41.36
N TYR W 45 26.31 11.05 -41.05
CA TYR W 45 26.90 12.19 -40.37
C TYR W 45 27.49 11.76 -39.03
N SER W 46 26.81 10.87 -38.30
CA SER W 46 27.40 10.46 -37.04
C SER W 46 28.71 9.71 -37.24
N LEU W 47 28.82 8.92 -38.32
CA LEU W 47 30.10 8.27 -38.62
C LEU W 47 31.18 9.29 -38.95
N TYR W 48 30.85 10.31 -39.74
CA TYR W 48 31.81 11.39 -39.96
C TYR W 48 32.28 11.98 -38.63
N CYS W 49 31.35 12.22 -37.70
CA CYS W 49 31.76 12.83 -36.44
C CYS W 49 32.68 11.91 -35.63
N LEU W 50 32.43 10.59 -35.68
CA LEU W 50 33.36 9.61 -35.08
C LEU W 50 34.77 9.75 -35.65
N GLY W 51 34.87 9.75 -36.97
CA GLY W 51 36.18 9.94 -37.59
C GLY W 51 36.84 11.21 -37.14
N TRP W 52 36.09 12.32 -37.16
CA TRP W 52 36.61 13.58 -36.65
C TRP W 52 37.07 13.44 -35.21
N ALA W 53 36.23 12.86 -34.36
CA ALA W 53 36.55 12.83 -32.95
C ALA W 53 37.62 11.79 -32.61
N SER W 54 37.96 10.90 -33.55
CA SER W 54 38.89 9.82 -33.22
C SER W 54 40.33 10.29 -33.22
N PHE W 55 40.57 11.49 -33.74
CA PHE W 55 41.94 11.95 -33.77
C PHE W 55 42.06 13.25 -33.00
N PRO W 56 43.22 13.52 -32.42
CA PRO W 56 43.44 14.82 -31.78
C PRO W 56 43.29 15.91 -32.84
N HIS W 57 42.46 16.92 -32.56
CA HIS W 57 42.05 17.86 -33.60
C HIS W 57 42.19 19.32 -33.21
N LYS W 58 43.11 20.00 -33.89
CA LYS W 58 43.13 21.45 -34.14
C LYS W 58 42.86 22.34 -32.93
N ALA X 1 32.27 -51.66 -45.42
CA ALA X 1 33.43 -50.99 -46.00
C ALA X 1 34.20 -50.20 -44.94
N PRO X 2 35.54 -50.23 -45.00
CA PRO X 2 36.35 -49.38 -44.11
C PRO X 2 36.11 -47.88 -44.32
N ASP X 3 35.90 -47.18 -43.21
CA ASP X 3 35.65 -45.75 -43.24
C ASP X 3 36.97 -45.00 -43.09
N PHE X 4 36.89 -43.67 -43.10
CA PHE X 4 38.08 -42.83 -42.90
C PHE X 4 38.88 -43.25 -41.66
N HIS X 5 38.19 -43.54 -40.54
CA HIS X 5 38.93 -43.81 -39.32
C HIS X 5 39.63 -45.15 -39.39
N ASP X 6 39.03 -46.11 -40.07
CA ASP X 6 39.67 -47.42 -40.25
C ASP X 6 40.96 -47.29 -41.05
N LYS X 7 40.93 -46.50 -42.13
CA LYS X 7 42.08 -46.36 -43.00
C LYS X 7 43.15 -45.49 -42.37
N TYR X 8 42.76 -44.35 -41.80
CA TYR X 8 43.72 -43.31 -41.45
C TYR X 8 43.81 -43.03 -39.96
N GLY X 9 42.91 -43.57 -39.14
CA GLY X 9 42.90 -43.16 -37.74
C GLY X 9 44.22 -43.42 -37.04
N ASN X 10 44.83 -44.56 -37.32
CA ASN X 10 46.08 -44.89 -36.66
C ASN X 10 47.17 -43.88 -37.03
N ALA X 11 47.24 -43.51 -38.31
CA ALA X 11 48.27 -42.56 -38.71
C ALA X 11 48.01 -41.19 -38.12
N VAL X 12 46.74 -40.73 -38.19
CA VAL X 12 46.37 -39.42 -37.61
C VAL X 12 46.76 -39.36 -36.14
N LEU X 13 46.40 -40.40 -35.38
CA LEU X 13 46.74 -40.43 -33.97
C LEU X 13 48.25 -40.39 -33.74
N ALA X 14 49.01 -41.20 -34.48
CA ALA X 14 50.44 -41.25 -34.20
C ALA X 14 51.15 -39.98 -34.66
N SER X 15 50.83 -39.49 -35.85
CA SER X 15 51.42 -38.26 -36.35
C SER X 15 51.03 -37.06 -35.48
N GLY X 16 49.75 -36.96 -35.13
CA GLY X 16 49.31 -35.84 -34.30
C GLY X 16 50.01 -35.84 -32.95
N ALA X 17 50.07 -36.99 -32.29
CA ALA X 17 50.73 -37.03 -30.99
C ALA X 17 52.21 -36.69 -31.12
N THR X 18 52.84 -37.13 -32.20
CA THR X 18 54.27 -36.90 -32.34
C THR X 18 54.59 -35.44 -32.62
N PHE X 19 53.87 -34.86 -33.58
CA PHE X 19 54.01 -33.44 -33.88
C PHE X 19 53.74 -32.58 -32.65
N CYS X 20 52.62 -32.85 -31.97
CA CYS X 20 52.23 -32.07 -30.79
C CYS X 20 53.33 -32.07 -29.74
N VAL X 21 53.80 -33.26 -29.35
CA VAL X 21 54.85 -33.33 -28.35
C VAL X 21 56.09 -32.59 -28.85
N ALA X 22 56.46 -32.79 -30.10
CA ALA X 22 57.76 -32.27 -30.50
C ALA X 22 57.76 -30.75 -30.56
N VAL X 23 56.68 -30.16 -31.06
N VAL X 23 56.69 -30.15 -31.09
CA VAL X 23 56.68 -28.71 -31.22
CA VAL X 23 56.67 -28.69 -31.21
C VAL X 23 56.53 -28.03 -29.86
C VAL X 23 56.58 -28.05 -29.83
N TRP X 24 55.77 -28.62 -28.93
CA TRP X 24 55.64 -28.00 -27.62
C TRP X 24 56.94 -28.12 -26.84
N VAL X 25 57.61 -29.27 -26.94
CA VAL X 25 58.91 -29.40 -26.28
C VAL X 25 59.87 -28.38 -26.84
N TYR X 26 59.87 -28.25 -28.16
CA TYR X 26 60.68 -27.22 -28.78
C TYR X 26 60.35 -25.84 -28.24
N MET X 27 59.06 -25.47 -28.28
CA MET X 27 58.68 -24.14 -27.80
C MET X 27 59.12 -23.94 -26.34
N ALA X 28 58.98 -24.99 -25.50
CA ALA X 28 59.19 -24.85 -24.06
C ALA X 28 60.66 -24.71 -23.69
N THR X 29 61.58 -25.25 -24.52
CA THR X 29 62.97 -25.38 -24.12
C THR X 29 63.98 -24.70 -25.04
N GLN X 30 63.62 -24.27 -26.25
CA GLN X 30 64.63 -23.85 -27.22
C GLN X 30 64.52 -22.43 -27.72
N ILE X 31 63.57 -21.60 -27.26
CA ILE X 31 63.38 -20.30 -27.90
C ILE X 31 63.50 -19.14 -26.93
N GLY X 32 64.00 -19.41 -25.72
CA GLY X 32 64.30 -18.32 -24.82
C GLY X 32 63.18 -18.01 -23.87
N ILE X 33 62.17 -18.87 -23.77
CA ILE X 33 61.09 -18.60 -22.81
C ILE X 33 61.63 -18.72 -21.39
N GLU X 34 61.37 -17.69 -20.58
CA GLU X 34 61.77 -17.70 -19.18
C GLU X 34 60.59 -18.17 -18.33
N TRP X 35 60.67 -19.40 -17.85
CA TRP X 35 59.58 -19.92 -17.04
C TRP X 35 59.63 -19.46 -15.61
N ASN X 36 60.78 -18.95 -15.15
CA ASN X 36 60.95 -18.52 -13.77
C ASN X 36 60.51 -19.59 -12.75
N PRO X 37 61.14 -20.75 -12.77
CA PRO X 37 60.84 -21.76 -11.77
C PRO X 37 61.37 -21.36 -10.40
N SER X 38 60.94 -22.13 -9.39
CA SER X 38 61.41 -21.88 -8.04
C SER X 38 62.93 -21.92 -7.93
N PRO X 39 63.54 -21.02 -7.15
CA PRO X 39 64.98 -21.16 -6.87
C PRO X 39 65.29 -22.26 -5.89
N VAL X 40 64.29 -22.81 -5.19
CA VAL X 40 64.54 -23.84 -4.18
C VAL X 40 65.27 -25.00 -4.84
N GLY X 41 66.43 -25.35 -4.27
CA GLY X 41 67.18 -26.50 -4.78
C GLY X 41 67.87 -26.26 -6.10
N ARG X 42 67.92 -25.00 -6.53
CA ARG X 42 68.41 -24.69 -7.87
C ARG X 42 69.36 -23.49 -7.85
N VAL X 43 69.01 -22.44 -7.11
CA VAL X 43 69.78 -21.20 -7.13
C VAL X 43 70.70 -21.18 -5.93
N THR X 44 71.94 -20.78 -6.17
CA THR X 44 72.85 -20.51 -5.08
C THR X 44 72.72 -19.05 -4.66
N PRO X 45 72.27 -18.77 -3.44
CA PRO X 45 72.10 -17.37 -3.04
C PRO X 45 73.43 -16.63 -3.01
N LYS X 46 73.40 -15.40 -3.51
CA LYS X 46 74.57 -14.55 -3.70
C LYS X 46 74.41 -13.25 -2.91
N GLU X 47 75.49 -12.80 -2.29
CA GLU X 47 75.44 -11.61 -1.48
C GLU X 47 74.96 -10.39 -2.31
N TRP X 48 74.01 -9.63 -1.72
CA TRP X 48 73.39 -8.49 -2.39
C TRP X 48 73.65 -7.18 -1.69
N ARG X 49 73.95 -7.21 -0.40
CA ARG X 49 73.99 -6.03 0.43
C ARG X 49 75.27 -5.21 0.27
N HIS Y 1 6.01 -13.18 -51.64
CA HIS Y 1 6.56 -14.02 -50.57
C HIS Y 1 8.07 -14.36 -50.75
N TYR Y 2 8.68 -15.02 -49.78
CA TYR Y 2 10.13 -15.21 -49.71
C TYR Y 2 10.52 -16.64 -50.04
N GLU Y 3 11.82 -16.82 -50.28
CA GLU Y 3 12.32 -18.16 -50.58
C GLU Y 3 12.47 -18.95 -49.30
N GLU Y 4 12.30 -20.27 -49.42
CA GLU Y 4 12.27 -21.16 -48.27
C GLU Y 4 13.26 -22.29 -48.48
N GLY Y 5 13.68 -22.90 -47.38
CA GLY Y 5 14.45 -24.10 -47.53
C GLY Y 5 15.91 -23.89 -47.24
N PRO Y 6 16.67 -24.99 -47.20
CA PRO Y 6 18.10 -24.91 -46.86
C PRO Y 6 18.82 -23.95 -47.81
N GLY Y 7 19.64 -23.09 -47.21
CA GLY Y 7 20.40 -22.09 -47.95
C GLY Y 7 19.60 -20.89 -48.41
N LYS Y 8 18.29 -20.86 -48.15
CA LYS Y 8 17.45 -19.74 -48.59
C LYS Y 8 16.90 -18.91 -47.43
N ASN Y 9 17.14 -19.31 -46.18
CA ASN Y 9 16.56 -18.61 -45.03
C ASN Y 9 17.63 -17.82 -44.29
N ILE Y 10 18.57 -17.27 -45.06
CA ILE Y 10 19.78 -16.63 -44.53
C ILE Y 10 20.06 -15.39 -45.36
N PRO Y 11 20.69 -14.38 -44.77
CA PRO Y 11 20.94 -13.14 -45.51
C PRO Y 11 22.21 -13.18 -46.34
N PHE Y 12 22.86 -14.33 -46.46
CA PHE Y 12 24.03 -14.48 -47.31
C PHE Y 12 23.83 -15.69 -48.21
N SER Y 13 24.53 -15.73 -49.32
CA SER Y 13 24.33 -16.82 -50.28
C SER Y 13 25.27 -17.97 -49.98
N VAL Y 14 24.76 -19.19 -50.12
CA VAL Y 14 25.62 -20.37 -50.10
C VAL Y 14 25.64 -21.06 -51.47
N GLU Y 15 25.31 -20.32 -52.51
CA GLU Y 15 25.22 -20.95 -53.83
C GLU Y 15 26.57 -21.42 -54.33
N ASN Y 16 27.62 -20.69 -53.98
CA ASN Y 16 29.00 -21.06 -54.36
C ASN Y 16 29.85 -21.10 -53.10
N LYS Y 17 30.45 -22.26 -52.81
CA LYS Y 17 31.16 -22.40 -51.55
C LYS Y 17 32.39 -21.51 -51.47
N TRP Y 18 32.97 -21.11 -52.61
CA TRP Y 18 34.19 -20.31 -52.53
C TRP Y 18 33.86 -18.85 -52.32
N ARG Y 19 32.80 -18.37 -52.99
CA ARG Y 19 32.28 -17.07 -52.66
C ARG Y 19 31.90 -17.02 -51.18
N LEU Y 20 31.25 -18.09 -50.72
CA LEU Y 20 30.87 -18.15 -49.30
C LEU Y 20 32.09 -18.04 -48.42
N LEU Y 21 33.17 -18.76 -48.78
CA LEU Y 21 34.38 -18.74 -47.97
C LEU Y 21 34.94 -17.33 -47.88
N ALA Y 22 34.91 -16.60 -48.99
CA ALA Y 22 35.41 -15.24 -48.94
C ALA Y 22 34.53 -14.39 -48.02
N MET Y 23 33.20 -14.51 -48.16
CA MET Y 23 32.29 -13.73 -47.31
C MET Y 23 32.48 -14.07 -45.85
N MET Y 24 32.59 -15.37 -45.53
CA MET Y 24 32.73 -15.71 -44.12
C MET Y 24 34.05 -15.23 -43.57
N THR Y 25 35.09 -15.27 -44.42
CA THR Y 25 36.40 -14.75 -44.09
C THR Y 25 36.38 -13.25 -43.83
N LEU Y 26 35.72 -12.48 -44.69
CA LEU Y 26 35.57 -11.05 -44.43
C LEU Y 26 34.75 -10.80 -43.17
N PHE Y 27 33.71 -11.59 -42.99
CA PHE Y 27 32.80 -11.40 -41.87
C PHE Y 27 33.50 -11.67 -40.53
N PHE Y 28 33.93 -12.92 -40.29
CA PHE Y 28 34.59 -13.21 -39.01
C PHE Y 28 35.95 -12.53 -38.91
N GLY Y 29 36.64 -12.40 -40.04
CA GLY Y 29 37.94 -11.75 -40.01
C GLY Y 29 37.85 -10.29 -39.61
N SER Y 30 36.84 -9.58 -40.12
CA SER Y 30 36.75 -8.17 -39.75
C SER Y 30 36.50 -8.01 -38.24
N GLY Y 31 35.63 -8.85 -37.66
CA GLY Y 31 35.40 -8.75 -36.22
C GLY Y 31 36.66 -9.06 -35.43
N PHE Y 32 37.38 -10.10 -35.83
CA PHE Y 32 38.58 -10.48 -35.09
C PHE Y 32 39.69 -9.44 -35.25
N ALA Y 33 39.79 -8.82 -36.44
CA ALA Y 33 40.86 -7.83 -36.67
C ALA Y 33 40.61 -6.53 -35.94
N ALA Y 34 39.33 -6.15 -35.74
CA ALA Y 34 39.05 -4.80 -35.28
C ALA Y 34 39.79 -4.42 -34.01
N PRO Y 35 39.81 -5.24 -32.94
CA PRO Y 35 40.52 -4.81 -31.72
C PRO Y 35 42.00 -4.56 -31.94
N PHE Y 36 42.64 -5.34 -32.82
CA PHE Y 36 44.05 -5.07 -33.13
C PHE Y 36 44.24 -3.72 -33.79
N PHE Y 37 43.33 -3.33 -34.67
CA PHE Y 37 43.49 -2.03 -35.29
C PHE Y 37 43.07 -0.88 -34.40
N ILE Y 38 42.18 -1.12 -33.44
CA ILE Y 38 41.85 -0.08 -32.49
C ILE Y 38 43.03 0.15 -31.54
N VAL Y 39 43.68 -0.94 -31.09
CA VAL Y 39 44.89 -0.78 -30.30
C VAL Y 39 45.93 -0.01 -31.12
N ARG Y 40 46.13 -0.41 -32.37
CA ARG Y 40 47.09 0.31 -33.19
C ARG Y 40 46.75 1.80 -33.26
N HIS Y 41 45.46 2.11 -33.45
CA HIS Y 41 45.03 3.50 -33.53
C HIS Y 41 45.35 4.27 -32.26
N GLN Y 42 45.14 3.65 -31.10
CA GLN Y 42 45.39 4.38 -29.85
C GLN Y 42 46.88 4.55 -29.60
N LEU Y 43 47.68 3.54 -29.93
CA LEU Y 43 49.13 3.65 -29.79
C LEU Y 43 49.69 4.75 -30.70
N LEU Y 44 49.13 4.89 -31.91
CA LEU Y 44 49.60 5.88 -32.87
C LEU Y 44 49.05 7.28 -32.64
N LYS Y 45 48.06 7.43 -31.76
CA LYS Y 45 47.35 8.70 -31.64
C LYS Y 45 48.27 9.77 -31.12
N LYS Y 46 48.95 9.49 -30.02
CA LYS Y 46 49.96 10.37 -29.48
C LYS Y 46 50.73 9.52 -28.50
N ILE Z 1 20.79 -38.11 -36.20
CA ILE Z 1 20.13 -37.42 -37.32
C ILE Z 1 20.46 -38.13 -38.63
N THR Z 2 19.56 -38.09 -39.61
CA THR Z 2 19.84 -38.60 -40.94
C THR Z 2 19.78 -37.47 -41.97
N ALA Z 3 20.60 -37.62 -43.00
CA ALA Z 3 20.74 -36.59 -44.00
C ALA Z 3 20.92 -37.23 -45.38
N LYS Z 4 20.50 -36.51 -46.38
CA LYS Z 4 20.81 -36.84 -47.77
C LYS Z 4 22.32 -36.76 -47.99
N PRO Z 5 22.85 -37.40 -49.03
CA PRO Z 5 24.27 -37.20 -49.33
C PRO Z 5 24.52 -35.75 -49.74
N ALA Z 6 25.75 -35.29 -49.46
CA ALA Z 6 26.13 -33.92 -49.79
C ALA Z 6 25.79 -33.58 -51.23
N LYS Z 7 25.08 -32.46 -51.43
CA LYS Z 7 24.82 -32.02 -52.80
C LYS Z 7 26.10 -31.62 -53.49
N THR Z 8 27.00 -30.98 -52.77
CA THR Z 8 28.26 -30.45 -53.29
C THR Z 8 29.39 -30.87 -52.37
N PRO Z 9 29.72 -32.15 -52.38
CA PRO Z 9 30.69 -32.67 -51.40
C PRO Z 9 32.00 -31.88 -51.44
N THR Z 10 32.60 -31.73 -50.25
CA THR Z 10 33.83 -30.97 -50.05
C THR Z 10 34.93 -31.99 -49.77
N SER Z 11 35.78 -32.22 -50.81
CA SER Z 11 36.89 -33.15 -50.78
C SER Z 11 37.93 -32.75 -49.74
N PRO Z 12 38.80 -33.68 -49.34
CA PRO Z 12 39.89 -33.30 -48.42
C PRO Z 12 40.74 -32.15 -48.92
N LYS Z 13 41.03 -32.08 -50.23
CA LYS Z 13 41.79 -30.92 -50.74
C LYS Z 13 41.00 -29.63 -50.56
N GLU Z 14 39.70 -29.64 -50.89
CA GLU Z 14 38.86 -28.47 -50.64
C GLU Z 14 38.85 -28.11 -49.16
N GLN Z 15 38.78 -29.10 -48.27
CA GLN Z 15 38.78 -28.75 -46.85
C GLN Z 15 40.08 -28.11 -46.44
N ALA Z 16 41.21 -28.59 -46.99
CA ALA Z 16 42.47 -27.98 -46.65
C ALA Z 16 42.50 -26.53 -47.10
N ILE Z 17 41.92 -26.25 -48.28
CA ILE Z 17 41.86 -24.86 -48.75
C ILE Z 17 41.02 -24.00 -47.80
N GLY Z 18 39.77 -24.42 -47.55
CA GLY Z 18 38.91 -23.63 -46.67
C GLY Z 18 39.49 -23.43 -45.28
N LEU Z 19 40.13 -24.47 -44.73
CA LEU Z 19 40.75 -24.37 -43.42
C LEU Z 19 41.89 -23.37 -43.42
N SER Z 20 42.82 -23.51 -44.39
CA SER Z 20 43.95 -22.58 -44.51
C SER Z 20 43.46 -21.16 -44.71
N VAL Z 21 42.52 -20.96 -45.64
CA VAL Z 21 42.00 -19.62 -45.84
C VAL Z 21 41.40 -19.08 -44.54
N THR Z 22 40.61 -19.91 -43.86
CA THR Z 22 39.99 -19.45 -42.61
C THR Z 22 41.04 -19.03 -41.60
N PHE Z 23 42.03 -19.91 -41.36
CA PHE Z 23 43.07 -19.60 -40.38
C PHE Z 23 43.82 -18.33 -40.77
N LEU Z 24 44.18 -18.21 -42.05
CA LEU Z 24 44.94 -17.02 -42.45
C LEU Z 24 44.14 -15.74 -42.25
N SER Z 25 42.81 -15.78 -42.45
CA SER Z 25 42.04 -14.56 -42.30
C SER Z 25 42.07 -14.04 -40.86
N PHE Z 26 42.19 -14.95 -39.88
CA PHE Z 26 42.37 -14.55 -38.47
C PHE Z 26 43.82 -14.13 -38.20
N LEU Z 27 44.79 -14.87 -38.76
CA LEU Z 27 46.16 -14.77 -38.26
C LEU Z 27 46.91 -13.62 -38.93
N LEU Z 28 46.67 -13.36 -40.22
CA LEU Z 28 47.51 -12.39 -40.91
C LEU Z 28 47.30 -10.96 -40.41
N PRO Z 29 46.06 -10.45 -40.28
CA PRO Z 29 45.91 -9.04 -39.83
C PRO Z 29 46.42 -8.84 -38.42
N ALA Z 30 46.02 -9.70 -37.49
CA ALA Z 30 46.52 -9.57 -36.12
C ALA Z 30 48.06 -9.70 -36.11
N GLY Z 31 48.58 -10.67 -36.86
CA GLY Z 31 50.02 -10.82 -37.00
C GLY Z 31 50.70 -9.54 -37.47
N TRP Z 32 50.14 -8.91 -38.50
CA TRP Z 32 50.72 -7.66 -38.99
C TRP Z 32 50.77 -6.60 -37.89
N VAL Z 33 49.64 -6.39 -37.20
CA VAL Z 33 49.63 -5.39 -36.14
C VAL Z 33 50.65 -5.73 -35.06
N LEU Z 34 50.65 -6.99 -34.59
CA LEU Z 34 51.55 -7.36 -33.49
C LEU Z 34 53.02 -7.24 -33.90
N TYR Z 35 53.34 -7.65 -35.14
CA TYR Z 35 54.70 -7.53 -35.66
C TYR Z 35 55.19 -6.10 -35.60
N HIS Z 36 54.30 -5.16 -35.95
CA HIS Z 36 54.64 -3.74 -36.08
C HIS Z 36 54.41 -2.95 -34.80
N LEU Z 37 54.12 -3.64 -33.69
CA LEU Z 37 53.88 -2.91 -32.43
C LEU Z 37 55.01 -1.96 -32.12
N ASP Z 38 56.24 -2.42 -32.31
CA ASP Z 38 57.37 -1.56 -31.97
C ASP Z 38 57.33 -0.29 -32.81
N ASN Z 39 56.90 -0.39 -34.08
CA ASN Z 39 56.79 0.77 -34.96
C ASN Z 39 55.69 1.76 -34.50
N TYR Z 40 54.62 1.27 -33.87
CA TYR Z 40 53.58 2.13 -33.31
C TYR Z 40 54.01 2.68 -31.94
N LYS Z 41 54.52 1.79 -31.06
CA LYS Z 41 54.83 2.17 -29.68
C LYS Z 41 55.71 3.41 -29.61
N LYS Z 42 56.74 3.49 -30.45
CA LYS Z 42 57.61 4.67 -30.50
C LYS Z 42 57.13 5.66 -31.56
N SER Z 43 55.91 6.17 -31.36
CA SER Z 43 55.38 7.31 -32.09
C SER Z 43 54.90 8.36 -31.09
FE HEA AA . -27.16 19.74 28.37
CHA HEA AA . -23.95 20.33 29.65
CHB HEA AA . -28.48 22.08 30.51
CHC HEA AA . -30.30 19.10 27.18
CHD HEA AA . -25.77 17.61 26.04
NA HEA AA . -26.36 20.94 29.77
C1A HEA AA . -25.04 21.16 30.09
C2A HEA AA . -24.89 22.21 30.98
C3A HEA AA . -26.17 22.73 31.18
C4A HEA AA . -27.06 21.91 30.41
CMA HEA AA . -26.43 23.91 32.05
OMA HEA AA . -27.48 24.57 31.98
CAA HEA AA . -23.53 22.76 31.48
CBA HEA AA . -23.14 22.12 32.85
CGA HEA AA . -21.81 22.73 33.22
O1A HEA AA . -21.57 22.69 34.46
O2A HEA AA . -21.05 23.25 32.36
NB HEA AA . -29.00 20.44 28.81
C1B HEA AA . -29.38 21.35 29.69
C2B HEA AA . -30.79 21.56 29.78
C3B HEA AA . -31.28 20.73 28.83
C4B HEA AA . -30.19 20.06 28.25
CMB HEA AA . -31.43 22.55 30.74
NC HEA AA . -27.88 18.62 26.88
C1C HEA AA . -29.19 18.50 26.49
C2C HEA AA . -29.25 17.68 25.37
C3C HEA AA . -28.03 17.23 25.06
C4C HEA AA . -27.17 17.86 26.01
CMC HEA AA . -30.60 17.33 24.71
CAC HEA AA . -27.56 16.34 23.95
CBC HEA AA . -28.35 15.75 23.03
ND HEA AA . -25.29 19.06 27.98
C1D HEA AA . -24.91 18.19 27.04
C2D HEA AA . -23.54 17.97 27.01
C3D HEA AA . -23.03 18.70 28.09
C4D HEA AA . -24.11 19.38 28.61
CMD HEA AA . -22.80 17.08 26.01
CAD HEA AA . -21.56 18.84 28.50
CBD HEA AA . -21.18 17.88 29.67
CGD HEA AA . -19.70 18.14 30.19
O1D HEA AA . -19.03 17.09 30.33
O2D HEA AA . -19.48 19.37 30.35
C11 HEA AA . -32.75 20.73 28.55
C11 HEA AA . -32.74 20.38 28.46
O11 HEA AA . -32.97 21.49 27.31
O11 HEA AA . -33.51 20.31 29.75
C12 HEA AA . -33.35 19.37 28.44
C12 HEA AA . -33.32 21.27 27.40
C13 HEA AA . -34.85 19.63 28.21
C13 HEA AA . -34.73 20.75 27.03
C14 HEA AA . -35.53 18.35 27.82
C14 HEA AA . -34.64 19.39 26.33
C15 HEA AA . -35.43 17.82 26.58
C15 HEA AA . -35.27 18.26 26.64
C16 HEA AA . -36.20 16.53 26.34
C16 HEA AA . -35.12 16.96 25.85
C17 HEA AA . -35.31 15.32 26.29
C17 HEA AA . -36.36 16.10 25.97
C18 HEA AA . -36.10 14.06 25.94
C18 HEA AA . -36.35 14.94 24.97
C18 HEA AA . -35.68 14.29 25.25
C19 HEA AA . -36.58 13.63 24.76
C19 HEA AA . -36.90 13.78 25.31
C20 HEA AA . -37.33 12.30 24.74
C20 HEA AA . -36.94 12.59 24.38
C21 HEA AA . -38.49 12.38 23.76
C21 HEA AA . -38.42 12.30 24.01
C22 HEA AA . -39.46 11.23 23.91
C22 HEA AA . -38.35 11.00 23.21
C23 HEA AA . -40.05 10.75 22.80
C23 HEA AA . -39.18 10.73 22.19
C24 HEA AA . -39.75 11.34 21.45
C24 HEA AA . -40.25 11.70 21.79
C25 HEA AA . -41.04 9.63 22.87
C25 HEA AA . -39.04 9.45 21.44
C26 HEA AA . -34.63 18.45 25.49
C26 HEA AA . -36.21 18.27 27.80
C27 HEA AA . -36.43 14.36 23.46
C27 HEA AA . -37.54 13.62 26.64
FE HEA BA . -19.83 22.42 17.59
CHA HEA BA . -17.94 22.39 20.56
CHB HEA BA . -17.53 24.62 16.02
CHC HEA BA . -21.53 22.09 14.59
CHD HEA BA . -22.02 19.99 19.06
NA HEA BA . -18.13 23.28 18.17
C1A HEA BA . -17.46 23.07 19.38
C2A HEA BA . -16.23 23.70 19.28
C3A HEA BA . -16.12 24.34 18.06
C4A HEA BA . -17.36 24.02 17.37
CMA HEA BA . -14.99 25.07 17.52
OMA HEA BA . -14.65 25.21 16.36
CAA HEA BA . -15.15 23.77 20.39
CBA HEA BA . -15.25 25.10 21.17
CGA HEA BA . -14.47 24.88 22.46
O1A HEA BA . -13.72 25.85 22.81
O2A HEA BA . -14.63 23.90 23.22
NB HEA BA . -19.60 23.29 15.87
C1B HEA BA . -18.68 24.11 15.27
C2B HEA BA . -18.93 24.37 13.91
C3B HEA BA . -20.04 23.63 13.58
C4B HEA BA . -20.41 22.94 14.74
CMB HEA BA . -18.07 25.34 13.10
NC HEA BA . -21.44 21.35 16.95
C1C HEA BA . -21.96 21.24 15.68
C2C HEA BA . -23.01 20.31 15.67
C3C HEA BA . -23.16 19.78 16.91
C4C HEA BA . -22.11 20.43 17.71
CMC HEA BA . -23.76 19.94 14.38
CAC HEA BA . -24.11 18.72 17.33
CBC HEA BA . -25.34 18.58 16.74
ND HEA BA . -19.99 21.47 19.38
C1D HEA BA . -20.88 20.52 19.79
C2D HEA BA . -20.61 20.09 21.08
C3D HEA BA . -19.49 20.83 21.50
C4D HEA BA . -19.15 21.64 20.43
CMD HEA BA . -21.38 19.06 21.90
CAD HEA BA . -18.81 20.74 22.85
CBD HEA BA . -18.10 19.46 23.13
CGD HEA BA . -17.69 19.55 24.59
O1D HEA BA . -16.64 20.25 24.82
O2D HEA BA . -18.37 18.98 25.43
C11 HEA BA . -20.59 23.63 12.10
O11 HEA BA . -20.82 22.21 11.70
C12 HEA BA . -21.86 24.50 12.00
C13 HEA BA . -22.17 24.77 10.49
C14 HEA BA . -23.53 25.51 10.42
C15 HEA BA . -23.73 26.81 10.10
C16 HEA BA . -25.13 27.39 10.06
C17 HEA BA . -25.89 27.17 8.68
C18 HEA BA . -25.09 27.80 7.52
C19 HEA BA . -25.58 28.84 6.75
C20 HEA BA . -24.63 29.26 5.63
C21 HEA BA . -23.88 30.60 5.70
C22 HEA BA . -22.95 30.65 6.93
C23 HEA BA . -21.74 31.20 6.92
C24 HEA BA . -21.11 31.81 5.69
C25 HEA BA . -20.95 31.19 8.21
C26 HEA BA . -22.57 27.74 9.80
C27 HEA BA . -26.87 29.52 6.95
CU CU CA . -15.98 19.40 16.82
MG MG DA . -10.64 22.69 28.20
NA NA EA . -24.54 26.74 42.95
C CYN FA . -18.67 21.02 17.16
N CYN FA . -17.79 20.25 17.04
CA1 TGL GA . -44.02 -0.76 29.90
CA2 TGL GA . -44.61 0.63 29.94
CA3 TGL GA . -44.34 1.36 28.65
CA4 TGL GA . -45.14 2.65 28.71
CA5 TGL GA . -45.47 3.03 27.30
CA6 TGL GA . -45.08 4.45 27.15
CA7 TGL GA . -45.52 4.95 25.80
CA8 TGL GA . -44.19 5.36 25.29
CA9 TGL GA . -44.32 6.59 24.48
OA1 TGL GA . -44.26 -1.55 30.80
CB1 TGL GA . -40.49 -4.02 27.29
CB2 TGL GA . -39.96 -2.58 27.21
CB3 TGL GA . -38.52 -2.55 26.68
CB4 TGL GA . -37.83 -1.17 26.53
CB5 TGL GA . -37.66 -0.50 27.89
CB6 TGL GA . -36.46 0.39 27.75
CB7 TGL GA . -36.34 1.23 28.98
CB8 TGL GA . -35.64 0.41 30.04
CB9 TGL GA . -34.52 1.37 30.33
C10 TGL GA . -33.80 0.94 31.57
C11 TGL GA . -32.39 0.48 31.26
C12 TGL GA . -31.97 -0.13 32.59
C13 TGL GA . -30.95 0.73 33.30
C14 TGL GA . -31.39 1.32 34.63
OB1 TGL GA . -39.80 -4.95 26.83
OG1 TGL GA . -43.13 -1.20 28.83
CG1 TGL GA . -43.45 -2.46 28.23
CG2 TGL GA . -42.62 -3.60 28.85
OG2 TGL GA . -41.83 -4.36 27.85
CG3 TGL GA . -43.63 -4.49 29.64
OG3 TGL GA . -44.88 -3.83 29.98
CC1 TGL GA . -46.13 -4.56 30.26
CC2 TGL GA . -47.44 -3.84 30.69
CC3 TGL GA . -48.77 -4.08 29.95
CC4 TGL GA . -48.78 -5.57 29.80
CC5 TGL GA . -48.46 -5.93 28.35
CC6 TGL GA . -49.16 -7.18 27.85
CC7 TGL GA . -48.38 -8.44 28.23
CC8 TGL GA . -49.32 -9.60 28.52
CC9 TGL GA . -48.87 -10.96 27.96
C15 TGL GA . -47.61 -11.34 28.67
C16 TGL GA . -47.87 -11.01 30.12
C17 TGL GA . -46.66 -11.25 30.98
C18 TGL GA . -45.49 -10.43 30.49
C19 TGL GA . -44.29 -11.39 30.51
OC1 TGL GA . -45.99 -5.77 30.14
C20 TGL GA . -44.52 6.09 23.08
C21 TGL GA . -43.27 6.58 22.43
C22 TGL GA . -42.57 5.34 21.94
C23 TGL GA . -43.55 4.64 21.03
C24 TGL GA . -43.84 5.40 19.75
C25 TGL GA . -44.29 4.37 18.70
C26 TGL GA . -45.32 3.54 19.40
C27 TGL GA . -46.16 2.79 18.39
C28 TGL GA . -45.41 1.59 17.84
C29 TGL GA . -30.97 2.81 34.77
C33 TGL GA . -43.06 -10.59 30.92
C34 TGL GA . -41.76 -11.35 30.74
C35 TGL GA . -40.62 -10.34 30.90
C36 TGL GA . -39.29 -10.99 31.29
P PGV HA . -59.97 17.82 16.45
C01 PGV HA . -61.78 18.68 20.66
C02 PGV HA . -60.97 18.91 19.35
C03 PGV HA . -59.80 17.98 19.09
C04 PGV HA . -59.64 16.09 14.51
C05 PGV HA . -61.04 15.73 13.96
C06 PGV HA . -61.54 14.40 14.49
O01 PGV HA . -60.38 20.22 19.29
O02 PGV HA . -58.33 20.49 17.89
O03 PGV HA . -63.21 18.50 20.51
O04 PGV HA . -65.38 18.51 21.34
O05 PGV HA . -61.15 15.78 12.53
O06 PGV HA . -61.67 14.33 15.92
O11 PGV HA . -60.43 17.46 17.95
O12 PGV HA . -60.00 16.33 15.87
O13 PGV HA . -58.64 18.56 16.31
O14 PGV HA . -61.27 18.31 15.83
C1 PGV HA . -58.94 20.34 19.00
C2 PGV HA . -58.24 20.48 20.29
C3 PGV HA . -59.13 20.48 21.50
C4 PGV HA . -58.41 21.31 22.51
C5 PGV HA . -57.26 20.51 23.01
C6 PGV HA . -56.44 21.53 23.76
C7 PGV HA . -57.10 21.97 25.05
C8 PGV HA . -56.34 23.11 25.71
C9 PGV HA . -57.10 23.62 26.93
C10 PGV HA . -56.40 24.72 27.70
C11 PGV HA . -55.64 24.13 28.86
C12 PGV HA . -55.36 24.84 29.96
C13 PGV HA . -55.46 24.13 31.32
C14 PGV HA . -56.24 24.96 32.36
C15 PGV HA . -56.44 24.31 33.74
C16 PGV HA . -57.54 24.85 34.67
C17 PGV HA . -57.50 26.28 35.24
C18 PGV HA . -57.81 27.37 34.23
C19 PGV HA . -64.19 18.61 21.61
C20 PGV HA . -63.80 18.86 23.06
C21 PGV HA . -63.43 17.65 23.94
C22 PGV HA . -61.93 17.39 24.03
C23 PGV HA . -61.13 18.69 24.04
C24 PGV HA . -61.03 19.66 25.25
C25 PGV HA . -60.05 19.26 26.37
C26 PGV HA . -59.71 20.27 27.47
C27 PGV HA . -58.90 19.60 28.59
C28 PGV HA . -58.31 20.52 29.66
C29 PGV HA . -57.47 19.77 30.69
C30 PGV HA . -56.65 20.77 31.51
P PGV IA . -27.76 -12.30 11.76
C01 PGV IA . -24.06 -10.35 10.61
C02 PGV IA . -24.02 -11.75 11.25
C03 PGV IA . -25.30 -12.52 10.81
C04 PGV IA . -28.53 -13.15 9.36
C05 PGV IA . -28.88 -14.53 8.76
C06 PGV IA . -27.61 -15.45 8.78
O01 PGV IA . -24.00 -11.45 12.64
O02 PGV IA . -22.48 -13.11 12.90
O03 PGV IA . -22.81 -9.59 10.93
O04 PGV IA . -21.95 -10.76 9.24
O05 PGV IA . -29.23 -14.27 7.40
O06 PGV IA . -28.01 -16.80 8.35
O11 PGV IA . -26.36 -11.65 11.17
O12 PGV IA . -28.22 -13.40 10.73
O13 PGV IA . -28.76 -11.19 11.85
O14 PGV IA . -27.50 -13.05 13.02
C1 PGV IA . -23.14 -12.25 13.42
C2 PGV IA . -23.15 -11.88 14.87
C3 PGV IA . -22.59 -12.98 15.80
C4 PGV IA . -22.71 -12.45 17.23
C5 PGV IA . -22.19 -13.55 18.19
C6 PGV IA . -22.32 -13.16 19.70
C7 PGV IA . -21.34 -12.01 20.07
C8 PGV IA . -21.51 -11.59 21.55
C9 PGV IA . -20.88 -10.21 21.67
C10 PGV IA . -20.86 -9.65 23.08
C11 PGV IA . -20.69 -8.18 22.81
C12 PGV IA . -19.96 -7.37 23.53
C13 PGV IA . -18.62 -7.72 24.08
C14 PGV IA . -18.19 -6.46 24.84
C15 PGV IA . -16.98 -6.80 25.69
C16 PGV IA . -16.33 -5.58 26.29
C17 PGV IA . -15.15 -6.06 27.10
C18 PGV IA . -14.52 -4.80 27.62
C19 PGV IA . -21.77 -9.93 10.08
C20 PGV IA . -20.41 -9.25 10.24
C21 PGV IA . -20.21 -8.87 11.71
C22 PGV IA . -19.85 -9.95 12.73
C23 PGV IA . -19.68 -9.41 14.14
C24 PGV IA . -19.36 -10.46 15.17
C25 PGV IA . -19.43 -9.96 16.62
C26 PGV IA . -18.49 -8.85 17.00
C27 PGV IA . -18.68 -8.46 18.47
C28 PGV IA . -17.57 -7.56 19.02
C29 PGV IA . -16.93 -6.59 17.98
C30 PGV IA . -16.73 -5.14 18.43
C31 PGV IA . -15.99 -4.21 17.47
C32 PGV IA . -14.48 -4.40 17.56
C33 PGV IA . -13.77 -3.27 16.82
C34 PGV IA . -13.93 -1.99 17.65
C1 EDO JA . -21.64 8.37 36.20
O1 EDO JA . -20.85 8.36 37.39
C2 EDO JA . -21.09 9.34 35.19
O2 EDO JA . -21.14 10.56 35.96
C1 EDO KA . -28.34 20.66 -7.09
O1 EDO KA . -29.10 19.54 -6.62
C2 EDO KA . -27.10 20.28 -7.88
O2 EDO KA . -27.58 19.69 -9.09
C1 EDO LA . -47.38 12.27 -8.42
O1 EDO LA . -48.18 11.89 -7.27
C2 EDO LA . -46.26 13.22 -7.92
O2 EDO LA . -46.78 14.53 -7.51
C1 EDO MA . -48.91 12.92 8.37
O1 EDO MA . -49.11 14.35 8.35
C2 EDO MA . -49.33 12.48 9.78
O2 EDO MA . -48.41 13.03 10.76
C1 EDO NA . -53.27 22.11 10.62
O1 EDO NA . -53.63 23.51 10.71
C2 EDO NA . -53.15 21.46 12.01
O2 EDO NA . -52.40 20.25 11.99
C1 EDO OA . -40.29 12.84 1.02
O1 EDO OA . -40.97 12.99 -0.27
C2 EDO OA . -38.85 13.04 0.67
O2 EDO OA . -38.44 11.81 0.04
C1 EDO PA . -13.81 10.60 43.53
O1 EDO PA . -13.41 9.22 43.21
C2 EDO PA . -12.74 11.66 43.20
O2 EDO PA . -11.62 11.48 44.05
C1 EDO QA . -18.69 40.41 40.41
O1 EDO QA . -18.67 39.00 40.67
C2 EDO QA . -19.63 41.19 41.33
O2 EDO QA . -20.18 42.32 40.67
C1 EDO RA . -1.85 10.37 37.47
O1 EDO RA . -2.96 9.53 37.10
C2 EDO RA . -0.72 10.20 36.45
O2 EDO RA . -0.94 11.06 35.32
C1 EDO SA . 2.45 11.29 38.05
O1 EDO SA . 3.35 10.44 38.77
C2 EDO SA . 2.72 11.20 36.58
O2 EDO SA . 2.81 12.49 35.97
C1 EDO TA . -8.60 13.01 44.84
O1 EDO TA . -9.17 14.30 44.68
C2 EDO TA . -7.10 13.26 44.76
O2 EDO TA . -6.70 13.62 43.40
C1 EDO UA . -45.22 -2.91 13.91
O1 EDO UA . -46.38 -2.69 13.05
C2 EDO UA . -45.25 -4.36 13.51
O2 EDO UA . -44.11 -5.11 13.83
C1 EDO VA . -55.17 14.16 4.71
O1 EDO VA . -55.75 12.99 4.06
C2 EDO VA . -55.92 15.49 4.63
O2 EDO VA . -54.96 16.55 4.54
C1 EDO WA . -44.20 -12.42 -8.59
O1 EDO WA . -43.15 -13.38 -8.40
C2 EDO WA . -43.72 -11.12 -7.98
O2 EDO WA . -43.97 -11.15 -6.56
C1 EDO XA . -43.02 -13.72 13.78
O1 EDO XA . -44.18 -14.43 13.32
C2 EDO XA . -41.77 -14.43 13.30
O2 EDO XA . -41.97 -15.76 13.79
C1 EDO YA . -16.43 20.29 47.40
O1 EDO YA . -17.77 19.79 47.48
C2 EDO YA . -16.43 21.80 47.07
O2 EDO YA . -17.51 22.10 46.18
C1 EDO ZA . -5.31 15.02 9.42
O1 EDO ZA . -6.18 14.03 8.85
C2 EDO ZA . -5.78 16.43 9.07
O2 EDO ZA . -5.41 16.62 7.69
CA1 TGL AB . -26.99 42.18 22.31
CA2 TGL AB . -28.30 41.38 22.29
CA3 TGL AB . -28.44 40.53 21.02
CA4 TGL AB . -29.87 40.01 20.78
CA5 TGL AB . -30.04 39.52 19.36
CA6 TGL AB . -31.50 39.36 18.93
CA7 TGL AB . -32.31 38.38 19.78
CA8 TGL AB . -33.56 39.06 20.30
CA9 TGL AB . -33.26 39.83 21.59
OA1 TGL AB . -27.06 43.36 22.61
CB1 TGL AB . -23.75 39.07 22.08
CB2 TGL AB . -24.90 38.10 22.11
CB3 TGL AB . -24.34 36.87 21.44
CB4 TGL AB . -25.39 35.98 20.85
CB5 TGL AB . -25.10 35.83 19.37
CB6 TGL AB . -25.92 34.72 18.79
CB7 TGL AB . -26.43 35.20 17.45
CB8 TGL AB . -27.94 35.07 17.45
CB9 TGL AB . -28.61 35.77 16.30
C10 TGL AB . -30.13 35.92 16.55
C11 TGL AB . -30.82 37.00 15.70
C12 TGL AB . -31.99 36.54 14.82
C13 TGL AB . -32.74 37.76 14.28
C14 TGL AB . -33.39 38.61 15.39
OB1 TGL AB . -22.91 38.70 21.21
OG1 TGL AB . -25.67 41.60 22.00
CG1 TGL AB . -24.46 42.35 22.22
CG2 TGL AB . -23.18 41.48 22.15
OG2 TGL AB . -23.47 40.26 22.90
CG3 TGL AB . -21.90 42.29 22.42
OG3 TGL AB . -22.05 43.21 23.49
CC1 TGL AB . -21.33 44.47 23.69
CC2 TGL AB . -22.18 45.69 23.67
CC3 TGL AB . -23.16 45.66 24.82
CC4 TGL AB . -24.27 46.70 24.63
CC5 TGL AB . -24.93 46.97 25.99
CC6 TGL AB . -25.77 48.27 26.11
CC7 TGL AB . -27.05 48.15 26.97
CC8 TGL AB . -28.05 47.13 26.38
CC9 TGL AB . -29.42 47.00 27.10
C15 TGL AB . -29.73 45.64 27.78
C16 TGL AB . -30.00 44.47 26.83
C17 TGL AB . -30.81 43.30 27.44
C18 TGL AB . -30.66 42.03 26.58
C19 TGL AB . -31.87 41.10 26.38
OC1 TGL AB . -20.15 44.49 23.85
C20 TGL AB . -32.89 38.91 22.76
C21 TGL AB . -34.02 37.92 23.08
C22 TGL AB . -33.71 36.55 22.46
C23 TGL AB . -34.42 35.39 23.13
C24 TGL AB . -34.76 34.43 22.00
C25 TGL AB . -33.60 34.32 21.03
C26 TGL AB . -33.96 33.45 19.84
C27 TGL AB . -32.62 33.18 19.17
C28 TGL AB . -32.09 34.53 18.78
C29 TGL AB . -34.87 38.29 15.67
C30 TGL AB . -35.09 37.52 16.97
C31 TGL AB . -36.53 37.07 17.20
C32 TGL AB . -36.68 35.56 17.15
C33 TGL AB . -31.80 39.71 27.05
C34 TGL AB . -32.63 38.59 26.37
C35 TGL AB . -32.85 37.34 27.24
C36 TGL AB . -33.60 36.18 26.62
CU1 CUA BB . -8.20 23.58 38.63
CU2 CUA BB . -10.34 23.49 37.39
P PSC CB . -42.10 30.16 -16.34
N PSC CB . -43.58 29.09 -19.70
C01 PSC CB . -39.45 28.01 -13.76
C02 PSC CB . -40.12 29.23 -13.10
C03 PSC CB . -40.38 30.14 -14.30
C04 PSC CB . -44.50 29.95 -17.56
C05 PSC CB . -44.75 29.06 -18.79
O01 PSC CB . -39.38 29.80 -11.97
O02 PSC CB . -38.31 31.87 -11.56
O03 PSC CB . -39.06 27.10 -12.76
O04 PSC CB . -36.85 27.22 -13.48
O11 PSC CB . -41.75 30.05 -14.76
O12 PSC CB . -43.53 29.42 -16.64
O13 PSC CB . -41.03 29.33 -17.03
O14 PSC CB . -42.31 31.63 -16.68
C1 PSC CB . -38.25 30.78 -12.12
C2 PSC CB . -36.93 30.46 -12.85
C3 PSC CB . -35.63 31.15 -12.34
C4 PSC CB . -35.34 31.06 -10.82
C5 PSC CB . -34.37 32.10 -10.22
C6 PSC CB . -34.50 32.27 -8.69
C7 PSC CB . -33.46 33.20 -8.01
C8 PSC CB . -33.57 33.21 -6.47
C9 PSC CB . -32.34 33.79 -5.78
C10 PSC CB . -32.23 33.78 -4.45
C11 PSC CB . -30.95 33.26 -3.84
C12 PSC CB . -30.86 33.59 -2.34
C13 PSC CB . -29.46 33.22 -1.83
C14 PSC CB . -29.10 33.57 -0.38
C15 PSC CB . -27.61 33.30 -0.11
C16 PSC CB . -27.05 33.81 1.23
C17 PSC CB . -25.59 33.43 1.52
C18 PSC CB . -25.15 33.84 2.94
C19 PSC CB . -37.63 27.01 -12.56
C20 PSC CB . -37.25 26.67 -11.16
C21 PSC CB . -38.19 27.41 -10.19
C22 PSC CB . -37.44 28.48 -9.41
C23 PSC CB . -36.10 27.84 -9.10
C24 PSC CB . -35.32 28.64 -8.09
C25 PSC CB . -36.19 28.85 -6.87
C26 PSC CB . -35.26 29.45 -5.82
C27 PSC CB . -36.04 29.73 -4.57
C28 PSC CB . -35.13 30.22 -3.48
C29 PSC CB . -36.03 30.49 -2.31
C30 PSC CB . -35.34 31.32 -1.25
C31 PSC CB . -34.19 30.58 -0.60
C32 PSC CB . -32.93 31.32 -0.98
C33 PSC CB . -31.80 30.90 -0.05
C1 CHD DB . -19.65 23.23 -7.28
C2 CHD DB . -20.49 24.15 -8.15
C3 CHD DB . -21.38 25.05 -7.26
O3 CHD DB . -22.20 25.85 -8.15
C4 CHD DB . -22.34 24.23 -6.36
C5 CHD DB . -21.50 23.29 -5.50
C6 CHD DB . -22.45 22.47 -4.61
C7 CHD DB . -23.28 21.43 -5.36
O7 CHD DB . -24.41 21.95 -6.10
C8 CHD DB . -22.36 20.57 -6.25
C9 CHD DB . -21.50 21.46 -7.18
C10 CHD DB . -20.60 22.40 -6.40
C11 CHD DB . -20.67 20.54 -8.12
C12 CHD DB . -21.52 19.49 -8.89
O12 CHD DB . -22.49 20.09 -9.78
C13 CHD DB . -22.33 18.65 -7.91
C14 CHD DB . -23.19 19.60 -7.06
C15 CHD DB . -24.09 18.66 -6.30
C16 CHD DB . -24.36 17.48 -7.29
C17 CHD DB . -23.39 17.71 -8.48
C18 CHD DB . -21.32 17.84 -7.04
C19 CHD DB . -19.63 21.68 -5.47
C20 CHD DB . -22.90 16.35 -9.00
C21 CHD DB . -21.95 16.49 -10.19
C22 CHD DB . -24.05 15.37 -9.35
C23 CHD DB . -24.89 15.81 -10.59
O25 CHD DB . -27.11 14.86 -10.86
C24 CHD DB . -25.86 14.69 -10.95
O26 CHD DB . -25.37 13.64 -11.49
C1 EDO EB . -14.46 37.04 36.72
O1 EDO EB . -15.50 37.81 36.12
C2 EDO EB . -13.16 37.18 35.93
O2 EDO EB . -13.28 36.54 34.66
C1 EDO FB . 3.56 14.44 38.86
O1 EDO FB . 2.86 15.57 38.29
C2 EDO FB . 3.08 14.16 40.29
O2 EDO FB . 3.13 15.40 41.05
C1 EDO GB . -2.54 13.52 40.16
O1 EDO GB . -3.64 12.83 39.67
C2 EDO GB . -1.60 13.28 39.05
O2 EDO GB . -0.48 12.81 39.75
C1 EDO HB . 0.29 17.84 43.81
O1 EDO HB . -0.33 19.06 43.27
C2 EDO HB . 1.75 18.08 44.23
O2 EDO HB . 1.99 19.39 44.80
C1 EDO IB . -0.90 39.93 25.24
O1 EDO IB . -1.54 39.78 26.53
C2 EDO IB . -0.49 41.38 25.03
O2 EDO IB . -1.10 42.09 23.94
C1 EDO JB . -17.80 27.56 -7.72
O1 EDO JB . -18.55 27.60 -8.96
C2 EDO JB . -18.65 27.09 -6.53
O2 EDO JB . -18.03 27.31 -5.24
C1 CHD KB . -1.54 21.36 9.41
C2 CHD KB . -0.41 22.20 9.99
C3 CHD KB . 0.76 22.11 9.00
O3 CHD KB . 1.82 22.98 9.50
C4 CHD KB . 1.23 20.67 8.80
C5 CHD KB . 0.06 19.82 8.27
C6 CHD KB . 0.49 18.38 8.05
C7 CHD KB . 0.73 17.58 9.35
O7 CHD KB . 1.92 17.96 10.07
C8 CHD KB . -0.49 17.72 10.28
C9 CHD KB . -0.84 19.19 10.52
C10 CHD KB . -1.16 19.89 9.19
C11 CHD KB . -1.97 19.32 11.57
C12 CHD KB . -1.69 18.54 12.88
O12 CHD KB . -0.55 19.10 13.59
C13 CHD KB . -1.45 17.06 12.60
C14 CHD KB . -0.26 17.01 11.62
C15 CHD KB . 0.16 15.56 11.59
C16 CHD KB . -0.17 15.09 13.01
C17 CHD KB . -0.89 16.24 13.75
C18 CHD KB . -2.70 16.37 12.01
C19 CHD KB . -2.40 19.27 8.48
C20 CHD KB . -1.80 15.67 14.83
C21 CHD KB . -2.74 16.70 15.47
C22 CHD KB . -0.86 15.11 15.91
C23 CHD KB . -1.64 14.30 16.94
O25 CHD KB . -0.03 14.78 18.78
C24 CHD KB . -0.64 13.91 18.04
O26 CHD KB . -0.68 12.71 18.35
P PEK LB . 2.67 -34.80 -4.65
N PEK LB . -0.74 -35.47 -2.28
C01 PEK LB . 4.93 -31.93 -0.78
C02 PEK LB . 4.26 -33.14 -1.47
C03 PEK LB . 3.99 -32.93 -2.97
C04 PEK LB . -0.05 -35.44 -4.57
C05 PEK LB . -1.19 -35.79 -3.63
O01 PEK LB . 3.00 -33.46 -0.82
O02 PEK LB . 3.93 -35.39 0.15
O03 PEK LB . 5.78 -32.43 0.26
O04 PEK LB . 7.97 -32.02 0.34
O11 PEK LB . 3.76 -34.24 -3.53
O12 PEK LB . 1.26 -35.32 -3.93
O13 PEK LB . 2.46 -33.73 -5.66
O14 PEK LB . 3.40 -36.05 -5.09
C1 PEK LB . 2.95 -34.64 0.06
C2 PEK LB . 1.69 -34.94 0.85
C3 PEK LB . 2.00 -34.72 2.33
C4 PEK LB . 2.92 -33.52 2.46
C5 PEK LB . 3.26 -33.31 3.90
C6 PEK LB . 4.05 -32.33 4.25
C7 PEK LB . 3.46 -31.20 5.07
C8 PEK LB . 4.61 -30.42 5.69
C9 PEK LB . 4.38 -29.26 6.31
C10 PEK LB . 3.90 -29.07 7.75
C11 PEK LB . 3.84 -27.57 7.98
C12 PEK LB . 3.75 -26.97 9.15
C13 PEK LB . 4.82 -25.96 9.48
C14 PEK LB . 4.82 -25.90 10.99
C15 PEK LB . 5.79 -25.43 11.75
C16 PEK LB . 6.17 -26.21 13.00
C17 PEK LB . 7.66 -25.94 13.28
C18 PEK LB . 8.22 -26.57 14.56
C19 PEK LB . 9.66 -26.12 14.87
C20 PEK LB . 10.12 -26.37 16.30
C21 PEK LB . 6.91 -31.68 0.81
C22 PEK LB . 6.87 -30.70 1.99
C23 PEK LB . 7.83 -29.50 1.88
C24 PEK LB . 8.65 -29.11 3.12
C25 PEK LB . 9.27 -27.72 2.94
C26 PEK LB . 10.48 -27.27 3.77
C27 PEK LB . 11.75 -28.02 3.31
C28 PEK LB . 13.11 -27.29 3.24
C29 PEK LB . 14.31 -28.07 2.61
C30 PEK LB . 15.54 -27.22 2.26
C31 PEK LB . 15.26 -26.21 1.13
C32 PEK LB . 16.12 -24.93 1.06
C33 PEK LB . 15.67 -24.15 -0.19
C34 PEK LB . 16.51 -22.96 -0.65
C35 PEK LB . 15.90 -22.21 -1.86
C36 PEK LB . 14.48 -21.78 -1.52
C37 PEK LB . 13.97 -20.64 -2.40
C38 PEK LB . 13.38 -19.60 -1.51
P PGV MB . -21.37 -20.54 4.21
C01 PGV MB . -21.89 -17.40 6.90
C02 PGV MB . -21.37 -18.83 7.16
C03 PGV MB . -22.33 -19.84 6.54
C04 PGV MB . -23.30 -22.27 3.39
C05 PGV MB . -22.88 -23.35 2.39
C06 PGV MB . -24.01 -23.54 1.36
O01 PGV MB . -21.51 -19.03 8.56
O02 PGV MB . -19.23 -19.33 8.76
O03 PGV MB . -20.76 -16.53 7.30
O04 PGV MB . -22.07 -15.65 8.89
O05 PGV MB . -22.66 -24.52 3.21
O06 PGV MB . -23.49 -24.48 0.40
O11 PGV MB . -22.30 -19.67 5.13
O12 PGV MB . -22.08 -22.03 4.21
O13 PGV MB . -20.09 -20.80 4.95
O14 PGV MB . -21.39 -19.99 2.85
C1 PGV MB . -20.34 -19.28 9.32
C2 PGV MB . -20.58 -19.58 10.77
C3 PGV MB . -19.28 -19.81 11.52
C4 PGV MB . -18.65 -18.49 12.03
C5 PGV MB . -17.55 -18.86 13.03
C6 PGV MB . -16.85 -17.58 13.50
C7 PGV MB . -15.80 -17.95 14.54
C8 PGV MB . -15.07 -16.74 15.06
C9 PGV MB . -14.07 -17.10 16.16
C10 PGV MB . -14.66 -16.58 17.47
C11 PGV MB . -13.67 -16.90 18.50
C12 PGV MB . -13.81 -16.44 19.74
C13 PGV MB . -13.91 -14.96 20.00
C14 PGV MB . -13.84 -14.82 21.52
C15 PGV MB . -13.76 -13.40 22.05
C16 PGV MB . -14.14 -13.32 23.55
C17 PGV MB . -12.97 -13.31 24.54
C19 PGV MB . -20.96 -15.74 8.41
C20 PGV MB . -19.75 -14.90 8.82
C21 PGV MB . -20.02 -14.54 10.28
C22 PGV MB . -19.01 -13.52 10.80
C23 PGV MB . -17.98 -14.14 11.72
C24 PGV MB . -16.99 -13.10 12.25
C25 PGV MB . -15.97 -13.76 13.14
C26 PGV MB . -14.94 -12.74 13.65
C27 PGV MB . -15.48 -11.94 14.83
C28 PGV MB . -14.83 -12.35 16.13
C29 PGV MB . -15.08 -11.49 17.35
C30 PGV MB . -14.17 -10.25 17.29
C31 PGV MB . -13.70 -9.63 18.63
C32 PGV MB . -12.76 -8.41 18.46
C33 PGV MB . -12.21 -7.94 19.80
C34 PGV MB . -11.36 -6.69 19.71
P PGV NB . 6.46 17.41 18.88
C01 PGV NB . 3.10 14.11 16.74
C02 PGV NB . 4.46 14.90 16.70
C03 PGV NB . 4.52 15.93 17.82
C04 PGV NB . 6.96 19.56 19.94
C05 PGV NB . 6.75 20.97 20.45
C06 PGV NB . 7.13 22.06 19.46
O01 PGV NB . 4.44 15.86 15.65
O02 PGV NB . 6.25 14.92 14.59
O03 PGV NB . 3.16 12.80 16.13
O04 PGV NB . 2.26 10.72 16.48
O05 PGV NB . 7.74 20.94 21.50
O06 PGV NB . 8.53 22.40 19.57
O11 PGV NB . 5.71 16.71 17.65
O12 PGV NB . 6.17 18.99 18.88
O13 PGV NB . 5.83 16.90 20.17
O14 PGV NB . 7.95 17.31 18.57
C1 PGV NB . 5.33 15.72 14.48
C2 PGV NB . 5.11 16.58 13.23
C3 PGV NB . 6.13 16.39 12.10
C4 PGV NB . 5.56 15.97 10.71
C5 PGV NB . 5.30 14.47 10.48
C6 PGV NB . 4.61 13.69 11.61
C7 PGV NB . 3.92 12.41 11.15
C8 PGV NB . 2.47 12.61 10.70
C9 PGV NB . 1.86 11.33 10.15
C10 PGV NB . 0.34 11.39 9.87
C11 PGV NB . -0.09 12.64 9.11
C12 PGV NB . -1.16 12.72 8.29
C13 PGV NB . -1.86 14.03 7.94
C14 PGV NB . -2.27 14.17 6.46
C15 PGV NB . -2.72 12.84 5.83
C16 PGV NB . -3.75 12.94 4.70
C17 PGV NB . -3.99 11.59 4.01
C18 PGV NB . -4.70 10.51 4.82
C19 PGV NB . 2.13 11.77 15.86
C20 PGV NB . 1.03 11.68 14.84
C21 PGV NB . 0.64 10.21 14.88
C22 PGV NB . -0.42 9.86 13.85
C23 PGV NB . -1.50 10.94 13.91
C24 PGV NB . -2.53 10.76 12.80
C25 PGV NB . -3.53 11.90 12.77
C26 PGV NB . -4.54 11.54 11.71
C27 PGV NB . -5.01 10.11 12.04
C28 PGV NB . -5.97 9.53 11.01
C29 PGV NB . -6.23 8.04 11.23
C30 PGV NB . -7.05 7.45 10.06
C31 PGV NB . -6.41 6.14 9.57
C32 PGV NB . -7.12 5.28 8.50
C33 PGV NB . -6.30 4.03 8.14
C34 PGV NB . -6.96 3.25 7.04
C1 CDL OB . -26.21 -30.62 13.30
O1 CDL OB . -27.38 -31.46 13.30
CA2 CDL OB . -26.65 -29.16 13.32
OA2 CDL OB . -26.04 -28.54 14.42
PA1 CDL OB . -25.78 -29.35 15.85
OA3 CDL OB . -25.11 -28.36 16.78
OA4 CDL OB . -26.89 -30.24 16.38
OA5 CDL OB . -24.49 -30.32 15.82
CA3 CDL OB . -24.40 -31.40 16.78
CA4 CDL OB . -23.09 -31.23 17.56
OA6 CDL OB . -22.10 -32.29 17.45
CA5 CDL OB . -21.49 -32.45 16.12
OA7 CDL OB . -22.13 -32.86 15.16
C11 CDL OB . -20.00 -32.16 15.97
C12 CDL OB . -19.75 -30.72 16.40
C13 CDL OB . -19.73 -30.55 17.92
C14 CDL OB . -19.27 -29.19 18.45
C15 CDL OB . -18.68 -29.29 19.84
C16 CDL OB . -18.46 -27.89 20.41
C17 CDL OB . -17.02 -27.35 20.41
C18 CDL OB . -17.17 -25.88 20.72
C19 CDL OB . -16.41 -25.29 21.65
C20 CDL OB . -15.81 -23.92 21.53
C21 CDL OB . -15.32 -23.55 22.91
C22 CDL OB . -14.04 -23.23 23.08
C23 CDL OB . -13.15 -24.10 23.96
C24 CDL OB . -11.74 -24.23 23.34
C25 CDL OB . -10.69 -24.82 24.27
C26 CDL OB . -10.26 -23.82 25.34
C27 CDL OB . -9.27 -24.46 26.30
CA6 CDL OB . -23.45 -30.80 19.01
OA8 CDL OB . -22.72 -31.37 20.11
CA7 CDL OB . -22.68 -30.75 21.45
OA9 CDL OB . -23.43 -31.20 22.31
C31 CDL OB . -21.63 -29.73 21.84
C32 CDL OB . -22.13 -28.46 22.52
C33 CDL OB . -20.94 -27.72 23.16
C34 CDL OB . -21.01 -26.21 23.05
C35 CDL OB . -19.87 -25.54 23.79
C36 CDL OB . -19.80 -24.03 23.53
C37 CDL OB . -18.68 -23.32 24.30
C38 CDL OB . -19.13 -23.20 25.73
C39 CDL OB . -18.42 -22.77 26.79
C40 CDL OB . -18.16 -23.84 27.82
C41 CDL OB . -19.00 -23.64 29.07
C42 CDL OB . -19.55 -24.71 29.69
C43 CDL OB . -21.06 -24.91 29.83
C44 CDL OB . -21.38 -26.36 29.46
C45 CDL OB . -22.87 -26.71 29.30
C46 CDL OB . -23.14 -28.01 28.53
C47 CDL OB . -24.59 -28.44 28.58
CB2 CDL OB . -25.33 -31.05 12.14
OB2 CDL OB . -23.97 -30.89 12.42
PB2 CDL OB . -22.73 -31.54 11.62
OB3 CDL OB . -22.61 -31.40 10.07
OB4 CDL OB . -22.26 -32.78 12.36
OB5 CDL OB . -21.93 -30.39 12.35
CB4 CDL OB . -20.51 -28.36 13.28
OB6 CDL OB . -21.82 -27.78 13.26
CB5 CDL OB . -21.97 -27.18 14.55
OB7 CDL OB . -22.01 -27.87 15.56
C51 CDL OB . -22.05 -25.69 14.65
C52 CDL OB . -20.94 -25.51 15.66
C53 CDL OB . -20.76 -24.04 15.97
C54 CDL OB . -19.94 -23.42 14.89
C55 CDL OB . -19.46 -22.05 15.33
C56 CDL OB . -18.75 -22.14 16.64
C57 CDL OB . -17.85 -20.94 16.87
C58 CDL OB . -17.62 -20.91 18.33
C59 CDL OB . -16.61 -20.28 18.86
C60 CDL OB . -16.79 -20.04 20.33
C61 CDL OB . -15.41 -20.21 20.90
CB6 CDL OB . -19.63 -27.33 12.65
OB8 CDL OB . -18.28 -27.73 12.96
CB7 CDL OB . -17.68 -27.36 14.26
OB9 CDL OB . -18.32 -27.59 15.26
C71 CDL OB . -16.29 -26.78 14.46
C72 CDL OB . -16.04 -26.47 15.95
C73 CDL OB . -14.65 -25.91 16.28
C74 CDL OB . -14.63 -25.63 17.77
C75 CDL OB . -14.14 -24.25 18.08
C76 CDL OB . -12.64 -24.29 17.93
C77 CDL OB . -11.98 -24.47 19.28
C78 CDL OB . -10.73 -23.64 19.14
C79 CDL OB . -9.56 -23.89 19.74
C80 CDL OB . -8.69 -22.73 20.20
C81 CDL OB . -7.38 -22.90 19.48
C82 CDL OB . -6.30 -22.12 19.57
C83 CDL OB . -5.93 -21.15 18.48
C84 CDL OB . -4.44 -20.79 18.43
C85 CDL OB . -3.77 -20.99 19.79
C1 CHD PB . -3.91 -34.76 10.39
C2 CHD PB . -2.69 -35.62 10.09
C3 CHD PB . -1.56 -34.82 9.43
O3 CHD PB . -0.43 -35.66 9.16
C4 CHD PB . -2.03 -34.24 8.09
C5 CHD PB . -3.25 -33.34 8.36
C6 CHD PB . -3.70 -32.71 7.05
C7 CHD PB . -4.55 -33.61 6.18
O7 CHD PB . -3.67 -34.57 5.58
C8 CHD PB . -5.65 -34.29 7.00
C9 CHD PB . -5.05 -35.04 8.21
C10 CHD PB . -4.40 -34.04 9.13
C11 CHD PB . -6.06 -35.90 8.96
C12 CHD PB . -6.77 -36.89 8.04
O12 CHD PB . -5.88 -37.93 7.53
C13 CHD PB . -7.37 -36.13 6.86
C14 CHD PB . -6.28 -35.36 6.13
C15 CHD PB . -6.79 -35.00 4.74
C16 CHD PB . -7.70 -36.21 4.44
C17 CHD PB . -7.86 -37.03 5.74
C18 CHD PB . -8.52 -35.25 7.34
C19 CHD PB . -5.46 -33.05 9.60
C20 CHD PB . -9.26 -37.57 6.06
C21 CHD PB . -9.45 -38.72 7.07
C22 CHD PB . -9.91 -37.96 4.79
C23 CHD PB . -10.95 -36.86 4.82
O25 CHD PB . -13.03 -37.87 4.63
C24 CHD PB . -12.04 -37.39 4.01
O26 CHD PB . -11.72 -37.50 2.80
C1 EDO QB . 5.88 13.43 36.03
O1 EDO QB . 7.20 13.17 35.47
C2 EDO QB . 5.23 14.71 35.45
O2 EDO QB . 6.00 15.87 35.79
C1 EDO RB . 13.53 0.82 8.94
O1 EDO RB . 12.11 0.93 8.72
C2 EDO RB . 13.94 1.12 10.39
O2 EDO RB . 15.37 1.17 10.67
C1 EDO SB . 9.19 16.31 33.66
O1 EDO SB . 7.76 16.07 33.57
C2 EDO SB . 9.50 16.17 35.15
O2 EDO SB . 9.47 14.83 35.77
C1 EDO TB . -2.97 -30.04 -6.25
O1 EDO TB . -2.06 -29.98 -7.33
C2 EDO TB . -2.86 -28.63 -5.66
O2 EDO TB . -3.74 -28.71 -4.56
C1 EDO UB . -25.58 -28.37 20.54
O1 EDO UB . -25.64 -27.93 19.20
C2 EDO UB . -27.03 -28.36 20.98
O2 EDO UB . -27.71 -29.37 20.22
C1 EDO VB . -2.65 -9.14 1.34
O1 EDO VB . -3.78 -9.84 0.79
C2 EDO VB . -1.87 -9.96 2.36
O2 EDO VB . -0.49 -9.52 2.48
C1 EDO WB . 3.50 -2.70 5.70
O1 EDO WB . 3.98 -3.67 4.76
C2 EDO WB . 4.49 -1.55 5.76
O2 EDO WB . 4.18 -0.73 6.89
C1 EDO XB . 16.63 2.07 13.83
O1 EDO XB . 16.88 0.88 13.03
C2 EDO XB . 15.34 2.66 13.23
O2 EDO XB . 15.03 3.98 13.66
C1 DMU YB . -19.25 -15.25 48.11
C2 DMU YB . -17.83 -14.87 48.59
C3 DMU YB . -16.80 -14.77 47.46
C4 DMU YB . -17.53 -14.30 46.25
O5 DMU YB . -18.35 -15.34 45.81
C6 DMU YB . -19.55 -15.27 46.57
O7 DMU YB . -15.90 -13.69 47.56
O16 DMU YB . -20.28 -16.38 46.03
C18 DMU YB . -21.45 -16.02 45.28
C19 DMU YB . -21.57 -16.71 43.93
C22 DMU YB . -22.91 -16.43 43.29
C25 DMU YB . -22.95 -17.03 41.90
C28 DMU YB . -24.22 -16.68 41.14
C31 DMU YB . -24.14 -17.42 39.83
C34 DMU YB . -25.42 -17.26 39.04
C37 DMU YB . -25.20 -17.98 37.73
C40 DMU YB . -26.41 -18.80 37.30
C43 DMU YB . -26.96 -19.71 38.38
O49 DMU YB . -20.18 -14.39 48.83
O55 DMU YB . -17.36 -15.74 49.64
C57 DMU YB . -16.62 -13.93 45.12
O61 DMU YB . -17.60 -13.87 44.08
C5 DMU YB . -14.08 -13.35 49.05
C7 DMU YB . -12.67 -12.85 48.98
C8 DMU YB . -11.81 -13.68 48.04
C9 DMU YB . -12.39 -13.85 46.63
O1 DMU YB . -13.77 -14.28 46.63
C10 DMU YB . -14.58 -14.14 47.82
O2 DMU YB . -10.57 -13.02 47.78
O3 DMU YB . -14.98 -12.32 49.48
O4 DMU YB . -12.31 -13.09 50.34
C11 DMU YB . -11.34 -14.62 45.77
O6 DMU YB . -11.73 -15.70 44.89
CA1 TGL ZB . -51.19 30.06 11.06
CA2 TGL ZB . -50.23 29.96 12.25
CA3 TGL ZB . -48.74 30.33 12.07
CA4 TGL ZB . -47.96 30.15 13.38
CA5 TGL ZB . -46.45 30.33 13.28
CA6 TGL ZB . -45.69 29.26 14.07
CA7 TGL ZB . -44.31 29.08 13.45
CA8 TGL ZB . -43.26 28.41 14.30
CA9 TGL ZB . -41.89 28.52 13.60
OA1 TGL ZB . -51.64 31.13 10.67
CB1 TGL ZB . -53.75 28.15 14.25
CB2 TGL ZB . -52.99 27.99 15.55
CB3 TGL ZB . -51.46 28.04 15.33
CB4 TGL ZB . -50.79 28.84 16.44
CB5 TGL ZB . -49.27 28.68 16.49
CB6 TGL ZB . -48.67 29.20 17.79
CB7 TGL ZB . -47.31 28.58 18.08
CB8 TGL ZB . -46.27 29.68 18.25
CB9 TGL ZB . -45.02 29.16 18.93
C10 TGL ZB . -43.89 30.19 19.14
C11 TGL ZB . -43.79 30.62 20.62
C12 TGL ZB . -45.15 31.16 21.14
C13 TGL ZB . -45.31 31.41 22.66
C14 TGL ZB . -46.68 31.96 23.09
OB1 TGL ZB . -54.84 28.77 14.13
OG1 TGL ZB . -51.68 28.90 10.32
CG1 TGL ZB . -52.40 27.79 10.88
CG2 TGL ZB . -53.52 28.16 11.85
OG2 TGL ZB . -53.16 27.55 13.08
CG3 TGL ZB . -54.86 27.60 11.36
OG3 TGL ZB . -54.79 27.47 9.93
CC1 TGL ZB . -55.48 28.08 8.82
CC2 TGL ZB . -54.79 29.33 8.31
CC3 TGL ZB . -53.52 28.89 7.58
CC4 TGL ZB . -52.65 30.12 7.30
CC5 TGL ZB . -52.39 30.30 5.82
CC6 TGL ZB . -51.06 31.03 5.58
CC7 TGL ZB . -51.06 32.04 4.43
CC8 TGL ZB . -50.30 33.34 4.76
OC1 TGL ZB . -56.51 27.54 8.33
C20 TGL ZB . -40.62 28.47 14.46
C21 TGL ZB . -39.66 29.67 14.34
C22 TGL ZB . -39.04 29.92 12.96
C23 TGL ZB . -39.46 31.30 12.43
C24 TGL ZB . -40.62 31.35 11.44
C25 TGL ZB . -41.35 32.68 11.29
C26 TGL ZB . -42.84 32.42 11.04
C27 TGL ZB . -43.66 33.51 10.33
C28 TGL ZB . -45.12 33.11 10.11
C29 TGL ZB . -46.65 32.41 24.55
C30 TGL ZB . -45.46 33.30 24.96
C31 TGL ZB . -45.40 33.59 26.49
C32 TGL ZB . -44.37 34.61 26.99
C1 EDO AC . -16.42 56.31 44.06
O1 EDO AC . -16.44 55.96 45.45
C2 EDO AC . -15.11 55.79 43.50
O2 EDO AC . -14.20 56.89 43.53
C1 EDO BC . -32.11 36.02 49.11
O1 EDO BC . -32.62 35.73 47.80
C2 EDO BC . -31.79 34.71 49.85
O2 EDO BC . -30.95 34.98 51.00
C1 EDO CC . -54.19 10.97 -0.24
O1 EDO CC . -54.93 11.12 0.97
C2 EDO CC . -54.61 9.71 -1.00
O2 EDO CC . -55.59 10.03 -1.99
C1 EDO DC . -55.26 14.55 -23.24
O1 EDO DC . -55.25 15.39 -24.42
C2 EDO DC . -53.94 13.78 -23.16
O2 EDO DC . -53.86 12.92 -24.31
C1 EDO EC . -68.66 21.68 -25.82
O1 EDO EC . -67.78 22.68 -26.37
C2 EDO EC . -67.88 20.39 -25.51
O2 EDO EC . -66.74 20.17 -26.35
ZN ZN FC . -44.07 7.68 -13.74
C1 EDO GC . -40.06 9.80 -3.09
O1 EDO GC . -40.71 8.52 -3.26
C2 EDO GC . -38.57 9.47 -2.84
O2 EDO GC . -37.90 8.95 -4.06
C1 EDO HC . -42.60 -5.14 -18.61
O1 EDO HC . -43.78 -5.92 -18.97
C2 EDO HC . -41.75 -6.06 -17.71
O2 EDO HC . -42.45 -6.43 -16.49
C1 EDO IC . -41.69 12.86 -10.95
O1 EDO IC . -42.91 13.65 -10.83
C2 EDO IC . -40.73 13.30 -9.88
O2 EDO IC . -39.65 14.20 -10.25
C1 EDO JC . -25.75 -20.41 -5.99
O1 EDO JC . -26.40 -20.07 -4.75
C2 EDO JC . -24.33 -19.83 -5.95
O2 EDO JC . -23.63 -20.53 -4.89
P PEK KC . 4.26 -8.84 31.11
N PEK KC . 8.17 -11.17 30.59
C01 PEK KC . 0.59 -8.52 30.38
C02 PEK KC . 1.14 -9.20 29.13
C03 PEK KC . 2.64 -8.97 29.04
C04 PEK KC . 6.30 -9.84 29.78
C05 PEK KC . 7.53 -9.86 30.76
O01 PEK KC . 0.56 -8.45 28.04
O02 PEK KC . -0.52 -10.40 27.55
O03 PEK KC . -0.81 -8.88 30.57
O04 PEK KC . -1.24 -7.18 32.11
O11 PEK KC . 3.15 -9.64 30.22
O12 PEK KC . 5.57 -8.70 30.28
O13 PEK KC . 3.80 -7.49 31.45
O14 PEK KC . 4.44 -9.79 32.31
C1 PEK KC . -0.33 -9.23 27.29
C2 PEK KC . -0.98 -8.50 26.15
C3 PEK KC . -1.59 -7.23 26.69
C4 PEK KC . -2.79 -7.53 27.58
C5 PEK KC . -3.36 -6.19 28.01
C6 PEK KC . -4.47 -5.72 27.42
C7 PEK KC . -5.47 -6.69 26.84
C8 PEK KC . -5.23 -6.82 25.34
C9 PEK KC . -5.45 -8.06 24.82
C10 PEK KC . -6.35 -8.97 25.65
C11 PEK KC . -5.73 -10.34 25.64
C12 PEK KC . -5.70 -11.12 26.74
C13 PEK KC . -4.43 -11.09 27.59
C14 PEK KC . -4.03 -12.41 28.21
C15 PEK KC . -2.96 -12.85 27.53
C16 PEK KC . -3.22 -13.20 26.04
C17 PEK KC . -2.35 -12.45 25.00
C18 PEK KC . -2.07 -13.17 23.65
C19 PEK KC . -0.57 -13.20 23.32
C20 PEK KC . -0.12 -14.14 22.20
C21 PEK KC . -1.59 -8.21 31.58
C22 PEK KC . -2.92 -8.77 32.00
C23 PEK KC . -3.61 -9.34 30.82
C24 PEK KC . -4.99 -9.90 31.23
C25 PEK KC . -6.07 -8.87 31.55
C26 PEK KC . -6.75 -8.20 30.35
C27 PEK KC . -7.92 -7.38 30.89
C28 PEK KC . -8.35 -6.13 30.13
C29 PEK KC . -9.27 -6.38 28.95
C30 PEK KC . -9.94 -5.14 28.39
C31 PEK KC . -10.62 -5.39 27.06
C32 PEK KC . -11.39 -4.21 26.47
C33 PEK KC . -11.85 -4.57 25.05
C34 PEK KC . -12.78 -3.55 24.42
C35 PEK KC . -13.10 -3.80 22.94
C36 PEK KC . -14.17 -2.88 22.38
C1 CDL LC . 22.55 -10.93 13.57
O1 CDL LC . 21.79 -10.21 14.59
CA2 CDL LC . 24.01 -10.87 13.95
OA2 CDL LC . 24.07 -11.18 15.33
PA1 CDL LC . 25.08 -10.42 16.34
OA3 CDL LC . 25.82 -9.30 15.66
OA4 CDL LC . 24.40 -10.10 17.65
OA5 CDL LC . 26.01 -11.72 16.29
CA3 CDL LC . 26.12 -12.81 17.17
CA4 CDL LC . 26.41 -13.95 16.20
OA6 CDL LC . 25.34 -14.33 15.35
C11 CDL LC . 20.44 -16.81 7.59
C12 CDL LC . 20.44 -16.09 6.48
C13 CDL LC . 19.60 -16.55 5.32
C14 CDL LC . 19.35 -15.49 4.28
C15 CDL LC . 18.22 -15.68 3.58
C16 CDL LC . 17.44 -14.53 2.98
C17 CDL LC . 15.95 -14.87 2.79
C18 CDL LC . 15.72 -16.02 1.82
C19 CDL LC . 14.25 -16.34 1.76
C20 CDL LC . 14.02 -17.36 0.68
OA8 CDL LC . 28.82 -14.98 17.13
CA7 CDL LC . 29.72 -15.71 16.26
OA9 CDL LC . 30.88 -15.78 16.63
C31 CDL LC . 29.28 -16.35 14.95
C32 CDL LC . 27.98 -17.11 15.20
C33 CDL LC . 27.32 -17.63 13.92
C34 CDL LC . 25.99 -18.35 14.17
C35 CDL LC . 25.62 -19.15 12.91
C36 CDL LC . 24.95 -18.43 11.73
C37 CDL LC . 25.10 -19.34 10.50
C38 CDL LC . 24.04 -19.23 9.40
C39 CDL LC . 24.35 -19.54 8.13
C40 CDL LC . 23.74 -20.63 7.27
C41 CDL LC . 24.12 -20.45 5.82
C42 CDL LC . 23.75 -21.37 4.93
C43 CDL LC . 22.33 -21.80 5.09
C44 CDL LC . 21.91 -23.06 4.33
C45 CDL LC . 20.66 -23.62 5.03
CB2 CDL LC . 22.44 -10.37 12.15
OB2 CDL LC . 22.49 -11.37 11.12
PB2 CDL LC . 20.99 -11.83 10.73
OB3 CDL LC . 20.08 -10.75 11.25
OB4 CDL LC . 20.76 -13.22 11.30
OB5 CDL LC . 20.65 -11.99 9.15
CB3 CDL LC . 19.48 -11.24 8.75
CB4 CDL LC . 18.20 -11.93 8.20
OB6 CDL LC . 18.45 -13.03 7.33
CB5 CDL LC . 17.91 -14.24 7.90
OB7 CDL LC . 18.25 -14.44 9.07
C52 CDL LC . 13.40 -14.34 5.52
C53 CDL LC . 12.33 -14.23 4.45
C54 CDL LC . 10.89 -14.12 4.96
C55 CDL LC . 10.85 -13.03 5.97
C56 CDL LC . 10.02 -12.05 5.72
C57 CDL LC . 10.69 -10.94 4.94
C58 CDL LC . 9.68 -9.89 4.63
C59 CDL LC . 9.99 -8.65 4.92
C60 CDL LC . 10.48 -8.30 6.31
C61 CDL LC . 10.06 -6.84 6.50
C62 CDL LC . 8.58 -6.79 6.17
C63 CDL LC . 8.07 -5.41 5.79
C64 CDL LC . 6.65 -5.43 5.27
CB6 CDL LC . 17.28 -10.84 7.56
OB8 CDL LC . 16.63 -11.29 6.36
CB7 CDL LC . 15.85 -10.51 5.38
OB9 CDL LC . 15.31 -9.45 5.72
C71 CDL LC . 15.76 -11.10 3.96
C72 CDL LC . 14.70 -10.57 3.00
C73 CDL LC . 14.45 -11.48 1.78
C74 CDL LC . 13.29 -11.08 0.85
C75 CDL LC . 11.86 -11.50 1.25
C76 CDL LC . 11.54 -13.01 1.22
C77 CDL LC . 10.07 -13.30 1.59
C78 CDL LC . 9.70 -14.75 1.89
C79 CDL LC . 8.49 -15.03 2.40
C80 CDL LC . 7.52 -15.78 1.52
C81 CDL LC . 6.10 -15.23 1.59
C82 CDL LC . 5.33 -15.31 0.50
C83 CDL LC . 5.03 -14.20 -0.52
C84 CDL LC . 4.72 -14.89 -1.88
C85 CDL LC . 4.07 -14.07 -3.01
C86 CDL LC . 3.85 -14.78 -4.34
C87 CDL LC . 2.90 -14.03 -5.27
C1 EDO MC . 17.25 -1.68 32.90
O1 EDO MC . 15.83 -1.37 32.85
C2 EDO MC . 17.69 -1.19 34.29
O2 EDO MC . 16.99 -1.93 35.33
C1 EDO NC . 13.01 -6.33 -7.42
O1 EDO NC . 11.92 -5.62 -6.81
C2 EDO NC . 13.38 -7.51 -6.54
O2 EDO NC . 12.39 -8.57 -6.57
C1 DMU OC . -5.98 -15.91 35.16
C2 DMU OC . -5.64 -16.71 36.45
C3 DMU OC . -5.07 -15.70 37.44
C4 DMU OC . -6.25 -14.77 37.91
O5 DMU OC . -6.61 -14.03 36.71
C6 DMU OC . -6.94 -14.74 35.48
O7 DMU OC . -4.30 -16.51 38.37
O16 DMU OC . -7.05 -13.79 34.39
C18 DMU OC . -8.18 -13.93 33.49
C19 DMU OC . -8.43 -12.57 32.85
C22 DMU OC . -9.03 -12.71 31.45
C25 DMU OC . -9.50 -11.34 31.00
C28 DMU OC . -10.18 -11.35 29.64
C31 DMU OC . -11.27 -10.28 29.64
C34 DMU OC . -12.13 -10.18 28.37
C37 DMU OC . -11.38 -9.74 27.10
C40 DMU OC . -12.32 -9.17 26.04
C43 DMU OC . -11.59 -8.51 24.87
O49 DMU OC . -6.51 -16.78 34.13
O55 DMU OC . -4.73 -17.82 36.28
C57 DMU OC . -6.00 -13.79 39.10
O61 DMU OC . -6.99 -13.27 40.03
C5 DMU OC . -1.84 -15.75 38.96
C7 DMU OC . -1.26 -16.76 39.95
C8 DMU OC . -1.89 -16.59 41.37
C9 DMU OC . -3.27 -15.89 41.51
O1 DMU OC . -3.87 -15.35 40.34
C10 DMU OC . -3.37 -15.63 39.03
O2 DMU OC . -2.21 -17.89 41.90
O3 DMU OC . -1.34 -15.72 37.58
O4 DMU OC . 0.18 -16.55 39.98
C11 DMU OC . -3.55 -14.93 42.69
O6 DMU OC . -4.92 -15.16 43.11
C1 EDO PC . 11.82 42.39 35.19
O1 EDO PC . 11.99 41.63 36.40
C2 EDO PC . 13.20 42.76 34.63
O2 EDO PC . 13.14 44.12 34.20
P PO4 QC . 20.21 15.84 23.82
O1 PO4 QC . 21.40 16.78 23.90
O2 PO4 QC . 20.41 14.62 24.71
O3 PO4 QC . 18.97 16.54 24.33
O4 PO4 QC . 19.96 15.44 22.38
C1 DMU RC . -19.46 -9.49 46.31
C2 DMU RC . -19.34 -9.66 47.83
C3 DMU RC . -17.89 -9.45 48.27
C4 DMU RC . -17.32 -8.11 47.75
O5 DMU RC . -17.51 -7.95 46.33
C6 DMU RC . -18.87 -8.12 45.86
O7 DMU RC . -17.96 -9.34 49.70
O16 DMU RC . -18.89 -7.99 44.43
C18 DMU RC . -18.46 -6.73 43.96
C19 DMU RC . -18.24 -6.82 42.47
C22 DMU RC . -19.08 -5.65 42.03
C25 DMU RC . -18.55 -4.85 40.87
C28 DMU RC . -19.43 -3.65 40.58
C31 DMU RC . -20.37 -4.15 39.51
C34 DMU RC . -21.55 -3.27 39.18
C37 DMU RC . -22.63 -4.23 38.74
C40 DMU RC . -23.05 -3.93 37.33
C43 DMU RC . -24.54 -4.01 37.37
O49 DMU RC . -20.86 -9.69 45.99
O55 DMU RC . -19.88 -10.93 48.24
C57 DMU RC . -15.86 -7.88 48.19
O61 DMU RC . -14.97 -8.80 47.56
C5 DMU RC . -17.65 -10.71 51.82
C7 DMU RC . -17.67 -9.43 52.61
C8 DMU RC . -16.16 -9.34 52.82
C9 DMU RC . -15.26 -9.69 51.59
O1 DMU RC . -15.91 -10.18 50.39
C10 DMU RC . -17.32 -10.44 50.35
O2 DMU RC . -15.79 -7.96 52.95
O3 DMU RC . -18.60 -11.73 52.14
O4 DMU RC . -18.40 -9.65 53.82
C11 DMU RC . -13.83 -10.24 51.93
O6 DMU RC . -13.38 -11.58 51.60
C1 CHD SC . -35.83 -22.01 37.58
C2 CHD SC . -36.52 -23.36 37.65
C3 CHD SC . -35.53 -24.46 38.05
O3 CHD SC . -35.95 -25.74 37.52
C4 CHD SC . -34.09 -24.11 37.63
C5 CHD SC . -33.98 -23.28 36.35
C6 CHD SC . -34.26 -24.20 35.15
C7 CHD SC . -34.30 -23.49 33.80
O7 CHD SC . -35.31 -24.14 32.99
C8 CHD SC . -34.62 -22.00 33.95
C9 CHD SC . -35.60 -21.80 35.11
C10 CHD SC . -34.83 -21.99 36.42
C11 CHD SC . -36.28 -20.42 35.14
C12 CHD SC . -36.76 -19.93 33.79
O12 CHD SC . -37.93 -20.70 33.47
C13 CHD SC . -35.66 -20.01 32.71
C14 CHD SC . -35.17 -21.44 32.64
C15 CHD SC . -34.30 -21.53 31.38
C16 CHD SC . -35.05 -20.62 30.40
C17 CHD SC . -36.16 -20.03 31.25
C18 CHD SC . -34.45 -19.10 33.05
C19 CHD SC . -33.89 -20.80 36.60
C20 CHD SC . -36.97 -18.88 30.60
C21 CHD SC . -37.64 -19.33 29.28
C22 CHD SC . -36.20 -17.57 30.45
C23 CHD SC . -37.10 -16.42 29.95
O25 CHD SC . -36.73 -14.13 30.63
C24 CHD SC . -36.41 -15.05 29.84
O26 CHD SC . -35.71 -14.82 28.82
C1 EDO TC . -34.39 -32.51 2.43
O1 EDO TC . -35.16 -31.49 1.79
C2 EDO TC . -33.13 -32.74 1.59
O2 EDO TC . -32.38 -33.90 2.01
C1 DMU UC . -48.20 44.94 36.16
C2 DMU UC . -49.61 44.48 36.65
C3 DMU UC . -50.33 43.44 35.74
C4 DMU UC . -50.01 43.48 34.21
O5 DMU UC . -48.71 44.07 33.90
C6 DMU UC . -47.69 44.14 34.93
O7 DMU UC . -50.15 42.13 36.35
O16 DMU UC . -46.45 44.67 34.41
C18 DMU UC . -46.08 44.05 33.15
C19 DMU UC . -45.03 42.92 33.32
C22 DMU UC . -45.21 41.85 32.24
C25 DMU UC . -44.54 40.52 32.62
C28 DMU UC . -44.90 39.43 31.61
C31 DMU UC . -43.78 38.43 31.63
C34 DMU UC . -44.27 36.99 31.55
C37 DMU UC . -43.03 36.11 31.64
C40 DMU UC . -43.15 34.77 30.94
C43 DMU UC . -41.83 34.04 30.86
O49 DMU UC . -47.20 44.90 37.22
O55 DMU UC . -50.50 45.59 36.95
C57 DMU UC . -51.05 44.16 33.26
O61 DMU UC . -52.42 43.67 33.21
C1 DMU VC . -43.97 46.51 41.05
C2 DMU VC . -45.01 47.36 41.85
C3 DMU VC . -45.53 48.49 40.90
C4 DMU VC . -45.21 48.29 39.37
O5 DMU VC . -45.17 46.90 38.89
C6 DMU VC . -44.64 45.88 39.79
O7 DMU VC . -46.94 48.77 41.10
O16 DMU VC . -43.74 45.02 39.06
C18 DMU VC . -43.51 45.32 37.67
C19 DMU VC . -42.12 44.81 37.29
C22 DMU VC . -42.25 43.72 36.22
C25 DMU VC . -41.91 42.29 36.65
C28 DMU VC . -41.27 41.58 35.46
C31 DMU VC . -41.51 40.09 35.44
C34 DMU VC . -40.66 39.47 34.35
C37 DMU VC . -40.08 38.10 34.71
C40 DMU VC . -38.89 37.74 33.79
C43 DMU VC . -38.39 36.33 33.99
O49 DMU VC . -43.21 45.59 41.86
O55 DMU VC . -44.52 47.81 43.16
C57 DMU VC . -44.02 49.14 38.79
O61 DMU VC . -42.74 48.53 38.47
C1 DMU WC . -37.76 46.88 37.56
C2 DMU WC . -37.16 48.25 38.03
C3 DMU WC . -37.58 49.50 37.19
C4 DMU WC . -38.73 49.13 36.20
O5 DMU WC . -38.21 48.07 35.39
C6 DMU WC . -38.29 46.81 36.07
O7 DMU WC . -37.74 50.69 38.02
O16 DMU WC . -37.70 45.83 35.18
C18 DMU WC . -38.12 46.01 33.82
C19 DMU WC . -37.65 44.85 32.95
C22 DMU WC . -38.76 43.81 32.77
C25 DMU WC . -38.33 42.76 31.77
C28 DMU WC . -39.55 42.11 31.12
C31 DMU WC . -39.30 40.63 30.84
C34 DMU WC . -40.46 40.09 30.02
C37 DMU WC . -40.06 38.81 29.29
C40 DMU WC . -41.14 38.39 28.26
C43 DMU WC . -40.99 36.98 27.70
O49 DMU WC . -38.85 46.50 38.45
O55 DMU WC . -35.71 48.27 38.19
C57 DMU WC . -39.36 50.19 35.27
O61 DMU WC . -39.55 49.70 33.92
C5 DMU WC . -36.63 53.00 38.49
C7 DMU WC . -37.33 54.30 38.03
C8 DMU WC . -37.17 54.50 36.48
C9 DMU WC . -37.89 53.29 35.82
O1 DMU WC . -37.20 52.08 36.17
C10 DMU WC . -36.87 51.76 37.56
O2 DMU WC . -37.63 55.77 35.93
O3 DMU WC . -36.87 52.75 39.90
O4 DMU WC . -36.88 55.38 38.89
C11 DMU WC . -38.15 53.32 34.29
O6 DMU WC . -37.12 52.63 33.56
C1 EDO XC . -35.80 5.47 42.04
O1 EDO XC . -36.40 5.24 40.73
C2 EDO XC . -36.71 4.92 43.13
O2 EDO XC . -36.22 5.23 44.45
C1 EDO YC . -48.32 -11.26 20.10
O1 EDO YC . -48.41 -10.06 19.30
C2 EDO YC . -47.11 -11.29 21.02
O2 EDO YC . -47.32 -10.46 22.19
C1 CHD ZC . -62.30 8.13 35.66
C2 CHD ZC . -63.70 8.37 35.06
C3 CHD ZC . -64.56 7.11 34.89
O3 CHD ZC . -65.10 6.99 33.57
C4 CHD ZC . -63.74 5.85 35.17
C5 CHD ZC . -63.16 5.91 36.59
C6 CHD ZC . -62.75 4.47 36.95
C7 CHD ZC . -61.40 4.17 37.65
O7 CHD ZC . -60.87 3.00 36.98
C8 CHD ZC . -60.43 5.37 37.80
C9 CHD ZC . -60.69 6.51 36.78
C10 CHD ZC . -62.12 7.05 36.75
C11 CHD ZC . -59.69 7.68 36.86
C12 CHD ZC . -58.37 7.59 37.69
O12 CHD ZC . -57.23 8.08 36.95
C13 CHD ZC . -58.01 6.25 38.31
C14 CHD ZC . -58.89 5.13 37.74
C15 CHD ZC . -58.19 3.87 38.27
C16 CHD ZC . -56.69 4.23 38.11
C17 CHD ZC . -56.57 5.78 37.95
C18 CHD ZC . -58.25 6.31 39.82
C19 CHD ZC . -62.33 7.79 38.07
C20 CHD ZC . -55.28 6.38 38.61
C21 CHD ZC . -55.27 7.85 39.07
C22 CHD ZC . -53.96 6.13 37.84
C23 CHD ZC . -52.82 6.89 38.58
O25 CHD ZC . -51.29 5.12 38.28
C24 CHD ZC . -51.61 6.07 39.00
O26 CHD ZC . -50.73 6.60 39.72
C1 DMU AD . -31.75 4.50 50.16
C2 DMU AD . -32.29 5.01 51.48
C3 DMU AD . -31.28 4.86 52.59
C4 DMU AD . -29.91 5.50 52.26
O5 DMU AD . -29.45 5.17 50.92
C6 DMU AD . -30.43 5.28 49.84
O7 DMU AD . -31.95 5.37 53.75
O16 DMU AD . -29.81 4.83 48.63
C18 DMU AD . -30.55 5.11 47.45
C19 DMU AD . -30.98 3.86 46.67
C22 DMU AD . -31.82 4.35 45.50
C25 DMU AD . -31.09 3.94 44.23
C28 DMU AD . -31.58 4.77 43.06
C31 DMU AD . -31.66 3.84 41.85
C34 DMU AD . -32.05 4.51 40.54
C37 DMU AD . -32.59 3.51 39.49
C40 DMU AD . -34.13 3.57 39.20
C43 DMU AD . -34.73 2.65 38.14
O49 DMU AD . -32.76 4.56 49.15
O55 DMU AD . -33.40 4.24 51.90
C57 DMU AD . -28.82 5.13 53.28
O61 DMU AD . -28.78 6.04 54.41
C1 DMU BD . -43.18 16.68 47.94
C2 DMU BD . -43.51 16.57 49.44
C3 DMU BD . -43.46 17.91 50.13
C4 DMU BD . -44.34 18.95 49.43
O5 DMU BD . -43.91 19.05 48.06
C6 DMU BD . -44.03 17.80 47.36
O7 DMU BD . -44.07 17.69 51.41
O16 DMU BD . -43.63 18.10 46.01
C18 DMU BD . -44.53 19.01 45.40
C19 DMU BD . -44.05 19.15 43.96
C22 DMU BD . -43.34 20.47 44.01
C25 DMU BD . -42.72 20.95 42.72
C28 DMU BD . -41.47 20.16 42.45
C31 DMU BD . -40.62 20.84 41.38
C34 DMU BD . -39.72 19.71 40.87
C37 DMU BD . -38.78 20.25 39.84
C40 DMU BD . -37.69 19.23 39.70
C43 DMU BD . -36.51 19.97 39.13
O49 DMU BD . -43.48 15.43 47.32
O55 DMU BD . -42.64 15.65 50.11
C57 DMU BD . -44.27 20.33 50.09
O61 DMU BD . -45.14 21.22 49.36
C5 DMU BD . -43.27 16.83 53.51
C7 DMU BD . -44.67 16.72 54.13
C8 DMU BD . -45.03 18.07 54.70
C9 DMU BD . -44.88 19.16 53.64
O1 DMU BD . -43.56 19.18 53.10
C10 DMU BD . -43.20 17.94 52.50
O2 DMU BD . -46.40 18.03 55.09
O3 DMU BD . -42.85 15.65 52.82
O4 DMU BD . -44.74 15.70 55.13
C11 DMU BD . -45.28 20.57 54.09
O6 DMU BD . -44.31 21.23 54.93
C1 EDO CD . -30.68 23.79 50.56
O1 EDO CD . -29.44 24.36 50.14
C2 EDO CD . -30.47 22.38 51.08
O2 EDO CD . -29.58 22.34 52.22
C1 EDO DD . -56.59 13.63 12.10
O1 EDO DD . -57.58 14.57 11.69
C2 EDO DD . -55.43 14.36 12.81
O2 EDO DD . -55.44 15.78 12.65
FE HEA ED . 37.36 -12.77 -20.04
CHA HEA ED . 38.35 -10.39 -17.66
CHB HEA ED . 40.57 -13.69 -20.54
CHC HEA ED . 36.28 -15.08 -22.43
CHD HEA ED . 34.09 -12.01 -19.36
NA HEA ED . 39.10 -12.18 -19.22
C1A HEA ED . 39.33 -11.28 -18.26
C2A HEA ED . 40.65 -11.27 -17.85
C3A HEA ED . 41.30 -12.20 -18.67
C4A HEA ED . 40.31 -12.73 -19.48
CMA HEA ED . 42.73 -12.53 -18.53
OMA HEA ED . 43.17 -13.63 -18.92
CAA HEA ED . 41.24 -10.44 -16.75
CBA HEA ED . 41.80 -9.10 -17.24
CGA HEA ED . 42.37 -8.42 -16.00
O1A HEA ED . 43.32 -7.56 -16.21
O2A HEA ED . 42.00 -8.67 -14.80
NB HEA ED . 38.27 -14.08 -21.25
C1B HEA ED . 39.61 -14.33 -21.35
C2B HEA ED . 39.93 -15.31 -22.32
C3B HEA ED . 38.73 -15.69 -22.84
C4B HEA ED . 37.72 -14.92 -22.15
CMB HEA ED . 41.38 -15.73 -22.60
NC HEA ED . 35.57 -13.42 -20.69
C1C HEA ED . 35.30 -14.38 -21.64
C2C HEA ED . 33.94 -14.60 -21.78
C3C HEA ED . 33.29 -13.72 -20.95
C4C HEA ED . 34.32 -13.04 -20.30
CMC HEA ED . 33.30 -15.59 -22.75
CAC HEA ED . 31.82 -13.49 -20.70
CBC HEA ED . 30.85 -14.09 -21.37
ND HEA ED . 36.44 -11.44 -18.87
C1D HEA ED . 35.09 -11.23 -18.75
C2D HEA ED . 34.77 -10.24 -17.81
C3D HEA ED . 35.96 -9.78 -17.31
C4D HEA ED . 36.95 -10.54 -17.99
CMD HEA ED . 33.37 -9.79 -17.37
CAD HEA ED . 36.27 -8.71 -16.28
CBD HEA ED . 36.49 -7.32 -16.94
CGD HEA ED . 36.97 -6.29 -15.88
O1D HEA ED . 36.35 -5.15 -15.86
O2D HEA ED . 37.77 -6.59 -15.02
C11 HEA ED . 38.69 -16.76 -23.86
C11 HEA ED . 38.40 -16.64 -23.98
O11 HEA ED . 38.23 -17.97 -23.15
O11 HEA ED . 39.40 -16.42 -25.08
C12 HEA ED . 37.83 -16.47 -25.04
C12 HEA ED . 38.24 -18.10 -23.58
C13 HEA ED . 37.88 -17.75 -25.88
C13 HEA ED . 37.74 -18.82 -24.83
C14 HEA ED . 36.88 -17.70 -27.01
C14 HEA ED . 36.32 -18.44 -25.17
C15 HEA ED . 35.60 -18.01 -26.83
C15 HEA ED . 35.92 -18.05 -26.40
C16 HEA ED . 34.67 -17.97 -28.02
C16 HEA ED . 34.46 -17.73 -26.73
C17 HEA ED . 33.79 -16.74 -27.98
C17 HEA ED . 34.19 -17.85 -28.21
C18 HEA ED . 32.81 -16.72 -29.17
C18 HEA ED . 32.70 -17.81 -28.50
C18 HEA ED . 32.37 -16.99 -28.45
C19 HEA ED . 31.67 -17.40 -29.37
C19 HEA ED . 32.23 -17.43 -29.69
C20 HEA ED . 30.91 -17.17 -30.66
C20 HEA ED . 30.76 -17.40 -30.00
C21 HEA ED . 30.53 -18.51 -31.26
C21 HEA ED . 30.55 -18.22 -31.28
C22 HEA ED . 29.85 -18.37 -32.59
C22 HEA ED . 29.09 -17.95 -31.66
C23 HEA ED . 28.73 -19.06 -32.87
C23 HEA ED . 28.16 -18.85 -32.04
C24 HEA ED . 28.11 -20.00 -31.88
C24 HEA ED . 28.49 -20.31 -32.12
C25 HEA ED . 28.06 -18.91 -34.18
C25 HEA ED . 26.72 -18.54 -32.37
C26 HEA ED . 35.03 -18.41 -25.49
C26 HEA ED . 36.83 -18.01 -27.58
C27 HEA ED . 31.11 -18.38 -28.37
C27 HEA ED . 33.22 -17.06 -30.73
FE HEA FD . 29.98 -15.43 -9.31
CHA HEA FD . 32.06 -12.65 -8.86
CHB HEA FD . 29.89 -15.99 -5.83
CHC HEA FD . 27.63 -17.98 -9.76
CHD HEA FD . 29.79 -14.69 -12.77
NA HEA FD . 30.80 -14.52 -7.72
C1A HEA FD . 31.56 -13.37 -7.71
C2A HEA FD . 31.76 -12.98 -6.40
C3A HEA FD . 31.16 -13.89 -5.59
C4A HEA FD . 30.57 -14.84 -6.44
CMA HEA FD . 31.08 -13.85 -4.10
OMA HEA FD . 30.24 -14.39 -3.38
CAA HEA FD . 32.53 -11.72 -5.97
CBA HEA FD . 34.00 -12.04 -5.56
CGA HEA FD . 34.78 -10.72 -5.50
O1A HEA FD . 35.55 -10.69 -4.53
O2A HEA FD . 34.72 -9.89 -6.43
NB HEA FD . 29.08 -16.73 -8.08
C1B HEA FD . 29.11 -16.86 -6.70
C2B HEA FD . 28.30 -17.92 -6.25
C3B HEA FD . 27.66 -18.40 -7.36
C4B HEA FD . 28.12 -17.67 -8.48
CMB HEA FD . 28.18 -18.30 -4.77
NC HEA FD . 28.97 -16.20 -10.90
C1C HEA FD . 27.98 -17.19 -10.93
C2C HEA FD . 27.46 -17.34 -12.17
C3C HEA FD . 28.10 -16.47 -13.00
C4C HEA FD . 29.02 -15.74 -12.13
CMC HEA FD . 26.33 -18.33 -12.55
CAC HEA FD . 27.90 -16.26 -14.46
CBC HEA FD . 27.49 -17.25 -15.31
ND HEA FD . 30.78 -14.05 -10.58
C1D HEA FD . 30.58 -13.88 -11.89
C2D HEA FD . 31.28 -12.75 -12.34
C3D HEA FD . 31.92 -12.25 -11.26
C4D HEA FD . 31.61 -13.05 -10.17
CMD HEA FD . 31.34 -12.26 -13.77
CAD HEA FD . 32.87 -11.02 -11.34
CBD HEA FD . 32.22 -9.64 -11.41
CGD HEA FD . 33.38 -8.62 -11.47
O1D HEA FD . 33.85 -8.28 -10.39
O2D HEA FD . 33.65 -8.35 -12.65
C11 HEA FD . 26.64 -19.53 -7.30
O11 HEA FD . 25.43 -19.17 -8.10
C12 HEA FD . 27.22 -20.88 -7.78
C13 HEA FD . 26.28 -22.09 -7.39
C14 HEA FD . 26.81 -23.40 -8.01
C15 HEA FD . 27.41 -24.39 -7.26
C16 HEA FD . 27.88 -25.61 -8.02
C17 HEA FD . 26.73 -26.66 -8.28
C18 HEA FD . 26.25 -27.21 -6.94
C19 HEA FD . 26.31 -28.47 -6.44
C20 HEA FD . 25.65 -28.70 -5.08
C21 HEA FD . 26.50 -29.00 -3.85
C22 HEA FD . 27.35 -27.76 -3.47
C23 HEA FD . 27.56 -27.23 -2.28
C24 HEA FD . 26.91 -27.78 -1.04
C25 HEA FD . 28.45 -26.00 -2.13
C26 HEA FD . 27.67 -24.32 -5.78
C27 HEA FD . 27.01 -29.60 -7.16
CU CU GD . 27.09 -11.74 -7.71
MG MG HD . 37.34 -4.03 -5.68
NA NA ID . 52.64 -7.08 -19.21
C CYN JD . 28.60 -14.13 -9.02
N CYN JD . 28.00 -13.18 -8.77
CA1 TGL KD . 46.84 -28.23 -5.77
CA2 TGL KD . 46.57 -28.31 -7.27
CA3 TGL KD . 45.84 -29.57 -7.69
CA4 TGL KD . 44.35 -29.36 -7.73
CA5 TGL KD . 43.64 -30.68 -7.42
CA6 TGL KD . 43.63 -31.66 -8.58
CA7 TGL KD . 43.06 -30.98 -9.82
CA8 TGL KD . 44.24 -30.72 -10.77
CA9 TGL KD . 43.88 -30.47 -12.22
OA1 TGL KD . 47.72 -28.91 -5.28
CB1 TGL KD . 44.19 -24.58 -5.05
CB2 TGL KD . 43.77 -24.59 -6.51
CB3 TGL KD . 42.37 -25.17 -6.68
CB4 TGL KD . 41.28 -24.13 -6.81
CB5 TGL KD . 39.91 -24.77 -6.64
CB6 TGL KD . 39.46 -25.51 -7.88
CB7 TGL KD . 39.05 -26.92 -7.48
CB8 TGL KD . 38.69 -27.73 -8.72
CB9 TGL KD . 38.85 -29.22 -8.42
C10 TGL KD . 38.77 -30.09 -9.68
C11 TGL KD . 39.21 -31.49 -9.27
C12 TGL KD . 38.33 -32.60 -9.84
C13 TGL KD . 39.14 -33.88 -10.16
C14 TGL KD . 40.30 -33.71 -11.15
OB1 TGL KD . 43.28 -24.44 -4.22
OG1 TGL KD . 46.09 -27.35 -4.88
CG1 TGL KD . 46.68 -26.73 -3.74
CG2 TGL KD . 45.95 -25.42 -3.36
OG2 TGL KD . 45.60 -24.67 -4.58
CG3 TGL KD . 46.83 -24.68 -2.33
OG3 TGL KD . 47.40 -25.63 -1.43
CC1 TGL KD . 48.71 -25.51 -0.78
CC2 TGL KD . 49.69 -26.67 -0.91
CC3 TGL KD . 50.91 -26.47 -1.82
CC4 TGL KD . 51.69 -27.78 -2.07
CC5 TGL KD . 53.03 -27.49 -2.75
CC6 TGL KD . 53.95 -28.71 -2.90
CC7 TGL KD . 54.16 -29.18 -4.35
CC8 TGL KD . 52.99 -30.03 -4.88
CC9 TGL KD . 53.05 -30.52 -6.34
C15 TGL KD . 52.73 -29.51 -7.47
C16 TGL KD . 51.33 -29.55 -8.15
C17 TGL KD . 51.33 -28.96 -9.57
C18 TGL KD . 50.03 -28.30 -10.08
C19 TGL KD . 49.84 -28.41 -11.61
OC1 TGL KD . 48.98 -24.52 -0.16
C20 TGL KD . 45.18 -30.22 -12.98
C21 TGL KD . 44.88 -30.08 -14.46
C22 TGL KD . 44.39 -28.67 -14.79
C23 TGL KD . 43.37 -28.76 -15.91
C24 TGL KD . 42.21 -29.67 -15.52
C25 TGL KD . 41.45 -29.10 -14.34
C26 TGL KD . 39.97 -29.09 -14.65
C27 TGL KD . 39.33 -28.32 -13.50
C29 TGL KD . 39.88 -33.10 -12.49
C30 TGL KD . 40.47 -33.75 -13.76
C31 TGL KD . 40.17 -32.90 -15.01
C32 TGL KD . 39.76 -33.68 -16.25
C33 TGL KD . 49.19 -27.22 -12.32
C34 TGL KD . 48.32 -27.52 -13.57
C35 TGL KD . 48.35 -26.39 -14.63
C36 TGL KD . 47.48 -26.58 -15.87
P PGV LD . 29.94 -38.72 -43.03
C01 PGV LD . 33.19 -37.38 -44.76
C02 PGV LD . 32.62 -37.83 -43.40
C03 PGV LD . 31.60 -36.83 -42.85
C04 PGV LD . 27.61 -39.77 -43.34
C05 PGV LD . 26.82 -39.74 -44.65
C06 PGV LD . 27.66 -39.28 -45.88
O01 PGV LD . 33.74 -37.77 -42.56
O02 PGV LD . 32.71 -38.85 -40.66
O03 PGV LD . 33.52 -38.63 -45.39
O04 PGV LD . 34.83 -40.31 -46.17
O05 PGV LD . 25.63 -38.95 -44.45
O06 PGV LD . 28.84 -40.06 -46.19
O11 PGV LD . 30.49 -37.30 -43.55
O12 PGV LD . 28.36 -38.56 -43.23
O13 PGV LD . 30.37 -38.99 -41.59
O14 PGV LD . 30.28 -39.62 -44.18
C1 PGV LD . 33.64 -38.25 -41.22
C2 PGV LD . 34.85 -37.82 -40.49
C3 PGV LD . 35.91 -37.46 -41.51
C4 PGV LD . 37.09 -36.97 -40.71
C5 PGV LD . 36.97 -35.48 -40.56
C6 PGV LD . 38.09 -34.93 -39.73
C7 PGV LD . 39.46 -35.19 -40.34
C8 PGV LD . 40.49 -34.55 -39.47
C9 PGV LD . 41.86 -35.08 -39.84
C10 PGV LD . 42.86 -33.95 -40.06
C11 PGV LD . 43.69 -33.66 -38.85
C12 PGV LD . 44.84 -32.95 -38.91
C13 PGV LD . 45.34 -32.21 -40.14
C14 PGV LD . 46.88 -32.15 -40.19
C15 PGV LD . 47.51 -31.75 -41.54
C16 PGV LD . 49.04 -31.86 -41.55
C17 PGV LD . 49.68 -31.52 -42.90
C18 PGV LD . 51.20 -31.55 -42.92
C19 PGV LD . 34.84 -39.16 -45.76
C20 PGV LD . 36.16 -38.44 -45.59
C21 PGV LD . 36.24 -37.08 -46.26
C22 PGV LD . 36.72 -36.06 -45.23
C23 PGV LD . 38.21 -36.15 -44.87
C24 PGV LD . 38.71 -34.82 -44.35
C25 PGV LD . 40.19 -34.50 -44.49
C26 PGV LD . 40.38 -33.06 -44.06
C27 PGV LD . 41.76 -32.47 -44.29
C28 PGV LD . 41.85 -31.13 -43.56
C29 PGV LD . 43.23 -30.48 -43.62
P PGV MD . 4.39 -4.42 -32.23
C01 PGV MD . 4.28 -3.80 -27.92
C02 PGV MD . 3.97 -2.64 -28.91
C03 PGV MD . 3.33 -3.26 -30.18
C04 PGV MD . 2.09 -5.72 -32.44
C05 PGV MD . 0.82 -5.55 -33.21
C06 PGV MD . 0.15 -4.20 -32.82
O01 PGV MD . 5.23 -2.02 -29.15
O02 PGV MD . 4.24 -0.03 -28.97
O03 PGV MD . 4.95 -3.26 -26.69
O04 PGV MD . 2.81 -3.02 -26.05
O05 PGV MD . -0.04 -6.63 -32.89
O06 PGV MD . -0.97 -3.93 -33.67
O11 PGV MD . 4.25 -4.25 -30.61
O12 PGV MD . 3.00 -4.66 -32.79
O13 PGV MD . 5.33 -5.60 -32.37
O14 PGV MD . 4.90 -3.15 -32.84
C1 PGV MD . 5.31 -0.59 -29.16
C2 PGV MD . 6.65 -0.07 -29.51
C3 PGV MD . 6.60 1.41 -30.01
C4 PGV MD . 8.05 1.89 -30.25
C5 PGV MD . 8.01 3.36 -30.77
C6 PGV MD . 9.41 3.88 -31.15
C7 PGV MD . 10.33 3.98 -29.94
C8 PGV MD . 11.73 4.54 -30.31
C9 PGV MD . 12.69 4.18 -29.20
C10 PGV MD . 14.14 4.66 -29.35
C11 PGV MD . 14.73 3.70 -28.33
C12 PGV MD . 15.69 3.98 -27.48
C13 PGV MD . 15.87 5.36 -26.93
C14 PGV MD . 17.11 5.33 -26.04
C15 PGV MD . 17.39 6.76 -25.64
C16 PGV MD . 18.48 6.85 -24.61
C17 PGV MD . 18.72 8.32 -24.36
C18 PGV MD . 19.83 8.36 -23.37
C19 PGV MD . 3.97 -2.93 -25.75
C20 PGV MD . 4.44 -2.41 -24.37
C21 PGV MD . 4.70 -0.89 -24.48
C22 PGV MD . 6.07 -0.55 -25.08
C23 PGV MD . 6.41 0.92 -25.36
C24 PGV MD . 7.88 1.11 -25.67
C25 PGV MD . 8.46 2.51 -26.01
C26 PGV MD . 10.00 2.67 -25.99
C27 PGV MD . 10.58 2.60 -24.57
C28 PGV MD . 12.00 3.09 -24.29
C29 PGV MD . 12.31 3.11 -22.78
C30 PGV MD . 12.68 1.76 -22.10
C31 PGV MD . 12.30 1.57 -20.62
C32 PGV MD . 12.63 2.82 -19.79
C33 PGV MD . 12.79 2.60 -18.29
C34 PGV MD . 14.13 1.99 -17.92
C1 EDO ND . 18.63 -8.86 -27.04
O1 EDO ND . 17.90 -7.75 -27.40
C2 EDO ND . 19.88 -8.20 -26.63
O2 EDO ND . 20.41 -9.41 -26.25
C1 EDO OD . 41.74 9.03 -19.95
O1 EDO OD . 40.61 9.92 -20.13
C2 EDO OD . 42.13 8.92 -18.47
O2 EDO OD . 42.46 10.26 -18.06
C1 EDO PD . 19.90 -33.69 -33.63
O1 EDO PD . 20.82 -34.55 -32.93
C2 EDO PD . 20.73 -32.85 -34.60
O2 EDO PD . 21.71 -32.11 -33.92
C1 EDO QD . 13.25 -32.89 -38.87
O1 EDO QD . 13.34 -33.01 -40.34
C2 EDO QD . 12.11 -33.74 -38.29
O2 EDO QD . 12.33 -35.17 -38.56
C1 EDO RD . 13.40 -18.34 -41.77
O1 EDO RD . 12.13 -17.74 -41.47
C2 EDO RD . 13.71 -19.76 -41.27
O2 EDO RD . 13.15 -20.73 -42.17
C1 EDO SD . 13.41 -32.19 -24.50
O1 EDO SD . 12.51 -33.35 -24.49
C2 EDO SD . 13.12 -31.40 -23.23
O2 EDO SD . 11.71 -30.96 -23.28
C1 EDO TD . -9.79 -25.73 -37.34
O1 EDO TD . -10.20 -24.36 -37.28
C2 EDO TD . -8.37 -25.84 -36.83
O2 EDO TD . -7.52 -25.10 -37.67
C1 EDO UD . 51.48 -30.10 -24.25
O1 EDO UD . 52.16 -31.27 -24.69
C2 EDO UD . 50.21 -29.78 -25.06
O2 EDO UD . 49.48 -28.70 -24.42
C1 EDO VD . 6.44 -41.47 -26.88
O1 EDO VD . 7.17 -41.15 -28.09
C2 EDO VD . 7.33 -41.10 -25.66
O2 EDO VD . 8.57 -41.85 -25.64
C1 EDO WD . 9.92 -33.51 -7.38
O1 EDO WD . 8.59 -33.04 -7.62
C2 EDO WD . 10.83 -32.72 -8.28
O2 EDO WD . 10.51 -32.83 -9.68
C1 EDO XD . 27.86 -39.86 -32.46
O1 EDO XD . 28.93 -40.81 -32.53
C2 EDO XD . 28.32 -38.54 -33.10
O2 EDO XD . 27.16 -37.69 -33.18
C1 EDO YD . 35.81 13.32 -8.81
O1 EDO YD . 35.10 12.86 -9.97
C2 EDO YD . 34.80 13.58 -7.68
O2 EDO YD . 34.54 12.38 -6.94
C1 EDO ZD . 43.69 11.85 -14.98
O1 EDO ZD . 44.48 10.66 -14.71
C2 EDO ZD . 43.47 12.62 -13.68
O2 EDO ZD . 42.78 11.78 -12.72
C1 EDO AE . 0.81 -26.11 -39.00
O1 EDO AE . 0.61 -24.92 -39.85
C2 EDO AE . 2.18 -26.19 -38.26
O2 EDO AE . 3.34 -25.54 -38.87
C1 EDO BE . 24.19 1.51 -37.25
O1 EDO BE . 23.48 0.65 -38.15
C2 EDO BE . 25.50 0.86 -36.83
O2 EDO BE . 26.33 0.57 -37.98
C1 CHD CE . 11.38 -29.31 -0.24
C2 CHD CE . 11.37 -30.85 -0.08
C3 CHD CE . 12.75 -31.44 -0.49
O3 CHD CE . 12.61 -32.88 -0.46
C4 CHD CE . 13.04 -31.04 -1.94
C5 CHD CE . 12.99 -29.51 -2.17
C6 CHD CE . 13.30 -29.21 -3.65
C7 CHD CE . 12.15 -29.52 -4.63
O7 CHD CE . 12.02 -30.95 -4.95
C8 CHD CE . 10.82 -28.92 -4.11
C9 CHD CE . 10.55 -29.36 -2.66
C10 CHD CE . 11.66 -28.93 -1.69
C11 CHD CE . 9.17 -28.92 -2.14
C12 CHD CE . 8.01 -29.23 -3.13
O12 CHD CE . 7.80 -30.67 -3.20
C13 CHD CE . 8.29 -28.73 -4.56
C14 CHD CE . 9.63 -29.36 -5.00
C15 CHD CE . 9.70 -29.01 -6.48
C16 CHD CE . 8.23 -28.96 -6.97
C17 CHD CE . 7.37 -29.18 -5.68
C18 CHD CE . 8.37 -27.16 -4.50
C19 CHD CE . 11.78 -27.37 -1.69
C20 CHD CE . 6.05 -28.42 -5.82
C21 CHD CE . 5.10 -28.64 -4.63
C22 CHD CE . 5.34 -28.80 -7.13
C23 CHD CE . 4.75 -30.23 -7.11
O25 CHD CE . 4.15 -31.26 -9.23
C24 CHD CE . 3.82 -30.47 -8.30
O26 CHD CE . 2.70 -29.86 -8.34
CU1 CUA DE . 45.64 2.68 -6.89
CU2 CUA DE . 44.87 0.70 -8.14
C1 EDO EE . 56.15 0.68 -14.73
O1 EDO EE . 55.85 1.12 -16.05
C2 EDO EE . 56.63 -0.77 -14.77
O2 EDO EE . 57.91 -0.94 -15.43
C1 EDO FE . 38.85 15.39 -2.89
O1 EDO FE . 39.15 14.01 -2.61
C2 EDO FE . 39.85 15.97 -3.91
O2 EDO FE . 41.17 15.84 -3.39
C1 EDO GE . 53.40 -9.62 -3.86
O1 EDO GE . 53.56 -11.05 -4.01
C2 EDO GE . 52.76 -9.35 -2.51
O2 EDO GE . 51.39 -9.89 -2.51
C1 EDO HE . 52.77 7.33 -10.88
O1 EDO HE . 53.49 6.65 -9.84
C2 EDO HE . 52.76 8.83 -10.56
O2 EDO HE . 52.19 9.05 -9.24
C1 EDO IE . 36.01 15.12 3.91
O1 EDO IE . 35.37 14.23 2.94
C2 EDO IE . 36.87 16.24 3.29
O2 EDO IE . 35.98 17.30 2.88
C1 DMU JE . 33.15 -29.88 12.75
C2 DMU JE . 33.61 -28.91 13.88
C3 DMU JE . 35.14 -28.97 14.03
C4 DMU JE . 35.87 -28.74 12.68
O5 DMU JE . 35.40 -29.66 11.66
C6 DMU JE . 33.96 -29.58 11.43
O7 DMU JE . 35.54 -28.02 15.03
O16 DMU JE . 33.67 -30.42 10.30
C18 DMU JE . 34.82 -30.63 9.46
C19 DMU JE . 34.43 -31.65 8.41
C22 DMU JE . 33.34 -31.14 7.46
C25 DMU JE . 33.28 -32.10 6.28
C28 DMU JE . 32.52 -31.61 5.05
C31 DMU JE . 32.12 -32.81 4.20
C34 DMU JE . 32.06 -32.55 2.69
C37 DMU JE . 31.20 -33.58 1.98
C40 DMU JE . 31.46 -33.54 0.48
C43 DMU JE . 30.39 -34.29 -0.30
O49 DMU JE . 31.71 -29.83 12.68
O55 DMU JE . 32.89 -29.11 15.13
C57 DMU JE . 37.42 -28.71 12.76
O61 DMU JE . 38.07 -28.70 11.46
C1 CHD KE . 21.11 -7.73 6.94
C2 CHD KE . 21.97 -7.13 8.10
C3 CHD KE . 21.03 -6.89 9.30
O3 CHD KE . 21.83 -6.37 10.41
C4 CHD KE . 19.89 -5.93 8.95
C5 CHD KE . 19.09 -6.48 7.75
C6 CHD KE . 17.98 -5.50 7.36
C7 CHD KE . 18.39 -4.22 6.65
O7 CHD KE . 19.04 -3.32 7.59
C8 CHD KE . 19.34 -4.60 5.49
C9 CHD KE . 20.51 -5.49 5.93
C10 CHD KE . 19.99 -6.81 6.53
C11 CHD KE . 21.54 -5.73 4.82
C12 CHD KE . 22.02 -4.42 4.14
O12 CHD KE . 22.76 -3.58 5.08
C13 CHD KE . 20.84 -3.58 3.63
C14 CHD KE . 19.92 -3.33 4.85
C15 CHD KE . 18.93 -2.27 4.36
C16 CHD KE . 19.75 -1.40 3.36
C17 CHD KE . 21.10 -2.15 3.15
C18 CHD KE . 20.09 -4.33 2.55
C19 CHD KE . 19.22 -7.66 5.50
C20 CHD KE . 21.69 -1.84 1.77
C21 CHD KE . 22.97 -2.62 1.45
C22 CHD KE . 22.07 -0.35 1.86
C23 CHD KE . 22.40 0.24 0.50
O25 CHD KE . 23.92 1.95 1.40
C24 CHD KE . 22.89 1.68 0.72
O26 CHD KE . 22.39 2.48 -0.10
P PEK LE . -6.00 -7.79 -9.59
N PEK LE . -1.42 -7.05 -6.96
C01 PEK LE . -3.34 -6.76 -12.85
C02 PEK LE . -4.78 -6.17 -12.94
C03 PEK LE . -5.83 -7.12 -12.30
C04 PEK LE . -3.64 -7.17 -8.22
C05 PEK LE . -2.64 -7.83 -7.22
O01 PEK LE . -5.05 -5.60 -14.28
O02 PEK LE . -5.24 -3.39 -13.53
O03 PEK LE . -2.48 -6.09 -11.90
O04 PEK LE . -0.24 -5.61 -11.39
O11 PEK LE . -5.35 -7.80 -11.11
O12 PEK LE . -4.76 -8.03 -8.54
O13 PEK LE . -6.61 -6.45 -9.22
O14 PEK LE . -6.85 -9.05 -9.50
C1 PEK LE . -4.57 -4.21 -14.14
C2 PEK LE . -3.27 -3.71 -14.70
C3 PEK LE . -3.20 -2.31 -14.14
C4 PEK LE . -1.79 -1.86 -13.80
C5 PEK LE . -2.02 -0.42 -13.37
C6 PEK LE . -1.26 0.05 -12.39
C7 PEK LE . -1.15 1.49 -11.93
C8 PEK LE . -0.34 1.22 -10.70
C9 PEK LE . 0.58 1.99 -10.14
C10 PEK LE . 2.00 1.49 -10.07
C11 PEK LE . 2.66 2.07 -8.87
C12 PEK LE . 3.96 2.30 -8.80
C13 PEK LE . 4.76 2.40 -7.52
C14 PEK LE . 5.88 3.40 -7.75
C15 PEK LE . 6.88 3.53 -6.87
C16 PEK LE . 8.15 4.26 -7.31
C17 PEK LE . 9.33 3.73 -6.54
C18 PEK LE . 9.17 3.96 -5.04
C19 PEK LE . 10.21 3.26 -4.16
C20 PEK LE . 10.01 3.69 -2.72
C21 PEK LE . -1.06 -6.47 -11.72
C22 PEK LE . -0.60 -7.89 -11.91
P PEK ME . 18.09 24.37 -12.35
N PEK ME . 15.80 27.88 -10.45
C01 PEK ME . 18.23 21.41 -14.70
C02 PEK ME . 16.75 21.52 -14.32
C03 PEK ME . 16.67 22.27 -12.99
C04 PEK ME . 16.27 25.52 -10.97
C05 PEK ME . 16.81 26.83 -10.27
O01 PEK ME . 16.33 20.17 -13.98
O02 PEK ME . 14.83 20.35 -15.72
O03 PEK ME . 18.16 20.91 -16.06
O04 PEK ME . 20.38 20.58 -16.10
O11 PEK ME . 17.02 23.64 -13.30
O12 PEK ME . 17.43 24.64 -10.93
O13 PEK ME . 19.27 23.49 -12.05
O14 PEK ME . 18.27 25.71 -13.09
C1 PEK ME . 15.38 19.69 -14.85
C2 PEK ME . 15.03 18.23 -14.57
C3 PEK ME . 16.31 17.44 -14.47
C4 PEK ME . 16.97 17.29 -15.84
C5 PEK ME . 18.21 16.42 -15.68
C6 PEK ME . 18.22 15.15 -16.07
C7 PEK ME . 17.25 14.68 -17.10
C8 PEK ME . 16.03 14.13 -16.41
C9 PEK ME . 14.92 14.28 -17.11
C10 PEK ME . 15.19 14.73 -18.52
C11 PEK ME . 13.92 15.07 -19.19
C12 PEK ME . 13.90 16.33 -19.61
C13 PEK ME . 14.04 17.30 -18.45
C14 PEK ME . 13.48 18.66 -18.81
C15 PEK ME . 12.58 19.12 -17.95
C16 PEK ME . 11.31 18.31 -17.69
C17 PEK ME . 10.53 19.02 -16.57
C18 PEK ME . 9.04 18.67 -16.52
C19 PEK ME . 8.32 19.46 -15.42
C20 PEK ME . 8.84 20.88 -15.54
C21 PEK ME . 19.35 20.57 -16.75
C22 PEK ME . 19.30 20.27 -18.25
C23 PEK ME . 18.51 19.06 -18.66
C24 PEK ME . 18.60 18.98 -20.18
C25 PEK ME . 19.68 18.02 -20.64
C26 PEK ME . 19.33 16.59 -20.23
C27 PEK ME . 20.30 15.64 -20.86
C28 PEK ME . 20.35 14.32 -20.12
C29 PEK ME . 19.43 13.27 -20.71
C30 PEK ME . 19.86 11.87 -20.30
C31 PEK ME . 18.73 10.88 -20.50
C32 PEK ME . 19.05 9.44 -20.16
C33 PEK ME . 17.78 8.61 -20.39
C34 PEK ME . 18.03 7.12 -20.36
C35 PEK ME . 16.78 6.24 -20.31
C36 PEK ME . 17.23 4.80 -20.31
C37 PEK ME . 16.18 3.73 -20.02
C38 PEK ME . 16.73 2.32 -20.15
P PEK NE . -26.27 18.04 -15.18
C01 PEK NE . -21.55 19.80 -13.55
C02 PEK NE . -22.82 19.77 -14.43
C03 PEK NE . -23.82 18.69 -13.95
O01 PEK NE . -22.48 19.50 -15.82
O02 PEK NE . -22.67 21.75 -16.54
O03 PEK NE . -21.23 21.19 -13.39
O04 PEK NE . -21.01 22.59 -11.67
O11 PEK NE . -25.12 18.99 -14.50
O12 PEK NE . -25.85 17.74 -16.73
O13 PEK NE . -26.39 16.67 -14.57
O14 PEK NE . -27.51 18.91 -15.03
C1 PEK NE . -22.27 20.62 -16.77
C2 PEK NE . -21.60 20.38 -18.11
C3 PEK NE . -20.45 21.39 -18.24
C4 PEK NE . -19.60 21.47 -16.96
C5 PEK NE . -18.26 22.12 -17.25
C6 PEK NE . -17.38 22.50 -16.29
C7 PEK NE . -15.95 21.99 -16.28
C8 PEK NE . -15.03 22.77 -15.35
C9 PEK NE . -13.83 22.25 -15.00
C10 PEK NE . -12.46 22.70 -15.50
C11 PEK NE . -11.39 21.76 -14.94
C12 PEK NE . -10.07 21.90 -15.06
C13 PEK NE . -9.36 22.86 -14.12
C14 PEK NE . -7.86 22.92 -14.30
C15 PEK NE . -7.23 24.10 -14.20
C16 PEK NE . -7.15 24.94 -12.94
C17 PEK NE . -6.52 26.29 -13.31
C18 PEK NE . -6.30 27.31 -12.19
C19 PEK NE . -5.44 28.49 -12.73
C20 PEK NE . -4.90 29.50 -11.72
C21 PEK NE . -20.37 21.84 -12.40
C22 PEK NE . -18.83 21.80 -12.28
C23 PEK NE . -18.34 22.71 -11.12
C24 PEK NE . -16.86 23.09 -10.91
C25 PEK NE . -16.29 22.50 -9.61
C26 PEK NE . -15.33 23.37 -8.81
C27 PEK NE . -16.04 24.09 -7.67
C28 PEK NE . -15.08 24.79 -6.71
C29 PEK NE . -15.66 25.52 -5.47
C30 PEK NE . -16.59 24.72 -4.52
C31 PEK NE . -16.18 24.81 -3.04
C32 PEK NE . -16.95 23.89 -2.09
C33 PEK NE . -15.99 23.42 -1.01
C34 PEK NE . -16.66 22.82 0.22
C35 PEK NE . -16.99 21.33 0.31
C36 PEK NE . -15.87 20.51 -0.29
C37 PEK NE . -16.16 19.03 -0.44
C38 PEK NE . -15.66 18.19 0.71
P PGV OE . -7.23 0.09 -29.20
C01 PGV OE . -3.16 -0.44 -28.83
C02 PGV OE . -3.94 0.80 -29.30
C03 PGV OE . -4.88 0.32 -30.37
C04 PGV OE . -8.79 -0.63 -31.24
C05 PGV OE . -10.27 -0.30 -31.25
C06 PGV OE . -11.06 -1.45 -31.87
O01 PGV OE . -2.94 1.57 -29.94
O02 PGV OE . -3.24 3.21 -28.45
O03 PGV OE . -2.43 -0.04 -27.64
O04 PGV OE . -0.48 -0.55 -28.65
O05 PGV OE . -10.42 0.95 -31.97
O06 PGV OE . -12.45 -1.18 -31.65
O11 PGV OE . -5.88 -0.46 -29.77
O12 PGV OE . -8.10 0.45 -30.56
O13 PGV OE . -6.92 1.45 -28.58
O14 PGV OE . -7.97 -0.95 -28.51
C1 PGV OE . -2.63 2.84 -29.46
C2 PGV OE . -1.63 3.61 -30.28
C3 PGV OE . -1.35 5.01 -29.72
C4 PGV OE . -0.30 4.95 -28.62
C5 PGV OE . 0.16 6.37 -28.33
C6 PGV OE . 1.25 6.41 -27.23
C7 PGV OE . 1.75 7.83 -27.00
C8 PGV OE . 2.83 7.86 -25.91
C9 PGV OE . 3.33 9.26 -25.58
C10 PGV OE . 4.40 9.85 -26.47
C11 PGV OE . 5.75 9.74 -25.88
C12 PGV OE . 6.60 10.61 -26.39
C13 PGV OE . 7.89 11.03 -25.75
C14 PGV OE . 8.20 12.43 -26.33
C15 PGV OE . 6.93 13.29 -26.52
C16 PGV OE . 7.10 14.82 -26.47
C17 PGV OE . 5.87 15.63 -26.87
C18 PGV OE . 6.01 17.07 -26.37
C19 PGV OE . -1.05 -0.12 -27.68
C20 PGV OE . -0.33 0.37 -26.42
C21 PGV OE . 0.91 1.10 -26.80
C22 PGV OE . 1.52 1.63 -25.51
C23 PGV OE . 2.45 2.78 -25.77
C24 PGV OE . 3.05 3.19 -24.43
C25 PGV OE . 3.71 4.53 -24.55
C26 PGV OE . 4.60 4.86 -23.34
C27 PGV OE . 5.77 5.65 -23.94
C28 PGV OE . 6.92 5.74 -22.95
C29 PGV OE . 8.25 6.35 -23.39
C30 PGV OE . 9.10 6.24 -22.09
C31 PGV OE . 10.40 7.02 -21.99
C32 PGV OE . 11.00 6.96 -20.59
C33 PGV OE . 12.25 7.83 -20.44
C34 PGV OE . 12.98 7.42 -19.18
P PGV PE . 24.65 3.59 6.57
C01 PGV PE . 21.33 3.90 3.32
C02 PGV PE . 21.99 4.28 4.64
C03 PGV PE . 23.47 4.55 4.33
C04 PGV PE . 26.49 4.50 8.48
C05 PGV PE . 28.03 4.27 8.66
C06 PGV PE . 28.38 2.78 8.89
O01 PGV PE . 21.93 3.09 5.44
O02 PGV PE . 20.63 3.75 7.24
O03 PGV PE . 20.04 3.28 3.44
O04 PGV PE . 18.80 3.99 1.62
O05 PGV PE . 28.67 5.09 9.67
O06 PGV PE . 28.06 2.28 10.21
O11 PGV PE . 24.12 4.79 5.60
O12 PGV PE . 26.11 3.91 7.22
O13 PGV PE . 23.75 3.52 7.78
O14 PGV PE . 24.81 2.41 5.60
C1 PGV PE . 20.87 2.87 6.43
C2 PGV PE . 20.16 1.51 6.48
C3 PGV PE . 19.27 1.16 7.71
C4 PGV PE . 18.03 2.03 7.96
C5 PGV PE . 17.14 2.17 6.72
C6 PGV PE . 16.77 0.85 6.08
C7 PGV PE . 15.80 1.00 4.92
C8 PGV PE . 15.73 -0.38 4.26
C9 PGV PE . 14.65 -0.53 3.19
C10 PGV PE . 14.77 -1.83 2.39
C11 PGV PE . 15.02 -3.03 3.27
C12 PGV PE . 15.02 -4.29 2.82
C13 PGV PE . 15.16 -5.47 3.77
C14 PGV PE . 14.53 -6.70 3.12
C15 PGV PE . 13.02 -6.46 2.95
C16 PGV PE . 12.32 -7.24 1.81
C17 PGV PE . 10.83 -6.90 1.73
C18 PGV PE . 10.16 -7.27 0.42
C19 PGV PE . 19.27 3.05 2.22
C20 PGV PE . 18.88 1.72 1.64
C21 PGV PE . 18.01 2.07 0.42
C22 PGV PE . 17.31 0.84 -0.16
C23 PGV PE . 18.12 -0.46 -0.09
C24 PGV PE . 17.45 -1.75 -0.58
C25 PGV PE . 17.30 -1.78 -2.09
C26 PGV PE . 16.02 -2.43 -2.63
C27 PGV PE . 15.65 -1.69 -3.93
C28 PGV PE . 14.60 -2.34 -4.84
C29 PGV PE . 13.18 -2.40 -4.25
C30 PGV PE . 12.14 -2.67 -5.35
C31 PGV PE . 10.78 -3.07 -4.77
C32 PGV PE . 9.65 -2.94 -5.79
C33 PGV PE . 9.14 -1.52 -5.78
C34 PGV PE . 7.76 -1.50 -6.40
C1 CDL QE . -6.06 7.86 -41.53
O1 CDL QE . -6.60 7.98 -42.87
CA2 CDL QE . -4.92 6.81 -41.55
OA2 CDL QE . -3.96 7.01 -40.52
PA1 CDL QE . -3.10 8.42 -40.82
OA3 CDL QE . -2.34 8.79 -39.57
OA4 CDL QE . -2.45 8.36 -42.18
OA5 CDL QE . -3.98 9.81 -40.85
CA3 CDL QE . -3.69 10.89 -41.77
CA4 CDL QE . -3.72 12.31 -41.13
OA6 CDL QE . -4.92 13.13 -41.16
CA5 CDL QE . -6.02 12.99 -40.18
OA7 CDL QE . -6.81 12.07 -40.32
C11 CDL QE . -6.25 14.05 -39.10
C12 CDL QE . -5.41 13.89 -37.80
C13 CDL QE . -3.92 13.65 -38.09
C14 CDL QE . -2.97 13.77 -36.92
C15 CDL QE . -1.53 14.17 -37.33
C16 CDL QE . -0.86 14.67 -36.05
C17 CDL QE . 0.56 15.24 -36.05
C18 CDL QE . 1.10 15.03 -34.66
C19 CDL QE . 1.72 16.03 -34.03
CA6 CDL QE . -2.66 13.26 -41.73
OA8 CDL QE . -1.30 12.92 -41.38
CA7 CDL QE . -0.15 13.82 -41.60
OA9 CDL QE . 0.25 13.91 -42.75
C31 CDL QE . 0.65 14.52 -40.49
C32 CDL QE . 2.08 13.94 -40.35
C33 CDL QE . 3.03 14.75 -39.47
C34 CDL QE . 3.68 13.83 -38.45
C35 CDL QE . 4.85 14.50 -37.77
C36 CDL QE . 5.16 13.82 -36.45
C37 CDL QE . 6.04 14.72 -35.58
C38 CDL QE . 7.46 14.63 -36.06
C39 CDL QE . 8.22 15.68 -36.39
C40 CDL QE . 7.94 16.20 -37.81
C41 CDL QE . 9.06 16.75 -38.68
C42 CDL QE . 8.81 17.14 -39.95
C43 CDL QE . 8.79 16.19 -41.15
C44 CDL QE . 7.75 16.68 -42.18
C45 CDL QE . 6.35 16.68 -41.55
C46 CDL QE . 5.47 17.90 -41.86
C47 CDL QE . 4.92 18.64 -40.64
CB2 CDL QE . -7.20 7.63 -40.54
OB2 CDL QE . -7.41 8.82 -39.79
PB2 CDL QE . -8.53 9.31 -38.72
OB3 CDL QE . -9.60 8.43 -38.03
OB4 CDL QE . -8.83 10.76 -39.08
OB5 CDL QE . -7.24 9.30 -37.82
CB4 CDL QE . -5.30 9.79 -36.10
OB6 CDL QE . -4.59 8.70 -36.69
CB5 CDL QE . -3.21 9.04 -36.45
OB7 CDL QE . -2.77 10.13 -36.78
C51 CDL QE . -2.34 8.02 -35.80
C52 CDL QE . -1.23 8.87 -35.23
C53 CDL QE . -1.25 8.90 -33.73
C54 CDL QE . 0.03 8.27 -33.27
C55 CDL QE . 0.36 8.60 -31.87
C56 CDL QE . 1.18 9.85 -31.80
C57 CDL QE . 2.38 9.61 -30.93
C58 CDL QE . 3.07 10.92 -30.82
C59 CDL QE . 4.35 11.02 -30.51
C60 CDL QE . 5.10 12.11 -31.23
C61 CDL QE . 5.80 12.90 -30.15
C62 CDL QE . 6.05 14.22 -30.26
C63 CDL QE . 4.95 15.20 -30.60
CB6 CDL QE . -5.40 9.72 -34.60
OB8 CDL QE . -5.43 11.09 -34.16
CB7 CDL QE . -4.29 11.47 -33.34
OB9 CDL QE . -3.57 10.56 -33.06
C71 CDL QE . -3.95 12.86 -32.83
C72 CDL QE . -2.51 12.99 -32.34
C73 CDL QE . -2.30 14.30 -31.60
C74 CDL QE . -0.81 14.62 -31.55
C75 CDL QE . -0.14 14.14 -30.27
C76 CDL QE . -0.05 15.24 -29.23
C77 CDL QE . 1.30 15.93 -29.12
C78 CDL QE . 0.99 17.11 -28.22
C79 CDL QE . 1.91 17.72 -27.50
C80 CDL QE . 1.31 18.46 -26.34
C81 CDL QE . 2.14 18.26 -25.09
C82 CDL QE . 1.70 18.75 -23.93
C83 CDL QE . 1.88 17.99 -22.64
C84 CDL QE . 1.64 18.82 -21.40
C1 CHD RE . -13.32 22.23 -25.53
C2 CHD RE . -14.11 23.40 -24.96
C3 CHD RE . -14.36 23.23 -23.47
O3 CHD RE . -15.18 24.30 -22.99
C4 CHD RE . -15.10 21.91 -23.24
C5 CHD RE . -14.18 20.78 -23.68
C6 CHD RE . -14.70 19.44 -23.22
C7 CHD RE . -15.87 18.92 -24.03
O7 CHD RE . -17.04 19.62 -23.56
C8 CHD RE . -15.61 19.01 -25.55
C9 CHD RE . -15.15 20.43 -25.95
C10 CHD RE . -13.88 20.83 -25.19
C11 CHD RE . -14.98 20.57 -27.48
C12 CHD RE . -16.28 20.25 -28.23
O12 CHD RE . -17.28 21.25 -27.93
C13 CHD RE . -16.67 18.79 -27.90
C14 CHD RE . -16.86 18.68 -26.37
C15 CHD RE . -17.64 17.39 -26.09
C16 CHD RE . -18.51 17.23 -27.35
C17 CHD RE . -18.01 18.22 -28.42
C18 CHD RE . -15.56 17.89 -28.44
C19 CHD RE . -12.81 19.81 -25.58
C20 CHD RE . -18.02 17.64 -29.85
C21 CHD RE . -17.69 18.64 -30.96
C22 CHD RE . -19.40 17.05 -30.13
C23 CHD RE . -19.42 15.50 -30.10
O25 CHD RE . -18.69 15.49 -32.26
C24 CHD RE . -19.60 15.08 -31.49
O26 CHD RE . -20.75 14.68 -31.86
C1 DMU SE . 31.91 18.00 -36.11
C2 DMU SE . 32.95 19.01 -36.58
C3 DMU SE . 33.24 20.04 -35.49
C4 DMU SE . 33.72 19.32 -34.21
O5 DMU SE . 32.84 18.24 -33.86
C6 DMU SE . 32.46 17.27 -34.86
O7 DMU SE . 34.26 20.88 -36.02
O16 DMU SE . 31.49 16.35 -34.29
C18 DMU SE . 31.94 15.68 -33.09
C19 DMU SE . 30.80 15.03 -32.28
C22 DMU SE . 31.24 13.58 -32.10
C25 DMU SE . 30.92 12.93 -30.75
C28 DMU SE . 31.12 11.42 -30.81
C31 DMU SE . 30.18 10.82 -31.86
C34 DMU SE . 30.18 9.30 -31.85
C37 DMU SE . 29.30 8.86 -32.97
C40 DMU SE . 29.40 7.36 -32.95
C43 DMU SE . 28.57 6.89 -34.09
O49 DMU SE . 31.61 17.14 -37.23
O55 DMU SE . 32.51 19.62 -37.80
C57 DMU SE . 33.92 20.25 -32.98
O61 DMU SE . 32.78 21.04 -32.62
C5 DMU SE . 33.97 22.90 -37.36
C7 DMU SE . 35.36 22.80 -38.03
C8 DMU SE . 36.51 23.12 -37.04
C9 DMU SE . 36.30 22.51 -35.62
O1 DMU SE . 34.99 22.86 -35.11
C10 DMU SE . 33.98 22.29 -35.96
O2 DMU SE . 37.75 22.70 -37.62
O3 DMU SE . 32.95 22.31 -38.18
O4 DMU SE . 35.42 23.64 -39.19
C11 DMU SE . 37.35 22.83 -34.53
O6 DMU SE . 38.65 23.12 -35.06
C1 EDO TE . -8.18 6.31 -8.66
O1 EDO TE . -9.20 5.29 -8.80
C2 EDO TE . -8.68 7.59 -8.00
O2 EDO TE . -7.60 8.48 -7.64
C1 EDO UE . 2.08 -6.43 -47.60
O1 EDO UE . 0.68 -6.65 -47.40
C2 EDO UE . 2.94 -6.72 -46.35
O2 EDO UE . 4.33 -6.61 -46.71
C1 EDO VE . 36.22 14.34 -0.36
O1 EDO VE . 37.09 14.37 0.82
C2 EDO VE . 35.66 15.72 -0.78
O2 EDO VE . 35.02 16.43 0.33
C1 EDO WE . -6.78 -13.12 -40.76
O1 EDO WE . -6.11 -13.83 -41.81
C2 EDO WE . -5.81 -12.01 -40.36
O2 EDO WE . -5.38 -11.31 -41.55
C1 EDO XE . 0.93 17.12 3.73
O1 EDO XE . -0.44 16.70 4.02
C2 EDO XE . 1.84 17.67 4.87
O2 EDO XE . 2.96 18.50 4.50
C1 EDO YE . -23.09 11.56 -15.88
O1 EDO YE . -23.91 11.27 -16.97
C2 EDO YE . -21.85 10.70 -16.03
O2 EDO YE . -21.03 11.05 -17.13
C1 DMU ZE . 28.24 21.23 -37.21
C2 DMU ZE . 28.59 22.13 -36.05
C3 DMU ZE . 29.61 23.21 -36.43
C4 DMU ZE . 29.47 23.81 -37.83
O5 DMU ZE . 29.22 22.78 -38.78
C6 DMU ZE . 28.05 21.99 -38.54
O7 DMU ZE . 29.57 24.22 -35.43
O16 DMU ZE . 27.96 21.02 -39.58
C18 DMU ZE . 26.96 21.19 -40.59
C19 DMU ZE . 26.80 19.87 -41.34
C22 DMU ZE . 25.56 19.15 -40.85
C25 DMU ZE . 25.36 17.81 -41.56
C28 DMU ZE . 23.94 17.35 -41.27
C31 DMU ZE . 23.60 16.03 -41.95
C34 DMU ZE . 22.09 15.88 -41.88
C37 DMU ZE . 21.61 14.49 -42.18
C40 DMU ZE . 21.17 14.53 -43.61
C43 DMU ZE . 19.78 13.99 -43.74
O49 DMU ZE . 27.11 20.43 -36.85
O55 DMU ZE . 29.20 21.32 -35.03
C57 DMU ZE . 30.73 24.63 -38.17
O61 DMU ZE . 30.96 24.72 -39.58
C5 DMU ZE . 30.52 24.48 -33.19
C7 DMU ZE . 30.55 25.95 -32.83
C8 DMU ZE . 31.68 26.75 -33.52
C9 DMU ZE . 32.10 26.28 -34.91
O1 DMU ZE . 31.82 24.92 -35.29
C10 DMU ZE . 30.78 24.17 -34.66
O2 DMU ZE . 31.23 28.10 -33.67
O3 DMU ZE . 29.21 24.00 -32.86
O4 DMU ZE . 30.75 25.94 -31.42
C11 DMU ZE . 33.59 26.55 -35.18
O6 DMU ZE . 33.74 26.64 -36.62
CA1 TGL AF . 33.53 -43.08 -26.09
CA2 TGL AF . 33.53 -41.88 -25.15
CA3 TGL AF . 34.36 -40.68 -25.58
CA4 TGL AF . 34.67 -39.77 -24.38
CA5 TGL AF . 34.06 -38.40 -24.61
CA6 TGL AF . 34.58 -37.42 -23.58
CA7 TGL AF . 33.38 -36.74 -22.92
CA8 TGL AF . 33.66 -35.26 -22.66
CA9 TGL AF . 33.12 -34.85 -21.29
OA1 TGL AF . 34.35 -43.98 -26.02
CB1 TGL AF . 34.68 -41.56 -30.70
CB2 TGL AF . 35.15 -40.14 -30.62
CB3 TGL AF . 35.00 -39.68 -29.19
CB4 TGL AF . 36.39 -39.25 -28.84
CB5 TGL AF . 36.41 -37.77 -28.44
CB6 TGL AF . 37.40 -37.50 -27.32
CB7 TGL AF . 37.25 -36.03 -26.88
CB8 TGL AF . 37.80 -35.81 -25.48
CB9 TGL AF . 38.16 -34.36 -25.19
C10 TGL AF . 38.91 -34.26 -23.87
C11 TGL AF . 40.30 -33.67 -24.05
C12 TGL AF . 41.15 -34.47 -25.03
C13 TGL AF . 42.43 -33.77 -25.49
C14 TGL AF . 43.26 -34.58 -26.46
OB1 TGL AF . 35.39 -42.47 -31.09
OG1 TGL AF . 32.50 -43.25 -27.08
CG1 TGL AF . 32.49 -42.43 -28.24
CG2 TGL AF . 33.40 -42.93 -29.36
OG2 TGL AF . 33.32 -41.91 -30.33
CG3 TGL AF . 33.07 -44.35 -29.93
OG3 TGL AF . 31.70 -44.47 -30.29
CC1 TGL AF . 30.93 -45.67 -29.97
CC2 TGL AF . 30.93 -46.24 -28.56
CC3 TGL AF . 29.85 -45.66 -27.65
CC4 TGL AF . 30.24 -45.74 -26.17
CC5 TGL AF . 30.08 -47.13 -25.59
CC6 TGL AF . 31.40 -47.76 -25.12
CC7 TGL AF . 31.48 -47.98 -23.59
CC8 TGL AF . 30.93 -49.33 -23.04
CC9 TGL AF . 30.77 -49.39 -21.51
C15 TGL AF . 32.04 -49.87 -20.80
C16 TGL AF . 32.98 -48.75 -20.33
C17 TGL AF . 33.91 -49.27 -19.22
C18 TGL AF . 34.43 -48.21 -18.22
C19 TGL AF . 34.70 -48.70 -16.78
OC1 TGL AF . 30.29 -46.21 -30.87
C20 TGL AF . 33.92 -33.76 -20.57
C21 TGL AF . 34.41 -34.08 -19.14
C22 TGL AF . 33.32 -34.52 -18.15
C23 TGL AF . 33.32 -35.98 -17.60
C24 TGL AF . 34.16 -37.12 -18.22
C25 TGL AF . 33.58 -38.54 -18.03
C26 TGL AF . 33.97 -39.51 -19.15
C27 TGL AF . 33.41 -40.92 -18.95
C28 TGL AF . 33.96 -41.95 -19.90
C29 TGL AF . 44.56 -33.86 -26.71
C30 TGL AF . 45.38 -33.56 -25.43
C31 TGL AF . 46.78 -32.95 -25.68
C32 TGL AF . 47.41 -32.23 -24.50
C33 TGL AF . 33.51 -48.72 -15.77
C34 TGL AF . 32.61 -49.98 -15.77
C35 TGL AF . 31.47 -50.04 -14.72
C36 TGL AF . 30.27 -50.80 -15.25
C1 EDO BF . 71.09 -17.01 4.13
O1 EDO BF . 71.49 -15.64 4.13
C2 EDO BF . 71.30 -17.46 2.70
O2 EDO BF . 72.22 -16.58 2.04
C1 EDO CF . 3.84 -46.61 -31.50
O1 EDO CF . 4.71 -45.84 -32.34
C2 EDO CF . 4.24 -48.10 -31.61
O2 EDO CF . 5.58 -48.20 -31.05
C1 EDO DF . 5.59 -38.28 -38.00
O1 EDO DF . 5.35 -39.48 -37.25
C2 EDO DF . 5.91 -37.12 -37.08
O2 EDO DF . 4.88 -36.88 -36.15
P PSC EF . 10.27 -50.89 -10.28
N PSC EF . 8.28 -54.45 -10.50
C01 PSC EF . 11.69 -47.37 -9.63
C02 PSC EF . 12.96 -47.97 -10.24
C03 PSC EF . 12.34 -49.16 -10.98
C04 PSC EF . 9.56 -52.85 -11.95
C05 PSC EF . 8.18 -53.32 -11.46
C06 PSC EF . 9.23 -54.24 -9.40
C07 PSC EF . 8.66 -55.57 -11.39
C08 PSC EF . 7.00 -54.69 -9.83
O01 PSC EF . 13.88 -48.37 -9.20
O02 PSC EF . 15.35 -47.41 -7.59
O03 PSC EF . 11.17 -46.55 -10.68
O04 PSC EF . 10.06 -44.47 -10.55
O11 PSC EF . 11.05 -49.46 -10.39
O12 PSC EF . 9.69 -51.44 -11.72
O13 PSC EF . 9.07 -50.59 -9.39
O14 PSC EF . 11.18 -51.94 -9.68
C1 PSC EF . 14.40 -47.26 -8.37
C3 PSC EF . 16.08 -44.33 -5.02
C4 PSC EF . 17.51 -43.95 -5.39
C5 PSC EF . 18.26 -43.45 -4.15
C6 PSC EF . 19.78 -43.23 -4.25
C7 PSC EF . 20.24 -42.15 -5.20
C8 PSC EF . 21.47 -41.63 -5.08
C9 PSC EF . 21.55 -40.15 -4.82
C10 PSC EF . 22.99 -39.70 -4.61
C11 PSC EF . 23.00 -38.23 -4.15
C12 PSC EF . 24.35 -37.52 -4.00
C13 PSC EF . 24.12 -36.12 -3.41
C14 PSC EF . 25.41 -35.35 -3.08
C15 PSC EF . 25.17 -34.04 -2.31
C16 PSC EF . 26.46 -33.29 -2.00
C19 PSC EF . 11.02 -45.16 -10.27
C20 PSC EF . 12.22 -44.60 -9.59
C21 PSC EF . 13.23 -44.54 -10.70
C22 PSC EF . 14.55 -44.02 -10.18
C23 PSC EF . 14.20 -43.19 -8.96
C24 PSC EF . 15.25 -42.12 -8.82
C25 PSC EF . 16.49 -42.86 -9.19
C26 PSC EF . 17.30 -42.02 -10.12
C27 PSC EF . 18.30 -41.36 -9.23
C28 PSC EF . 19.45 -41.22 -10.19
C29 PSC EF . 20.64 -40.66 -9.51
C30 PSC EF . 21.83 -40.62 -10.43
C31 PSC EF . 22.99 -39.90 -9.75
C32 PSC EF . 22.43 -38.58 -9.29
C33 PSC EF . 23.39 -37.64 -8.59
C34 PSC EF . 23.97 -38.33 -7.40
C1 EDO FF . -3.59 -54.16 -25.71
O1 EDO FF . -5.01 -54.22 -25.91
C2 EDO FF . -2.85 -55.36 -26.30
O2 EDO FF . -3.34 -56.53 -25.61
C1 EDO GF . 0.58 -68.36 -31.79
O1 EDO GF . -0.41 -67.90 -30.82
C2 EDO GF . 1.23 -69.68 -31.34
O2 EDO GF . 1.09 -69.87 -29.92
ZN ZN HF . -0.87 -39.63 -25.06
C1 EDO IF . -12.85 -34.26 -29.27
O1 EDO IF . -13.39 -34.93 -30.42
C2 EDO IF . -12.80 -32.72 -29.48
O2 EDO IF . -11.94 -32.36 -30.59
C1 EDO JF . -14.47 -8.36 -29.01
O1 EDO JF . -13.30 -8.22 -29.83
C2 EDO JF . -14.12 -7.64 -27.65
O2 EDO JF . -13.87 -6.25 -27.86
C1 EDO KF . 8.17 -32.54 -24.58
O1 EDO KF . 7.40 -32.30 -25.77
C2 EDO KF . 8.08 -31.26 -23.71
O2 EDO KF . 6.75 -31.20 -23.09
C1 EDO LF . 1.18 -41.37 -34.65
O1 EDO LF . 1.09 -42.31 -35.75
C2 EDO LF . 2.69 -41.04 -34.50
O2 EDO LF . 3.39 -42.21 -34.02
P PEK MF . -10.33 -10.15 -4.71
N PEK MF . -8.76 -11.78 -1.30
C02 PEK MF . -13.77 -8.42 -3.56
C03 PEK MF . -13.10 -9.58 -4.35
C04 PEK MF . -10.32 -12.46 -3.14
C05 PEK MF . -9.55 -12.88 -1.89
O01 PEK MF . -13.93 -8.61 -2.11
O02 PEK MF . -11.72 -9.02 -1.40
O11 PEK MF . -11.68 -9.31 -4.32
O12 PEK MF . -9.89 -11.13 -3.48
O13 PEK MF . -10.60 -11.03 -5.91
O14 PEK MF . -9.25 -9.06 -4.76
C1 PEK MF . -12.80 -8.51 -1.14
C2 PEK MF . -12.90 -7.88 0.23
C3 PEK MF . -11.87 -8.47 1.20
C4 PEK MF . -11.34 -7.54 2.29
C5 PEK MF . -10.12 -8.31 2.75
C6 PEK MF . -8.90 -7.74 2.86
C7 PEK MF . -8.10 -7.71 4.14
C8 PEK MF . -6.90 -6.84 3.89
C9 PEK MF . -6.22 -6.22 4.86
C10 PEK MF . -6.58 -4.87 5.44
C11 PEK MF . -5.45 -4.44 6.34
C12 PEK MF . -5.41 -3.40 7.18
C13 PEK MF . -4.25 -2.44 7.31
C14 PEK MF . -4.06 -2.29 8.80
C15 PEK MF . -3.29 -1.40 9.37
C16 PEK MF . -3.35 -1.33 10.88
C17 PEK MF . -3.21 0.11 11.32
C18 PEK MF . -2.05 0.81 10.62
C19 PEK MF . -2.07 2.31 10.90
C20 PEK MF . -0.82 2.98 10.37
C21 PEK MF . -17.35 -5.64 -2.96
C22 PEK MF . -16.72 -4.29 -2.58
C23 PEK MF . -17.38 -3.63 -1.35
C24 PEK MF . -16.80 -2.36 -0.66
C25 PEK MF . -17.63 -2.07 0.61
C26 PEK MF . -17.41 -0.77 1.40
C27 PEK MF . -18.51 0.28 1.15
C28 PEK MF . -18.49 1.54 2.03
C1 CDL NF . 2.06 27.53 5.56
O1 CDL NF . 3.30 26.89 5.81
CA2 CDL NF . 1.80 28.13 6.92
OA2 CDL NF . 2.33 29.43 6.75
PA1 CDL NF . 3.68 30.13 7.31
OA3 CDL NF . 4.16 29.41 8.55
OA4 CDL NF . 4.67 30.37 6.18
OA5 CDL NF . 2.78 31.44 7.65
CA3 CDL NF . 2.98 32.85 7.75
CA4 CDL NF . 1.53 33.33 7.52
OA6 CDL NF . 0.87 32.37 6.66
CA5 CDL NF . -0.57 32.17 6.89
OA7 CDL NF . -1.33 33.13 6.86
C11 CDL NF . -1.16 30.78 7.08
C12 CDL NF . -2.57 30.78 6.49
C13 CDL NF . -3.14 29.37 6.42
C14 CDL NF . -4.29 29.14 5.44
C15 CDL NF . -4.77 27.74 5.78
C16 CDL NF . -5.82 27.13 4.84
C17 CDL NF . -6.08 25.63 5.14
C18 CDL NF . -7.35 25.01 4.55
C19 CDL NF . -7.74 23.74 4.83
C20 CDL NF . -8.91 23.10 4.11
C21 CDL NF . -8.91 21.57 4.13
C22 CDL NF . -9.51 20.86 3.14
C23 CDL NF . -9.21 19.36 2.98
C24 CDL NF . -9.86 18.62 1.78
C25 CDL NF . -11.36 18.79 1.59
C26 CDL NF . -11.72 19.23 0.18
CA6 CDL NF . 1.40 34.74 6.94
OA8 CDL NF . 1.34 35.68 8.02
CA7 CDL NF . 0.07 36.35 8.25
OA9 CDL NF . 0.07 37.56 8.29
C31 CDL NF . -1.20 35.56 8.54
C32 CDL NF . -2.31 36.13 7.67
C34 CDL NF . -7.97 30.73 4.83
C35 CDL NF . -9.40 30.66 4.31
C36 CDL NF . -10.31 29.71 5.10
C37 CDL NF . -11.59 29.40 4.77
C38 CDL NF . -11.89 29.17 3.31
C39 CDL NF . -13.35 28.97 3.02
C40 CDL NF . -13.63 29.41 1.59
C41 CDL NF . -12.94 28.56 0.53
C42 CDL NF . -13.42 28.83 -0.89
CB2 CDL NF . 1.10 26.39 5.39
OB2 CDL NF . -0.21 26.85 5.66
PB2 CDL NF . -1.10 25.89 6.60
OB3 CDL NF . -0.22 25.02 7.46
OB4 CDL NF . -1.95 26.79 7.44
OB5 CDL NF . -1.92 25.08 5.43
CB3 CDL NF . -2.45 23.75 5.61
CB4 CDL NF . -2.92 23.04 4.32
OB6 CDL NF . -4.29 23.37 3.99
CB5 CDL NF . -4.58 23.52 2.56
OB7 CDL NF . -3.73 23.97 1.82
C51 CDL NF . -5.91 23.19 1.93
C52 CDL NF . -6.01 21.67 1.78
C53 CDL NF . -7.06 21.30 0.73
C54 CDL NF . -7.16 19.82 0.36
C55 CDL NF . -5.92 19.00 0.04
C56 CDL NF . -6.52 17.77 -0.62
C57 CDL NF . -5.64 17.02 -1.59
C58 CDL NF . -4.33 17.00 -0.88
C59 CDL NF . -4.22 15.97 -0.08
C60 CDL NF . -3.25 14.88 -0.34
C61 CDL NF . -3.18 14.27 1.02
C62 CDL NF . -2.09 13.62 1.34
C63 CDL NF . -0.78 14.09 0.79
C64 CDL NF . 0.28 13.39 1.62
C65 CDL NF . 0.08 11.88 1.58
C66 CDL NF . 0.08 11.33 0.16
C67 CDL NF . 0.22 9.82 0.16
CB6 CDL NF . -2.71 21.50 4.49
OB8 CDL NF . -3.84 20.62 4.21
CB7 CDL NF . -3.91 19.15 4.29
OB9 CDL NF . -2.91 18.41 4.25
C71 CDL NF . -5.33 18.62 4.40
C72 CDL NF . -5.51 17.11 4.21
C73 CDL NF . -6.99 16.73 4.24
C74 CDL NF . -7.28 15.28 3.87
C76 CDL NF . -8.58 15.20 -1.01
C77 CDL NF . -8.26 14.89 -2.26
C78 CDL NF . -9.36 14.63 -3.27
C79 CDL NF . -8.87 13.88 -4.48
C80 CDL NF . -9.49 12.71 -4.67
C81 CDL NF . -8.99 11.39 -4.05
C82 CDL NF . -9.84 10.13 -4.34
C83 CDL NF . -11.15 9.96 -3.52
C84 CDL NF . -12.27 9.01 -4.04
C85 CDL NF . -12.31 7.53 -3.68
C1 EDO OF . -10.79 7.66 8.85
O1 EDO OF . -10.54 6.78 7.74
C2 EDO OF . -10.64 9.08 8.32
O2 EDO OF . -11.51 9.18 7.18
C1 EDO PF . 22.69 29.60 0.86
O1 EDO PF . 22.85 28.60 -0.17
C2 EDO PF . 24.06 30.29 1.00
O2 EDO PF . 24.34 30.87 -0.28
C1 DMU QF . 18.75 26.47 -23.96
C2 DMU QF . 19.12 27.86 -23.26
C3 DMU QF . 20.32 28.61 -23.94
C4 DMU QF . 20.57 28.20 -25.42
O5 DMU QF . 20.64 26.77 -25.63
C6 DMU QF . 19.42 26.05 -25.31
O7 DMU QF . 20.21 30.04 -23.87
O16 DMU QF . 19.65 24.61 -25.42
C18 DMU QF . 18.55 23.75 -25.75
C19 DMU QF . 19.05 22.31 -25.65
C22 DMU QF . 18.11 21.37 -24.90
C25 DMU QF . 18.60 19.95 -25.07
C28 DMU QF . 17.82 18.98 -24.22
C31 DMU QF . 17.77 17.62 -24.90
C34 DMU QF . 17.28 16.54 -23.94
C37 DMU QF . 16.87 15.35 -24.79
C40 DMU QF . 17.30 14.04 -24.14
C43 DMU QF . 17.36 12.93 -25.18
O49 DMU QF . 17.32 26.38 -24.21
O55 DMU QF . 19.23 27.85 -21.79
C57 DMU QF . 21.80 28.93 -26.02
O61 DMU QF . 22.98 28.81 -25.23
C1 EDO RF . 31.29 21.67 24.09
O1 EDO RF . 30.39 22.80 23.92
C2 EDO RF . 30.98 20.52 23.11
O2 EDO RF . 31.79 19.38 23.46
P PO4 SF . 26.24 16.63 15.85
O1 PO4 SF . 26.81 16.77 17.26
O2 PO4 SF . 26.23 17.98 15.19
O3 PO4 SF . 24.83 16.08 15.95
O4 PO4 SF . 27.08 15.68 15.00
C1 CHD TF . 18.71 9.99 -52.65
C2 CHD TF . 18.12 9.77 -54.05
C3 CHD TF . 17.07 10.81 -54.42
O3 CHD TF . 16.46 10.41 -55.66
C4 CHD TF . 16.01 10.92 -53.31
C5 CHD TF . 16.56 11.05 -51.88
C6 CHD TF . 15.36 11.00 -50.93
C7 CHD TF . 14.81 9.59 -50.67
O7 CHD TF . 14.00 9.10 -51.77
C8 CHD TF . 15.93 8.62 -50.23
C9 CHD TF . 17.10 8.62 -51.23
C10 CHD TF . 17.68 10.03 -51.52
C11 CHD TF . 18.14 7.56 -50.84
C12 CHD TF . 17.54 6.15 -50.59
O12 CHD TF . 17.14 5.64 -51.87
C13 CHD TF . 16.40 6.14 -49.55
C14 CHD TF . 15.38 7.19 -49.97
C15 CHD TF . 14.22 7.00 -48.98
C16 CHD TF . 14.18 5.50 -48.70
C17 CHD TF . 15.38 4.95 -49.50
C18 CHD TF . 16.94 6.60 -48.18
C19 CHD TF . 18.49 10.57 -50.34
C20 CHD TF . 15.64 3.44 -49.23
C21 CHD TF . 14.37 2.56 -49.44
C22 CHD TF . 16.35 3.13 -47.90
C23 CHD TF . 16.78 1.65 -47.75
O25 CHD TF . 18.39 0.79 -46.15
C24 CHD TF . 17.23 1.26 -46.34
O26 CHD TF . 16.34 1.03 -45.49
C1 EDO UF . -15.79 -2.94 -44.20
O1 EDO UF . -14.58 -2.91 -44.98
C2 EDO UF . -16.08 -1.65 -43.41
O2 EDO UF . -16.24 -0.42 -44.19
CA1 TGL VF . 27.57 -11.48 -45.58
CA2 TGL VF . 28.20 -12.74 -45.05
CA3 TGL VF . 27.57 -13.16 -43.73
CA4 TGL VF . 28.63 -13.93 -43.02
CA5 TGL VF . 28.42 -15.40 -43.09
CA6 TGL VF . 28.37 -15.92 -41.68
CA7 TGL VF . 28.60 -17.40 -41.74
CA8 TGL VF . 27.51 -18.01 -40.92
CA9 TGL VF . 27.83 -17.94 -39.47
OA1 TGL VF . 27.94 -11.06 -46.68
CB1 TGL VF . 22.85 -8.75 -42.96
CB2 TGL VF . 23.54 -9.29 -41.69
CB3 TGL VF . 23.31 -8.50 -40.39
CB4 TGL VF . 23.81 -9.17 -39.08
CB5 TGL VF . 25.29 -8.99 -38.80
CB6 TGL VF . 25.43 -8.28 -37.48
CB7 TGL VF . 26.91 -7.99 -37.28
CB8 TGL VF . 27.17 -6.51 -37.55
CB9 TGL VF . 28.03 -6.04 -36.41
C10 TGL VF . 28.19 -4.54 -36.61
C11 TGL VF . 28.01 -3.68 -35.37
C12 TGL VF . 28.57 -2.37 -35.88
C13 TGL VF . 29.63 -1.80 -34.97
C14 TGL VF . 31.09 -2.21 -35.14
OB1 TGL VF . 21.96 -7.89 -42.83
OG1 TGL VF . 26.61 -10.73 -44.72
CG1 TGL VF . 25.17 -10.84 -44.76
CG2 TGL VF . 24.52 -9.46 -44.93
OG2 TGL VF . 23.17 -9.34 -44.31
CG3 TGL VF . 24.53 -9.20 -46.48
OG3 TGL VF . 25.51 -9.95 -47.31
CC1 TGL VF . 25.20 -10.65 -48.59
CC2 TGL VF . 26.09 -11.57 -49.40
CC4 TGL VF . 22.08 -10.33 -53.93
CC5 TGL VF . 21.43 -10.01 -52.59
CC6 TGL VF . 20.29 -9.06 -52.83
CC7 TGL VF . 20.78 -7.63 -52.70
CC8 TGL VF . 22.05 -7.49 -51.85
CC9 TGL VF . 22.31 -6.04 -51.42
C15 TGL VF . 21.38 -5.58 -50.29
C16 TGL VF . 21.32 -4.07 -49.99
C17 TGL VF . 21.28 -3.74 -48.51
OC1 TGL VF . 24.10 -10.53 -49.10
C20 TGL VF . 26.91 -18.96 -38.83
C21 TGL VF . 26.68 -18.63 -37.37
C22 TGL VF . 25.24 -18.15 -37.14
C23 TGL VF . 24.23 -18.60 -38.18
C24 TGL VF . 23.68 -19.99 -37.87
C25 TGL VF . 22.19 -20.07 -38.25
C26 TGL VF . 22.16 -19.95 -39.75
C27 TGL VF . 20.96 -20.66 -40.30
C28 TGL VF . 19.74 -19.88 -39.93
C29 TGL VF . 31.78 -2.10 -33.78
C30 TGL VF . 33.29 -2.34 -33.60
C31 TGL VF . 33.61 -3.06 -32.29
C32 TGL VF . 34.57 -2.41 -31.29
C1 EDO WF . 38.35 0.80 -36.80
O1 EDO WF . 37.68 -0.30 -36.14
C2 EDO WF . 39.86 0.83 -36.50
O2 EDO WF . 40.55 1.86 -37.23
C1 EDO XF . 19.69 -16.40 -50.63
O1 EDO XF . 19.95 -17.05 -49.37
C2 EDO XF . 20.80 -15.39 -50.96
O2 EDO XF . 20.67 -14.17 -50.21
C1 CHD YF . 40.01 -26.65 -57.01
C2 CHD YF . 39.02 -27.55 -56.30
C3 CHD YF . 38.11 -28.11 -57.39
O3 CHD YF . 37.39 -29.22 -56.84
C4 CHD YF . 37.23 -27.00 -57.93
C5 CHD YF . 38.04 -25.89 -58.61
C6 CHD YF . 37.07 -24.70 -58.73
C7 CHD YF . 37.72 -23.30 -58.90
O7 CHD YF . 36.73 -22.25 -59.09
C8 CHD YF . 38.78 -23.01 -57.79
C9 CHD YF . 39.13 -24.31 -57.02
C10 CHD YF . 39.38 -25.56 -57.89
C11 CHD YF . 40.31 -24.10 -56.08
C12 CHD YF . 40.06 -22.93 -55.12
O12 CHD YF . 38.99 -23.31 -54.26
C13 CHD YF . 39.74 -21.61 -55.81
C14 CHD YF . 38.56 -21.83 -56.79
C15 CHD YF . 38.18 -20.40 -57.24
C16 CHD YF . 38.51 -19.56 -55.99
C17 CHD YF . 39.15 -20.51 -54.92
C18 CHD YF . 41.01 -21.07 -56.50
C19 CHD YF . 40.50 -25.34 -58.93
C20 CHD YF . 40.00 -19.78 -53.81
C21 CHD YF . 41.22 -20.46 -53.15
C22 CHD YF . 39.11 -19.28 -52.66
C23 CHD YF . 39.93 -18.34 -51.77
O25 CHD YF . 37.81 -17.96 -50.89
C24 CHD YF . 38.96 -17.47 -51.04
O26 CHD YF . 39.37 -16.44 -50.44
C1 DMU ZF . 52.17 -10.88 -40.66
C2 DMU ZF . 53.21 -10.15 -41.53
C3 DMU ZF . 54.63 -10.46 -41.11
C4 DMU ZF . 54.79 -11.96 -40.90
O5 DMU ZF . 53.75 -12.51 -40.05
C6 DMU ZF . 52.45 -12.37 -40.60
O7 DMU ZF . 55.48 -9.95 -42.16
O16 DMU ZF . 51.51 -12.93 -39.67
C18 DMU ZF . 51.31 -14.35 -39.74
C19 DMU ZF . 50.52 -14.90 -38.54
C22 DMU ZF . 51.48 -15.16 -37.40
C25 DMU ZF . 50.78 -15.76 -36.20
C28 DMU ZF . 49.71 -14.76 -35.78
C31 DMU ZF . 49.57 -14.83 -34.28
C34 DMU ZF . 48.28 -14.09 -33.98
C37 DMU ZF . 47.98 -14.20 -32.51
C40 DMU ZF . 46.72 -13.42 -32.24
C43 DMU ZF . 46.76 -13.07 -30.77
O49 DMU ZF . 50.92 -10.75 -41.32
O55 DMU ZF . 53.03 -8.73 -41.44
C57 DMU ZF . 56.11 -12.25 -40.23
O61 DMU ZF . 56.19 -13.68 -40.28
C5 DMU ZF . 56.59 -7.82 -42.63
C7 DMU ZF . 57.13 -8.34 -43.96
C8 DMU ZF . 58.43 -9.11 -43.74
C9 DMU ZF . 58.22 -10.18 -42.66
O1 DMU ZF . 57.67 -9.64 -41.45
C10 DMU ZF . 56.42 -8.99 -41.68
O2 DMU ZF . 58.80 -9.75 -44.97
O3 DMU ZF . 55.32 -7.19 -42.82
O4 DMU ZF . 57.22 -7.24 -44.88
C11 DMU ZF . 59.47 -10.99 -42.26
O6 DMU ZF . 60.41 -10.21 -41.51
C1 EDO AG . 56.59 -4.77 -27.90
O1 EDO AG . 57.48 -5.03 -26.81
C2 EDO AG . 57.36 -4.27 -29.11
O2 EDO AG . 57.47 -2.83 -29.08
#